data_3Q9E
#
_entry.id   3Q9E
#
_cell.length_a   117.636
_cell.length_b   119.496
_cell.length_c   118.440
_cell.angle_alpha   98.230
_cell.angle_beta   94.890
_cell.angle_gamma   115.730
#
_symmetry.space_group_name_H-M   'P 1'
#
loop_
_entity.id
_entity.type
_entity.pdbx_description
1 polymer 'Acetylpolyamine amidohydrolase'
2 non-polymer N-[3-({4-[(3-aminopropyl)amino]butyl}amino)propyl]acetamide
3 non-polymer 'POTASSIUM ION'
4 non-polymer 'SODIUM ION'
5 non-polymer 'ZINC ION'
6 water water
#
_entity_poly.entity_id   1
_entity_poly.type   'polypeptide(L)'
_entity_poly.pdbx_seq_one_letter_code
;MRVIFSEDHKLRNAKTELYGGELVPPFEAPFRAEWILAAVKEAGFDDVVAPARHGLETVLKVHDAGYLNFLETAWDRWKA
AGYKGEAIATSFPVRRTSPRIPTDIEGQIGYYCNAAETAISPGTWEAALSSMASAIDGADLIAAGHKAAFSLCRPPGHAA
GIDMFGGYCFINNAAVAAQRLLDKGAKKIAILDVDFHHGNGTQDIFYERGDVFFASLHGDPAEAFPHFLGYAEETGKGAG
AGTTANYPMGRGTPYSVWGEALTDSLKRIAAFGAEAIVVSLGVDTFEQDPISFFKLTSPDYITMGRTIAASGVPLLVVME
GGYGVPEIGLNVANVLKGVAG
;
_entity_poly.pdbx_strand_id   A,B,C,D,E,F,G,H,I,J,K,L
#
# COMPACT_ATOMS: atom_id res chain seq x y z
N MET A 1 -0.04 -41.59 1.85
CA MET A 1 -0.45 -41.54 0.42
C MET A 1 0.11 -42.72 -0.36
N ARG A 2 -0.58 -43.11 -1.42
CA ARG A 2 -0.12 -44.22 -2.22
C ARG A 2 1.05 -43.79 -3.12
N VAL A 3 1.89 -44.73 -3.50
CA VAL A 3 3.01 -44.41 -4.37
C VAL A 3 2.86 -45.21 -5.65
N ILE A 4 2.90 -44.52 -6.79
CA ILE A 4 2.79 -45.21 -8.06
C ILE A 4 4.19 -45.21 -8.65
N PHE A 5 4.67 -46.39 -9.03
CA PHE A 5 6.02 -46.51 -9.58
C PHE A 5 6.14 -47.65 -10.58
N SER A 6 6.87 -47.40 -11.66
CA SER A 6 7.05 -48.43 -12.66
C SER A 6 8.51 -48.82 -12.84
N GLU A 7 8.76 -50.12 -12.79
CA GLU A 7 10.11 -50.67 -12.96
C GLU A 7 10.60 -50.42 -14.37
N ASP A 8 9.67 -50.13 -15.28
CA ASP A 8 10.02 -49.90 -16.66
C ASP A 8 10.82 -48.64 -16.89
N HIS A 9 10.93 -47.82 -15.86
CA HIS A 9 11.70 -46.59 -15.99
C HIS A 9 13.13 -46.96 -16.36
N LYS A 10 13.58 -48.13 -15.89
CA LYS A 10 14.95 -48.56 -16.18
C LYS A 10 15.19 -48.76 -17.69
N LEU A 11 14.12 -48.96 -18.45
CA LEU A 11 14.23 -49.13 -19.90
C LEU A 11 14.84 -47.87 -20.51
N ARG A 12 14.83 -46.80 -19.74
CA ARG A 12 15.44 -45.55 -20.17
C ARG A 12 16.81 -45.57 -19.51
N ASN A 13 17.83 -45.90 -20.29
CA ASN A 13 19.18 -45.96 -19.77
C ASN A 13 20.15 -45.57 -20.88
N ALA A 14 20.07 -44.31 -21.30
CA ALA A 14 20.93 -43.79 -22.36
C ALA A 14 22.37 -43.74 -21.85
N LYS A 15 23.32 -44.06 -22.72
CA LYS A 15 24.72 -44.06 -22.31
C LYS A 15 25.44 -42.74 -22.47
N THR A 16 24.91 -41.84 -23.28
CA THR A 16 25.57 -40.56 -23.46
C THR A 16 24.66 -39.36 -23.26
N GLU A 17 25.28 -38.25 -22.87
CA GLU A 17 24.60 -36.98 -22.66
C GLU A 17 25.63 -35.90 -22.98
N LEU A 18 25.25 -34.95 -23.83
CA LEU A 18 26.14 -33.87 -24.18
C LEU A 18 26.19 -32.89 -23.02
N TYR A 19 27.40 -32.67 -22.49
CA TYR A 19 27.62 -31.79 -21.34
C TYR A 19 29.05 -31.25 -21.38
N GLY A 20 29.21 -29.94 -21.19
CA GLY A 20 30.54 -29.36 -21.21
C GLY A 20 31.34 -29.80 -22.42
N GLY A 21 30.65 -29.93 -23.54
CA GLY A 21 31.31 -30.33 -24.78
C GLY A 21 31.80 -31.75 -24.79
N GLU A 22 31.16 -32.61 -24.01
CA GLU A 22 31.54 -34.02 -23.94
C GLU A 22 30.32 -34.94 -23.86
N LEU A 23 30.54 -36.21 -24.19
CA LEU A 23 29.47 -37.17 -24.10
C LEU A 23 29.75 -37.97 -22.83
N VAL A 24 28.98 -37.69 -21.78
CA VAL A 24 29.17 -38.38 -20.52
C VAL A 24 27.93 -39.19 -20.18
N PRO A 25 28.04 -40.05 -19.16
CA PRO A 25 26.86 -40.84 -18.79
C PRO A 25 25.76 -39.90 -18.28
N PRO A 26 24.53 -40.04 -18.81
CA PRO A 26 23.38 -39.21 -18.41
C PRO A 26 23.25 -39.01 -16.89
N PHE A 27 22.86 -37.80 -16.49
CA PHE A 27 22.69 -37.44 -15.10
C PHE A 27 21.38 -38.01 -14.60
N GLU A 28 20.38 -38.00 -15.45
CA GLU A 28 19.11 -38.55 -15.05
C GLU A 28 19.26 -40.05 -15.22
N ALA A 29 20.01 -40.67 -14.32
CA ALA A 29 20.28 -42.10 -14.36
C ALA A 29 19.27 -42.93 -13.55
N PRO A 30 19.23 -44.25 -13.79
CA PRO A 30 18.31 -45.16 -13.11
C PRO A 30 18.40 -45.19 -11.58
N PHE A 31 19.61 -45.09 -11.03
CA PHE A 31 19.75 -45.13 -9.59
C PHE A 31 18.92 -44.06 -8.89
N ARG A 32 18.54 -43.02 -9.63
CA ARG A 32 17.75 -41.94 -9.04
C ARG A 32 16.44 -42.46 -8.44
N ALA A 33 15.70 -43.26 -9.20
CA ALA A 33 14.42 -43.79 -8.74
C ALA A 33 14.58 -44.81 -7.62
N GLU A 34 15.67 -45.58 -7.69
CA GLU A 34 15.96 -46.60 -6.69
C GLU A 34 16.04 -46.00 -5.28
N TRP A 35 16.75 -44.88 -5.17
CA TRP A 35 16.93 -44.20 -3.89
C TRP A 35 15.70 -43.44 -3.46
N ILE A 36 15.06 -42.78 -4.42
CA ILE A 36 13.85 -42.04 -4.09
C ILE A 36 12.85 -43.03 -3.53
N LEU A 37 12.66 -44.13 -4.25
CA LEU A 37 11.73 -45.16 -3.82
C LEU A 37 12.09 -45.72 -2.46
N ALA A 38 13.38 -45.80 -2.16
CA ALA A 38 13.85 -46.35 -0.90
C ALA A 38 13.69 -45.36 0.25
N ALA A 39 14.01 -44.10 -0.01
CA ALA A 39 13.90 -43.09 1.02
C ALA A 39 12.45 -42.87 1.44
N VAL A 40 11.53 -42.87 0.48
CA VAL A 40 10.12 -42.66 0.78
C VAL A 40 9.54 -43.90 1.47
N LYS A 41 10.00 -45.08 1.07
CA LYS A 41 9.51 -46.30 1.69
C LYS A 41 9.75 -46.24 3.19
N GLU A 42 10.98 -45.92 3.59
CA GLU A 42 11.30 -45.87 5.00
C GLU A 42 10.70 -44.65 5.68
N ALA A 43 10.11 -43.76 4.92
CA ALA A 43 9.49 -42.58 5.49
C ALA A 43 8.10 -42.98 5.97
N GLY A 44 7.71 -44.21 5.64
CA GLY A 44 6.41 -44.72 6.04
C GLY A 44 5.47 -44.92 4.87
N PHE A 45 5.84 -44.35 3.73
CA PHE A 45 5.04 -44.44 2.51
C PHE A 45 5.54 -45.64 1.73
N ASP A 46 5.17 -46.83 2.19
CA ASP A 46 5.60 -48.08 1.56
C ASP A 46 4.49 -48.80 0.81
N ASP A 47 3.43 -48.08 0.51
CA ASP A 47 2.32 -48.67 -0.21
C ASP A 47 2.56 -48.36 -1.68
N VAL A 48 3.58 -49.01 -2.23
CA VAL A 48 3.95 -48.83 -3.62
C VAL A 48 3.18 -49.76 -4.53
N VAL A 49 2.74 -49.25 -5.68
CA VAL A 49 2.01 -50.08 -6.64
C VAL A 49 2.40 -49.72 -8.07
N ALA A 50 2.43 -50.73 -8.94
CA ALA A 50 2.77 -50.52 -10.33
C ALA A 50 1.58 -49.85 -11.02
N PRO A 51 1.83 -49.09 -12.09
CA PRO A 51 0.71 -48.44 -12.77
C PRO A 51 -0.01 -49.39 -13.71
N ALA A 52 -1.25 -49.07 -14.05
CA ALA A 52 -2.01 -49.90 -14.97
C ALA A 52 -1.73 -49.40 -16.38
N ARG A 53 -2.07 -50.22 -17.37
CA ARG A 53 -1.86 -49.88 -18.78
C ARG A 53 -2.85 -48.80 -19.21
N HIS A 54 -2.39 -47.87 -20.05
CA HIS A 54 -3.23 -46.79 -20.52
C HIS A 54 -3.05 -46.54 -22.02
N GLY A 55 -4.08 -46.00 -22.67
CA GLY A 55 -3.96 -45.72 -24.09
C GLY A 55 -3.19 -44.43 -24.28
N LEU A 56 -3.42 -43.78 -25.41
CA LEU A 56 -2.75 -42.53 -25.72
C LEU A 56 -3.72 -41.35 -25.78
N GLU A 57 -4.99 -41.61 -25.46
CA GLU A 57 -6.00 -40.55 -25.51
C GLU A 57 -5.65 -39.32 -24.66
N THR A 58 -5.38 -39.54 -23.39
CA THR A 58 -5.06 -38.45 -22.50
C THR A 58 -3.86 -37.64 -22.98
N VAL A 59 -2.76 -38.33 -23.26
CA VAL A 59 -1.56 -37.65 -23.71
C VAL A 59 -1.78 -36.91 -25.04
N LEU A 60 -2.64 -37.44 -25.90
CA LEU A 60 -2.91 -36.80 -27.18
C LEU A 60 -3.70 -35.50 -27.03
N LYS A 61 -4.02 -35.14 -25.79
CA LYS A 61 -4.75 -33.89 -25.53
C LYS A 61 -3.78 -32.81 -25.08
N VAL A 62 -2.53 -33.19 -24.84
CA VAL A 62 -1.53 -32.21 -24.41
C VAL A 62 -0.29 -32.17 -25.29
N HIS A 63 -0.07 -33.21 -26.10
CA HIS A 63 1.09 -33.27 -27.00
C HIS A 63 0.68 -33.44 -28.46
N ASP A 64 1.49 -32.87 -29.33
CA ASP A 64 1.28 -32.95 -30.78
C ASP A 64 1.36 -34.41 -31.22
N ALA A 65 0.44 -34.83 -32.08
CA ALA A 65 0.44 -36.22 -32.56
C ALA A 65 1.67 -36.56 -33.39
N GLY A 66 2.12 -35.61 -34.19
CA GLY A 66 3.30 -35.83 -35.01
C GLY A 66 4.50 -36.03 -34.11
N TYR A 67 4.55 -35.25 -33.04
CA TYR A 67 5.63 -35.34 -32.07
C TYR A 67 5.65 -36.72 -31.42
N LEU A 68 4.51 -37.17 -30.92
CA LEU A 68 4.43 -38.47 -30.27
C LEU A 68 4.80 -39.58 -31.26
N ASN A 69 4.23 -39.54 -32.46
CA ASN A 69 4.54 -40.52 -33.49
C ASN A 69 6.05 -40.52 -33.74
N PHE A 70 6.66 -39.35 -33.68
CA PHE A 70 8.11 -39.25 -33.88
C PHE A 70 8.87 -40.03 -32.82
N LEU A 71 8.49 -39.84 -31.56
CA LEU A 71 9.17 -40.51 -30.47
C LEU A 71 9.09 -42.03 -30.57
N GLU A 72 7.89 -42.54 -30.78
CA GLU A 72 7.73 -43.98 -30.83
C GLU A 72 8.69 -44.70 -31.79
N THR A 73 9.08 -44.08 -32.90
CA THR A 73 9.99 -44.75 -33.83
C THR A 73 11.35 -44.09 -34.04
N ALA A 74 11.57 -42.96 -33.37
CA ALA A 74 12.83 -42.22 -33.50
C ALA A 74 14.05 -43.10 -33.51
N TRP A 75 14.23 -43.90 -32.45
CA TRP A 75 15.39 -44.76 -32.36
C TRP A 75 15.55 -45.70 -33.54
N ASP A 76 14.48 -46.38 -33.94
CA ASP A 76 14.56 -47.31 -35.07
C ASP A 76 15.06 -46.63 -36.33
N ARG A 77 14.50 -45.46 -36.59
CA ARG A 77 14.88 -44.70 -37.77
C ARG A 77 16.32 -44.25 -37.68
N TRP A 78 16.71 -43.82 -36.48
CA TRP A 78 18.07 -43.34 -36.25
C TRP A 78 19.09 -44.44 -36.54
N LYS A 79 18.84 -45.61 -35.96
CA LYS A 79 19.76 -46.72 -36.16
C LYS A 79 19.70 -47.13 -37.62
N ALA A 80 18.50 -47.04 -38.22
CA ALA A 80 18.35 -47.42 -39.62
C ALA A 80 19.21 -46.53 -40.53
N ALA A 81 19.26 -45.23 -40.23
CA ALA A 81 20.06 -44.30 -41.02
C ALA A 81 21.54 -44.65 -40.94
N GLY A 82 21.88 -45.53 -40.00
CA GLY A 82 23.26 -45.98 -39.87
C GLY A 82 24.16 -45.28 -38.87
N TYR A 83 23.58 -44.47 -37.99
CA TYR A 83 24.39 -43.75 -37.01
C TYR A 83 24.92 -44.65 -35.89
N LYS A 84 26.21 -44.47 -35.62
CA LYS A 84 26.91 -45.25 -34.62
C LYS A 84 26.62 -44.82 -33.17
N GLY A 85 26.23 -43.56 -32.98
CA GLY A 85 25.94 -43.09 -31.63
C GLY A 85 24.44 -43.05 -31.34
N GLU A 86 24.06 -42.47 -30.21
CA GLU A 86 22.65 -42.36 -29.86
C GLU A 86 22.06 -41.18 -30.62
N ALA A 87 20.74 -41.11 -30.69
CA ALA A 87 20.06 -40.03 -31.42
C ALA A 87 20.14 -38.69 -30.69
N ILE A 88 20.91 -37.78 -31.29
CA ILE A 88 21.11 -36.43 -30.73
C ILE A 88 20.94 -35.39 -31.84
N ALA A 89 20.07 -34.42 -31.61
CA ALA A 89 19.81 -33.35 -32.58
C ALA A 89 21.02 -32.44 -32.75
N THR A 90 21.30 -32.03 -33.98
CA THR A 90 22.42 -31.16 -34.30
C THR A 90 21.93 -29.81 -34.87
N SER A 91 20.88 -29.86 -35.69
CA SER A 91 20.33 -28.67 -36.31
C SER A 91 18.98 -28.27 -35.69
N PHE A 92 18.79 -26.98 -35.41
CA PHE A 92 17.56 -26.53 -34.77
C PHE A 92 16.75 -25.41 -35.45
N PRO A 93 15.41 -25.48 -35.34
CA PRO A 93 14.58 -24.44 -35.96
C PRO A 93 14.64 -23.22 -35.04
N VAL A 94 15.70 -22.44 -35.19
CA VAL A 94 15.86 -21.28 -34.33
C VAL A 94 15.32 -20.01 -34.97
N ARG A 95 15.90 -18.86 -34.65
CA ARG A 95 15.38 -17.62 -35.20
C ARG A 95 15.24 -17.57 -36.71
N ARG A 96 14.20 -16.88 -37.13
CA ARG A 96 13.89 -16.66 -38.54
C ARG A 96 14.08 -17.85 -39.47
N THR A 97 13.55 -19.00 -39.05
CA THR A 97 13.65 -20.22 -39.85
C THR A 97 12.29 -20.66 -40.37
N SER A 98 12.30 -21.58 -41.32
CA SER A 98 11.04 -22.08 -41.89
C SER A 98 10.26 -22.89 -40.86
N PRO A 99 8.93 -22.92 -40.99
CA PRO A 99 8.08 -23.67 -40.08
C PRO A 99 7.86 -25.11 -40.55
N ARG A 100 8.25 -25.42 -41.79
CA ARG A 100 8.07 -26.77 -42.33
C ARG A 100 8.74 -27.87 -41.53
N ILE A 101 8.17 -29.08 -41.58
CA ILE A 101 8.76 -30.19 -40.85
C ILE A 101 9.62 -31.03 -41.80
N PRO A 102 10.87 -31.32 -41.41
CA PRO A 102 11.75 -32.12 -42.28
C PRO A 102 11.22 -33.54 -42.38
N THR A 103 11.61 -34.23 -43.44
CA THR A 103 11.17 -35.60 -43.63
C THR A 103 12.28 -36.53 -43.10
N ASP A 104 13.53 -36.16 -43.35
CA ASP A 104 14.71 -36.90 -42.89
C ASP A 104 14.73 -37.05 -41.36
N ILE A 105 15.31 -38.13 -40.86
CA ILE A 105 15.38 -38.36 -39.43
C ILE A 105 16.29 -37.34 -38.74
N GLU A 106 17.36 -36.93 -39.41
CA GLU A 106 18.28 -35.96 -38.84
C GLU A 106 17.57 -34.63 -38.64
N GLY A 107 16.67 -34.29 -39.57
CA GLY A 107 15.95 -33.04 -39.47
C GLY A 107 14.79 -33.12 -38.49
N GLN A 108 14.09 -34.24 -38.47
CA GLN A 108 12.95 -34.36 -37.56
C GLN A 108 13.35 -34.25 -36.09
N ILE A 109 14.40 -34.96 -35.68
CA ILE A 109 14.84 -34.91 -34.30
C ILE A 109 15.16 -33.47 -33.88
N GLY A 110 15.76 -32.72 -34.80
CA GLY A 110 16.06 -31.33 -34.50
C GLY A 110 14.77 -30.54 -34.37
N TYR A 111 13.84 -30.82 -35.26
CA TYR A 111 12.54 -30.16 -35.27
C TYR A 111 11.77 -30.39 -33.97
N TYR A 112 11.85 -31.60 -33.46
CA TYR A 112 11.14 -31.95 -32.25
C TYR A 112 12.07 -31.89 -31.02
N CYS A 113 13.09 -31.03 -31.06
CA CYS A 113 14.03 -30.93 -29.96
C CYS A 113 14.39 -29.51 -29.53
N ASN A 114 14.36 -29.25 -28.21
CA ASN A 114 14.71 -27.93 -27.70
C ASN A 114 16.08 -27.88 -27.03
N ALA A 115 16.73 -29.03 -26.92
CA ALA A 115 18.04 -29.10 -26.28
C ALA A 115 18.80 -30.38 -26.63
N ALA A 116 20.03 -30.21 -27.13
CA ALA A 116 20.88 -31.31 -27.54
C ALA A 116 21.53 -32.11 -26.40
N GLU A 117 21.27 -31.68 -25.17
CA GLU A 117 21.81 -32.36 -23.99
C GLU A 117 20.98 -33.60 -23.61
N THR A 118 20.07 -34.01 -24.49
CA THR A 118 19.24 -35.20 -24.25
C THR A 118 19.23 -36.10 -25.49
N ALA A 119 19.58 -37.36 -25.29
CA ALA A 119 19.60 -38.28 -26.43
C ALA A 119 18.54 -39.37 -26.35
N ILE A 120 17.97 -39.70 -27.50
CA ILE A 120 16.97 -40.75 -27.57
C ILE A 120 17.76 -42.04 -27.70
N SER A 121 17.43 -43.03 -26.89
CA SER A 121 18.12 -44.31 -26.92
C SER A 121 17.10 -45.44 -26.91
N PRO A 122 17.55 -46.69 -27.08
CA PRO A 122 16.64 -47.84 -27.07
C PRO A 122 15.84 -47.86 -25.77
N GLY A 123 14.52 -48.08 -25.86
CA GLY A 123 13.72 -48.14 -24.65
C GLY A 123 13.09 -46.84 -24.17
N THR A 124 13.68 -45.72 -24.54
CA THR A 124 13.18 -44.41 -24.14
C THR A 124 11.67 -44.25 -24.30
N TRP A 125 11.14 -44.69 -25.43
CA TRP A 125 9.70 -44.57 -25.67
C TRP A 125 8.88 -45.40 -24.69
N GLU A 126 9.23 -46.67 -24.52
CA GLU A 126 8.50 -47.53 -23.61
C GLU A 126 8.64 -47.03 -22.18
N ALA A 127 9.81 -46.49 -21.86
CA ALA A 127 10.06 -45.97 -20.53
C ALA A 127 9.15 -44.77 -20.32
N ALA A 128 9.11 -43.88 -21.31
CA ALA A 128 8.27 -42.70 -21.19
C ALA A 128 6.80 -43.08 -20.98
N LEU A 129 6.29 -44.02 -21.77
CA LEU A 129 4.90 -44.41 -21.59
C LEU A 129 4.61 -44.86 -20.14
N SER A 130 5.52 -45.65 -19.57
CA SER A 130 5.33 -46.15 -18.19
C SER A 130 5.31 -45.02 -17.15
N SER A 131 6.22 -44.05 -17.31
CA SER A 131 6.28 -42.93 -16.40
C SER A 131 4.97 -42.18 -16.54
N MET A 132 4.47 -42.08 -17.76
CA MET A 132 3.20 -41.40 -18.00
C MET A 132 2.08 -42.16 -17.31
N ALA A 133 2.16 -43.48 -17.36
CA ALA A 133 1.16 -44.33 -16.74
C ALA A 133 1.09 -44.09 -15.24
N SER A 134 2.25 -43.90 -14.60
CA SER A 134 2.29 -43.63 -13.16
C SER A 134 1.57 -42.34 -12.86
N ALA A 135 1.75 -41.35 -13.72
CA ALA A 135 1.11 -40.08 -13.53
C ALA A 135 -0.39 -40.22 -13.66
N ILE A 136 -0.85 -40.97 -14.67
CA ILE A 136 -2.28 -41.15 -14.86
C ILE A 136 -2.95 -41.81 -13.65
N ASP A 137 -2.30 -42.85 -13.13
CA ASP A 137 -2.80 -43.59 -11.97
C ASP A 137 -2.83 -42.67 -10.74
N GLY A 138 -1.76 -41.91 -10.54
CA GLY A 138 -1.72 -40.99 -9.43
C GLY A 138 -2.89 -40.03 -9.58
N ALA A 139 -3.09 -39.51 -10.78
CA ALA A 139 -4.21 -38.60 -10.98
C ALA A 139 -5.52 -39.29 -10.65
N ASP A 140 -5.70 -40.53 -11.11
CA ASP A 140 -6.94 -41.23 -10.80
C ASP A 140 -7.20 -41.29 -9.29
N LEU A 141 -6.16 -41.54 -8.51
CA LEU A 141 -6.33 -41.61 -7.05
C LEU A 141 -6.88 -40.28 -6.50
N ILE A 142 -6.43 -39.16 -7.06
CA ILE A 142 -6.91 -37.86 -6.61
C ILE A 142 -8.38 -37.73 -7.00
N ALA A 143 -8.70 -38.16 -8.22
CA ALA A 143 -10.06 -38.10 -8.72
C ALA A 143 -10.99 -38.98 -7.89
N ALA A 144 -10.47 -40.09 -7.36
CA ALA A 144 -11.28 -41.00 -6.56
C ALA A 144 -11.53 -40.45 -5.14
N GLY A 145 -10.84 -39.38 -4.80
CA GLY A 145 -11.04 -38.80 -3.49
C GLY A 145 -9.83 -38.83 -2.58
N HIS A 146 -8.73 -39.42 -3.04
CA HIS A 146 -7.53 -39.45 -2.22
C HIS A 146 -7.03 -38.01 -2.05
N LYS A 147 -6.56 -37.70 -0.84
CA LYS A 147 -6.09 -36.36 -0.49
C LYS A 147 -4.71 -36.07 -1.08
N ALA A 148 -3.92 -37.12 -1.25
CA ALA A 148 -2.60 -36.97 -1.83
C ALA A 148 -2.11 -38.30 -2.39
N ALA A 149 -1.13 -38.22 -3.27
CA ALA A 149 -0.56 -39.41 -3.88
C ALA A 149 0.75 -38.98 -4.55
N PHE A 150 1.68 -39.91 -4.65
CA PHE A 150 2.96 -39.61 -5.27
C PHE A 150 3.29 -40.57 -6.40
N SER A 151 3.55 -40.00 -7.57
CA SER A 151 3.89 -40.74 -8.77
C SER A 151 5.40 -40.60 -8.96
N LEU A 152 6.13 -41.66 -8.63
CA LEU A 152 7.56 -41.63 -8.78
C LEU A 152 7.84 -41.78 -10.28
N CYS A 153 7.73 -40.67 -11.00
CA CYS A 153 7.95 -40.63 -12.43
C CYS A 153 9.42 -40.59 -12.81
N ARG A 154 9.74 -41.30 -13.90
CA ARG A 154 11.08 -41.35 -14.50
C ARG A 154 10.95 -42.05 -15.84
N PRO A 155 11.42 -41.41 -16.92
CA PRO A 155 12.07 -40.09 -16.92
C PRO A 155 11.08 -39.00 -16.54
N PRO A 156 11.58 -37.80 -16.20
CA PRO A 156 10.75 -36.66 -15.80
C PRO A 156 10.09 -36.07 -17.06
N GLY A 157 9.34 -34.99 -16.92
CA GLY A 157 8.70 -34.44 -18.09
C GLY A 157 8.35 -32.97 -18.16
N HIS A 158 8.76 -32.15 -17.19
CA HIS A 158 8.37 -30.75 -17.25
C HIS A 158 9.04 -29.94 -18.35
N ALA A 159 10.08 -30.49 -18.98
CA ALA A 159 10.72 -29.76 -20.06
C ALA A 159 10.17 -30.19 -21.42
N ALA A 160 9.38 -31.27 -21.47
CA ALA A 160 8.80 -31.70 -22.74
C ALA A 160 7.61 -30.80 -23.05
N GLY A 161 7.74 -29.98 -24.08
CA GLY A 161 6.66 -29.09 -24.44
C GLY A 161 5.67 -29.74 -25.39
N ILE A 162 4.80 -28.94 -26.00
CA ILE A 162 3.80 -29.45 -26.93
C ILE A 162 4.37 -30.39 -27.99
N ASP A 163 5.40 -29.96 -28.71
CA ASP A 163 5.98 -30.81 -29.73
C ASP A 163 7.50 -30.87 -29.69
N MET A 164 8.07 -30.95 -28.49
CA MET A 164 9.53 -31.03 -28.37
C MET A 164 10.05 -31.71 -27.09
N PHE A 165 11.12 -32.50 -27.25
CA PHE A 165 11.73 -33.18 -26.10
C PHE A 165 13.04 -32.50 -25.76
N GLY A 166 13.53 -32.74 -24.54
CA GLY A 166 14.77 -32.16 -24.10
C GLY A 166 14.79 -32.05 -22.58
N GLY A 167 15.93 -31.61 -22.02
CA GLY A 167 16.03 -31.48 -20.59
C GLY A 167 15.76 -32.79 -19.87
N TYR A 168 16.01 -33.88 -20.59
CA TYR A 168 15.83 -35.25 -20.11
C TYR A 168 14.37 -35.69 -20.10
N CYS A 169 13.51 -34.90 -20.71
CA CYS A 169 12.09 -35.21 -20.73
C CYS A 169 11.54 -35.51 -22.13
N PHE A 170 10.55 -36.41 -22.20
CA PHE A 170 9.97 -36.79 -23.50
C PHE A 170 8.47 -36.62 -23.48
N ILE A 171 7.82 -37.16 -22.46
CA ILE A 171 6.38 -37.01 -22.32
C ILE A 171 6.19 -36.25 -21.01
N ASN A 172 5.41 -35.17 -21.06
CA ASN A 172 5.17 -34.33 -19.89
C ASN A 172 4.13 -34.93 -18.95
N ASN A 173 4.62 -35.77 -18.04
CA ASN A 173 3.79 -36.45 -17.07
C ASN A 173 2.86 -35.52 -16.30
N ALA A 174 3.42 -34.49 -15.67
CA ALA A 174 2.64 -33.52 -14.90
C ALA A 174 1.47 -32.97 -15.70
N ALA A 175 1.67 -32.80 -17.00
CA ALA A 175 0.63 -32.28 -17.87
C ALA A 175 -0.43 -33.32 -18.18
N VAL A 176 -0.01 -34.57 -18.33
CA VAL A 176 -0.97 -35.63 -18.63
C VAL A 176 -1.85 -35.87 -17.40
N ALA A 177 -1.26 -35.70 -16.22
CA ALA A 177 -1.99 -35.88 -14.97
C ALA A 177 -2.99 -34.74 -14.79
N ALA A 178 -2.57 -33.53 -15.11
CA ALA A 178 -3.47 -32.39 -14.98
C ALA A 178 -4.64 -32.68 -15.92
N GLN A 179 -4.33 -33.07 -17.15
CA GLN A 179 -5.35 -33.38 -18.14
C GLN A 179 -6.27 -34.51 -17.65
N ARG A 180 -5.68 -35.54 -17.04
CA ARG A 180 -6.46 -36.66 -16.52
C ARG A 180 -7.48 -36.16 -15.50
N LEU A 181 -7.03 -35.36 -14.54
CA LEU A 181 -7.91 -34.81 -13.51
C LEU A 181 -9.07 -34.06 -14.16
N LEU A 182 -8.77 -33.25 -15.17
CA LEU A 182 -9.84 -32.55 -15.85
C LEU A 182 -10.82 -33.60 -16.38
N ASP A 183 -10.32 -34.50 -17.22
CA ASP A 183 -11.10 -35.59 -17.81
C ASP A 183 -11.94 -36.38 -16.80
N LYS A 184 -11.57 -36.32 -15.55
CA LYS A 184 -12.31 -37.04 -14.53
C LYS A 184 -13.32 -36.17 -13.82
N GLY A 185 -13.54 -34.95 -14.32
CA GLY A 185 -14.53 -34.11 -13.68
C GLY A 185 -14.09 -32.75 -13.18
N ALA A 186 -12.80 -32.45 -13.24
CA ALA A 186 -12.33 -31.15 -12.79
C ALA A 186 -12.50 -30.15 -13.92
N LYS A 187 -12.85 -28.92 -13.56
CA LYS A 187 -13.01 -27.84 -14.53
C LYS A 187 -11.75 -26.96 -14.49
N LYS A 188 -11.13 -26.89 -13.32
CA LYS A 188 -9.92 -26.10 -13.16
C LYS A 188 -8.84 -26.83 -12.34
N ILE A 189 -7.62 -26.88 -12.88
CA ILE A 189 -6.50 -27.55 -12.23
C ILE A 189 -5.27 -26.65 -12.32
N ALA A 190 -4.38 -26.77 -11.35
CA ALA A 190 -3.17 -25.97 -11.32
C ALA A 190 -1.95 -26.87 -11.23
N ILE A 191 -0.86 -26.43 -11.84
CA ILE A 191 0.41 -27.16 -11.80
C ILE A 191 1.41 -26.26 -11.10
N LEU A 192 2.08 -26.80 -10.08
CA LEU A 192 3.09 -26.04 -9.34
C LEU A 192 4.45 -26.71 -9.51
N ASP A 193 5.34 -26.05 -10.24
CA ASP A 193 6.66 -26.61 -10.55
C ASP A 193 7.75 -26.04 -9.62
N VAL A 194 8.14 -26.81 -8.61
CA VAL A 194 9.16 -26.34 -7.67
C VAL A 194 10.59 -26.80 -8.02
N ASP A 195 10.68 -27.56 -9.11
CA ASP A 195 11.95 -28.05 -9.64
C ASP A 195 12.85 -26.82 -9.89
N PHE A 196 14.16 -26.96 -9.74
CA PHE A 196 15.07 -25.83 -9.93
C PHE A 196 14.89 -25.16 -11.29
N HIS A 197 14.82 -25.99 -12.32
CA HIS A 197 14.67 -25.53 -13.69
C HIS A 197 13.23 -25.16 -14.03
N HIS A 198 13.07 -24.14 -14.85
CA HIS A 198 11.74 -23.73 -15.24
C HIS A 198 11.08 -24.89 -16.01
N GLY A 199 9.80 -25.14 -15.74
CA GLY A 199 9.10 -26.19 -16.45
C GLY A 199 8.65 -25.60 -17.77
N ASN A 200 9.59 -25.38 -18.68
CA ASN A 200 9.25 -24.77 -19.95
C ASN A 200 8.31 -25.60 -20.81
N GLY A 201 8.38 -26.92 -20.68
CA GLY A 201 7.50 -27.79 -21.44
C GLY A 201 6.07 -27.60 -20.97
N THR A 202 5.89 -27.67 -19.66
CA THR A 202 4.56 -27.50 -19.08
C THR A 202 4.01 -26.14 -19.46
N GLN A 203 4.81 -25.09 -19.31
CA GLN A 203 4.33 -23.75 -19.64
C GLN A 203 3.79 -23.69 -21.05
N ASP A 204 4.57 -24.23 -21.99
CA ASP A 204 4.19 -24.22 -23.40
C ASP A 204 2.87 -24.97 -23.66
N ILE A 205 2.74 -26.14 -23.05
CA ILE A 205 1.53 -26.93 -23.20
C ILE A 205 0.26 -26.20 -22.76
N PHE A 206 0.33 -25.42 -21.69
CA PHE A 206 -0.84 -24.72 -21.17
C PHE A 206 -0.85 -23.20 -21.33
N TYR A 207 0.08 -22.64 -22.10
CA TYR A 207 0.13 -21.20 -22.29
C TYR A 207 -1.17 -20.65 -22.82
N GLU A 208 -1.85 -21.41 -23.65
CA GLU A 208 -3.12 -20.93 -24.20
C GLU A 208 -4.33 -21.74 -23.74
N ARG A 209 -4.18 -22.42 -22.61
CA ARG A 209 -5.28 -23.20 -22.03
C ARG A 209 -5.77 -22.39 -20.83
N GLY A 210 -7.07 -22.09 -20.80
CA GLY A 210 -7.61 -21.32 -19.70
C GLY A 210 -8.10 -22.15 -18.53
N ASP A 211 -8.15 -23.47 -18.73
CA ASP A 211 -8.60 -24.38 -17.69
C ASP A 211 -7.45 -24.81 -16.77
N VAL A 212 -6.22 -24.48 -17.14
CA VAL A 212 -5.07 -24.82 -16.33
C VAL A 212 -4.18 -23.63 -15.97
N PHE A 213 -3.78 -23.57 -14.71
CA PHE A 213 -2.92 -22.50 -14.24
C PHE A 213 -1.52 -23.07 -14.00
N PHE A 214 -0.49 -22.39 -14.50
CA PHE A 214 0.88 -22.85 -14.32
C PHE A 214 1.72 -21.86 -13.50
N ALA A 215 2.32 -22.36 -12.42
CA ALA A 215 3.17 -21.52 -11.60
C ALA A 215 4.49 -22.26 -11.48
N SER A 216 5.58 -21.53 -11.65
CA SER A 216 6.88 -22.15 -11.57
C SER A 216 7.89 -21.29 -10.80
N LEU A 217 8.61 -21.94 -9.88
CA LEU A 217 9.65 -21.29 -9.10
C LEU A 217 10.90 -21.90 -9.68
N HIS A 218 11.81 -21.08 -10.20
CA HIS A 218 13.03 -21.60 -10.83
C HIS A 218 14.15 -20.57 -10.85
N GLY A 219 15.32 -20.98 -11.32
CA GLY A 219 16.45 -20.07 -11.41
C GLY A 219 16.33 -19.14 -12.60
N ASP A 220 16.66 -17.87 -12.38
CA ASP A 220 16.60 -16.87 -13.45
C ASP A 220 17.11 -17.51 -14.74
N PRO A 221 16.23 -17.65 -15.75
CA PRO A 221 16.59 -18.25 -17.04
C PRO A 221 17.71 -17.49 -17.73
N ALA A 222 18.01 -16.29 -17.26
CA ALA A 222 19.07 -15.49 -17.83
C ALA A 222 20.40 -16.19 -17.61
N GLU A 223 20.43 -17.14 -16.68
CA GLU A 223 21.66 -17.87 -16.40
C GLU A 223 21.47 -19.29 -15.87
N ALA A 224 20.44 -19.95 -16.35
CA ALA A 224 20.14 -21.32 -15.94
C ALA A 224 19.25 -22.02 -16.96
N PHE A 225 19.59 -23.27 -17.27
CA PHE A 225 18.80 -24.06 -18.20
C PHE A 225 17.35 -23.91 -17.76
N PRO A 226 16.40 -23.87 -18.71
CA PRO A 226 16.57 -23.95 -20.17
C PRO A 226 17.05 -22.68 -20.88
N HIS A 227 17.12 -21.56 -20.17
CA HIS A 227 17.59 -20.30 -20.72
C HIS A 227 16.64 -19.50 -21.61
N PHE A 228 15.61 -20.13 -22.16
CA PHE A 228 14.74 -19.41 -23.08
C PHE A 228 13.27 -19.33 -22.73
N LEU A 229 12.97 -19.41 -21.44
CA LEU A 229 11.61 -19.31 -20.99
C LEU A 229 11.68 -19.28 -19.47
N GLY A 230 10.68 -18.69 -18.84
CA GLY A 230 10.68 -18.61 -17.39
C GLY A 230 10.75 -17.19 -16.88
N TYR A 231 10.76 -16.22 -17.80
CA TYR A 231 10.80 -14.82 -17.41
C TYR A 231 9.45 -14.42 -16.85
N ALA A 232 9.47 -13.58 -15.81
CA ALA A 232 8.26 -13.13 -15.13
C ALA A 232 7.16 -12.60 -16.04
N GLU A 233 7.56 -11.95 -17.12
CA GLU A 233 6.64 -11.37 -18.08
C GLU A 233 5.77 -12.37 -18.84
N GLU A 234 6.15 -13.64 -18.81
CA GLU A 234 5.37 -14.67 -19.49
C GLU A 234 4.17 -15.02 -18.61
N THR A 235 3.05 -14.37 -18.90
CA THR A 235 1.85 -14.57 -18.12
C THR A 235 0.74 -15.29 -18.86
N GLY A 236 1.06 -15.75 -20.06
CA GLY A 236 0.08 -16.46 -20.85
C GLY A 236 -0.29 -15.75 -22.12
N LYS A 237 -1.10 -16.41 -22.94
CA LYS A 237 -1.51 -15.82 -24.19
C LYS A 237 -2.86 -16.32 -24.67
N GLY A 238 -3.56 -15.44 -25.38
CA GLY A 238 -4.85 -15.78 -25.93
C GLY A 238 -5.79 -16.39 -24.91
N ALA A 239 -6.47 -17.46 -25.29
CA ALA A 239 -7.41 -18.11 -24.38
C ALA A 239 -6.80 -18.46 -23.01
N GLY A 240 -5.47 -18.45 -22.92
CA GLY A 240 -4.83 -18.77 -21.67
C GLY A 240 -4.16 -17.57 -20.99
N ALA A 241 -4.57 -16.36 -21.34
CA ALA A 241 -3.94 -15.22 -20.70
C ALA A 241 -4.17 -15.19 -19.21
N GLY A 242 -3.14 -14.79 -18.48
CA GLY A 242 -3.20 -14.69 -17.04
C GLY A 242 -3.03 -16.02 -16.31
N THR A 243 -2.91 -17.12 -17.05
CA THR A 243 -2.78 -18.44 -16.43
C THR A 243 -1.37 -18.97 -16.20
N THR A 244 -0.36 -18.13 -16.41
CA THR A 244 1.03 -18.55 -16.18
C THR A 244 1.70 -17.58 -15.22
N ALA A 245 2.34 -18.10 -14.18
CA ALA A 245 3.03 -17.26 -13.21
C ALA A 245 4.44 -17.75 -12.94
N ASN A 246 5.42 -17.03 -13.47
CA ASN A 246 6.82 -17.39 -13.27
C ASN A 246 7.48 -16.60 -12.17
N TYR A 247 8.30 -17.29 -11.39
CA TYR A 247 9.06 -16.69 -10.29
C TYR A 247 10.54 -17.03 -10.46
N PRO A 248 11.26 -16.29 -11.33
CA PRO A 248 12.69 -16.56 -11.53
C PRO A 248 13.47 -16.00 -10.33
N MET A 249 14.52 -16.69 -9.91
CA MET A 249 15.33 -16.23 -8.77
C MET A 249 16.82 -16.42 -9.01
N GLY A 250 17.60 -15.44 -8.54
CA GLY A 250 19.05 -15.47 -8.71
C GLY A 250 19.82 -16.46 -7.86
N ARG A 251 21.15 -16.48 -8.03
CA ARG A 251 21.99 -17.40 -7.29
C ARG A 251 21.98 -17.13 -5.79
N GLY A 252 22.10 -18.21 -5.01
CA GLY A 252 22.12 -18.09 -3.56
C GLY A 252 20.79 -17.85 -2.89
N THR A 253 19.70 -17.90 -3.64
CA THR A 253 18.42 -17.67 -3.03
C THR A 253 18.20 -18.69 -1.93
N PRO A 254 17.86 -18.22 -0.71
CA PRO A 254 17.61 -19.10 0.43
C PRO A 254 16.12 -19.31 0.55
N TYR A 255 15.70 -20.28 1.35
CA TYR A 255 14.28 -20.54 1.50
C TYR A 255 13.51 -19.28 1.90
N SER A 256 14.17 -18.33 2.56
CA SER A 256 13.50 -17.09 2.97
C SER A 256 12.88 -16.43 1.74
N VAL A 257 13.68 -16.31 0.68
CA VAL A 257 13.21 -15.68 -0.55
C VAL A 257 12.39 -16.67 -1.38
N TRP A 258 12.84 -17.92 -1.45
CA TRP A 258 12.16 -18.93 -2.22
C TRP A 258 10.75 -19.17 -1.68
N GLY A 259 10.65 -19.33 -0.36
CA GLY A 259 9.36 -19.57 0.26
C GLY A 259 8.37 -18.45 0.03
N GLU A 260 8.86 -17.21 -0.06
CA GLU A 260 7.95 -16.10 -0.30
C GLU A 260 7.28 -16.31 -1.66
N ALA A 261 8.05 -16.79 -2.63
CA ALA A 261 7.55 -17.06 -3.97
C ALA A 261 6.49 -18.15 -3.89
N LEU A 262 6.82 -19.22 -3.17
CA LEU A 262 5.87 -20.31 -3.01
C LEU A 262 4.55 -19.72 -2.49
N THR A 263 4.64 -18.87 -1.47
CA THR A 263 3.46 -18.24 -0.88
C THR A 263 2.61 -17.50 -1.92
N ASP A 264 3.28 -16.67 -2.71
CA ASP A 264 2.60 -15.89 -3.73
C ASP A 264 1.96 -16.78 -4.78
N SER A 265 2.67 -17.81 -5.24
CA SER A 265 2.11 -18.70 -6.25
C SER A 265 0.85 -19.38 -5.71
N LEU A 266 0.91 -19.86 -4.47
CA LEU A 266 -0.24 -20.51 -3.85
C LEU A 266 -1.42 -19.56 -3.81
N LYS A 267 -1.13 -18.26 -3.67
CA LYS A 267 -2.19 -17.26 -3.63
C LYS A 267 -2.84 -17.17 -5.01
N ARG A 268 -2.03 -17.01 -6.05
CA ARG A 268 -2.55 -16.92 -7.39
C ARG A 268 -3.33 -18.18 -7.76
N ILE A 269 -2.85 -19.33 -7.31
CA ILE A 269 -3.54 -20.59 -7.61
C ILE A 269 -4.90 -20.63 -6.92
N ALA A 270 -4.93 -20.17 -5.68
CA ALA A 270 -6.16 -20.11 -4.90
C ALA A 270 -7.13 -19.18 -5.62
N ALA A 271 -6.64 -18.01 -6.04
CA ALA A 271 -7.48 -17.06 -6.74
C ALA A 271 -7.96 -17.61 -8.08
N PHE A 272 -7.19 -18.53 -8.64
CA PHE A 272 -7.55 -19.13 -9.93
C PHE A 272 -8.72 -20.09 -9.74
N GLY A 273 -8.81 -20.66 -8.55
CA GLY A 273 -9.89 -21.59 -8.25
C GLY A 273 -9.61 -23.03 -8.62
N ALA A 274 -8.37 -23.47 -8.44
CA ALA A 274 -8.00 -24.84 -8.78
C ALA A 274 -8.66 -25.86 -7.86
N GLU A 275 -9.12 -26.96 -8.45
CA GLU A 275 -9.78 -28.00 -7.70
C GLU A 275 -8.73 -28.96 -7.12
N ALA A 276 -7.54 -28.93 -7.70
CA ALA A 276 -6.47 -29.79 -7.25
C ALA A 276 -5.15 -29.19 -7.74
N ILE A 277 -4.03 -29.69 -7.22
CA ILE A 277 -2.75 -29.18 -7.65
C ILE A 277 -1.81 -30.32 -7.97
N VAL A 278 -1.26 -30.29 -9.18
CA VAL A 278 -0.30 -31.28 -9.61
C VAL A 278 1.03 -30.62 -9.27
N VAL A 279 1.82 -31.29 -8.43
CA VAL A 279 3.10 -30.74 -8.02
C VAL A 279 4.25 -31.36 -8.73
N SER A 280 4.92 -30.55 -9.54
CA SER A 280 6.09 -31.00 -10.27
C SER A 280 7.24 -30.87 -9.29
N LEU A 281 7.53 -31.99 -8.63
CA LEU A 281 8.58 -32.01 -7.64
C LEU A 281 9.96 -32.35 -8.18
N GLY A 282 10.86 -31.37 -8.11
CA GLY A 282 12.22 -31.57 -8.53
C GLY A 282 12.98 -31.14 -7.29
N VAL A 283 13.88 -31.96 -6.77
CA VAL A 283 14.62 -31.58 -5.57
C VAL A 283 16.03 -31.06 -5.86
N ASP A 284 16.22 -30.60 -7.09
CA ASP A 284 17.51 -30.04 -7.47
C ASP A 284 17.73 -28.64 -6.91
N THR A 285 16.83 -28.18 -6.04
CA THR A 285 17.00 -26.86 -5.44
C THR A 285 17.85 -26.96 -4.19
N PHE A 286 18.21 -28.20 -3.84
CA PHE A 286 19.01 -28.51 -2.67
C PHE A 286 20.37 -27.85 -2.75
N GLU A 287 20.78 -27.18 -1.68
CA GLU A 287 22.06 -26.48 -1.63
C GLU A 287 23.21 -27.36 -2.09
N GLN A 288 23.14 -28.64 -1.81
CA GLN A 288 24.22 -29.54 -2.21
C GLN A 288 23.99 -30.27 -3.53
N ASP A 289 23.11 -29.73 -4.38
CA ASP A 289 22.87 -30.35 -5.68
C ASP A 289 23.84 -29.73 -6.68
N PRO A 290 24.58 -30.57 -7.40
CA PRO A 290 25.56 -30.10 -8.39
C PRO A 290 25.09 -28.99 -9.33
N ILE A 291 24.22 -29.35 -10.26
CA ILE A 291 23.69 -28.43 -11.26
C ILE A 291 22.55 -27.53 -10.72
N SER A 292 22.87 -26.66 -9.76
CA SER A 292 21.87 -25.76 -9.18
C SER A 292 22.49 -24.75 -8.20
N PHE A 293 21.88 -23.58 -8.10
CA PHE A 293 22.43 -22.55 -7.23
C PHE A 293 21.52 -21.92 -6.18
N PHE A 294 20.54 -22.68 -5.72
CA PHE A 294 19.65 -22.19 -4.67
C PHE A 294 20.20 -22.75 -3.38
N LYS A 295 19.94 -22.08 -2.27
CA LYS A 295 20.46 -22.59 -1.02
C LYS A 295 19.39 -23.17 -0.13
N LEU A 296 18.78 -24.27 -0.58
CA LEU A 296 17.75 -24.91 0.22
C LEU A 296 18.38 -26.06 1.02
N THR A 297 17.86 -26.29 2.22
CA THR A 297 18.35 -27.35 3.08
C THR A 297 17.28 -28.43 3.13
N SER A 298 17.64 -29.62 3.63
CA SER A 298 16.68 -30.71 3.70
C SER A 298 15.43 -30.40 4.52
N PRO A 299 15.58 -29.74 5.69
CA PRO A 299 14.39 -29.43 6.49
C PRO A 299 13.35 -28.65 5.69
N ASP A 300 13.82 -27.70 4.89
CA ASP A 300 12.94 -26.88 4.07
C ASP A 300 11.95 -27.68 3.20
N TYR A 301 12.34 -28.89 2.77
CA TYR A 301 11.46 -29.69 1.93
C TYR A 301 10.25 -30.17 2.72
N ILE A 302 10.35 -30.12 4.04
CA ILE A 302 9.22 -30.51 4.86
C ILE A 302 8.29 -29.31 4.89
N THR A 303 8.87 -28.12 4.99
CA THR A 303 8.09 -26.89 5.00
C THR A 303 7.38 -26.72 3.66
N MET A 304 8.10 -27.02 2.58
CA MET A 304 7.56 -26.91 1.23
C MET A 304 6.28 -27.74 1.10
N GLY A 305 6.38 -29.03 1.44
CA GLY A 305 5.23 -29.91 1.37
C GLY A 305 4.04 -29.50 2.22
N ARG A 306 4.31 -29.16 3.48
CA ARG A 306 3.26 -28.75 4.41
C ARG A 306 2.57 -27.51 3.82
N THR A 307 3.37 -26.54 3.39
CA THR A 307 2.85 -25.30 2.83
C THR A 307 1.91 -25.55 1.66
N ILE A 308 2.37 -26.31 0.66
CA ILE A 308 1.53 -26.59 -0.49
C ILE A 308 0.26 -27.33 -0.05
N ALA A 309 0.39 -28.29 0.85
CA ALA A 309 -0.77 -29.03 1.31
C ALA A 309 -1.77 -28.11 2.02
N ALA A 310 -1.25 -27.09 2.71
CA ALA A 310 -2.13 -26.18 3.42
C ALA A 310 -3.10 -25.48 2.49
N SER A 311 -2.96 -25.69 1.18
CA SER A 311 -3.87 -25.05 0.24
C SER A 311 -5.29 -25.57 0.46
N GLY A 312 -5.41 -26.78 1.01
CA GLY A 312 -6.73 -27.32 1.25
C GLY A 312 -7.30 -28.12 0.09
N VAL A 313 -6.60 -28.13 -1.05
CA VAL A 313 -7.04 -28.88 -2.22
C VAL A 313 -6.17 -30.14 -2.36
N PRO A 314 -6.70 -31.19 -3.00
CA PRO A 314 -5.97 -32.45 -3.20
C PRO A 314 -4.67 -32.22 -3.95
N LEU A 315 -3.65 -33.01 -3.61
CA LEU A 315 -2.36 -32.87 -4.23
C LEU A 315 -1.82 -34.15 -4.85
N LEU A 316 -1.21 -34.02 -6.03
CA LEU A 316 -0.60 -35.15 -6.70
C LEU A 316 0.85 -34.73 -6.94
N VAL A 317 1.77 -35.37 -6.23
CA VAL A 317 3.16 -35.05 -6.39
C VAL A 317 3.70 -35.91 -7.53
N VAL A 318 4.38 -35.27 -8.48
CA VAL A 318 4.98 -35.93 -9.65
C VAL A 318 6.48 -35.69 -9.64
N MET A 319 7.25 -36.77 -9.72
CA MET A 319 8.71 -36.64 -9.70
C MET A 319 9.28 -36.00 -10.97
N GLU A 320 10.28 -35.15 -10.80
CA GLU A 320 10.95 -34.48 -11.92
C GLU A 320 12.47 -34.58 -11.71
N GLY A 321 13.13 -33.42 -11.63
CA GLY A 321 14.56 -33.37 -11.45
C GLY A 321 15.14 -33.71 -10.08
N GLY A 322 16.42 -33.40 -9.92
CA GLY A 322 17.14 -33.67 -8.69
C GLY A 322 18.09 -34.81 -8.99
N TYR A 323 19.39 -34.61 -8.83
CA TYR A 323 20.31 -35.71 -9.15
C TYR A 323 21.53 -35.76 -8.27
N GLY A 324 22.47 -36.60 -8.68
CA GLY A 324 23.72 -36.76 -7.97
C GLY A 324 23.68 -37.21 -6.53
N VAL A 325 23.81 -36.25 -5.62
CA VAL A 325 23.83 -36.51 -4.19
C VAL A 325 22.85 -37.54 -3.64
N PRO A 326 23.25 -38.23 -2.57
CA PRO A 326 22.42 -39.25 -1.93
C PRO A 326 21.23 -38.70 -1.13
N GLU A 327 21.15 -37.38 -0.98
CA GLU A 327 20.05 -36.79 -0.23
C GLU A 327 18.78 -36.66 -1.07
N ILE A 328 18.88 -36.96 -2.36
CA ILE A 328 17.70 -36.86 -3.22
C ILE A 328 16.51 -37.57 -2.62
N GLY A 329 16.72 -38.81 -2.19
CA GLY A 329 15.63 -39.58 -1.60
C GLY A 329 15.06 -38.88 -0.36
N LEU A 330 15.95 -38.55 0.57
CA LEU A 330 15.56 -37.88 1.80
C LEU A 330 14.75 -36.63 1.50
N ASN A 331 15.30 -35.76 0.66
CA ASN A 331 14.62 -34.53 0.30
C ASN A 331 13.22 -34.78 -0.28
N VAL A 332 13.10 -35.77 -1.17
CA VAL A 332 11.79 -36.09 -1.75
C VAL A 332 10.86 -36.61 -0.66
N ALA A 333 11.37 -37.51 0.17
CA ALA A 333 10.60 -38.09 1.26
C ALA A 333 10.13 -37.01 2.23
N ASN A 334 10.91 -35.94 2.39
CA ASN A 334 10.50 -34.89 3.29
C ASN A 334 9.33 -34.10 2.74
N VAL A 335 9.31 -33.88 1.43
CA VAL A 335 8.18 -33.15 0.83
C VAL A 335 6.89 -33.95 1.04
N LEU A 336 7.00 -35.27 0.92
CA LEU A 336 5.85 -36.16 1.10
C LEU A 336 5.38 -36.12 2.56
N LYS A 337 6.34 -36.12 3.46
CA LYS A 337 6.08 -36.07 4.89
C LYS A 337 5.38 -34.76 5.23
N GLY A 338 5.91 -33.64 4.74
CA GLY A 338 5.30 -32.35 5.02
C GLY A 338 3.87 -32.30 4.49
N VAL A 339 3.65 -32.95 3.35
CA VAL A 339 2.33 -33.01 2.74
C VAL A 339 1.39 -33.82 3.63
N ALA A 340 1.92 -34.85 4.27
CA ALA A 340 1.15 -35.72 5.15
C ALA A 340 0.71 -34.98 6.41
N GLY A 341 1.42 -33.89 6.73
CA GLY A 341 1.08 -33.11 7.91
C GLY A 341 1.12 -33.88 9.21
N MET B 1 15.81 38.85 -0.44
CA MET B 1 15.25 38.98 0.93
C MET B 1 16.16 39.87 1.74
N ARG B 2 15.63 40.35 2.86
CA ARG B 2 16.40 41.22 3.74
C ARG B 2 17.09 40.41 4.83
N VAL B 3 18.19 40.92 5.35
CA VAL B 3 18.94 40.25 6.41
C VAL B 3 18.85 41.07 7.69
N ILE B 4 18.30 40.48 8.75
CA ILE B 4 18.22 41.20 10.01
C ILE B 4 19.33 40.65 10.90
N PHE B 5 20.27 41.51 11.26
CA PHE B 5 21.39 41.07 12.07
C PHE B 5 21.85 42.11 13.08
N SER B 6 22.12 41.66 14.30
CA SER B 6 22.58 42.56 15.35
C SER B 6 24.06 42.37 15.66
N GLU B 7 24.70 43.45 16.08
CA GLU B 7 26.11 43.44 16.43
C GLU B 7 26.32 43.09 17.90
N ASP B 8 25.30 43.30 18.73
CA ASP B 8 25.46 43.01 20.15
C ASP B 8 25.57 41.53 20.44
N HIS B 9 25.62 40.72 19.39
CA HIS B 9 25.74 39.29 19.54
C HIS B 9 27.14 39.05 20.13
N LYS B 10 28.03 40.00 19.86
CA LYS B 10 29.38 39.91 20.37
C LYS B 10 29.37 39.98 21.89
N LEU B 11 28.32 40.55 22.48
CA LEU B 11 28.25 40.63 23.93
C LEU B 11 28.33 39.23 24.54
N ARG B 12 27.98 38.24 23.72
CA ARG B 12 28.04 36.86 24.16
C ARG B 12 29.33 36.26 23.62
N ASN B 13 30.34 36.18 24.48
CA ASN B 13 31.63 35.61 24.09
C ASN B 13 32.22 34.83 25.26
N ALA B 14 31.52 33.78 25.68
CA ALA B 14 31.94 32.93 26.80
C ALA B 14 33.30 32.31 26.53
N LYS B 15 34.11 32.23 27.57
CA LYS B 15 35.44 31.66 27.40
C LYS B 15 35.51 30.15 27.55
N THR B 16 34.56 29.57 28.27
CA THR B 16 34.59 28.14 28.51
C THR B 16 33.34 27.35 28.16
N GLU B 17 33.55 26.11 27.71
CA GLU B 17 32.46 25.21 27.40
C GLU B 17 32.87 23.81 27.86
N LEU B 18 32.05 23.16 28.66
CA LEU B 18 32.39 21.83 29.13
C LEU B 18 32.23 20.89 27.94
N TYR B 19 33.35 20.26 27.55
CA TYR B 19 33.40 19.32 26.43
C TYR B 19 34.47 18.25 26.66
N GLY B 20 34.08 16.99 26.45
CA GLY B 20 35.01 15.89 26.61
C GLY B 20 35.65 15.85 27.99
N GLY B 21 35.03 16.53 28.95
CA GLY B 21 35.54 16.55 30.31
C GLY B 21 36.44 17.74 30.61
N GLU B 22 36.49 18.69 29.68
CA GLU B 22 37.33 19.86 29.88
C GLU B 22 36.60 21.14 29.53
N LEU B 23 37.15 22.27 29.98
CA LEU B 23 36.58 23.58 29.70
C LEU B 23 37.36 24.12 28.50
N VAL B 24 36.80 23.92 27.32
CA VAL B 24 37.44 24.33 26.07
C VAL B 24 36.78 25.59 25.48
N PRO B 25 37.46 26.23 24.51
CA PRO B 25 36.86 27.43 23.91
C PRO B 25 35.59 27.01 23.18
N PRO B 26 34.45 27.65 23.51
CA PRO B 26 33.13 27.40 22.93
C PRO B 26 33.11 27.31 21.41
N PHE B 27 32.36 26.32 20.90
CA PHE B 27 32.22 26.13 19.46
C PHE B 27 31.31 27.20 18.91
N GLU B 28 30.40 27.69 19.74
CA GLU B 28 29.49 28.73 19.31
C GLU B 28 30.14 30.07 19.65
N ALA B 29 31.07 30.48 18.80
CA ALA B 29 31.80 31.72 19.00
C ALA B 29 31.40 32.81 18.01
N PRO B 30 31.76 34.08 18.32
CA PRO B 30 31.46 35.26 17.50
C PRO B 30 31.89 35.18 16.03
N PHE B 31 32.97 34.46 15.74
CA PHE B 31 33.45 34.37 14.36
C PHE B 31 32.42 33.70 13.44
N ARG B 32 31.51 32.94 14.01
CA ARG B 32 30.49 32.28 13.22
C ARG B 32 29.60 33.31 12.54
N ALA B 33 29.16 34.31 13.30
CA ALA B 33 28.29 35.36 12.78
C ALA B 33 28.98 36.18 11.70
N GLU B 34 30.24 36.52 11.96
CA GLU B 34 31.01 37.28 11.00
C GLU B 34 31.17 36.55 9.68
N TRP B 35 31.53 35.27 9.75
CA TRP B 35 31.70 34.47 8.55
C TRP B 35 30.40 34.33 7.77
N ILE B 36 29.33 33.96 8.47
CA ILE B 36 28.02 33.77 7.84
C ILE B 36 27.54 35.08 7.20
N LEU B 37 27.71 36.19 7.90
CA LEU B 37 27.31 37.48 7.39
C LEU B 37 28.06 37.81 6.09
N ALA B 38 29.35 37.52 6.08
CA ALA B 38 30.21 37.77 4.90
C ALA B 38 29.78 36.93 3.70
N ALA B 39 29.37 35.70 3.97
CA ALA B 39 28.95 34.81 2.91
C ALA B 39 27.63 35.25 2.29
N VAL B 40 26.60 35.47 3.10
CA VAL B 40 25.30 35.89 2.56
C VAL B 40 25.40 37.20 1.78
N LYS B 41 26.36 38.03 2.16
CA LYS B 41 26.59 39.30 1.48
C LYS B 41 27.21 39.01 0.12
N GLU B 42 28.23 38.16 0.12
CA GLU B 42 28.91 37.78 -1.10
C GLU B 42 28.00 37.07 -2.09
N ALA B 43 26.84 36.61 -1.61
CA ALA B 43 25.91 35.89 -2.47
C ALA B 43 24.74 36.74 -2.93
N GLY B 44 24.87 38.05 -2.77
CA GLY B 44 23.83 38.96 -3.20
C GLY B 44 22.95 39.51 -2.09
N PHE B 45 22.88 38.80 -0.98
CA PHE B 45 22.06 39.23 0.15
C PHE B 45 22.79 40.28 0.97
N ASP B 46 22.89 41.47 0.41
CA ASP B 46 23.60 42.56 1.04
C ASP B 46 22.71 43.61 1.69
N ASP B 47 21.42 43.31 1.86
CA ASP B 47 20.51 44.26 2.50
C ASP B 47 20.42 43.90 3.98
N VAL B 48 21.47 44.25 4.70
CA VAL B 48 21.58 43.96 6.12
C VAL B 48 21.18 45.15 6.98
N VAL B 49 20.28 44.91 7.94
CA VAL B 49 19.86 45.98 8.84
C VAL B 49 19.82 45.48 10.28
N ALA B 50 20.03 46.41 11.21
CA ALA B 50 20.00 46.07 12.62
C ALA B 50 18.56 46.04 13.08
N PRO B 51 18.25 45.16 14.03
CA PRO B 51 16.89 45.03 14.54
C PRO B 51 16.52 46.22 15.40
N ALA B 52 15.23 46.45 15.55
CA ALA B 52 14.74 47.54 16.37
C ALA B 52 14.66 47.05 17.80
N ARG B 53 14.56 47.99 18.74
CA ARG B 53 14.47 47.63 20.13
C ARG B 53 13.08 47.07 20.41
N HIS B 54 13.02 46.00 21.21
CA HIS B 54 11.73 45.39 21.54
C HIS B 54 11.56 45.14 23.03
N GLY B 55 10.31 44.96 23.44
CA GLY B 55 10.01 44.70 24.84
C GLY B 55 10.05 43.21 25.13
N LEU B 56 9.50 42.79 26.27
CA LEU B 56 9.51 41.38 26.62
C LEU B 56 8.13 40.76 26.52
N GLU B 57 7.24 41.42 25.81
CA GLU B 57 5.88 40.93 25.63
C GLU B 57 5.76 39.64 24.82
N THR B 58 6.39 39.62 23.65
CA THR B 58 6.34 38.45 22.79
C THR B 58 7.06 37.27 23.46
N VAL B 59 8.29 37.50 23.93
CA VAL B 59 9.07 36.43 24.56
C VAL B 59 8.37 35.87 25.79
N LEU B 60 7.78 36.75 26.60
CA LEU B 60 7.05 36.32 27.78
C LEU B 60 5.91 35.38 27.46
N LYS B 61 5.60 35.19 26.17
CA LYS B 61 4.51 34.29 25.78
C LYS B 61 5.01 32.88 25.48
N VAL B 62 6.32 32.73 25.31
CA VAL B 62 6.89 31.43 25.02
C VAL B 62 7.80 30.93 26.16
N HIS B 63 8.35 31.85 26.96
CA HIS B 63 9.21 31.50 28.08
C HIS B 63 8.64 31.86 29.45
N ASP B 64 8.93 31.03 30.44
CA ASP B 64 8.49 31.24 31.82
C ASP B 64 9.10 32.56 32.32
N ALA B 65 8.33 33.35 33.06
CA ALA B 65 8.82 34.63 33.58
C ALA B 65 9.97 34.42 34.58
N GLY B 66 9.88 33.34 35.35
CA GLY B 66 10.93 33.05 36.32
C GLY B 66 12.22 32.76 35.59
N TYR B 67 12.12 32.06 34.47
CA TYR B 67 13.28 31.72 33.66
C TYR B 67 13.97 33.00 33.17
N LEU B 68 13.22 33.86 32.50
CA LEU B 68 13.74 35.11 31.98
C LEU B 68 14.30 35.96 33.12
N ASN B 69 13.64 35.90 34.27
CA ASN B 69 14.09 36.67 35.42
C ASN B 69 15.47 36.19 35.83
N PHE B 70 15.62 34.87 35.91
CA PHE B 70 16.88 34.26 36.28
C PHE B 70 18.00 34.64 35.31
N LEU B 71 17.75 34.51 34.00
CA LEU B 71 18.77 34.82 33.01
C LEU B 71 19.29 36.25 33.10
N GLU B 72 18.39 37.20 33.30
CA GLU B 72 18.80 38.59 33.37
C GLU B 72 19.81 38.91 34.45
N THR B 73 19.67 38.29 35.62
CA THR B 73 20.62 38.57 36.69
C THR B 73 21.52 37.41 37.07
N ALA B 74 21.44 36.33 36.32
CA ALA B 74 22.25 35.16 36.63
C ALA B 74 23.73 35.48 36.83
N TRP B 75 24.32 36.23 35.91
CA TRP B 75 25.75 36.55 36.01
C TRP B 75 26.13 37.35 37.27
N ASP B 76 25.34 38.37 37.59
CA ASP B 76 25.59 39.19 38.75
C ASP B 76 25.62 38.39 40.04
N ARG B 77 24.68 37.45 40.16
CA ARG B 77 24.58 36.61 41.35
C ARG B 77 25.74 35.61 41.42
N TRP B 78 26.08 35.05 40.28
CA TRP B 78 27.17 34.11 40.21
C TRP B 78 28.44 34.79 40.72
N LYS B 79 28.76 35.96 40.15
CA LYS B 79 29.95 36.70 40.56
C LYS B 79 29.87 37.05 42.05
N ALA B 80 28.73 37.60 42.47
CA ALA B 80 28.51 37.99 43.86
C ALA B 80 28.65 36.79 44.78
N ALA B 81 28.29 35.61 44.30
CA ALA B 81 28.41 34.43 45.14
C ALA B 81 29.88 34.13 45.41
N GLY B 82 30.76 34.72 44.60
CA GLY B 82 32.19 34.50 44.78
C GLY B 82 32.84 33.46 43.89
N TYR B 83 32.13 32.97 42.88
CA TYR B 83 32.72 31.96 42.01
C TYR B 83 33.70 32.57 41.01
N LYS B 84 34.88 31.97 40.94
CA LYS B 84 35.94 32.44 40.07
C LYS B 84 35.69 32.24 38.57
N GLY B 85 35.10 31.11 38.21
CA GLY B 85 34.85 30.83 36.79
C GLY B 85 33.49 31.28 36.28
N GLU B 86 33.12 30.83 35.08
CA GLU B 86 31.82 31.20 34.51
C GLU B 86 30.68 30.37 35.11
N ALA B 87 29.44 30.86 34.95
CA ALA B 87 28.27 30.22 35.51
C ALA B 87 27.88 28.92 34.81
N ILE B 88 28.12 27.81 35.52
CA ILE B 88 27.80 26.47 35.01
C ILE B 88 27.07 25.62 36.06
N ALA B 89 25.90 25.11 35.70
CA ALA B 89 25.12 24.28 36.60
C ALA B 89 25.83 22.96 36.92
N THR B 90 25.63 22.49 38.15
CA THR B 90 26.23 21.25 38.64
C THR B 90 25.15 20.26 39.13
N SER B 91 24.05 20.78 39.68
CA SER B 91 22.95 19.96 40.15
C SER B 91 21.76 20.11 39.20
N PHE B 92 21.07 19.01 38.93
CA PHE B 92 19.94 19.06 38.02
C PHE B 92 18.73 18.32 38.55
N PRO B 93 17.52 18.89 38.31
CA PRO B 93 16.25 18.28 38.76
C PRO B 93 15.90 17.11 37.84
N VAL B 94 16.61 15.99 38.02
CA VAL B 94 16.44 14.76 37.24
C VAL B 94 15.37 13.81 37.82
N ARG B 95 15.44 12.53 37.50
CA ARG B 95 14.40 11.62 37.97
C ARG B 95 14.03 11.68 39.45
N ARG B 96 12.74 11.54 39.68
CA ARG B 96 12.16 11.53 41.00
C ARG B 96 12.57 12.67 41.93
N THR B 97 12.85 13.83 41.36
CA THR B 97 13.22 14.99 42.17
C THR B 97 12.02 15.87 42.50
N SER B 98 12.20 16.76 43.46
CA SER B 98 11.15 17.67 43.87
C SER B 98 10.94 18.74 42.79
N PRO B 99 9.71 19.24 42.62
CA PRO B 99 9.41 20.27 41.62
C PRO B 99 9.62 21.69 42.14
N ARG B 100 9.95 21.81 43.43
CA ARG B 100 10.17 23.12 44.03
C ARG B 100 11.34 23.89 43.42
N ILE B 101 11.24 25.20 43.38
CA ILE B 101 12.30 26.02 42.83
C ILE B 101 13.22 26.53 43.93
N PRO B 102 14.52 26.25 43.83
CA PRO B 102 15.49 26.70 44.84
C PRO B 102 15.56 28.24 44.91
N THR B 103 16.23 28.77 45.93
CA THR B 103 16.35 30.23 46.06
C THR B 103 17.76 30.73 45.77
N ASP B 104 18.77 29.91 46.09
CA ASP B 104 20.17 30.28 45.89
C ASP B 104 20.55 30.23 44.41
N ILE B 105 21.67 30.87 44.05
CA ILE B 105 22.10 30.92 42.65
C ILE B 105 22.55 29.56 42.10
N GLU B 106 23.26 28.79 42.93
CA GLU B 106 23.72 27.46 42.52
C GLU B 106 22.52 26.56 42.20
N GLY B 107 21.58 26.47 43.13
CA GLY B 107 20.41 25.64 42.90
C GLY B 107 19.51 26.17 41.79
N GLN B 108 19.46 27.48 41.63
CA GLN B 108 18.60 28.04 40.60
C GLN B 108 19.16 27.82 39.20
N ILE B 109 20.47 28.00 39.02
CA ILE B 109 21.05 27.81 37.70
C ILE B 109 20.85 26.36 37.24
N GLY B 110 20.86 25.41 38.17
CA GLY B 110 20.64 24.03 37.79
C GLY B 110 19.17 23.85 37.44
N TYR B 111 18.31 24.47 38.24
CA TYR B 111 16.88 24.37 38.02
C TYR B 111 16.46 24.85 36.64
N TYR B 112 17.13 25.89 36.16
CA TYR B 112 16.84 26.46 34.87
C TYR B 112 17.82 26.03 33.76
N CYS B 113 18.45 24.89 33.93
CA CYS B 113 19.41 24.41 32.93
C CYS B 113 19.13 22.97 32.49
N ASN B 114 19.41 22.66 31.23
CA ASN B 114 19.21 21.29 30.74
C ASN B 114 20.51 20.70 30.21
N ALA B 115 21.61 21.43 30.36
CA ALA B 115 22.90 20.96 29.88
C ALA B 115 24.05 21.81 30.43
N ALA B 116 25.03 21.15 31.02
CA ALA B 116 26.19 21.83 31.61
C ALA B 116 27.25 22.20 30.57
N GLU B 117 27.00 21.85 29.32
CA GLU B 117 27.96 22.18 28.28
C GLU B 117 27.79 23.62 27.84
N THR B 118 27.03 24.38 28.62
CA THR B 118 26.77 25.78 28.34
C THR B 118 26.96 26.68 29.57
N ALA B 119 27.88 27.63 29.48
CA ALA B 119 28.13 28.55 30.60
C ALA B 119 27.56 29.93 30.34
N ILE B 120 27.08 30.57 31.40
CA ILE B 120 26.53 31.92 31.29
C ILE B 120 27.71 32.86 31.54
N SER B 121 27.87 33.84 30.66
CA SER B 121 28.97 34.78 30.79
C SER B 121 28.47 36.23 30.69
N PRO B 122 29.33 37.20 31.05
CA PRO B 122 28.95 38.63 30.98
C PRO B 122 28.42 38.95 29.58
N GLY B 123 27.32 39.68 29.51
CA GLY B 123 26.77 40.04 28.21
C GLY B 123 25.85 39.02 27.57
N THR B 124 25.74 37.84 28.18
CA THR B 124 24.86 36.82 27.62
C THR B 124 23.41 37.31 27.52
N TRP B 125 22.89 37.85 28.62
CA TRP B 125 21.52 38.35 28.61
C TRP B 125 21.29 39.37 27.49
N GLU B 126 22.07 40.45 27.50
CA GLU B 126 21.92 41.48 26.51
C GLU B 126 22.14 40.96 25.09
N ALA B 127 23.07 40.03 24.94
CA ALA B 127 23.33 39.49 23.60
C ALA B 127 22.14 38.63 23.19
N ALA B 128 21.61 37.86 24.13
CA ALA B 128 20.47 37.00 23.84
C ALA B 128 19.26 37.84 23.44
N LEU B 129 19.13 39.01 24.05
CA LEU B 129 18.00 39.90 23.75
C LEU B 129 18.11 40.48 22.33
N SER B 130 19.34 40.79 21.91
CA SER B 130 19.55 41.35 20.59
C SER B 130 19.28 40.27 19.52
N SER B 131 19.64 39.04 19.84
CA SER B 131 19.41 37.92 18.95
C SER B 131 17.90 37.73 18.78
N MET B 132 17.16 37.93 19.87
CA MET B 132 15.70 37.81 19.86
C MET B 132 15.12 38.86 18.94
N ALA B 133 15.63 40.08 19.05
CA ALA B 133 15.13 41.15 18.22
C ALA B 133 15.32 40.84 16.74
N SER B 134 16.47 40.29 16.36
CA SER B 134 16.64 40.00 14.94
C SER B 134 15.56 39.02 14.46
N ALA B 135 15.10 38.17 15.37
CA ALA B 135 14.06 37.19 15.04
C ALA B 135 12.69 37.85 14.92
N ILE B 136 12.40 38.77 15.83
CA ILE B 136 11.12 39.45 15.80
C ILE B 136 10.99 40.29 14.54
N ASP B 137 11.99 41.12 14.27
CA ASP B 137 11.97 41.96 13.08
C ASP B 137 11.81 41.13 11.81
N GLY B 138 12.50 39.98 11.76
CA GLY B 138 12.38 39.13 10.60
C GLY B 138 10.93 38.71 10.44
N ALA B 139 10.32 38.34 11.56
CA ALA B 139 8.93 37.91 11.56
C ALA B 139 8.01 39.04 11.11
N ASP B 140 8.31 40.27 11.49
CA ASP B 140 7.47 41.40 11.09
C ASP B 140 7.44 41.55 9.58
N LEU B 141 8.60 41.40 8.94
CA LEU B 141 8.68 41.50 7.49
C LEU B 141 7.73 40.48 6.85
N ILE B 142 7.81 39.23 7.33
CA ILE B 142 6.96 38.17 6.84
C ILE B 142 5.50 38.59 6.93
N ALA B 143 5.13 39.14 8.08
CA ALA B 143 3.77 39.59 8.30
C ALA B 143 3.46 40.84 7.47
N ALA B 144 4.50 41.61 7.16
CA ALA B 144 4.32 42.82 6.36
C ALA B 144 4.11 42.46 4.89
N GLY B 145 4.32 41.20 4.56
CA GLY B 145 4.14 40.76 3.19
C GLY B 145 5.35 40.12 2.55
N HIS B 146 6.54 40.31 3.12
CA HIS B 146 7.75 39.72 2.57
C HIS B 146 7.59 38.20 2.50
N LYS B 147 8.05 37.59 1.41
CA LYS B 147 7.93 36.14 1.24
C LYS B 147 9.18 35.41 1.72
N ALA B 148 10.13 36.15 2.27
CA ALA B 148 11.35 35.55 2.75
C ALA B 148 12.23 36.58 3.45
N ALA B 149 12.77 36.19 4.59
CA ALA B 149 13.64 37.07 5.35
C ALA B 149 14.59 36.20 6.14
N PHE B 150 15.81 36.68 6.33
CA PHE B 150 16.80 35.93 7.09
C PHE B 150 17.26 36.68 8.33
N SER B 151 17.00 36.08 9.49
CA SER B 151 17.40 36.67 10.75
C SER B 151 18.69 35.97 11.19
N LEU B 152 19.81 36.67 11.05
CA LEU B 152 21.08 36.09 11.46
C LEU B 152 21.15 36.23 12.98
N CYS B 153 20.64 35.22 13.68
CA CYS B 153 20.62 35.19 15.16
C CYS B 153 21.89 34.59 15.75
N ARG B 154 22.29 35.15 16.88
CA ARG B 154 23.42 34.67 17.67
C ARG B 154 23.36 35.40 19.00
N PRO B 155 23.36 34.64 20.12
CA PRO B 155 23.41 33.19 20.16
C PRO B 155 22.16 32.54 19.57
N PRO B 156 22.25 31.24 19.22
CA PRO B 156 21.13 30.49 18.65
C PRO B 156 20.08 30.26 19.75
N GLY B 157 18.98 29.58 19.41
CA GLY B 157 17.97 29.35 20.42
C GLY B 157 17.13 28.09 20.46
N HIS B 158 17.20 27.22 19.46
CA HIS B 158 16.32 26.06 19.49
C HIS B 158 16.42 25.09 20.67
N ALA B 159 17.50 25.18 21.45
CA ALA B 159 17.68 24.30 22.61
C ALA B 159 17.08 24.92 23.87
N ALA B 160 16.66 26.17 23.79
CA ALA B 160 16.09 26.80 24.97
C ALA B 160 14.62 26.38 25.09
N GLY B 161 14.32 25.65 26.15
CA GLY B 161 12.96 25.19 26.39
C GLY B 161 12.20 26.25 27.16
N ILE B 162 10.99 25.89 27.63
CA ILE B 162 10.15 26.83 28.36
C ILE B 162 10.83 27.54 29.51
N ASP B 163 11.52 26.77 30.35
CA ASP B 163 12.21 27.35 31.50
C ASP B 163 13.60 26.76 31.71
N MET B 164 14.38 26.70 30.63
CA MET B 164 15.72 26.14 30.73
C MET B 164 16.61 26.51 29.53
N PHE B 165 17.87 26.79 29.84
CA PHE B 165 18.85 27.14 28.83
C PHE B 165 19.81 25.95 28.71
N GLY B 166 20.55 25.90 27.61
CA GLY B 166 21.47 24.81 27.39
C GLY B 166 21.72 24.72 25.90
N GLY B 167 22.62 23.84 25.49
CA GLY B 167 22.90 23.69 24.08
C GLY B 167 23.28 24.98 23.39
N TYR B 168 23.88 25.91 24.15
CA TYR B 168 24.33 27.19 23.60
C TYR B 168 23.18 28.18 23.43
N CYS B 169 22.00 27.82 23.93
CA CYS B 169 20.83 28.67 23.79
C CYS B 169 20.30 29.24 25.12
N PHE B 170 19.63 30.38 25.06
CA PHE B 170 19.09 31.03 26.26
C PHE B 170 17.67 31.50 26.01
N ILE B 171 17.44 32.13 24.86
CA ILE B 171 16.11 32.58 24.51
C ILE B 171 15.79 31.94 23.17
N ASN B 172 14.66 31.24 23.07
CA ASN B 172 14.30 30.57 21.84
C ASN B 172 13.81 31.54 20.76
N ASN B 173 14.76 32.05 19.97
CA ASN B 173 14.45 33.00 18.90
C ASN B 173 13.35 32.51 17.95
N ALA B 174 13.53 31.32 17.38
CA ALA B 174 12.54 30.78 16.46
C ALA B 174 11.17 30.73 17.13
N ALA B 175 11.12 30.39 18.41
CA ALA B 175 9.84 30.32 19.10
C ALA B 175 9.21 31.70 19.23
N VAL B 176 10.05 32.71 19.41
CA VAL B 176 9.56 34.08 19.54
C VAL B 176 9.02 34.59 18.20
N ALA B 177 9.66 34.18 17.10
CA ALA B 177 9.24 34.61 15.78
C ALA B 177 7.85 34.07 15.44
N ALA B 178 7.69 32.76 15.64
CA ALA B 178 6.42 32.10 15.37
C ALA B 178 5.33 32.74 16.21
N GLN B 179 5.65 33.06 17.46
CA GLN B 179 4.68 33.70 18.33
C GLN B 179 4.37 35.10 17.81
N ARG B 180 5.38 35.76 17.25
CA ARG B 180 5.20 37.09 16.72
C ARG B 180 4.24 37.07 15.53
N LEU B 181 4.44 36.10 14.64
CA LEU B 181 3.61 35.94 13.46
C LEU B 181 2.16 35.72 13.87
N LEU B 182 1.97 34.94 14.92
CA LEU B 182 0.62 34.69 15.41
C LEU B 182 0.05 36.02 15.90
N ASP B 183 0.81 36.75 16.72
CA ASP B 183 0.34 38.03 17.24
C ASP B 183 0.04 39.03 16.11
N LYS B 184 0.68 38.84 14.96
CA LYS B 184 0.49 39.71 13.82
C LYS B 184 -0.70 39.29 12.96
N GLY B 185 -1.54 38.40 13.49
CA GLY B 185 -2.69 37.97 12.74
C GLY B 185 -2.75 36.54 12.21
N ALA B 186 -1.63 35.82 12.25
CA ALA B 186 -1.63 34.45 11.76
C ALA B 186 -2.34 33.54 12.77
N LYS B 187 -3.02 32.51 12.28
CA LYS B 187 -3.73 31.58 13.16
C LYS B 187 -2.95 30.26 13.28
N LYS B 188 -2.19 29.92 12.25
CA LYS B 188 -1.40 28.69 12.26
C LYS B 188 -0.01 28.87 11.65
N ILE B 189 1.01 28.65 12.47
CA ILE B 189 2.40 28.78 12.06
C ILE B 189 3.15 27.47 12.32
N ALA B 190 4.07 27.12 11.42
CA ALA B 190 4.87 25.90 11.57
C ALA B 190 6.33 26.29 11.71
N ILE B 191 7.12 25.37 12.23
CA ILE B 191 8.55 25.58 12.41
C ILE B 191 9.27 24.34 11.92
N LEU B 192 10.15 24.52 10.95
CA LEU B 192 10.93 23.44 10.38
C LEU B 192 12.36 23.62 10.90
N ASP B 193 12.81 22.69 11.73
CA ASP B 193 14.15 22.72 12.34
C ASP B 193 15.07 21.75 11.58
N VAL B 194 15.88 22.29 10.66
CA VAL B 194 16.79 21.46 9.88
C VAL B 194 18.18 21.40 10.50
N ASP B 195 18.35 22.08 11.62
CA ASP B 195 19.61 22.08 12.33
C ASP B 195 19.91 20.61 12.67
N PHE B 196 21.19 20.25 12.77
CA PHE B 196 21.59 18.87 13.06
C PHE B 196 21.00 18.30 14.37
N HIS B 197 21.10 19.08 15.44
CA HIS B 197 20.59 18.67 16.74
C HIS B 197 19.10 18.88 16.83
N HIS B 198 18.44 18.04 17.60
CA HIS B 198 17.01 18.17 17.77
C HIS B 198 16.69 19.52 18.40
N GLY B 199 15.52 20.07 18.08
CA GLY B 199 15.15 21.34 18.68
C GLY B 199 14.37 21.05 19.96
N ASN B 200 15.04 20.44 20.93
CA ASN B 200 14.39 20.10 22.19
C ASN B 200 13.71 21.28 22.88
N GLY B 201 14.34 22.45 22.83
CA GLY B 201 13.75 23.63 23.45
C GLY B 201 12.47 24.08 22.76
N THR B 202 12.51 24.10 21.43
CA THR B 202 11.38 24.49 20.60
C THR B 202 10.23 23.50 20.77
N GLN B 203 10.56 22.21 20.81
CA GLN B 203 9.51 21.19 20.97
C GLN B 203 8.82 21.33 22.31
N ASP B 204 9.62 21.62 23.33
CA ASP B 204 9.08 21.77 24.67
C ASP B 204 8.08 22.94 24.74
N ILE B 205 8.41 24.04 24.08
CA ILE B 205 7.54 25.23 24.07
C ILE B 205 6.18 25.06 23.39
N PHE B 206 6.15 24.36 22.26
CA PHE B 206 4.92 24.19 21.52
C PHE B 206 4.27 22.81 21.63
N TYR B 207 4.89 21.92 22.40
CA TYR B 207 4.37 20.57 22.56
C TYR B 207 2.87 20.51 22.88
N GLU B 208 2.40 21.35 23.80
CA GLU B 208 0.98 21.34 24.14
C GLU B 208 0.20 22.51 23.53
N ARG B 209 0.62 22.96 22.35
CA ARG B 209 -0.06 24.04 21.65
C ARG B 209 -0.50 23.59 20.27
N GLY B 210 -1.80 23.77 19.98
CA GLY B 210 -2.33 23.36 18.70
C GLY B 210 -2.22 24.36 17.57
N ASP B 211 -1.79 25.58 17.88
CA ASP B 211 -1.65 26.62 16.87
C ASP B 211 -0.29 26.69 16.20
N VAL B 212 0.65 25.85 16.65
CA VAL B 212 1.98 25.79 16.07
C VAL B 212 2.35 24.32 15.85
N PHE B 213 3.04 24.07 14.75
CA PHE B 213 3.45 22.71 14.41
C PHE B 213 4.98 22.69 14.42
N PHE B 214 5.56 21.63 14.97
CA PHE B 214 7.02 21.51 15.03
C PHE B 214 7.54 20.30 14.28
N ALA B 215 8.40 20.56 13.31
CA ALA B 215 8.99 19.51 12.51
C ALA B 215 10.49 19.67 12.64
N SER B 216 11.14 18.62 13.12
CA SER B 216 12.59 18.64 13.29
C SER B 216 13.25 17.40 12.68
N LEU B 217 14.35 17.65 11.97
CA LEU B 217 15.17 16.61 11.37
C LEU B 217 16.46 16.72 12.17
N HIS B 218 16.95 15.60 12.70
CA HIS B 218 18.14 15.66 13.55
C HIS B 218 18.76 14.27 13.76
N GLY B 219 19.99 14.26 14.27
CA GLY B 219 20.66 13.01 14.55
C GLY B 219 19.96 12.32 15.69
N ASP B 220 19.69 11.02 15.51
CA ASP B 220 19.04 10.21 16.51
C ASP B 220 19.58 10.54 17.90
N PRO B 221 18.69 10.92 18.84
CA PRO B 221 19.10 11.27 20.21
C PRO B 221 19.66 10.08 20.99
N ALA B 222 19.51 8.88 20.45
CA ALA B 222 20.03 7.70 21.11
C ALA B 222 21.55 7.84 21.19
N GLU B 223 22.09 8.69 20.33
CA GLU B 223 23.54 8.91 20.31
C GLU B 223 23.93 10.29 19.78
N ALA B 224 23.18 11.31 20.17
CA ALA B 224 23.46 12.68 19.75
C ALA B 224 22.73 13.65 20.65
N PHE B 225 23.44 14.71 21.04
CA PHE B 225 22.89 15.76 21.88
C PHE B 225 21.56 16.20 21.27
N PRO B 226 20.57 16.54 22.11
CA PRO B 226 20.57 16.59 23.58
C PRO B 226 20.32 15.24 24.30
N HIS B 227 20.26 14.14 23.55
CA HIS B 227 20.08 12.81 24.13
C HIS B 227 18.72 12.51 24.81
N PHE B 228 17.92 13.53 25.14
CA PHE B 228 16.66 13.28 25.84
C PHE B 228 15.36 13.82 25.26
N LEU B 229 15.30 13.90 23.94
CA LEU B 229 14.10 14.37 23.27
C LEU B 229 14.39 14.30 21.79
N GLY B 230 13.36 14.03 21.00
CA GLY B 230 13.53 13.93 19.55
C GLY B 230 13.19 12.59 18.95
N TYR B 231 12.58 11.71 19.74
CA TYR B 231 12.20 10.38 19.26
C TYR B 231 10.89 10.48 18.50
N ALA B 232 10.77 9.68 17.44
CA ALA B 232 9.57 9.65 16.61
C ALA B 232 8.28 9.54 17.44
N GLU B 233 8.35 8.78 18.53
CA GLU B 233 7.22 8.57 19.45
C GLU B 233 6.58 9.89 19.90
N GLU B 234 7.41 10.92 20.05
CA GLU B 234 6.96 12.25 20.47
C GLU B 234 6.17 12.94 19.35
N THR B 235 4.84 13.01 19.51
CA THR B 235 3.97 13.62 18.51
C THR B 235 3.11 14.76 19.05
N GLY B 236 3.33 15.10 20.31
CA GLY B 236 2.55 16.17 20.91
C GLY B 236 1.83 15.70 22.16
N LYS B 237 1.09 16.61 22.80
CA LYS B 237 0.36 16.29 24.01
C LYS B 237 -0.80 17.24 24.34
N GLY B 238 -1.86 16.70 24.91
CA GLY B 238 -3.01 17.50 25.25
C GLY B 238 -3.45 18.35 24.09
N ALA B 239 -3.60 19.64 24.29
CA ALA B 239 -4.01 20.53 23.21
C ALA B 239 -3.00 20.58 22.06
N GLY B 240 -1.78 20.11 22.30
CA GLY B 240 -0.79 20.12 21.25
C GLY B 240 -0.60 18.78 20.59
N ALA B 241 -1.47 17.83 20.90
CA ALA B 241 -1.39 16.50 20.33
C ALA B 241 -1.32 16.55 18.80
N GLY B 242 -0.50 15.68 18.22
CA GLY B 242 -0.39 15.64 16.78
C GLY B 242 0.32 16.79 16.09
N THR B 243 0.84 17.76 16.86
CA THR B 243 1.52 18.89 16.24
C THR B 243 3.04 18.86 16.36
N THR B 244 3.59 17.68 16.62
CA THR B 244 5.04 17.52 16.70
C THR B 244 5.44 16.32 15.86
N ALA B 245 6.42 16.53 14.97
CA ALA B 245 6.89 15.47 14.08
C ALA B 245 8.41 15.38 14.05
N ASN B 246 8.96 14.33 14.70
CA ASN B 246 10.42 14.15 14.73
C ASN B 246 10.92 13.10 13.71
N TYR B 247 12.07 13.40 13.12
CA TYR B 247 12.70 12.52 12.15
C TYR B 247 14.17 12.30 12.51
N PRO B 248 14.43 11.48 13.54
CA PRO B 248 15.82 11.22 13.93
C PRO B 248 16.50 10.34 12.87
N MET B 249 17.79 10.55 12.64
CA MET B 249 18.53 9.76 11.67
C MET B 249 19.93 9.39 12.18
N GLY B 250 20.45 8.27 11.65
CA GLY B 250 21.75 7.75 12.08
C GLY B 250 23.02 8.42 11.59
N ARG B 251 24.15 7.86 11.96
CA ARG B 251 25.42 8.43 11.56
C ARG B 251 25.69 8.31 10.07
N GLY B 252 26.32 9.34 9.50
CA GLY B 252 26.65 9.35 8.09
C GLY B 252 25.50 9.48 7.12
N THR B 253 24.36 10.00 7.57
CA THR B 253 23.20 10.16 6.70
C THR B 253 23.44 11.12 5.53
N PRO B 254 23.35 10.63 4.28
CA PRO B 254 23.55 11.42 3.06
C PRO B 254 22.23 12.13 2.73
N TYR B 255 22.30 13.18 1.91
CA TYR B 255 21.09 13.93 1.57
C TYR B 255 20.04 12.99 0.95
N SER B 256 20.52 11.91 0.35
CA SER B 256 19.66 10.93 -0.28
C SER B 256 18.57 10.46 0.70
N VAL B 257 18.89 10.46 1.98
CA VAL B 257 17.94 10.03 2.99
C VAL B 257 17.36 11.20 3.77
N TRP B 258 18.19 12.21 4.01
CA TRP B 258 17.77 13.40 4.73
C TRP B 258 16.63 14.12 4.00
N GLY B 259 16.74 14.21 2.68
CA GLY B 259 15.72 14.87 1.89
C GLY B 259 14.35 14.22 1.97
N GLU B 260 14.36 12.90 2.18
CA GLU B 260 13.12 12.13 2.30
C GLU B 260 12.35 12.68 3.48
N ALA B 261 13.01 12.69 4.65
CA ALA B 261 12.41 13.21 5.87
C ALA B 261 11.89 14.63 5.64
N LEU B 262 12.71 15.44 4.97
CA LEU B 262 12.33 16.81 4.69
C LEU B 262 11.00 16.83 3.97
N THR B 263 10.89 15.98 2.96
CA THR B 263 9.67 15.88 2.19
C THR B 263 8.48 15.50 3.07
N ASP B 264 8.63 14.43 3.83
CA ASP B 264 7.54 13.99 4.68
C ASP B 264 7.15 15.05 5.71
N SER B 265 8.13 15.80 6.21
CA SER B 265 7.82 16.83 7.21
C SER B 265 7.09 18.00 6.55
N LEU B 266 7.44 18.28 5.30
CA LEU B 266 6.80 19.36 4.56
C LEU B 266 5.38 18.99 4.16
N LYS B 267 5.14 17.68 4.07
CA LYS B 267 3.83 17.16 3.69
C LYS B 267 2.90 17.31 4.88
N ARG B 268 3.47 17.25 6.06
CA ARG B 268 2.70 17.39 7.29
C ARG B 268 2.39 18.84 7.57
N ILE B 269 3.39 19.69 7.41
CA ILE B 269 3.23 21.13 7.62
C ILE B 269 2.05 21.59 6.77
N ALA B 270 2.10 21.26 5.48
CA ALA B 270 1.04 21.61 4.57
C ALA B 270 -0.31 21.12 5.08
N ALA B 271 -0.37 19.86 5.49
CA ALA B 271 -1.61 19.28 6.01
C ALA B 271 -2.10 20.04 7.25
N PHE B 272 -1.15 20.51 8.05
CA PHE B 272 -1.46 21.24 9.27
C PHE B 272 -2.14 22.55 8.92
N GLY B 273 -1.71 23.17 7.83
CA GLY B 273 -2.28 24.43 7.42
C GLY B 273 -1.43 25.60 7.87
N ALA B 274 -0.11 25.45 7.78
CA ALA B 274 0.76 26.54 8.20
C ALA B 274 0.72 27.69 7.23
N GLU B 275 0.45 28.88 7.77
CA GLU B 275 0.38 30.09 6.98
C GLU B 275 1.78 30.57 6.66
N ALA B 276 2.74 30.11 7.44
CA ALA B 276 4.13 30.46 7.22
C ALA B 276 4.97 29.44 7.93
N ILE B 277 6.24 29.38 7.56
CA ILE B 277 7.14 28.43 8.18
C ILE B 277 8.38 29.15 8.71
N VAL B 278 8.67 28.93 9.98
CA VAL B 278 9.86 29.51 10.58
C VAL B 278 10.88 28.38 10.51
N VAL B 279 11.92 28.62 9.71
CA VAL B 279 12.98 27.64 9.52
C VAL B 279 14.16 27.89 10.45
N SER B 280 14.47 26.92 11.31
CA SER B 280 15.60 27.02 12.23
C SER B 280 16.78 26.47 11.44
N LEU B 281 17.44 27.34 10.68
CA LEU B 281 18.56 26.89 9.88
C LEU B 281 19.83 26.63 10.69
N GLY B 282 20.26 25.37 10.67
CA GLY B 282 21.47 24.96 11.33
C GLY B 282 22.23 24.28 10.21
N VAL B 283 23.45 24.73 9.92
CA VAL B 283 24.22 24.13 8.83
C VAL B 283 25.21 23.10 9.34
N ASP B 284 25.05 22.71 10.60
CA ASP B 284 25.93 21.71 11.18
C ASP B 284 25.56 20.30 10.72
N THR B 285 24.70 20.20 9.71
CA THR B 285 24.35 18.88 9.17
C THR B 285 25.37 18.60 8.07
N PHE B 286 26.26 19.56 7.86
CA PHE B 286 27.33 19.49 6.85
C PHE B 286 28.28 18.33 7.15
N GLU B 287 28.82 17.73 6.10
CA GLU B 287 29.72 16.60 6.28
C GLU B 287 31.05 16.94 6.91
N GLN B 288 31.32 18.23 7.09
CA GLN B 288 32.57 18.65 7.72
C GLN B 288 32.38 19.26 9.09
N ASP B 289 31.19 19.14 9.65
CA ASP B 289 30.95 19.73 10.97
C ASP B 289 31.70 18.95 12.05
N PRO B 290 32.45 19.66 12.89
CA PRO B 290 33.23 19.08 13.98
C PRO B 290 32.48 18.42 15.13
N ILE B 291 31.17 18.65 15.25
CA ILE B 291 30.45 18.03 16.35
C ILE B 291 29.22 17.24 15.93
N SER B 292 29.06 17.06 14.63
CA SER B 292 27.91 16.33 14.12
C SER B 292 28.32 15.15 13.26
N PHE B 293 27.36 14.28 12.91
CA PHE B 293 27.66 13.10 12.12
C PHE B 293 26.87 12.87 10.83
N PHE B 294 26.27 13.93 10.27
CA PHE B 294 25.53 13.77 9.01
C PHE B 294 26.49 14.00 7.85
N LYS B 295 26.06 13.63 6.65
CA LYS B 295 26.92 13.79 5.47
C LYS B 295 26.35 14.64 4.33
N LEU B 296 25.90 15.85 4.63
CA LEU B 296 25.36 16.73 3.60
C LEU B 296 26.49 17.53 2.94
N THR B 297 26.32 17.86 1.66
CA THR B 297 27.31 18.62 0.92
C THR B 297 26.81 20.03 0.62
N SER B 298 27.73 20.96 0.44
CA SER B 298 27.38 22.36 0.17
C SER B 298 26.23 22.50 -0.82
N PRO B 299 26.30 21.78 -1.94
CA PRO B 299 25.22 21.86 -2.93
C PRO B 299 23.84 21.52 -2.37
N ASP B 300 23.76 20.49 -1.51
CA ASP B 300 22.46 20.09 -0.93
C ASP B 300 21.72 21.25 -0.28
N TYR B 301 22.48 22.19 0.29
CA TYR B 301 21.87 23.35 0.95
C TYR B 301 21.04 24.19 0.00
N ILE B 302 21.39 24.20 -1.29
CA ILE B 302 20.64 24.95 -2.28
C ILE B 302 19.33 24.21 -2.51
N THR B 303 19.42 22.90 -2.59
CA THR B 303 18.26 22.04 -2.79
C THR B 303 17.28 22.19 -1.61
N MET B 304 17.85 22.36 -0.42
CA MET B 304 17.06 22.51 0.80
C MET B 304 16.23 23.78 0.72
N GLY B 305 16.90 24.88 0.40
CA GLY B 305 16.24 26.17 0.28
C GLY B 305 15.09 26.12 -0.71
N ARG B 306 15.35 25.54 -1.87
CA ARG B 306 14.37 25.39 -2.94
C ARG B 306 13.18 24.56 -2.48
N THR B 307 13.46 23.39 -1.92
CA THR B 307 12.39 22.52 -1.47
C THR B 307 11.49 23.18 -0.44
N ILE B 308 12.09 23.83 0.55
CA ILE B 308 11.30 24.49 1.60
C ILE B 308 10.47 25.64 1.02
N ALA B 309 11.09 26.47 0.17
CA ALA B 309 10.39 27.58 -0.45
C ALA B 309 9.19 27.08 -1.25
N ALA B 310 9.33 25.91 -1.85
CA ALA B 310 8.25 25.32 -2.63
C ALA B 310 7.02 25.01 -1.78
N SER B 311 7.12 25.23 -0.48
CA SER B 311 5.98 24.98 0.40
C SER B 311 4.86 25.91 -0.05
N GLY B 312 5.24 27.02 -0.66
CA GLY B 312 4.26 27.98 -1.14
C GLY B 312 3.86 29.03 -0.11
N VAL B 313 4.48 29.00 1.07
CA VAL B 313 4.19 29.93 2.14
C VAL B 313 5.45 30.73 2.47
N PRO B 314 5.30 31.95 3.05
CA PRO B 314 6.43 32.81 3.41
C PRO B 314 7.40 32.09 4.34
N LEU B 315 8.68 32.41 4.23
CA LEU B 315 9.68 31.75 5.07
C LEU B 315 10.56 32.71 5.84
N LEU B 316 10.76 32.42 7.12
CA LEU B 316 11.62 33.22 7.97
C LEU B 316 12.75 32.30 8.41
N VAL B 317 13.94 32.51 7.85
CA VAL B 317 15.08 31.68 8.21
C VAL B 317 15.78 32.25 9.45
N VAL B 318 15.88 31.43 10.50
CA VAL B 318 16.52 31.82 11.75
C VAL B 318 17.77 30.97 11.97
N MET B 319 18.93 31.63 12.11
CA MET B 319 20.20 30.92 12.33
C MET B 319 20.21 30.09 13.60
N GLU B 320 20.87 28.95 13.51
CA GLU B 320 21.01 28.05 14.63
C GLU B 320 22.45 27.54 14.62
N GLY B 321 22.61 26.22 14.49
CA GLY B 321 23.93 25.61 14.47
C GLY B 321 24.78 25.76 13.22
N GLY B 322 25.90 25.04 13.21
CA GLY B 322 26.85 25.11 12.10
C GLY B 322 28.14 25.64 12.70
N TYR B 323 29.17 24.80 12.80
CA TYR B 323 30.45 25.21 13.42
C TYR B 323 31.69 24.81 12.63
N GLY B 324 32.85 25.15 13.20
CA GLY B 324 34.13 24.79 12.62
C GLY B 324 34.57 25.38 11.30
N VAL B 325 34.47 24.57 10.25
CA VAL B 325 34.88 25.00 8.92
C VAL B 325 34.19 26.29 8.47
N PRO B 326 34.84 27.05 7.57
CA PRO B 326 34.29 28.31 7.07
C PRO B 326 33.13 28.13 6.09
N GLU B 327 32.96 26.91 5.59
CA GLU B 327 31.89 26.64 4.65
C GLU B 327 30.54 26.91 5.28
N ILE B 328 30.52 27.11 6.60
CA ILE B 328 29.26 27.38 7.25
C ILE B 328 28.55 28.53 6.57
N GLY B 329 29.33 29.52 6.12
CA GLY B 329 28.75 30.67 5.46
C GLY B 329 28.21 30.27 4.10
N LEU B 330 29.06 29.63 3.32
CA LEU B 330 28.65 29.19 2.00
C LEU B 330 27.37 28.35 2.12
N ASN B 331 27.33 27.48 3.12
CA ASN B 331 26.18 26.61 3.33
C ASN B 331 24.91 27.39 3.70
N VAL B 332 25.06 28.40 4.53
CA VAL B 332 23.92 29.23 4.94
C VAL B 332 23.45 30.06 3.73
N ALA B 333 24.42 30.58 2.98
CA ALA B 333 24.13 31.37 1.79
C ALA B 333 23.41 30.54 0.74
N ASN B 334 23.83 29.29 0.56
CA ASN B 334 23.22 28.41 -0.43
C ASN B 334 21.75 28.15 -0.12
N VAL B 335 21.42 28.08 1.16
CA VAL B 335 20.04 27.84 1.54
C VAL B 335 19.21 29.04 1.13
N LEU B 336 19.81 30.23 1.29
CA LEU B 336 19.14 31.47 0.94
C LEU B 336 18.95 31.57 -0.59
N LYS B 337 19.89 31.01 -1.34
CA LYS B 337 19.78 31.05 -2.80
C LYS B 337 18.65 30.15 -3.30
N GLY B 338 18.47 29.01 -2.64
CA GLY B 338 17.41 28.10 -3.03
C GLY B 338 16.06 28.73 -2.73
N VAL B 339 15.98 29.42 -1.60
CA VAL B 339 14.75 30.09 -1.19
C VAL B 339 14.44 31.22 -2.16
N ALA B 340 15.49 31.92 -2.60
CA ALA B 340 15.36 33.03 -3.55
C ALA B 340 14.83 32.51 -4.87
N GLY B 341 15.22 31.29 -5.22
CA GLY B 341 14.77 30.71 -6.47
C GLY B 341 15.50 31.26 -7.68
N MET C 1 24.12 -28.94 18.26
CA MET C 1 24.07 -27.94 19.38
C MET C 1 24.08 -28.62 20.74
N ARG C 2 24.69 -27.98 21.72
CA ARG C 2 24.75 -28.53 23.05
C ARG C 2 23.39 -28.45 23.71
N VAL C 3 23.10 -29.43 24.56
CA VAL C 3 21.84 -29.45 25.28
C VAL C 3 22.10 -29.38 26.78
N ILE C 4 21.77 -28.27 27.42
CA ILE C 4 21.97 -28.13 28.86
C ILE C 4 20.70 -28.53 29.61
N PHE C 5 20.86 -29.44 30.56
CA PHE C 5 19.72 -29.95 31.31
C PHE C 5 20.04 -30.39 32.73
N SER C 6 19.22 -30.02 33.70
CA SER C 6 19.49 -30.44 35.08
C SER C 6 18.47 -31.47 35.59
N GLU C 7 18.97 -32.60 36.08
CA GLU C 7 18.11 -33.63 36.61
C GLU C 7 17.35 -33.13 37.82
N ASP C 8 17.81 -32.02 38.38
CA ASP C 8 17.13 -31.48 39.56
C ASP C 8 15.78 -30.88 39.27
N HIS C 9 15.33 -30.98 38.02
CA HIS C 9 14.02 -30.45 37.67
C HIS C 9 12.99 -31.23 38.49
N LYS C 10 13.26 -32.51 38.71
CA LYS C 10 12.36 -33.37 39.46
C LYS C 10 12.10 -32.90 40.89
N LEU C 11 12.91 -31.98 41.41
CA LEU C 11 12.70 -31.46 42.75
C LEU C 11 11.37 -30.71 42.78
N ARG C 12 10.90 -30.36 41.59
CA ARG C 12 9.61 -29.69 41.45
C ARG C 12 8.64 -30.79 41.07
N ASN C 13 7.94 -31.32 42.08
CA ASN C 13 6.96 -32.39 41.88
C ASN C 13 5.72 -32.11 42.74
N ALA C 14 5.04 -31.01 42.41
CA ALA C 14 3.85 -30.57 43.12
C ALA C 14 2.76 -31.62 43.12
N LYS C 15 2.25 -31.88 44.33
CA LYS C 15 1.18 -32.83 44.50
C LYS C 15 -0.08 -32.34 43.81
N THR C 16 -0.53 -31.14 44.18
CA THR C 16 -1.78 -30.62 43.61
C THR C 16 -1.71 -29.40 42.69
N GLU C 17 -2.74 -29.28 41.86
CA GLU C 17 -2.86 -28.14 40.94
C GLU C 17 -4.34 -27.75 40.89
N LEU C 18 -4.64 -26.48 41.13
CA LEU C 18 -6.03 -26.06 41.08
C LEU C 18 -6.48 -25.93 39.63
N TYR C 19 -7.44 -26.76 39.26
CA TYR C 19 -7.98 -26.76 37.90
C TYR C 19 -9.45 -27.17 37.91
N GLY C 20 -10.28 -26.34 37.29
CA GLY C 20 -11.70 -26.61 37.22
C GLY C 20 -12.33 -26.89 38.57
N GLY C 21 -11.95 -26.11 39.57
CA GLY C 21 -12.51 -26.29 40.89
C GLY C 21 -12.09 -27.58 41.55
N GLU C 22 -10.98 -28.16 41.11
CA GLU C 22 -10.48 -29.39 41.72
C GLU C 22 -8.98 -29.31 41.85
N LEU C 23 -8.42 -30.24 42.60
CA LEU C 23 -6.99 -30.30 42.80
C LEU C 23 -6.53 -31.57 42.11
N VAL C 24 -6.24 -31.46 40.82
CA VAL C 24 -5.82 -32.60 40.01
C VAL C 24 -4.29 -32.69 39.84
N PRO C 25 -3.81 -33.73 39.14
CA PRO C 25 -2.36 -33.91 38.92
C PRO C 25 -1.83 -32.80 38.02
N PRO C 26 -0.78 -32.08 38.47
CA PRO C 26 -0.18 -30.98 37.72
C PRO C 26 0.15 -31.35 36.27
N PHE C 27 -0.32 -30.55 35.32
CA PHE C 27 -0.02 -30.78 33.91
C PHE C 27 1.50 -30.67 33.73
N GLU C 28 2.08 -29.68 34.40
CA GLU C 28 3.51 -29.45 34.33
C GLU C 28 4.20 -30.40 35.33
N ALA C 29 4.41 -31.64 34.91
CA ALA C 29 5.02 -32.68 35.74
C ALA C 29 6.37 -33.12 35.17
N PRO C 30 7.20 -33.78 36.01
CA PRO C 30 8.52 -34.28 35.63
C PRO C 30 8.60 -35.09 34.33
N PHE C 31 7.66 -36.01 34.13
CA PHE C 31 7.68 -36.85 32.93
C PHE C 31 7.87 -36.02 31.66
N ARG C 32 7.49 -34.76 31.70
CA ARG C 32 7.61 -33.89 30.53
C ARG C 32 9.08 -33.73 30.10
N ALA C 33 9.95 -33.45 31.06
CA ALA C 33 11.38 -33.26 30.79
C ALA C 33 12.04 -34.52 30.26
N GLU C 34 11.79 -35.64 30.93
CA GLU C 34 12.38 -36.91 30.51
C GLU C 34 11.92 -37.32 29.12
N TRP C 35 10.67 -37.03 28.78
CA TRP C 35 10.16 -37.36 27.45
C TRP C 35 10.87 -36.47 26.43
N ILE C 36 10.89 -35.17 26.70
CA ILE C 36 11.53 -34.22 25.80
C ILE C 36 13.01 -34.60 25.62
N LEU C 37 13.71 -34.80 26.73
CA LEU C 37 15.11 -35.17 26.70
C LEU C 37 15.38 -36.40 25.84
N ALA C 38 14.50 -37.38 25.90
CA ALA C 38 14.67 -38.59 25.11
C ALA C 38 14.54 -38.29 23.63
N ALA C 39 13.52 -37.53 23.26
CA ALA C 39 13.31 -37.18 21.87
C ALA C 39 14.48 -36.44 21.26
N VAL C 40 14.98 -35.41 21.92
CA VAL C 40 16.10 -34.66 21.36
C VAL C 40 17.34 -35.53 21.23
N LYS C 41 17.63 -36.35 22.24
CA LYS C 41 18.78 -37.23 22.19
C LYS C 41 18.63 -38.14 20.97
N GLU C 42 17.47 -38.78 20.87
CA GLU C 42 17.19 -39.68 19.77
C GLU C 42 17.28 -38.98 18.41
N ALA C 43 17.12 -37.66 18.42
CA ALA C 43 17.17 -36.86 17.20
C ALA C 43 18.57 -36.39 16.84
N GLY C 44 19.58 -36.84 17.59
CA GLY C 44 20.95 -36.48 17.31
C GLY C 44 21.60 -35.55 18.30
N PHE C 45 20.78 -34.87 19.10
CA PHE C 45 21.29 -33.94 20.10
C PHE C 45 21.58 -34.69 21.39
N ASP C 46 22.63 -35.50 21.37
CA ASP C 46 23.03 -36.29 22.52
C ASP C 46 24.12 -35.63 23.34
N ASP C 47 24.53 -34.44 22.93
CA ASP C 47 25.54 -33.70 23.67
C ASP C 47 24.87 -32.99 24.83
N VAL C 48 24.43 -33.77 25.80
CA VAL C 48 23.73 -33.30 26.99
C VAL C 48 24.68 -33.06 28.16
N VAL C 49 24.72 -31.83 28.68
CA VAL C 49 25.61 -31.50 29.80
C VAL C 49 24.77 -30.91 30.92
N ALA C 50 25.24 -31.04 32.15
CA ALA C 50 24.49 -30.48 33.26
C ALA C 50 24.95 -29.05 33.45
N PRO C 51 24.07 -28.20 33.95
CA PRO C 51 24.43 -26.80 34.17
C PRO C 51 25.43 -26.67 35.30
N ALA C 52 26.16 -25.57 35.31
CA ALA C 52 27.15 -25.31 36.33
C ALA C 52 26.44 -24.59 37.47
N ARG C 53 27.18 -24.33 38.54
CA ARG C 53 26.66 -23.63 39.72
C ARG C 53 26.59 -22.14 39.38
N HIS C 54 25.66 -21.42 40.00
CA HIS C 54 25.50 -19.99 39.75
C HIS C 54 24.91 -19.23 40.94
N GLY C 55 25.28 -17.96 41.07
CA GLY C 55 24.75 -17.18 42.17
C GLY C 55 23.44 -16.54 41.78
N LEU C 56 23.00 -15.57 42.57
CA LEU C 56 21.76 -14.87 42.32
C LEU C 56 21.93 -13.56 41.60
N GLU C 57 23.14 -13.25 41.17
CA GLU C 57 23.41 -11.99 40.50
C GLU C 57 22.60 -11.67 39.25
N THR C 58 22.59 -12.58 38.28
CA THR C 58 21.85 -12.34 37.05
C THR C 58 20.35 -12.23 37.31
N VAL C 59 19.81 -13.20 38.02
CA VAL C 59 18.39 -13.21 38.32
C VAL C 59 17.96 -11.99 39.12
N LEU C 60 18.84 -11.46 39.98
CA LEU C 60 18.49 -10.28 40.75
C LEU C 60 18.40 -9.01 39.90
N LYS C 61 18.82 -9.11 38.64
CA LYS C 61 18.76 -7.98 37.75
C LYS C 61 17.42 -7.92 37.00
N VAL C 62 16.68 -9.03 37.03
CA VAL C 62 15.38 -9.07 36.35
C VAL C 62 14.20 -9.37 37.28
N HIS C 63 14.46 -9.91 38.46
CA HIS C 63 13.39 -10.17 39.40
C HIS C 63 13.59 -9.30 40.63
N ASP C 64 12.47 -8.92 41.24
CA ASP C 64 12.47 -8.13 42.45
C ASP C 64 13.11 -9.00 43.53
N ALA C 65 13.92 -8.39 44.39
CA ALA C 65 14.57 -9.16 45.47
C ALA C 65 13.57 -9.66 46.52
N GLY C 66 12.57 -8.84 46.84
CA GLY C 66 11.58 -9.26 47.82
C GLY C 66 10.92 -10.53 47.33
N TYR C 67 10.63 -10.57 46.04
CA TYR C 67 10.01 -11.74 45.43
C TYR C 67 10.91 -12.96 45.56
N LEU C 68 12.16 -12.85 45.13
CA LEU C 68 13.08 -13.98 45.22
C LEU C 68 13.22 -14.44 46.67
N ASN C 69 13.37 -13.49 47.59
CA ASN C 69 13.51 -13.84 49.01
C ASN C 69 12.27 -14.54 49.52
N PHE C 70 11.12 -14.29 48.88
CA PHE C 70 9.89 -14.92 49.28
C PHE C 70 9.83 -16.38 48.82
N LEU C 71 10.26 -16.62 47.58
CA LEU C 71 10.25 -17.97 47.04
C LEU C 71 11.15 -18.91 47.82
N GLU C 72 12.32 -18.43 48.22
CA GLU C 72 13.24 -19.28 48.94
C GLU C 72 12.68 -19.89 50.22
N THR C 73 11.83 -19.17 50.94
CA THR C 73 11.27 -19.71 52.19
C THR C 73 9.77 -19.87 52.23
N ALA C 74 9.11 -19.63 51.09
CA ALA C 74 7.67 -19.76 51.07
C ALA C 74 7.18 -21.08 51.63
N TRP C 75 7.68 -22.20 51.09
CA TRP C 75 7.21 -23.49 51.58
C TRP C 75 7.41 -23.69 53.07
N ASP C 76 8.58 -23.29 53.57
CA ASP C 76 8.85 -23.44 54.99
C ASP C 76 7.83 -22.70 55.83
N ARG C 77 7.70 -21.40 55.57
CA ARG C 77 6.75 -20.59 56.32
C ARG C 77 5.34 -21.12 56.22
N TRP C 78 4.96 -21.59 55.04
CA TRP C 78 3.63 -22.11 54.85
C TRP C 78 3.38 -23.32 55.72
N LYS C 79 4.19 -24.36 55.53
CA LYS C 79 4.06 -25.59 56.29
C LYS C 79 4.21 -25.28 57.77
N ALA C 80 5.11 -24.36 58.07
CA ALA C 80 5.35 -23.95 59.45
C ALA C 80 4.10 -23.29 60.02
N ALA C 81 3.24 -22.79 59.14
CA ALA C 81 2.00 -22.14 59.58
C ALA C 81 0.96 -23.20 59.96
N GLY C 82 1.18 -24.43 59.50
CA GLY C 82 0.26 -25.50 59.83
C GLY C 82 -0.78 -25.82 58.79
N TYR C 83 -0.41 -25.79 57.52
CA TYR C 83 -1.38 -26.11 56.48
C TYR C 83 -1.19 -27.51 55.91
N LYS C 84 -2.27 -28.28 55.84
CA LYS C 84 -2.17 -29.64 55.30
C LYS C 84 -1.80 -29.65 53.82
N GLY C 85 -2.44 -28.79 53.02
CA GLY C 85 -2.15 -28.77 51.59
C GLY C 85 -0.88 -28.02 51.23
N GLU C 86 -0.70 -27.78 49.93
CA GLU C 86 0.47 -27.05 49.44
C GLU C 86 0.13 -25.55 49.43
N ALA C 87 1.15 -24.72 49.23
CA ALA C 87 1.02 -23.26 49.20
C ALA C 87 0.26 -22.73 47.99
N ILE C 88 -0.94 -22.21 48.23
CA ILE C 88 -1.78 -21.65 47.16
C ILE C 88 -2.43 -20.35 47.60
N ALA C 89 -2.15 -19.27 46.88
CA ALA C 89 -2.73 -17.97 47.19
C ALA C 89 -4.26 -18.05 47.13
N THR C 90 -4.92 -17.30 48.01
CA THR C 90 -6.39 -17.25 48.03
C THR C 90 -6.83 -15.80 47.90
N SER C 91 -5.96 -14.87 48.29
CA SER C 91 -6.30 -13.45 48.19
C SER C 91 -5.28 -12.70 47.31
N PHE C 92 -5.78 -11.93 46.36
CA PHE C 92 -4.89 -11.19 45.44
C PHE C 92 -5.10 -9.69 45.33
N PRO C 93 -3.98 -8.94 45.17
CA PRO C 93 -4.06 -7.48 45.03
C PRO C 93 -4.60 -7.12 43.65
N VAL C 94 -5.91 -7.19 43.49
CA VAL C 94 -6.55 -6.89 42.21
C VAL C 94 -6.94 -5.42 42.13
N ARG C 95 -7.95 -5.09 41.33
CA ARG C 95 -8.35 -3.70 41.18
C ARG C 95 -8.45 -2.86 42.44
N ARG C 96 -8.09 -1.59 42.28
CA ARG C 96 -8.14 -0.61 43.33
C ARG C 96 -7.69 -1.10 44.72
N THR C 97 -6.63 -1.90 44.76
CA THR C 97 -6.10 -2.42 46.02
C THR C 97 -4.90 -1.61 46.51
N SER C 98 -4.56 -1.78 47.79
CA SER C 98 -3.42 -1.08 48.37
C SER C 98 -2.12 -1.64 47.76
N PRO C 99 -1.03 -0.85 47.73
CA PRO C 99 0.24 -1.30 47.17
C PRO C 99 1.18 -1.88 48.24
N ARG C 100 0.77 -1.81 49.49
CA ARG C 100 1.59 -2.31 50.59
C ARG C 100 1.78 -3.81 50.49
N ILE C 101 2.79 -4.32 51.21
CA ILE C 101 3.10 -5.74 51.20
C ILE C 101 2.76 -6.37 52.56
N PRO C 102 1.95 -7.43 52.57
CA PRO C 102 1.58 -8.10 53.84
C PRO C 102 2.81 -8.70 54.51
N THR C 103 2.68 -9.07 55.78
CA THR C 103 3.78 -9.66 56.53
C THR C 103 3.69 -11.18 56.73
N ASP C 104 2.49 -11.72 56.88
CA ASP C 104 2.34 -13.16 57.08
C ASP C 104 2.33 -13.92 55.75
N ILE C 105 2.61 -15.22 55.80
CA ILE C 105 2.66 -16.06 54.61
C ILE C 105 1.37 -16.05 53.81
N GLU C 106 0.23 -16.07 54.49
CA GLU C 106 -1.06 -16.06 53.81
C GLU C 106 -1.16 -14.85 52.87
N GLY C 107 -0.72 -13.69 53.35
CA GLY C 107 -0.77 -12.47 52.55
C GLY C 107 0.33 -12.33 51.52
N GLN C 108 1.54 -12.78 51.86
CA GLN C 108 2.64 -12.66 50.93
C GLN C 108 2.50 -13.57 49.71
N ILE C 109 2.08 -14.81 49.91
CA ILE C 109 1.95 -15.70 48.76
C ILE C 109 0.94 -15.08 47.78
N GLY C 110 -0.08 -14.40 48.32
CA GLY C 110 -1.06 -13.76 47.48
C GLY C 110 -0.46 -12.57 46.76
N TYR C 111 0.31 -11.76 47.49
CA TYR C 111 0.94 -10.57 46.95
C TYR C 111 1.91 -10.87 45.80
N TYR C 112 2.59 -12.00 45.92
CA TYR C 112 3.56 -12.41 44.94
C TYR C 112 3.03 -13.45 43.94
N CYS C 113 1.72 -13.60 43.84
CA CYS C 113 1.16 -14.55 42.89
C CYS C 113 0.17 -13.90 41.93
N ASN C 114 0.23 -14.34 40.67
CA ASN C 114 -0.69 -13.86 39.64
C ASN C 114 -1.67 -14.95 39.19
N ALA C 115 -1.52 -16.16 39.70
CA ALA C 115 -2.43 -17.25 39.35
C ALA C 115 -2.46 -18.31 40.45
N ALA C 116 -3.66 -18.64 40.91
CA ALA C 116 -3.80 -19.63 41.96
C ALA C 116 -3.69 -21.06 41.41
N GLU C 117 -3.64 -21.22 40.10
CA GLU C 117 -3.52 -22.55 39.52
C GLU C 117 -2.11 -23.12 39.62
N THR C 118 -1.28 -22.48 40.42
CA THR C 118 0.10 -22.90 40.63
C THR C 118 0.36 -22.94 42.13
N ALA C 119 0.68 -24.12 42.64
CA ALA C 119 0.95 -24.30 44.07
C ALA C 119 2.45 -24.41 44.33
N ILE C 120 2.92 -23.78 45.40
CA ILE C 120 4.33 -23.86 45.76
C ILE C 120 4.48 -25.12 46.60
N SER C 121 5.43 -25.97 46.22
CA SER C 121 5.66 -27.22 46.94
C SER C 121 7.12 -27.43 47.33
N PRO C 122 7.42 -28.46 48.13
CA PRO C 122 8.81 -28.72 48.54
C PRO C 122 9.71 -28.90 47.30
N GLY C 123 10.90 -28.33 47.34
CA GLY C 123 11.83 -28.44 46.23
C GLY C 123 11.59 -27.51 45.06
N THR C 124 10.56 -26.68 45.16
CA THR C 124 10.25 -25.76 44.09
C THR C 124 11.36 -24.74 43.91
N TRP C 125 11.85 -24.18 45.01
CA TRP C 125 12.92 -23.19 44.92
C TRP C 125 14.20 -23.79 44.33
N GLU C 126 14.63 -24.95 44.82
CA GLU C 126 15.85 -25.58 44.30
C GLU C 126 15.68 -25.91 42.81
N ALA C 127 14.55 -26.53 42.48
CA ALA C 127 14.25 -26.88 41.12
C ALA C 127 14.27 -25.61 40.27
N ALA C 128 13.60 -24.57 40.76
CA ALA C 128 13.58 -23.31 40.01
C ALA C 128 14.99 -22.79 39.71
N LEU C 129 15.90 -22.87 40.69
CA LEU C 129 17.28 -22.42 40.52
C LEU C 129 18.08 -23.26 39.53
N SER C 130 17.78 -24.56 39.48
CA SER C 130 18.51 -25.47 38.57
C SER C 130 18.04 -25.21 37.16
N SER C 131 16.78 -24.85 37.04
CA SER C 131 16.21 -24.55 35.75
C SER C 131 16.86 -23.27 35.27
N MET C 132 16.99 -22.31 36.18
CA MET C 132 17.62 -21.02 35.84
C MET C 132 19.05 -21.25 35.40
N ALA C 133 19.71 -22.17 36.10
CA ALA C 133 21.10 -22.49 35.82
C ALA C 133 21.27 -23.02 34.40
N SER C 134 20.32 -23.83 33.92
CA SER C 134 20.44 -24.33 32.56
C SER C 134 20.33 -23.20 31.56
N ALA C 135 19.45 -22.26 31.84
CA ALA C 135 19.27 -21.12 30.94
C ALA C 135 20.55 -20.30 30.88
N ILE C 136 21.16 -20.06 32.03
CA ILE C 136 22.39 -19.27 32.08
C ILE C 136 23.55 -19.90 31.27
N ASP C 137 23.75 -21.20 31.40
CA ASP C 137 24.81 -21.86 30.66
C ASP C 137 24.52 -21.77 29.17
N GLY C 138 23.27 -22.04 28.79
CA GLY C 138 22.88 -21.96 27.40
C GLY C 138 23.27 -20.61 26.85
N ALA C 139 22.94 -19.56 27.61
CA ALA C 139 23.28 -18.19 27.20
C ALA C 139 24.78 -18.05 27.10
N ASP C 140 25.51 -18.59 28.07
CA ASP C 140 26.97 -18.50 27.99
C ASP C 140 27.49 -19.06 26.67
N LEU C 141 26.97 -20.22 26.25
CA LEU C 141 27.42 -20.82 24.99
C LEU C 141 27.23 -19.85 23.83
N ILE C 142 26.11 -19.12 23.82
CA ILE C 142 25.85 -18.17 22.76
C ILE C 142 26.93 -17.10 22.85
N ALA C 143 27.17 -16.63 24.07
CA ALA C 143 28.21 -15.63 24.33
C ALA C 143 29.59 -16.15 23.89
N ALA C 144 29.85 -17.43 24.16
CA ALA C 144 31.14 -18.00 23.79
C ALA C 144 31.32 -18.04 22.27
N GLY C 145 30.22 -18.02 21.53
CA GLY C 145 30.32 -18.06 20.10
C GLY C 145 29.48 -19.12 19.42
N HIS C 146 28.81 -19.96 20.20
CA HIS C 146 27.95 -21.01 19.63
C HIS C 146 26.80 -20.34 18.90
N LYS C 147 26.36 -20.95 17.80
CA LYS C 147 25.27 -20.38 17.02
C LYS C 147 23.89 -20.85 17.48
N ALA C 148 23.86 -21.88 18.33
CA ALA C 148 22.60 -22.40 18.84
C ALA C 148 22.87 -23.29 20.03
N ALA C 149 21.85 -23.47 20.87
CA ALA C 149 21.97 -24.30 22.06
C ALA C 149 20.56 -24.44 22.63
N PHE C 150 20.27 -25.58 23.23
CA PHE C 150 18.97 -25.84 23.82
C PHE C 150 19.06 -26.06 25.31
N SER C 151 18.38 -25.20 26.05
CA SER C 151 18.36 -25.27 27.51
C SER C 151 17.06 -25.95 27.93
N LEU C 152 17.13 -27.23 28.26
CA LEU C 152 15.95 -27.95 28.67
C LEU C 152 15.56 -27.49 30.08
N CYS C 153 14.90 -26.33 30.15
CA CYS C 153 14.47 -25.76 31.43
C CYS C 153 13.20 -26.37 32.00
N ARG C 154 13.20 -26.61 33.30
CA ARG C 154 12.04 -27.10 34.03
C ARG C 154 12.29 -26.94 35.52
N PRO C 155 11.34 -26.30 36.21
CA PRO C 155 10.10 -25.75 35.63
C PRO C 155 10.33 -24.65 34.60
N PRO C 156 9.28 -24.29 33.85
CA PRO C 156 9.36 -23.24 32.82
C PRO C 156 9.28 -21.89 33.54
N GLY C 157 9.41 -20.78 32.82
CA GLY C 157 9.35 -19.49 33.50
C GLY C 157 8.78 -18.27 32.79
N HIS C 158 8.29 -18.40 31.56
CA HIS C 158 7.79 -17.21 30.89
C HIS C 158 6.60 -16.49 31.53
N ALA C 159 5.93 -17.13 32.49
CA ALA C 159 4.79 -16.55 33.21
C ALA C 159 5.23 -15.85 34.50
N ALA C 160 6.50 -16.01 34.87
CA ALA C 160 7.02 -15.40 36.06
C ALA C 160 7.32 -13.93 35.79
N GLY C 161 6.66 -13.05 36.53
CA GLY C 161 6.87 -11.63 36.35
C GLY C 161 7.93 -11.08 37.26
N ILE C 162 8.06 -9.76 37.29
CA ILE C 162 9.06 -9.12 38.13
C ILE C 162 8.95 -9.54 39.58
N ASP C 163 7.73 -9.52 40.10
CA ASP C 163 7.50 -9.88 41.49
C ASP C 163 6.31 -10.81 41.68
N MET C 164 6.15 -11.79 40.81
CA MET C 164 5.02 -12.72 40.95
C MET C 164 5.19 -14.01 40.18
N PHE C 165 4.70 -15.09 40.79
CA PHE C 165 4.77 -16.42 40.20
C PHE C 165 3.39 -16.89 39.76
N GLY C 166 3.37 -17.88 38.89
CA GLY C 166 2.11 -18.40 38.40
C GLY C 166 2.34 -19.12 37.08
N GLY C 167 1.29 -19.69 36.52
CA GLY C 167 1.41 -20.37 35.25
C GLY C 167 2.50 -21.41 35.25
N TYR C 168 2.72 -22.05 36.40
CA TYR C 168 3.73 -23.08 36.55
C TYR C 168 5.15 -22.54 36.55
N CYS C 169 5.28 -21.22 36.63
CA CYS C 169 6.59 -20.56 36.60
C CYS C 169 6.97 -19.81 37.88
N PHE C 170 8.26 -19.83 38.20
CA PHE C 170 8.73 -19.16 39.40
C PHE C 170 9.88 -18.22 39.10
N ILE C 171 10.75 -18.64 38.19
CA ILE C 171 11.88 -17.82 37.79
C ILE C 171 11.91 -17.78 36.27
N ASN C 172 11.89 -16.57 35.72
CA ASN C 172 11.88 -16.38 34.29
C ASN C 172 13.22 -16.70 33.62
N ASN C 173 13.41 -17.98 33.32
CA ASN C 173 14.63 -18.45 32.69
C ASN C 173 15.01 -17.65 31.45
N ALA C 174 14.05 -17.47 30.54
CA ALA C 174 14.30 -16.71 29.33
C ALA C 174 14.80 -15.29 29.62
N ALA C 175 14.24 -14.65 30.65
CA ALA C 175 14.67 -13.29 31.00
C ALA C 175 16.08 -13.31 31.53
N VAL C 176 16.34 -14.28 32.40
CA VAL C 176 17.65 -14.43 32.99
C VAL C 176 18.68 -14.68 31.89
N ALA C 177 18.33 -15.45 30.88
CA ALA C 177 19.25 -15.72 29.77
C ALA C 177 19.54 -14.43 29.00
N ALA C 178 18.46 -13.74 28.59
CA ALA C 178 18.60 -12.50 27.87
C ALA C 178 19.51 -11.55 28.66
N GLN C 179 19.24 -11.42 29.96
CA GLN C 179 20.07 -10.57 30.82
C GLN C 179 21.52 -11.04 30.77
N ARG C 180 21.71 -12.35 30.88
CA ARG C 180 23.05 -12.93 30.83
C ARG C 180 23.78 -12.51 29.55
N LEU C 181 23.08 -12.54 28.43
CA LEU C 181 23.68 -12.16 27.16
C LEU C 181 24.09 -10.70 27.18
N LEU C 182 23.28 -9.89 27.83
CA LEU C 182 23.59 -8.48 27.95
C LEU C 182 24.86 -8.35 28.79
N ASP C 183 24.85 -8.92 29.99
CA ASP C 183 26.02 -8.84 30.85
C ASP C 183 27.30 -9.36 30.19
N LYS C 184 27.17 -10.27 29.23
CA LYS C 184 28.34 -10.82 28.57
C LYS C 184 28.82 -10.03 27.34
N GLY C 185 28.25 -8.84 27.13
CA GLY C 185 28.69 -8.04 26.00
C GLY C 185 27.64 -7.54 25.01
N ALA C 186 26.52 -8.22 24.90
CA ALA C 186 25.48 -7.77 23.97
C ALA C 186 24.90 -6.43 24.41
N LYS C 187 24.39 -5.68 23.43
CA LYS C 187 23.78 -4.37 23.67
C LYS C 187 22.27 -4.46 23.44
N LYS C 188 21.87 -5.31 22.47
CA LYS C 188 20.47 -5.49 22.18
C LYS C 188 20.11 -6.97 22.03
N ILE C 189 19.12 -7.40 22.81
CA ILE C 189 18.67 -8.78 22.78
C ILE C 189 17.15 -8.84 22.66
N ALA C 190 16.68 -9.86 21.95
CA ALA C 190 15.26 -10.04 21.75
C ALA C 190 14.82 -11.40 22.28
N ILE C 191 13.59 -11.45 22.78
CA ILE C 191 13.03 -12.69 23.28
C ILE C 191 11.80 -13.01 22.43
N LEU C 192 11.80 -14.20 21.83
CA LEU C 192 10.69 -14.62 20.99
C LEU C 192 9.95 -15.78 21.66
N ASP C 193 8.74 -15.49 22.15
CA ASP C 193 7.93 -16.47 22.86
C ASP C 193 6.93 -17.13 21.90
N VAL C 194 7.10 -18.42 21.63
CA VAL C 194 6.20 -19.13 20.73
C VAL C 194 5.29 -20.10 21.49
N ASP C 195 5.47 -20.14 22.80
CA ASP C 195 4.65 -20.96 23.67
C ASP C 195 3.22 -20.50 23.36
N PHE C 196 2.25 -21.41 23.49
CA PHE C 196 0.85 -21.10 23.20
C PHE C 196 0.33 -19.94 24.06
N HIS C 197 0.72 -19.94 25.33
CA HIS C 197 0.30 -18.90 26.23
C HIS C 197 1.22 -17.69 26.13
N HIS C 198 0.65 -16.51 26.38
CA HIS C 198 1.40 -15.26 26.35
C HIS C 198 2.46 -15.25 27.43
N GLY C 199 3.65 -14.75 27.12
CA GLY C 199 4.70 -14.67 28.13
C GLY C 199 4.45 -13.43 28.97
N ASN C 200 3.41 -13.45 29.77
CA ASN C 200 3.05 -12.31 30.61
C ASN C 200 4.11 -11.91 31.62
N GLY C 201 4.94 -12.88 32.01
CA GLY C 201 6.01 -12.61 32.95
C GLY C 201 7.13 -11.93 32.22
N THR C 202 7.54 -12.52 31.09
CA THR C 202 8.60 -11.95 30.29
C THR C 202 8.23 -10.51 29.94
N GLN C 203 7.03 -10.32 29.36
CA GLN C 203 6.62 -8.97 28.97
C GLN C 203 6.79 -7.99 30.11
N ASP C 204 6.28 -8.34 31.30
CA ASP C 204 6.35 -7.50 32.48
C ASP C 204 7.78 -7.09 32.85
N ILE C 205 8.69 -8.05 32.85
CA ILE C 205 10.09 -7.79 33.19
C ILE C 205 10.79 -6.76 32.30
N PHE C 206 10.54 -6.83 31.00
CA PHE C 206 11.18 -5.92 30.03
C PHE C 206 10.25 -4.85 29.44
N TYR C 207 9.03 -4.75 29.93
CA TYR C 207 8.12 -3.76 29.37
C TYR C 207 8.69 -2.35 29.34
N GLU C 208 9.45 -1.99 30.36
CA GLU C 208 10.06 -0.66 30.40
C GLU C 208 11.56 -0.68 30.10
N ARG C 209 12.03 -1.82 29.58
CA ARG C 209 13.44 -1.98 29.21
C ARG C 209 13.62 -1.72 27.70
N GLY C 210 14.60 -0.89 27.36
CA GLY C 210 14.84 -0.56 25.96
C GLY C 210 15.90 -1.37 25.24
N ASP C 211 16.68 -2.14 25.99
CA ASP C 211 17.74 -2.99 25.45
C ASP C 211 17.23 -4.38 25.10
N VAL C 212 16.00 -4.67 25.51
CA VAL C 212 15.42 -5.96 25.21
C VAL C 212 14.10 -5.81 24.48
N PHE C 213 13.94 -6.57 23.42
CA PHE C 213 12.72 -6.52 22.62
C PHE C 213 11.95 -7.83 22.92
N PHE C 214 10.63 -7.73 23.05
CA PHE C 214 9.81 -8.90 23.34
C PHE C 214 8.67 -9.09 22.35
N ALA C 215 8.67 -10.24 21.68
CA ALA C 215 7.63 -10.56 20.72
C ALA C 215 7.00 -11.85 21.20
N SER C 216 5.68 -11.91 21.21
CA SER C 216 5.00 -13.10 21.66
C SER C 216 3.85 -13.48 20.74
N LEU C 217 3.71 -14.77 20.48
CA LEU C 217 2.62 -15.27 19.66
C LEU C 217 1.85 -16.15 20.66
N HIS C 218 0.55 -15.90 20.81
CA HIS C 218 -0.21 -16.67 21.79
C HIS C 218 -1.71 -16.69 21.47
N GLY C 219 -2.43 -17.44 22.28
CA GLY C 219 -3.87 -17.49 22.12
C GLY C 219 -4.37 -16.19 22.71
N ASP C 220 -5.34 -15.59 22.02
CA ASP C 220 -5.94 -14.32 22.41
C ASP C 220 -6.33 -14.38 23.88
N PRO C 221 -5.73 -13.48 24.69
CA PRO C 221 -6.02 -13.45 26.12
C PRO C 221 -7.51 -13.26 26.48
N ALA C 222 -8.29 -12.74 25.54
CA ALA C 222 -9.72 -12.56 25.78
C ALA C 222 -10.37 -13.90 26.07
N GLU C 223 -9.65 -14.98 25.82
CA GLU C 223 -10.24 -16.27 26.09
C GLU C 223 -9.23 -17.40 26.25
N ALA C 224 -8.07 -17.04 26.77
CA ALA C 224 -6.99 -17.97 27.02
C ALA C 224 -6.08 -17.44 28.12
N PHE C 225 -5.63 -18.34 28.98
CA PHE C 225 -4.71 -18.02 30.07
C PHE C 225 -3.54 -17.29 29.40
N PRO C 226 -2.93 -16.30 30.07
CA PRO C 226 -3.21 -15.75 31.40
C PRO C 226 -4.43 -14.82 31.54
N HIS C 227 -5.06 -14.50 30.41
CA HIS C 227 -6.24 -13.63 30.40
C HIS C 227 -6.03 -12.15 30.62
N PHE C 228 -5.02 -11.76 31.39
CA PHE C 228 -4.89 -10.35 31.68
C PHE C 228 -3.68 -9.60 31.15
N LEU C 229 -3.17 -10.09 30.04
CA LEU C 229 -2.03 -9.48 29.36
C LEU C 229 -1.84 -10.24 28.03
N GLY C 230 -1.32 -9.55 27.01
CA GLY C 230 -1.10 -10.20 25.73
C GLY C 230 -1.82 -9.56 24.55
N TYR C 231 -2.52 -8.46 24.81
CA TYR C 231 -3.26 -7.73 23.79
C TYR C 231 -2.30 -6.97 22.88
N ALA C 232 -2.66 -6.88 21.59
CA ALA C 232 -1.84 -6.20 20.59
C ALA C 232 -1.46 -4.76 20.95
N GLU C 233 -2.36 -4.08 21.65
CA GLU C 233 -2.15 -2.70 22.05
C GLU C 233 -0.93 -2.48 22.94
N GLU C 234 -0.57 -3.51 23.71
CA GLU C 234 0.58 -3.46 24.62
C GLU C 234 1.87 -3.43 23.82
N THR C 235 2.44 -2.24 23.65
CA THR C 235 3.66 -2.07 22.88
C THR C 235 4.87 -1.60 23.69
N GLY C 236 4.70 -1.55 25.00
CA GLY C 236 5.79 -1.11 25.85
C GLY C 236 5.46 0.19 26.56
N LYS C 237 6.32 0.62 27.47
CA LYS C 237 6.07 1.85 28.21
C LYS C 237 7.36 2.55 28.62
N GLY C 238 7.28 3.87 28.75
CA GLY C 238 8.45 4.65 29.15
C GLY C 238 9.73 4.31 28.42
N ALA C 239 10.80 4.00 29.15
CA ALA C 239 12.08 3.70 28.51
C ALA C 239 12.05 2.47 27.61
N GLY C 240 10.98 1.70 27.68
CA GLY C 240 10.88 0.51 26.85
C GLY C 240 9.79 0.64 25.81
N ALA C 241 9.25 1.84 25.65
CA ALA C 241 8.20 2.04 24.67
C ALA C 241 8.65 1.49 23.32
N GLY C 242 7.74 0.79 22.65
CA GLY C 242 8.04 0.23 21.35
C GLY C 242 8.82 -1.07 21.34
N THR C 243 9.12 -1.65 22.50
CA THR C 243 9.88 -2.90 22.50
C THR C 243 9.06 -4.16 22.76
N THR C 244 7.74 -4.05 22.68
CA THR C 244 6.89 -5.25 22.87
C THR C 244 5.96 -5.44 21.68
N ALA C 245 5.92 -6.67 21.17
CA ALA C 245 5.08 -7.01 20.03
C ALA C 245 4.23 -8.25 20.31
N ASN C 246 2.94 -8.04 20.57
CA ASN C 246 2.04 -9.14 20.84
C ASN C 246 1.20 -9.54 19.65
N TYR C 247 1.15 -10.85 19.39
CA TYR C 247 0.37 -11.38 18.28
C TYR C 247 -0.69 -12.36 18.77
N PRO C 248 -1.76 -11.86 19.40
CA PRO C 248 -2.80 -12.79 19.88
C PRO C 248 -3.56 -13.38 18.69
N MET C 249 -3.85 -14.67 18.77
CA MET C 249 -4.59 -15.34 17.70
C MET C 249 -5.73 -16.21 18.25
N GLY C 250 -6.79 -16.38 17.45
CA GLY C 250 -7.95 -17.12 17.88
C GLY C 250 -7.91 -18.63 17.77
N ARG C 251 -8.99 -19.26 18.18
CA ARG C 251 -9.11 -20.71 18.15
C ARG C 251 -9.02 -21.31 16.75
N GLY C 252 -8.37 -22.47 16.67
CA GLY C 252 -8.22 -23.16 15.40
C GLY C 252 -7.17 -22.57 14.48
N THR C 253 -6.44 -21.58 14.99
CA THR C 253 -5.41 -20.94 14.18
C THR C 253 -4.44 -21.96 13.58
N PRO C 254 -4.39 -22.03 12.25
CA PRO C 254 -3.48 -22.98 11.59
C PRO C 254 -2.11 -22.33 11.38
N TYR C 255 -1.11 -23.13 11.04
CA TYR C 255 0.23 -22.59 10.84
C TYR C 255 0.27 -21.49 9.77
N SER C 256 -0.61 -21.59 8.78
CA SER C 256 -0.64 -20.61 7.73
C SER C 256 -0.89 -19.21 8.30
N VAL C 257 -1.57 -19.15 9.45
CA VAL C 257 -1.84 -17.86 10.08
C VAL C 257 -0.76 -17.55 11.12
N TRP C 258 -0.35 -18.58 11.84
CA TRP C 258 0.68 -18.48 12.87
C TRP C 258 2.02 -18.02 12.26
N GLY C 259 2.38 -18.63 11.15
CA GLY C 259 3.64 -18.29 10.49
C GLY C 259 3.74 -16.84 10.03
N GLU C 260 2.61 -16.24 9.68
CA GLU C 260 2.63 -14.86 9.24
C GLU C 260 2.99 -13.96 10.43
N ALA C 261 2.42 -14.27 11.58
CA ALA C 261 2.72 -13.50 12.77
C ALA C 261 4.20 -13.75 13.12
N LEU C 262 4.65 -14.99 12.99
CA LEU C 262 6.04 -15.30 13.29
C LEU C 262 6.92 -14.47 12.39
N THR C 263 6.56 -14.40 11.11
CA THR C 263 7.33 -13.62 10.17
C THR C 263 7.40 -12.15 10.60
N ASP C 264 6.25 -11.58 10.97
CA ASP C 264 6.23 -10.18 11.38
C ASP C 264 7.09 -9.94 12.60
N SER C 265 6.97 -10.81 13.60
CA SER C 265 7.75 -10.65 14.81
C SER C 265 9.25 -10.65 14.47
N LEU C 266 9.68 -11.54 13.58
CA LEU C 266 11.08 -11.62 13.19
C LEU C 266 11.51 -10.36 12.48
N LYS C 267 10.58 -9.75 11.77
CA LYS C 267 10.87 -8.53 11.06
C LYS C 267 11.04 -7.42 12.07
N ARG C 268 10.17 -7.37 13.08
CA ARG C 268 10.31 -6.33 14.09
C ARG C 268 11.56 -6.52 14.93
N ILE C 269 11.94 -7.78 15.14
CA ILE C 269 13.13 -8.11 15.90
C ILE C 269 14.39 -7.66 15.17
N ALA C 270 14.48 -8.01 13.89
CA ALA C 270 15.64 -7.64 13.06
C ALA C 270 15.79 -6.12 12.99
N ALA C 271 14.67 -5.42 12.82
CA ALA C 271 14.67 -3.97 12.75
C ALA C 271 15.10 -3.36 14.08
N PHE C 272 14.88 -4.10 15.16
CA PHE C 272 15.24 -3.64 16.49
C PHE C 272 16.76 -3.70 16.64
N GLY C 273 17.38 -4.67 16.00
CA GLY C 273 18.82 -4.80 16.09
C GLY C 273 19.26 -5.85 17.09
N ALA C 274 18.48 -6.92 17.22
CA ALA C 274 18.79 -7.98 18.16
C ALA C 274 20.09 -8.68 17.76
N GLU C 275 21.01 -8.78 18.71
CA GLU C 275 22.28 -9.44 18.45
C GLU C 275 22.11 -10.94 18.58
N ALA C 276 21.06 -11.35 19.28
CA ALA C 276 20.79 -12.76 19.46
C ALA C 276 19.35 -12.85 19.85
N ILE C 277 18.76 -14.02 19.67
CA ILE C 277 17.37 -14.20 20.03
C ILE C 277 17.21 -15.36 20.99
N VAL C 278 16.51 -15.09 22.09
CA VAL C 278 16.23 -16.10 23.10
C VAL C 278 14.83 -16.58 22.72
N VAL C 279 14.73 -17.86 22.37
CA VAL C 279 13.46 -18.43 21.98
C VAL C 279 12.83 -19.21 23.10
N SER C 280 11.76 -18.65 23.65
CA SER C 280 11.04 -19.31 24.72
C SER C 280 10.19 -20.35 24.00
N LEU C 281 10.67 -21.59 23.99
CA LEU C 281 9.96 -22.66 23.29
C LEU C 281 8.92 -23.41 24.10
N GLY C 282 7.67 -23.22 23.71
CA GLY C 282 6.57 -23.92 24.34
C GLY C 282 5.90 -24.63 23.18
N VAL C 283 5.80 -25.95 23.22
CA VAL C 283 5.17 -26.67 22.11
C VAL C 283 3.70 -26.98 22.38
N ASP C 284 3.07 -26.19 23.25
CA ASP C 284 1.67 -26.40 23.54
C ASP C 284 0.80 -25.83 22.42
N THR C 285 1.42 -25.44 21.33
CA THR C 285 0.67 -24.91 20.20
C THR C 285 0.25 -26.08 19.30
N PHE C 286 0.62 -27.29 19.72
CA PHE C 286 0.29 -28.52 18.98
C PHE C 286 -1.21 -28.76 18.92
N GLU C 287 -1.66 -29.19 17.76
CA GLU C 287 -3.07 -29.47 17.54
C GLU C 287 -3.62 -30.50 18.52
N GLN C 288 -2.75 -31.24 19.21
CA GLN C 288 -3.23 -32.24 20.16
C GLN C 288 -2.98 -31.89 21.60
N ASP C 289 -2.54 -30.66 21.85
CA ASP C 289 -2.28 -30.28 23.22
C ASP C 289 -3.61 -30.16 23.95
N PRO C 290 -3.69 -30.72 25.15
CA PRO C 290 -4.88 -30.73 25.99
C PRO C 290 -5.37 -29.39 26.53
N ILE C 291 -4.56 -28.35 26.54
CA ILE C 291 -5.05 -27.08 27.08
C ILE C 291 -4.96 -25.89 26.16
N SER C 292 -4.69 -26.16 24.88
CA SER C 292 -4.54 -25.10 23.89
C SER C 292 -5.42 -25.29 22.67
N PHE C 293 -5.57 -24.23 21.87
CA PHE C 293 -6.46 -24.34 20.73
C PHE C 293 -5.94 -23.95 19.35
N PHE C 294 -4.65 -24.16 19.10
CA PHE C 294 -4.08 -23.86 17.80
C PHE C 294 -4.00 -25.17 17.03
N LYS C 295 -3.74 -25.09 15.73
CA LYS C 295 -3.68 -26.29 14.93
C LYS C 295 -2.35 -26.46 14.20
N LEU C 296 -1.27 -26.59 14.97
CA LEU C 296 0.04 -26.79 14.37
C LEU C 296 0.28 -28.29 14.36
N THR C 297 0.86 -28.78 13.28
CA THR C 297 1.17 -30.21 13.18
C THR C 297 2.65 -30.36 13.45
N SER C 298 3.10 -31.58 13.76
CA SER C 298 4.51 -31.82 14.06
C SER C 298 5.44 -31.26 12.97
N PRO C 299 5.09 -31.42 11.69
CA PRO C 299 5.99 -30.89 10.66
C PRO C 299 6.19 -29.38 10.78
N ASP C 300 5.16 -28.66 11.22
CA ASP C 300 5.26 -27.21 11.37
C ASP C 300 6.36 -26.74 12.32
N TYR C 301 6.84 -27.63 13.20
CA TYR C 301 7.88 -27.23 14.15
C TYR C 301 9.25 -27.13 13.52
N ILE C 302 9.44 -27.87 12.44
CA ILE C 302 10.70 -27.84 11.71
C ILE C 302 10.73 -26.48 11.00
N THR C 303 9.59 -26.12 10.42
CA THR C 303 9.46 -24.85 9.71
C THR C 303 9.68 -23.67 10.66
N MET C 304 9.24 -23.85 11.91
CA MET C 304 9.41 -22.81 12.92
C MET C 304 10.90 -22.62 13.14
N GLY C 305 11.59 -23.73 13.37
CA GLY C 305 13.03 -23.71 13.60
C GLY C 305 13.82 -23.01 12.49
N ARG C 306 13.61 -23.43 11.25
CA ARG C 306 14.28 -22.86 10.10
C ARG C 306 14.02 -21.36 10.05
N THR C 307 12.75 -20.99 10.11
CA THR C 307 12.39 -19.59 10.04
C THR C 307 13.05 -18.76 11.12
N ILE C 308 13.00 -19.22 12.36
CA ILE C 308 13.61 -18.48 13.45
C ILE C 308 15.14 -18.39 13.22
N ALA C 309 15.76 -19.49 12.81
CA ALA C 309 17.21 -19.49 12.57
C ALA C 309 17.56 -18.52 11.45
N ALA C 310 16.71 -18.48 10.43
CA ALA C 310 16.95 -17.60 9.29
C ALA C 310 17.14 -16.15 9.69
N SER C 311 16.87 -15.83 10.94
CA SER C 311 17.08 -14.44 11.38
C SER C 311 18.53 -14.06 11.12
N GLY C 312 19.40 -15.06 11.14
CA GLY C 312 20.81 -14.80 10.92
C GLY C 312 21.63 -14.61 12.18
N VAL C 313 20.95 -14.39 13.30
CA VAL C 313 21.64 -14.19 14.57
C VAL C 313 21.55 -15.46 15.40
N PRO C 314 22.46 -15.64 16.37
CA PRO C 314 22.53 -16.81 17.25
C PRO C 314 21.20 -17.01 18.00
N LEU C 315 20.90 -18.26 18.31
CA LEU C 315 19.67 -18.57 19.00
C LEU C 315 19.84 -19.45 20.22
N LEU C 316 19.18 -19.06 21.31
CA LEU C 316 19.19 -19.88 22.53
C LEU C 316 17.74 -20.33 22.70
N VAL C 317 17.52 -21.63 22.62
CA VAL C 317 16.17 -22.16 22.77
C VAL C 317 15.96 -22.55 24.23
N VAL C 318 14.94 -21.97 24.87
CA VAL C 318 14.62 -22.23 26.28
C VAL C 318 13.25 -22.91 26.40
N MET C 319 13.21 -24.08 27.05
CA MET C 319 11.97 -24.84 27.21
C MET C 319 10.92 -24.14 28.08
N GLU C 320 9.67 -24.24 27.65
CA GLU C 320 8.51 -23.67 28.34
C GLU C 320 7.37 -24.70 28.34
N GLY C 321 6.20 -24.29 27.87
CA GLY C 321 5.03 -25.17 27.84
C GLY C 321 5.07 -26.36 26.89
N GLY C 322 4.00 -27.15 26.90
CA GLY C 322 3.89 -28.34 26.07
C GLY C 322 3.47 -29.46 27.01
N TYR C 323 2.26 -29.98 26.85
CA TYR C 323 1.76 -31.00 27.76
C TYR C 323 1.09 -32.19 27.10
N GLY C 324 0.50 -33.05 27.93
CA GLY C 324 -0.22 -34.22 27.47
C GLY C 324 0.48 -35.24 26.60
N VAL C 325 0.14 -35.25 25.32
CA VAL C 325 0.69 -36.21 24.36
C VAL C 325 2.22 -36.34 24.33
N PRO C 326 2.73 -37.53 23.92
CA PRO C 326 4.18 -37.78 23.85
C PRO C 326 4.85 -37.09 22.67
N GLU C 327 4.05 -36.42 21.86
CA GLU C 327 4.58 -35.71 20.73
C GLU C 327 5.32 -34.47 21.19
N ILE C 328 5.25 -34.15 22.48
CA ILE C 328 5.96 -32.95 22.93
C ILE C 328 7.45 -33.07 22.65
N GLY C 329 8.00 -34.27 22.82
CA GLY C 329 9.41 -34.47 22.55
C GLY C 329 9.64 -34.29 21.06
N LEU C 330 8.83 -34.97 20.26
CA LEU C 330 8.94 -34.89 18.81
C LEU C 330 8.85 -33.46 18.33
N ASN C 331 7.86 -32.74 18.82
CA ASN C 331 7.69 -31.35 18.41
C ASN C 331 8.91 -30.51 18.79
N VAL C 332 9.38 -30.66 20.02
CA VAL C 332 10.55 -29.93 20.48
C VAL C 332 11.75 -30.32 19.61
N ALA C 333 11.92 -31.62 19.37
CA ALA C 333 13.03 -32.10 18.55
C ALA C 333 12.95 -31.49 17.15
N ASN C 334 11.77 -31.42 16.57
CA ASN C 334 11.63 -30.84 15.24
C ASN C 334 12.03 -29.37 15.20
N VAL C 335 11.85 -28.66 16.30
CA VAL C 335 12.23 -27.26 16.31
C VAL C 335 13.75 -27.15 16.25
N LEU C 336 14.42 -28.03 16.98
CA LEU C 336 15.88 -28.03 16.99
C LEU C 336 16.44 -28.50 15.65
N LYS C 337 15.71 -29.34 14.95
CA LYS C 337 16.17 -29.78 13.63
C LYS C 337 16.11 -28.57 12.69
N GLY C 338 15.02 -27.81 12.78
CA GLY C 338 14.88 -26.63 11.92
C GLY C 338 16.00 -25.65 12.16
N VAL C 339 16.36 -25.49 13.43
CA VAL C 339 17.42 -24.61 13.86
C VAL C 339 18.72 -25.14 13.29
N ALA C 340 18.99 -26.43 13.49
CA ALA C 340 20.19 -27.05 12.99
C ALA C 340 20.34 -26.83 11.49
N GLY C 341 19.24 -27.00 10.76
CA GLY C 341 19.28 -26.82 9.32
C GLY C 341 19.87 -28.01 8.62
N MET D 1 -34.53 17.15 -15.38
CA MET D 1 -33.83 17.10 -16.70
C MET D 1 -34.85 16.84 -17.79
N ARG D 2 -34.46 17.15 -19.02
CA ARG D 2 -35.36 16.94 -20.14
C ARG D 2 -35.25 15.46 -20.56
N VAL D 3 -36.35 14.93 -21.09
CA VAL D 3 -36.45 13.55 -21.53
C VAL D 3 -36.68 13.51 -23.06
N ILE D 4 -35.79 12.88 -23.80
CA ILE D 4 -35.94 12.78 -25.24
C ILE D 4 -36.46 11.38 -25.60
N PHE D 5 -37.68 11.32 -26.12
CA PHE D 5 -38.30 10.05 -26.45
C PHE D 5 -39.12 10.02 -27.74
N SER D 6 -38.89 8.99 -28.55
CA SER D 6 -39.59 8.81 -29.81
C SER D 6 -40.63 7.70 -29.84
N GLU D 7 -41.84 8.06 -30.27
CA GLU D 7 -42.93 7.12 -30.39
C GLU D 7 -42.66 6.05 -31.46
N ASP D 8 -41.73 6.34 -32.36
CA ASP D 8 -41.41 5.40 -33.44
C ASP D 8 -40.70 4.14 -33.02
N HIS D 9 -40.23 4.12 -31.78
CA HIS D 9 -39.55 2.95 -31.27
C HIS D 9 -40.42 1.71 -31.52
N LYS D 10 -41.73 1.89 -31.49
CA LYS D 10 -42.66 0.78 -31.68
C LYS D 10 -42.57 0.16 -33.07
N LEU D 11 -41.82 0.81 -33.95
CA LEU D 11 -41.62 0.28 -35.30
C LEU D 11 -40.77 -0.97 -35.19
N ARG D 12 -40.03 -1.06 -34.09
CA ARG D 12 -39.20 -2.24 -33.85
C ARG D 12 -40.08 -3.16 -33.01
N ASN D 13 -40.70 -4.14 -33.68
CA ASN D 13 -41.57 -5.08 -33.00
C ASN D 13 -41.43 -6.45 -33.66
N ALA D 14 -40.24 -7.05 -33.51
CA ALA D 14 -39.98 -8.37 -34.08
C ALA D 14 -40.89 -9.38 -33.41
N LYS D 15 -41.28 -10.41 -34.15
CA LYS D 15 -42.14 -11.42 -33.56
C LYS D 15 -41.35 -12.59 -33.02
N THR D 16 -40.11 -12.75 -33.47
CA THR D 16 -39.32 -13.88 -32.99
C THR D 16 -37.95 -13.51 -32.43
N GLU D 17 -37.49 -14.34 -31.50
CA GLU D 17 -36.19 -14.20 -30.89
C GLU D 17 -35.72 -15.59 -30.57
N LEU D 18 -34.55 -15.96 -31.08
CA LEU D 18 -34.03 -17.28 -30.82
C LEU D 18 -33.54 -17.34 -29.36
N TYR D 19 -34.18 -18.20 -28.59
CA TYR D 19 -33.88 -18.37 -27.17
C TYR D 19 -34.20 -19.79 -26.72
N GLY D 20 -33.24 -20.41 -26.03
CA GLY D 20 -33.45 -21.77 -25.56
C GLY D 20 -33.80 -22.73 -26.67
N GLY D 21 -33.34 -22.46 -27.88
CA GLY D 21 -33.62 -23.34 -29.00
C GLY D 21 -35.01 -23.23 -29.59
N GLU D 22 -35.71 -22.16 -29.25
CA GLU D 22 -37.06 -21.92 -29.74
C GLU D 22 -37.16 -20.47 -30.21
N LEU D 23 -38.22 -20.16 -30.95
CA LEU D 23 -38.47 -18.81 -31.45
C LEU D 23 -39.61 -18.21 -30.64
N VAL D 24 -39.25 -17.49 -29.58
CA VAL D 24 -40.24 -16.88 -28.69
C VAL D 24 -40.35 -15.38 -28.91
N PRO D 25 -41.37 -14.75 -28.31
CA PRO D 25 -41.52 -13.31 -28.47
C PRO D 25 -40.33 -12.59 -27.86
N PRO D 26 -39.76 -11.63 -28.58
CA PRO D 26 -38.60 -10.88 -28.07
C PRO D 26 -38.83 -10.31 -26.66
N PHE D 27 -37.76 -10.31 -25.86
CA PHE D 27 -37.80 -9.80 -24.49
C PHE D 27 -37.68 -8.28 -24.52
N GLU D 28 -37.01 -7.78 -25.56
CA GLU D 28 -36.83 -6.35 -25.73
C GLU D 28 -38.07 -5.88 -26.48
N ALA D 29 -39.22 -5.98 -25.80
CA ALA D 29 -40.51 -5.60 -26.38
C ALA D 29 -40.84 -4.13 -26.20
N PRO D 30 -41.77 -3.61 -27.02
CA PRO D 30 -42.18 -2.20 -26.96
C PRO D 30 -42.72 -1.73 -25.62
N PHE D 31 -43.40 -2.62 -24.90
CA PHE D 31 -43.98 -2.22 -23.63
C PHE D 31 -42.94 -1.66 -22.66
N ARG D 32 -41.67 -2.02 -22.86
CA ARG D 32 -40.58 -1.55 -22.02
C ARG D 32 -40.49 -0.02 -21.99
N ALA D 33 -40.64 0.60 -23.15
CA ALA D 33 -40.55 2.05 -23.26
C ALA D 33 -41.71 2.76 -22.58
N GLU D 34 -42.87 2.12 -22.53
CA GLU D 34 -44.03 2.73 -21.91
C GLU D 34 -43.93 2.81 -20.39
N TRP D 35 -43.54 1.71 -19.74
CA TRP D 35 -43.38 1.66 -18.29
C TRP D 35 -42.31 2.62 -17.81
N ILE D 36 -41.22 2.71 -18.58
CA ILE D 36 -40.14 3.60 -18.23
C ILE D 36 -40.61 5.05 -18.32
N LEU D 37 -41.24 5.40 -19.43
CA LEU D 37 -41.74 6.75 -19.63
C LEU D 37 -42.75 7.14 -18.54
N ALA D 38 -43.68 6.22 -18.28
CA ALA D 38 -44.72 6.43 -17.27
C ALA D 38 -44.07 6.64 -15.90
N ALA D 39 -43.09 5.80 -15.61
CA ALA D 39 -42.38 5.86 -14.36
C ALA D 39 -41.61 7.18 -14.18
N VAL D 40 -40.81 7.54 -15.18
CA VAL D 40 -40.02 8.75 -15.10
C VAL D 40 -40.95 9.97 -15.03
N LYS D 41 -42.10 9.86 -15.69
CA LYS D 41 -43.06 10.95 -15.67
C LYS D 41 -43.56 11.14 -14.25
N GLU D 42 -44.00 10.04 -13.63
CA GLU D 42 -44.50 10.07 -12.27
C GLU D 42 -43.45 10.59 -11.31
N ALA D 43 -42.19 10.38 -11.65
CA ALA D 43 -41.10 10.83 -10.80
C ALA D 43 -40.92 12.34 -10.91
N GLY D 44 -41.59 12.95 -11.86
CA GLY D 44 -41.49 14.40 -12.04
C GLY D 44 -40.88 14.80 -13.36
N PHE D 45 -40.31 13.83 -14.07
CA PHE D 45 -39.67 14.07 -15.36
C PHE D 45 -40.69 14.00 -16.49
N ASP D 46 -41.56 15.00 -16.55
CA ASP D 46 -42.58 15.06 -17.57
C ASP D 46 -42.20 15.97 -18.72
N ASP D 47 -41.00 16.52 -18.67
CA ASP D 47 -40.59 17.38 -19.76
C ASP D 47 -40.10 16.49 -20.89
N VAL D 48 -41.03 15.73 -21.46
CA VAL D 48 -40.78 14.79 -22.54
C VAL D 48 -40.99 15.42 -23.91
N VAL D 49 -40.00 15.29 -24.80
CA VAL D 49 -40.11 15.84 -26.15
C VAL D 49 -39.63 14.82 -27.17
N ALA D 50 -40.17 14.91 -28.38
CA ALA D 50 -39.80 14.01 -29.45
C ALA D 50 -38.50 14.49 -30.08
N PRO D 51 -37.62 13.56 -30.44
CA PRO D 51 -36.35 13.95 -31.05
C PRO D 51 -36.52 14.57 -32.43
N ALA D 52 -35.60 15.45 -32.80
CA ALA D 52 -35.64 16.08 -34.12
C ALA D 52 -35.05 15.09 -35.11
N ARG D 53 -35.20 15.40 -36.40
CA ARG D 53 -34.67 14.55 -37.46
C ARG D 53 -33.18 14.84 -37.63
N HIS D 54 -32.40 13.80 -37.90
CA HIS D 54 -30.96 13.93 -38.10
C HIS D 54 -30.48 13.07 -39.26
N GLY D 55 -29.40 13.50 -39.91
CA GLY D 55 -28.86 12.76 -41.02
C GLY D 55 -28.06 11.55 -40.54
N LEU D 56 -27.19 11.03 -41.40
CA LEU D 56 -26.37 9.88 -41.06
C LEU D 56 -24.92 10.28 -40.84
N GLU D 57 -24.65 11.57 -40.76
CA GLU D 57 -23.29 12.04 -40.58
C GLU D 57 -22.66 11.66 -39.26
N THR D 58 -23.36 11.91 -38.15
CA THR D 58 -22.81 11.56 -36.85
C THR D 58 -22.60 10.08 -36.73
N VAL D 59 -23.59 9.30 -37.16
CA VAL D 59 -23.49 7.85 -37.07
C VAL D 59 -22.40 7.27 -37.97
N LEU D 60 -22.19 7.86 -39.15
CA LEU D 60 -21.16 7.35 -40.04
C LEU D 60 -19.74 7.47 -39.49
N LYS D 61 -19.60 8.13 -38.34
CA LYS D 61 -18.30 8.30 -37.71
C LYS D 61 -18.00 7.20 -36.71
N VAL D 62 -19.00 6.41 -36.35
CA VAL D 62 -18.80 5.32 -35.40
C VAL D 62 -19.08 3.95 -35.98
N HIS D 63 -20.03 3.88 -36.90
CA HIS D 63 -20.37 2.62 -37.53
C HIS D 63 -19.81 2.58 -38.96
N ASP D 64 -19.51 1.37 -39.43
CA ASP D 64 -19.00 1.13 -40.77
C ASP D 64 -20.12 1.46 -41.76
N ALA D 65 -19.74 2.00 -42.92
CA ALA D 65 -20.72 2.37 -43.96
C ALA D 65 -21.40 1.14 -44.54
N GLY D 66 -20.61 0.10 -44.80
CA GLY D 66 -21.18 -1.13 -45.35
C GLY D 66 -22.20 -1.71 -44.39
N TYR D 67 -21.93 -1.56 -43.09
CA TYR D 67 -22.83 -2.05 -42.06
C TYR D 67 -24.15 -1.29 -42.07
N LEU D 68 -24.10 0.03 -42.15
CA LEU D 68 -25.32 0.83 -42.17
C LEU D 68 -26.09 0.59 -43.47
N ASN D 69 -25.36 0.43 -44.57
CA ASN D 69 -25.97 0.17 -45.87
C ASN D 69 -26.72 -1.16 -45.81
N PHE D 70 -26.15 -2.12 -45.09
CA PHE D 70 -26.78 -3.43 -44.94
C PHE D 70 -28.07 -3.35 -44.10
N LEU D 71 -28.01 -2.65 -42.96
CA LEU D 71 -29.19 -2.54 -42.10
C LEU D 71 -30.41 -1.94 -42.81
N GLU D 72 -30.18 -0.87 -43.55
CA GLU D 72 -31.27 -0.19 -44.25
C GLU D 72 -32.07 -1.04 -45.23
N THR D 73 -31.43 -2.01 -45.88
CA THR D 73 -32.16 -2.83 -46.85
C THR D 73 -32.19 -4.30 -46.53
N ALA D 74 -31.67 -4.65 -45.37
CA ALA D 74 -31.63 -6.04 -44.94
C ALA D 74 -32.99 -6.72 -45.04
N TRP D 75 -34.03 -6.08 -44.52
CA TRP D 75 -35.34 -6.71 -44.56
C TRP D 75 -35.87 -6.94 -45.96
N ASP D 76 -35.76 -5.93 -46.83
CA ASP D 76 -36.26 -6.10 -48.18
C ASP D 76 -35.52 -7.22 -48.90
N ARG D 77 -34.20 -7.26 -48.74
CA ARG D 77 -33.43 -8.31 -49.38
C ARG D 77 -33.83 -9.67 -48.84
N TRP D 78 -34.07 -9.74 -47.54
CA TRP D 78 -34.46 -11.00 -46.92
C TRP D 78 -35.79 -11.50 -47.47
N LYS D 79 -36.80 -10.62 -47.47
CA LYS D 79 -38.12 -10.99 -47.98
C LYS D 79 -38.05 -11.33 -49.46
N ALA D 80 -37.30 -10.52 -50.19
CA ALA D 80 -37.11 -10.69 -51.62
C ALA D 80 -36.45 -12.05 -51.88
N ALA D 81 -35.49 -12.42 -51.04
CA ALA D 81 -34.77 -13.68 -51.16
C ALA D 81 -35.75 -14.85 -51.08
N GLY D 82 -36.96 -14.56 -50.63
CA GLY D 82 -37.99 -15.58 -50.51
C GLY D 82 -37.97 -16.35 -49.21
N TYR D 83 -37.78 -15.67 -48.09
CA TYR D 83 -37.75 -16.35 -46.81
C TYR D 83 -39.01 -16.09 -46.01
N LYS D 84 -39.56 -17.16 -45.44
CA LYS D 84 -40.79 -17.07 -44.66
C LYS D 84 -40.66 -16.32 -43.33
N GLY D 85 -39.66 -16.68 -42.53
CA GLY D 85 -39.46 -16.03 -41.23
C GLY D 85 -38.72 -14.70 -41.28
N GLU D 86 -38.36 -14.17 -40.12
CA GLU D 86 -37.65 -12.90 -40.03
C GLU D 86 -36.17 -13.11 -40.32
N ALA D 87 -35.43 -12.04 -40.60
CA ALA D 87 -34.03 -12.16 -40.90
C ALA D 87 -33.18 -12.56 -39.69
N ILE D 88 -32.64 -13.78 -39.72
CA ILE D 88 -31.79 -14.29 -38.64
C ILE D 88 -30.56 -14.99 -39.21
N ALA D 89 -29.38 -14.51 -38.83
CA ALA D 89 -28.12 -15.07 -39.30
C ALA D 89 -27.96 -16.52 -38.84
N THR D 90 -27.28 -17.31 -39.66
CA THR D 90 -27.07 -18.72 -39.36
C THR D 90 -25.63 -19.16 -39.52
N SER D 91 -24.88 -18.44 -40.36
CA SER D 91 -23.48 -18.75 -40.63
C SER D 91 -22.67 -17.55 -40.12
N PHE D 92 -21.60 -17.80 -39.38
CA PHE D 92 -20.81 -16.71 -38.84
C PHE D 92 -19.31 -16.73 -39.14
N PRO D 93 -18.71 -15.54 -39.31
CA PRO D 93 -17.27 -15.47 -39.60
C PRO D 93 -16.53 -15.59 -38.27
N VAL D 94 -16.39 -16.83 -37.80
CA VAL D 94 -15.72 -17.08 -36.53
C VAL D 94 -14.21 -17.32 -36.68
N ARG D 95 -13.63 -18.20 -35.86
CA ARG D 95 -12.19 -18.44 -35.93
C ARG D 95 -11.63 -18.95 -37.25
N ARG D 96 -10.48 -18.41 -37.62
CA ARG D 96 -9.76 -18.81 -38.81
C ARG D 96 -10.64 -18.81 -40.08
N THR D 97 -11.45 -17.77 -40.23
CA THR D 97 -12.34 -17.64 -41.38
C THR D 97 -11.85 -16.49 -42.25
N SER D 98 -12.27 -16.49 -43.51
CA SER D 98 -11.87 -15.45 -44.46
C SER D 98 -12.40 -14.09 -44.01
N PRO D 99 -11.79 -13.00 -44.49
CA PRO D 99 -12.23 -11.65 -44.13
C PRO D 99 -13.14 -11.03 -45.19
N ARG D 100 -13.36 -11.76 -46.27
CA ARG D 100 -14.20 -11.30 -47.38
C ARG D 100 -15.69 -11.18 -47.04
N ILE D 101 -16.31 -10.10 -47.50
CA ILE D 101 -17.72 -9.87 -47.25
C ILE D 101 -18.54 -10.57 -48.34
N PRO D 102 -19.46 -11.48 -47.95
CA PRO D 102 -20.28 -12.19 -48.94
C PRO D 102 -21.13 -11.18 -49.71
N THR D 103 -21.73 -11.63 -50.82
CA THR D 103 -22.56 -10.74 -51.62
C THR D 103 -24.05 -10.99 -51.45
N ASP D 104 -24.43 -12.24 -51.20
CA ASP D 104 -25.84 -12.57 -51.04
C ASP D 104 -26.37 -12.12 -49.68
N ILE D 105 -27.69 -12.21 -49.48
CA ILE D 105 -28.29 -11.79 -48.22
C ILE D 105 -27.99 -12.74 -47.06
N GLU D 106 -28.07 -14.04 -47.32
CA GLU D 106 -27.82 -15.04 -46.29
C GLU D 106 -26.41 -14.88 -45.72
N GLY D 107 -25.42 -14.73 -46.58
CA GLY D 107 -24.07 -14.57 -46.09
C GLY D 107 -23.82 -13.22 -45.45
N GLN D 108 -24.40 -12.16 -46.02
CA GLN D 108 -24.15 -10.84 -45.47
C GLN D 108 -24.70 -10.62 -44.08
N ILE D 109 -25.86 -11.19 -43.77
CA ILE D 109 -26.44 -11.00 -42.46
C ILE D 109 -25.52 -11.63 -41.40
N GLY D 110 -24.96 -12.80 -41.71
CA GLY D 110 -24.04 -13.41 -40.76
C GLY D 110 -22.82 -12.50 -40.62
N TYR D 111 -22.28 -12.03 -41.74
CA TYR D 111 -21.11 -11.16 -41.73
C TYR D 111 -21.33 -9.96 -40.80
N TYR D 112 -22.53 -9.41 -40.79
CA TYR D 112 -22.83 -8.24 -39.97
C TYR D 112 -23.58 -8.55 -38.66
N CYS D 113 -23.41 -9.77 -38.16
CA CYS D 113 -24.07 -10.18 -36.94
C CYS D 113 -23.13 -10.81 -35.89
N ASN D 114 -23.33 -10.47 -34.61
CA ASN D 114 -22.53 -11.06 -33.54
C ASN D 114 -23.36 -12.02 -32.71
N ALA D 115 -24.67 -12.04 -32.93
CA ALA D 115 -25.53 -12.94 -32.19
C ALA D 115 -26.86 -13.20 -32.91
N ALA D 116 -27.22 -14.47 -33.02
CA ALA D 116 -28.46 -14.86 -33.68
C ALA D 116 -29.68 -14.74 -32.75
N GLU D 117 -29.49 -14.22 -31.55
CA GLU D 117 -30.62 -14.06 -30.65
C GLU D 117 -31.39 -12.79 -30.97
N THR D 118 -31.01 -12.16 -32.08
CA THR D 118 -31.64 -10.93 -32.53
C THR D 118 -32.00 -11.05 -34.02
N ALA D 119 -33.26 -10.76 -34.34
CA ALA D 119 -33.74 -10.84 -35.73
C ALA D 119 -34.09 -9.47 -36.28
N ILE D 120 -33.85 -9.29 -37.57
CA ILE D 120 -34.17 -8.03 -38.24
C ILE D 120 -35.59 -8.17 -38.76
N SER D 121 -36.41 -7.19 -38.45
CA SER D 121 -37.82 -7.20 -38.84
C SER D 121 -38.28 -5.88 -39.46
N PRO D 122 -39.46 -5.87 -40.11
CA PRO D 122 -39.99 -4.66 -40.74
C PRO D 122 -39.98 -3.47 -39.79
N GLY D 123 -39.42 -2.35 -40.23
CA GLY D 123 -39.39 -1.17 -39.39
C GLY D 123 -38.23 -1.07 -38.43
N THR D 124 -37.40 -2.10 -38.43
CA THR D 124 -36.25 -2.11 -37.54
C THR D 124 -35.34 -0.93 -37.86
N TRP D 125 -34.99 -0.77 -39.14
CA TRP D 125 -34.13 0.31 -39.57
C TRP D 125 -34.66 1.67 -39.14
N GLU D 126 -35.91 1.94 -39.50
CA GLU D 126 -36.51 3.23 -39.15
C GLU D 126 -36.60 3.43 -37.63
N ALA D 127 -36.93 2.36 -36.91
CA ALA D 127 -37.03 2.43 -35.46
C ALA D 127 -35.65 2.77 -34.91
N ALA D 128 -34.63 2.06 -35.38
CA ALA D 128 -33.28 2.29 -34.92
C ALA D 128 -32.85 3.73 -35.12
N LEU D 129 -33.22 4.33 -36.24
CA LEU D 129 -32.83 5.72 -36.48
C LEU D 129 -33.49 6.68 -35.49
N SER D 130 -34.74 6.40 -35.13
CA SER D 130 -35.46 7.26 -34.20
C SER D 130 -34.79 7.22 -32.81
N SER D 131 -34.36 6.03 -32.41
CA SER D 131 -33.68 5.84 -31.14
C SER D 131 -32.37 6.63 -31.18
N MET D 132 -31.64 6.49 -32.29
CA MET D 132 -30.39 7.20 -32.46
C MET D 132 -30.65 8.69 -32.29
N ALA D 133 -31.71 9.17 -32.95
CA ALA D 133 -32.08 10.58 -32.91
C ALA D 133 -32.27 11.10 -31.49
N SER D 134 -32.95 10.33 -30.65
CA SER D 134 -33.18 10.72 -29.28
C SER D 134 -31.85 10.90 -28.57
N ALA D 135 -30.87 10.06 -28.92
CA ALA D 135 -29.57 10.16 -28.31
C ALA D 135 -28.90 11.45 -28.73
N ILE D 136 -28.98 11.76 -30.01
CA ILE D 136 -28.37 12.97 -30.53
C ILE D 136 -28.97 14.22 -29.87
N ASP D 137 -30.29 14.28 -29.75
CA ASP D 137 -30.92 15.43 -29.12
C ASP D 137 -30.49 15.54 -27.65
N GLY D 138 -30.35 14.39 -26.98
CA GLY D 138 -29.93 14.40 -25.60
C GLY D 138 -28.52 14.97 -25.51
N ALA D 139 -27.69 14.62 -26.49
CA ALA D 139 -26.33 15.13 -26.51
C ALA D 139 -26.32 16.63 -26.72
N ASP D 140 -27.09 17.11 -27.69
CA ASP D 140 -27.13 18.55 -27.96
C ASP D 140 -27.50 19.32 -26.71
N LEU D 141 -28.36 18.75 -25.87
CA LEU D 141 -28.76 19.40 -24.64
C LEU D 141 -27.55 19.63 -23.75
N ILE D 142 -26.75 18.59 -23.59
CA ILE D 142 -25.54 18.64 -22.78
C ILE D 142 -24.55 19.63 -23.39
N ALA D 143 -24.45 19.62 -24.71
CA ALA D 143 -23.54 20.54 -25.40
C ALA D 143 -24.06 21.96 -25.22
N ALA D 144 -25.35 22.08 -24.94
CA ALA D 144 -25.96 23.38 -24.76
C ALA D 144 -25.76 23.91 -23.34
N GLY D 145 -25.38 23.04 -22.41
CA GLY D 145 -25.18 23.49 -21.06
C GLY D 145 -26.02 22.78 -20.03
N HIS D 146 -26.90 21.89 -20.50
CA HIS D 146 -27.74 21.14 -19.59
C HIS D 146 -26.86 20.22 -18.73
N LYS D 147 -27.11 20.21 -17.42
CA LYS D 147 -26.34 19.38 -16.49
C LYS D 147 -26.61 17.90 -16.71
N ALA D 148 -27.83 17.58 -17.12
CA ALA D 148 -28.22 16.20 -17.35
C ALA D 148 -29.41 16.12 -18.30
N ALA D 149 -29.54 14.98 -18.97
CA ALA D 149 -30.66 14.76 -19.88
C ALA D 149 -30.83 13.25 -19.99
N PHE D 150 -32.02 12.81 -20.37
CA PHE D 150 -32.28 11.39 -20.49
C PHE D 150 -32.83 11.01 -21.85
N SER D 151 -32.08 10.21 -22.60
CA SER D 151 -32.55 9.78 -23.91
C SER D 151 -33.17 8.39 -23.76
N LEU D 152 -34.50 8.33 -23.82
CA LEU D 152 -35.21 7.06 -23.69
C LEU D 152 -35.06 6.32 -25.01
N CYS D 153 -33.95 5.60 -25.16
CA CYS D 153 -33.73 4.90 -26.40
C CYS D 153 -34.32 3.51 -26.46
N ARG D 154 -34.75 3.16 -27.66
CA ARG D 154 -35.31 1.86 -27.95
C ARG D 154 -35.49 1.79 -29.45
N PRO D 155 -34.89 0.77 -30.09
CA PRO D 155 -34.10 -0.27 -29.42
C PRO D 155 -32.80 0.24 -28.78
N PRO D 156 -32.22 -0.58 -27.90
CA PRO D 156 -30.97 -0.26 -27.19
C PRO D 156 -29.82 -0.38 -28.19
N GLY D 157 -28.59 -0.03 -27.78
CA GLY D 157 -27.49 -0.13 -28.71
C GLY D 157 -26.10 -0.51 -28.23
N HIS D 158 -25.84 -0.56 -26.92
CA HIS D 158 -24.48 -0.87 -26.46
C HIS D 158 -23.88 -2.18 -26.98
N ALA D 159 -24.70 -3.05 -27.57
CA ALA D 159 -24.18 -4.31 -28.10
C ALA D 159 -23.77 -4.18 -29.57
N ALA D 160 -24.29 -3.16 -30.25
CA ALA D 160 -23.97 -2.93 -31.64
C ALA D 160 -22.52 -2.48 -31.81
N GLY D 161 -21.76 -3.31 -32.53
CA GLY D 161 -20.37 -3.00 -32.78
C GLY D 161 -20.20 -2.17 -34.02
N ILE D 162 -18.95 -1.80 -34.31
CA ILE D 162 -18.64 -1.00 -35.47
C ILE D 162 -19.37 -1.49 -36.70
N ASP D 163 -19.32 -2.79 -36.94
CA ASP D 163 -20.01 -3.34 -38.10
C ASP D 163 -20.78 -4.62 -37.84
N MET D 164 -21.59 -4.62 -36.78
CA MET D 164 -22.38 -5.79 -36.48
C MET D 164 -23.51 -5.51 -35.49
N PHE D 165 -24.64 -6.19 -35.71
CA PHE D 165 -25.79 -6.03 -34.85
C PHE D 165 -25.93 -7.30 -34.01
N GLY D 166 -26.71 -7.19 -32.95
CA GLY D 166 -26.92 -8.33 -32.06
C GLY D 166 -27.27 -7.78 -30.70
N GLY D 167 -27.66 -8.66 -29.78
CA GLY D 167 -28.01 -8.24 -28.44
C GLY D 167 -29.13 -7.22 -28.45
N TYR D 168 -30.06 -7.39 -29.38
CA TYR D 168 -31.22 -6.50 -29.52
C TYR D 168 -30.78 -5.09 -29.93
N CYS D 169 -29.57 -4.96 -30.47
CA CYS D 169 -29.04 -3.66 -30.86
C CYS D 169 -28.63 -3.58 -32.33
N PHE D 170 -28.86 -2.44 -32.96
CA PHE D 170 -28.52 -2.26 -34.37
C PHE D 170 -27.67 -1.00 -34.57
N ILE D 171 -28.04 0.05 -33.87
CA ILE D 171 -27.28 1.30 -33.95
C ILE D 171 -26.88 1.69 -32.54
N ASN D 172 -25.58 1.82 -32.31
CA ASN D 172 -25.08 2.16 -31.00
C ASN D 172 -25.38 3.61 -30.63
N ASN D 173 -26.54 3.82 -30.01
CA ASN D 173 -26.98 5.14 -29.61
C ASN D 173 -25.97 5.89 -28.76
N ALA D 174 -25.45 5.21 -27.74
CA ALA D 174 -24.48 5.82 -26.84
C ALA D 174 -23.21 6.26 -27.56
N ALA D 175 -22.78 5.47 -28.54
CA ALA D 175 -21.58 5.83 -29.30
C ALA D 175 -21.85 7.09 -30.10
N VAL D 176 -23.04 7.14 -30.71
CA VAL D 176 -23.41 8.28 -31.51
C VAL D 176 -23.52 9.55 -30.65
N ALA D 177 -24.17 9.44 -29.49
CA ALA D 177 -24.28 10.60 -28.62
C ALA D 177 -22.89 11.08 -28.21
N ALA D 178 -22.00 10.13 -27.89
CA ALA D 178 -20.62 10.48 -27.50
C ALA D 178 -19.92 11.25 -28.62
N GLN D 179 -19.94 10.69 -29.83
CA GLN D 179 -19.33 11.32 -30.99
C GLN D 179 -19.98 12.68 -31.17
N ARG D 180 -21.29 12.72 -31.04
CA ARG D 180 -22.02 13.96 -31.17
C ARG D 180 -21.40 15.04 -30.28
N LEU D 181 -21.24 14.73 -29.00
CA LEU D 181 -20.65 15.65 -28.01
C LEU D 181 -19.28 16.15 -28.46
N LEU D 182 -18.46 15.23 -28.97
CA LEU D 182 -17.14 15.65 -29.45
C LEU D 182 -17.39 16.67 -30.58
N ASP D 183 -18.25 16.31 -31.52
CA ASP D 183 -18.57 17.19 -32.64
C ASP D 183 -19.03 18.57 -32.19
N LYS D 184 -19.62 18.64 -30.99
CA LYS D 184 -20.10 19.91 -30.47
C LYS D 184 -19.05 20.70 -29.73
N GLY D 185 -17.80 20.26 -29.77
CA GLY D 185 -16.75 21.01 -29.10
C GLY D 185 -15.92 20.30 -28.05
N ALA D 186 -16.43 19.17 -27.54
CA ALA D 186 -15.71 18.41 -26.53
C ALA D 186 -14.49 17.74 -27.15
N LYS D 187 -13.45 17.60 -26.34
CA LYS D 187 -12.21 16.98 -26.80
C LYS D 187 -12.03 15.61 -26.13
N LYS D 188 -12.74 15.38 -25.03
CA LYS D 188 -12.67 14.11 -24.35
C LYS D 188 -14.02 13.77 -23.76
N ILE D 189 -14.48 12.55 -24.00
CA ILE D 189 -15.76 12.10 -23.49
C ILE D 189 -15.64 10.67 -22.97
N ALA D 190 -16.41 10.36 -21.94
CA ALA D 190 -16.41 9.01 -21.37
C ALA D 190 -17.79 8.40 -21.45
N ILE D 191 -17.82 7.06 -21.47
CA ILE D 191 -19.07 6.30 -21.53
C ILE D 191 -19.06 5.26 -20.42
N LEU D 192 -20.03 5.36 -19.51
CA LEU D 192 -20.12 4.42 -18.40
C LEU D 192 -21.30 3.47 -18.64
N ASP D 193 -20.99 2.20 -18.92
CA ASP D 193 -22.03 1.19 -19.21
C ASP D 193 -22.46 0.40 -17.96
N VAL D 194 -23.52 0.85 -17.31
CA VAL D 194 -23.99 0.17 -16.09
C VAL D 194 -24.98 -0.96 -16.36
N ASP D 195 -25.24 -1.21 -17.64
CA ASP D 195 -26.14 -2.28 -18.03
C ASP D 195 -25.52 -3.62 -17.60
N PHE D 196 -26.34 -4.58 -17.18
CA PHE D 196 -25.85 -5.88 -16.73
C PHE D 196 -24.90 -6.57 -17.69
N HIS D 197 -25.18 -6.47 -18.99
CA HIS D 197 -24.33 -7.07 -20.02
C HIS D 197 -23.20 -6.14 -20.40
N HIS D 198 -22.07 -6.71 -20.82
CA HIS D 198 -20.95 -5.89 -21.25
C HIS D 198 -21.38 -5.10 -22.50
N GLY D 199 -20.86 -3.88 -22.65
CA GLY D 199 -21.17 -3.09 -23.82
C GLY D 199 -20.16 -3.44 -24.90
N ASN D 200 -20.19 -4.69 -25.31
CA ASN D 200 -19.26 -5.17 -26.32
C ASN D 200 -19.23 -4.35 -27.61
N GLY D 201 -20.38 -3.78 -27.97
CA GLY D 201 -20.44 -2.95 -29.17
C GLY D 201 -19.74 -1.63 -28.97
N THR D 202 -20.06 -0.95 -27.88
CA THR D 202 -19.44 0.32 -27.58
C THR D 202 -17.92 0.15 -27.50
N GLN D 203 -17.48 -0.82 -26.70
CA GLN D 203 -16.06 -1.08 -26.55
C GLN D 203 -15.40 -1.25 -27.91
N ASP D 204 -16.05 -2.00 -28.79
CA ASP D 204 -15.49 -2.23 -30.10
C ASP D 204 -15.29 -0.93 -30.87
N ILE D 205 -16.28 -0.04 -30.82
CA ILE D 205 -16.22 1.24 -31.52
C ILE D 205 -15.11 2.18 -31.06
N PHE D 206 -14.84 2.23 -29.77
CA PHE D 206 -13.81 3.13 -29.26
C PHE D 206 -12.54 2.43 -28.75
N TYR D 207 -12.38 1.15 -29.05
CA TYR D 207 -11.21 0.41 -28.59
C TYR D 207 -9.92 1.06 -29.08
N GLU D 208 -9.92 1.54 -30.31
CA GLU D 208 -8.71 2.18 -30.84
C GLU D 208 -8.83 3.69 -30.91
N ARG D 209 -9.80 4.24 -30.19
CA ARG D 209 -10.05 5.68 -30.12
C ARG D 209 -9.46 6.24 -28.83
N GLY D 210 -8.61 7.25 -28.93
CA GLY D 210 -8.00 7.83 -27.73
C GLY D 210 -8.76 9.01 -27.12
N ASP D 211 -9.75 9.50 -27.84
CA ASP D 211 -10.56 10.62 -27.36
C ASP D 211 -11.81 10.22 -26.57
N VAL D 212 -11.99 8.92 -26.37
CA VAL D 212 -13.14 8.40 -25.62
C VAL D 212 -12.72 7.27 -24.66
N PHE D 213 -13.18 7.36 -23.40
CA PHE D 213 -12.87 6.35 -22.40
C PHE D 213 -14.12 5.49 -22.19
N PHE D 214 -13.94 4.17 -22.20
CA PHE D 214 -15.06 3.25 -22.03
C PHE D 214 -14.94 2.42 -20.77
N ALA D 215 -15.87 2.64 -19.84
CA ALA D 215 -15.87 1.91 -18.59
C ALA D 215 -17.17 1.14 -18.48
N SER D 216 -17.07 -0.17 -18.32
CA SER D 216 -18.26 -0.99 -18.20
C SER D 216 -18.23 -1.95 -17.02
N LEU D 217 -19.34 -2.01 -16.30
CA LEU D 217 -19.52 -2.90 -15.17
C LEU D 217 -20.51 -3.92 -15.72
N HIS D 218 -20.19 -5.20 -15.63
CA HIS D 218 -21.07 -6.20 -16.21
C HIS D 218 -20.79 -7.58 -15.62
N GLY D 219 -21.69 -8.51 -15.92
CA GLY D 219 -21.51 -9.87 -15.45
C GLY D 219 -20.32 -10.50 -16.17
N ASP D 220 -19.58 -11.30 -15.42
CA ASP D 220 -18.40 -12.01 -15.92
C ASP D 220 -18.78 -12.66 -17.24
N PRO D 221 -18.12 -12.24 -18.34
CA PRO D 221 -18.40 -12.81 -19.66
C PRO D 221 -18.15 -14.31 -19.72
N ALA D 222 -17.39 -14.82 -18.76
CA ALA D 222 -17.10 -16.25 -18.72
C ALA D 222 -18.40 -17.04 -18.68
N GLU D 223 -19.46 -16.42 -18.17
CA GLU D 223 -20.73 -17.11 -18.09
C GLU D 223 -21.94 -16.20 -18.26
N ALA D 224 -21.78 -15.14 -19.05
CA ALA D 224 -22.84 -14.19 -19.32
C ALA D 224 -22.69 -13.53 -20.69
N PHE D 225 -23.82 -13.34 -21.38
CA PHE D 225 -23.86 -12.70 -22.68
C PHE D 225 -23.13 -11.37 -22.55
N PRO D 226 -22.37 -10.95 -23.58
CA PRO D 226 -22.16 -11.61 -24.87
C PRO D 226 -21.18 -12.78 -24.92
N HIS D 227 -20.55 -13.11 -23.80
CA HIS D 227 -19.61 -14.23 -23.73
C HIS D 227 -18.24 -14.04 -24.36
N PHE D 228 -18.11 -13.18 -25.38
CA PHE D 228 -16.81 -13.06 -26.02
C PHE D 228 -16.08 -11.73 -25.95
N LEU D 229 -16.37 -10.95 -24.92
CA LEU D 229 -15.74 -9.67 -24.74
C LEU D 229 -16.19 -9.18 -23.36
N GLY D 230 -15.32 -8.41 -22.70
CA GLY D 230 -15.66 -7.89 -21.38
C GLY D 230 -14.68 -8.28 -20.29
N TYR D 231 -13.60 -8.98 -20.65
CA TYR D 231 -12.60 -9.39 -19.67
C TYR D 231 -11.74 -8.19 -19.25
N ALA D 232 -11.34 -8.20 -17.97
CA ALA D 232 -10.53 -7.11 -17.42
C ALA D 232 -9.24 -6.85 -18.19
N GLU D 233 -8.71 -7.89 -18.83
CA GLU D 233 -7.48 -7.82 -19.61
C GLU D 233 -7.59 -6.83 -20.79
N GLU D 234 -8.81 -6.60 -21.28
CA GLU D 234 -9.06 -5.68 -22.39
C GLU D 234 -9.00 -4.24 -21.90
N THR D 235 -7.93 -3.53 -22.24
CA THR D 235 -7.77 -2.16 -21.79
C THR D 235 -7.64 -1.16 -22.93
N GLY D 236 -7.67 -1.69 -24.15
CA GLY D 236 -7.56 -0.81 -25.30
C GLY D 236 -6.51 -1.27 -26.28
N LYS D 237 -6.37 -0.53 -27.38
CA LYS D 237 -5.41 -0.86 -28.41
C LYS D 237 -5.01 0.31 -29.31
N GLY D 238 -3.75 0.29 -29.75
CA GLY D 238 -3.25 1.34 -30.62
C GLY D 238 -3.57 2.72 -30.07
N ALA D 239 -4.08 3.61 -30.93
CA ALA D 239 -4.40 4.96 -30.50
C ALA D 239 -5.34 4.99 -29.28
N GLY D 240 -6.07 3.90 -29.04
CA GLY D 240 -6.98 3.87 -27.91
C GLY D 240 -6.47 3.14 -26.67
N ALA D 241 -5.19 2.81 -26.68
CA ALA D 241 -4.60 2.10 -25.56
C ALA D 241 -4.88 2.77 -24.21
N GLY D 242 -5.35 1.97 -23.27
CA GLY D 242 -5.64 2.47 -21.95
C GLY D 242 -6.96 3.19 -21.77
N THR D 243 -7.81 3.22 -22.79
CA THR D 243 -9.11 3.90 -22.66
C THR D 243 -10.29 2.98 -22.43
N THR D 244 -10.03 1.71 -22.16
CA THR D 244 -11.11 0.75 -21.89
C THR D 244 -10.89 0.09 -20.54
N ALA D 245 -11.87 0.21 -19.65
CA ALA D 245 -11.79 -0.38 -18.32
C ALA D 245 -12.98 -1.28 -18.02
N ASN D 246 -12.76 -2.59 -18.06
CA ASN D 246 -13.83 -3.55 -17.79
C ASN D 246 -13.86 -4.06 -16.36
N TYR D 247 -15.05 -4.14 -15.79
CA TYR D 247 -15.20 -4.65 -14.44
C TYR D 247 -16.17 -5.84 -14.42
N PRO D 248 -15.71 -7.03 -14.86
CA PRO D 248 -16.61 -8.18 -14.84
C PRO D 248 -16.85 -8.64 -13.40
N MET D 249 -18.08 -9.06 -13.07
CA MET D 249 -18.39 -9.53 -11.73
C MET D 249 -19.24 -10.81 -11.75
N GLY D 250 -18.99 -11.68 -10.77
CA GLY D 250 -19.70 -12.94 -10.69
C GLY D 250 -21.14 -12.86 -10.20
N ARG D 251 -21.77 -14.02 -10.07
CA ARG D 251 -23.14 -14.12 -9.63
C ARG D 251 -23.34 -13.68 -8.17
N GLY D 252 -24.51 -13.12 -7.88
CA GLY D 252 -24.83 -12.67 -6.54
C GLY D 252 -24.07 -11.46 -6.03
N THR D 253 -23.54 -10.66 -6.94
CA THR D 253 -22.80 -9.48 -6.54
C THR D 253 -23.74 -8.40 -6.01
N PRO D 254 -23.59 -8.04 -4.73
CA PRO D 254 -24.41 -7.01 -4.08
C PRO D 254 -23.87 -5.63 -4.43
N TYR D 255 -24.66 -4.58 -4.18
CA TYR D 255 -24.22 -3.22 -4.50
C TYR D 255 -22.91 -2.88 -3.79
N SER D 256 -22.64 -3.56 -2.68
CA SER D 256 -21.41 -3.29 -1.93
C SER D 256 -20.20 -3.60 -2.80
N VAL D 257 -20.31 -4.62 -3.63
CA VAL D 257 -19.19 -4.96 -4.49
C VAL D 257 -19.29 -4.15 -5.78
N TRP D 258 -20.50 -4.06 -6.31
CA TRP D 258 -20.77 -3.33 -7.53
C TRP D 258 -20.38 -1.85 -7.40
N GLY D 259 -20.73 -1.25 -6.26
CA GLY D 259 -20.42 0.15 -6.02
C GLY D 259 -18.94 0.43 -6.05
N GLU D 260 -18.13 -0.51 -5.60
CA GLU D 260 -16.69 -0.29 -5.63
C GLU D 260 -16.21 -0.19 -7.06
N ALA D 261 -16.64 -1.12 -7.90
CA ALA D 261 -16.26 -1.08 -9.31
C ALA D 261 -16.71 0.26 -9.89
N LEU D 262 -17.90 0.72 -9.51
CA LEU D 262 -18.41 2.00 -10.01
C LEU D 262 -17.50 3.12 -9.53
N THR D 263 -17.07 3.03 -8.28
CA THR D 263 -16.17 4.03 -7.73
C THR D 263 -14.89 4.05 -8.53
N ASP D 264 -14.29 2.88 -8.74
CA ASP D 264 -13.04 2.82 -9.46
C ASP D 264 -13.17 3.31 -10.90
N SER D 265 -14.23 2.91 -11.59
CA SER D 265 -14.44 3.33 -12.98
C SER D 265 -14.57 4.86 -13.04
N LEU D 266 -15.26 5.46 -12.07
CA LEU D 266 -15.40 6.92 -12.08
C LEU D 266 -14.06 7.58 -11.85
N LYS D 267 -13.22 6.96 -11.02
CA LYS D 267 -11.90 7.51 -10.73
C LYS D 267 -11.09 7.50 -12.03
N ARG D 268 -11.20 6.42 -12.79
CA ARG D 268 -10.47 6.31 -14.06
C ARG D 268 -10.98 7.34 -15.06
N ILE D 269 -12.30 7.54 -15.07
CA ILE D 269 -12.92 8.49 -15.96
C ILE D 269 -12.43 9.90 -15.66
N ALA D 270 -12.38 10.22 -14.36
CA ALA D 270 -11.92 11.52 -13.94
C ALA D 270 -10.45 11.71 -14.35
N ALA D 271 -9.62 10.70 -14.13
CA ALA D 271 -8.21 10.79 -14.50
C ALA D 271 -8.05 10.99 -16.01
N PHE D 272 -8.94 10.38 -16.78
CA PHE D 272 -8.93 10.48 -18.23
C PHE D 272 -9.21 11.90 -18.67
N GLY D 273 -9.87 12.65 -17.79
CA GLY D 273 -10.20 14.02 -18.09
C GLY D 273 -11.43 14.19 -18.97
N ALA D 274 -12.47 13.40 -18.71
CA ALA D 274 -13.68 13.47 -19.50
C ALA D 274 -14.44 14.76 -19.22
N GLU D 275 -14.97 15.38 -20.27
CA GLU D 275 -15.71 16.62 -20.15
C GLU D 275 -17.19 16.33 -19.89
N ALA D 276 -17.60 15.11 -20.18
CA ALA D 276 -18.97 14.71 -19.94
C ALA D 276 -18.94 13.20 -19.86
N ILE D 277 -20.05 12.61 -19.47
CA ILE D 277 -20.13 11.18 -19.37
C ILE D 277 -21.47 10.71 -19.91
N VAL D 278 -21.41 9.87 -20.93
CA VAL D 278 -22.61 9.28 -21.53
C VAL D 278 -22.81 8.01 -20.72
N VAL D 279 -23.95 7.89 -20.08
CA VAL D 279 -24.28 6.74 -19.24
C VAL D 279 -25.20 5.77 -19.96
N SER D 280 -24.70 4.57 -20.23
CA SER D 280 -25.50 3.54 -20.89
C SER D 280 -26.23 2.88 -19.73
N LEU D 281 -27.49 3.26 -19.54
CA LEU D 281 -28.26 2.71 -18.43
C LEU D 281 -29.07 1.47 -18.75
N GLY D 282 -28.68 0.37 -18.13
CA GLY D 282 -29.38 -0.88 -18.27
C GLY D 282 -29.77 -1.23 -16.85
N VAL D 283 -31.07 -1.33 -16.55
CA VAL D 283 -31.48 -1.65 -15.18
C VAL D 283 -31.69 -3.13 -14.98
N ASP D 284 -31.10 -3.93 -15.88
CA ASP D 284 -31.20 -5.37 -15.79
C ASP D 284 -30.20 -5.92 -14.79
N THR D 285 -29.79 -5.10 -13.83
CA THR D 285 -28.86 -5.56 -12.80
C THR D 285 -29.68 -5.84 -11.55
N PHE D 286 -30.98 -5.54 -11.65
CA PHE D 286 -31.97 -5.72 -10.59
C PHE D 286 -32.02 -7.17 -10.13
N GLU D 287 -32.01 -7.39 -8.82
CA GLU D 287 -32.05 -8.75 -8.30
C GLU D 287 -33.27 -9.53 -8.75
N GLN D 288 -34.35 -8.84 -9.13
CA GLN D 288 -35.56 -9.53 -9.58
C GLN D 288 -35.64 -9.64 -11.09
N ASP D 289 -34.66 -9.08 -11.78
CA ASP D 289 -34.64 -9.16 -13.23
C ASP D 289 -34.21 -10.58 -13.60
N PRO D 290 -35.02 -11.27 -14.43
CA PRO D 290 -34.77 -12.64 -14.88
C PRO D 290 -33.35 -12.96 -15.34
N ILE D 291 -33.06 -12.64 -16.60
CA ILE D 291 -31.74 -12.91 -17.16
C ILE D 291 -30.65 -12.01 -16.60
N SER D 292 -30.31 -12.23 -15.34
CA SER D 292 -29.27 -11.47 -14.67
C SER D 292 -28.98 -12.00 -13.25
N PHE D 293 -27.70 -12.08 -12.91
CA PHE D 293 -27.30 -12.62 -11.62
C PHE D 293 -26.69 -11.64 -10.63
N PHE D 294 -27.10 -10.39 -10.68
CA PHE D 294 -26.59 -9.41 -9.73
C PHE D 294 -27.69 -9.19 -8.68
N LYS D 295 -27.30 -8.73 -7.50
CA LYS D 295 -28.27 -8.52 -6.45
C LYS D 295 -28.47 -7.05 -6.07
N LEU D 296 -28.89 -6.23 -7.02
CA LEU D 296 -29.16 -4.81 -6.77
C LEU D 296 -30.63 -4.59 -6.44
N THR D 297 -30.90 -3.64 -5.54
CA THR D 297 -32.27 -3.35 -5.14
C THR D 297 -32.69 -1.98 -5.68
N SER D 298 -33.99 -1.72 -5.74
CA SER D 298 -34.47 -0.45 -6.27
C SER D 298 -33.76 0.76 -5.67
N PRO D 299 -33.67 0.84 -4.33
CA PRO D 299 -33.00 1.99 -3.70
C PRO D 299 -31.59 2.22 -4.23
N ASP D 300 -30.87 1.13 -4.51
CA ASP D 300 -29.49 1.23 -5.00
C ASP D 300 -29.35 2.07 -6.28
N TYR D 301 -30.42 2.13 -7.07
CA TYR D 301 -30.37 2.91 -8.30
C TYR D 301 -30.28 4.40 -8.00
N ILE D 302 -30.91 4.83 -6.91
CA ILE D 302 -30.85 6.24 -6.52
C ILE D 302 -29.39 6.57 -6.22
N THR D 303 -28.77 5.71 -5.41
CA THR D 303 -27.37 5.84 -5.02
C THR D 303 -26.52 5.88 -6.29
N MET D 304 -26.82 5.00 -7.23
CA MET D 304 -26.07 4.94 -8.49
C MET D 304 -26.05 6.33 -9.14
N GLY D 305 -27.24 6.85 -9.42
CA GLY D 305 -27.36 8.18 -10.02
C GLY D 305 -26.54 9.22 -9.29
N ARG D 306 -26.66 9.27 -7.96
CA ARG D 306 -25.91 10.21 -7.15
C ARG D 306 -24.42 10.09 -7.42
N THR D 307 -23.87 8.94 -7.11
CA THR D 307 -22.45 8.70 -7.30
C THR D 307 -21.96 9.15 -8.66
N ILE D 308 -22.67 8.75 -9.70
CA ILE D 308 -22.28 9.12 -11.06
C ILE D 308 -22.39 10.62 -11.29
N ALA D 309 -23.36 11.26 -10.66
CA ALA D 309 -23.52 12.71 -10.82
C ALA D 309 -22.43 13.43 -10.05
N ALA D 310 -21.97 12.83 -8.96
CA ALA D 310 -20.92 13.42 -8.15
C ALA D 310 -19.64 13.61 -8.95
N SER D 311 -19.59 13.07 -10.16
CA SER D 311 -18.40 13.24 -10.99
C SER D 311 -18.21 14.74 -11.25
N GLY D 312 -19.30 15.50 -11.24
CA GLY D 312 -19.19 16.92 -11.48
C GLY D 312 -19.25 17.34 -12.94
N VAL D 313 -19.40 16.36 -13.84
CA VAL D 313 -19.48 16.68 -15.26
C VAL D 313 -20.89 16.39 -15.76
N PRO D 314 -21.32 17.09 -16.82
CA PRO D 314 -22.66 16.89 -17.37
C PRO D 314 -22.89 15.40 -17.72
N LEU D 315 -24.09 14.91 -17.44
CA LEU D 315 -24.43 13.51 -17.70
C LEU D 315 -25.53 13.31 -18.73
N LEU D 316 -25.31 12.40 -19.67
CA LEU D 316 -26.33 12.08 -20.66
C LEU D 316 -26.69 10.61 -20.46
N VAL D 317 -27.87 10.37 -19.90
CA VAL D 317 -28.34 9.00 -19.64
C VAL D 317 -29.02 8.46 -20.91
N VAL D 318 -28.57 7.30 -21.35
CA VAL D 318 -29.10 6.67 -22.55
C VAL D 318 -29.68 5.32 -22.17
N MET D 319 -30.93 5.08 -22.55
CA MET D 319 -31.57 3.82 -22.18
C MET D 319 -30.97 2.61 -22.92
N GLU D 320 -30.81 1.52 -22.18
CA GLU D 320 -30.27 0.28 -22.72
C GLU D 320 -31.15 -0.90 -22.30
N GLY D 321 -30.55 -1.89 -21.64
CA GLY D 321 -31.29 -3.07 -21.20
C GLY D 321 -32.21 -2.95 -19.99
N GLY D 322 -32.77 -4.10 -19.60
CA GLY D 322 -33.69 -4.17 -18.47
C GLY D 322 -35.03 -4.69 -18.96
N TYR D 323 -35.48 -5.85 -18.50
CA TYR D 323 -36.75 -6.34 -19.01
C TYR D 323 -37.63 -6.95 -17.94
N GLY D 324 -38.52 -7.82 -18.38
CA GLY D 324 -39.44 -8.54 -17.49
C GLY D 324 -40.16 -7.75 -16.43
N VAL D 325 -39.64 -7.79 -15.20
CA VAL D 325 -40.22 -7.10 -14.05
C VAL D 325 -40.80 -5.71 -14.35
N PRO D 326 -41.89 -5.34 -13.65
CA PRO D 326 -42.56 -4.05 -13.80
C PRO D 326 -41.83 -2.90 -13.10
N GLU D 327 -40.77 -3.24 -12.36
CA GLU D 327 -40.01 -2.23 -11.67
C GLU D 327 -39.01 -1.53 -12.61
N ILE D 328 -38.79 -2.05 -13.81
CA ILE D 328 -37.83 -1.41 -14.71
C ILE D 328 -38.09 0.08 -14.80
N GLY D 329 -39.35 0.49 -14.69
CA GLY D 329 -39.68 1.89 -14.76
C GLY D 329 -39.24 2.59 -13.48
N LEU D 330 -39.53 1.95 -12.34
CA LEU D 330 -39.16 2.50 -11.05
C LEU D 330 -37.64 2.64 -10.92
N ASN D 331 -36.91 1.61 -11.36
CA ASN D 331 -35.45 1.61 -11.26
C ASN D 331 -34.78 2.68 -12.14
N VAL D 332 -35.30 2.88 -13.34
CA VAL D 332 -34.78 3.89 -14.24
C VAL D 332 -35.06 5.25 -13.62
N ALA D 333 -36.30 5.43 -13.15
CA ALA D 333 -36.69 6.70 -12.54
C ALA D 333 -35.82 7.01 -11.33
N ASN D 334 -35.48 5.98 -10.57
CA ASN D 334 -34.65 6.12 -9.39
C ASN D 334 -33.25 6.59 -9.74
N VAL D 335 -32.73 6.17 -10.89
CA VAL D 335 -31.39 6.58 -11.31
C VAL D 335 -31.43 8.08 -11.62
N LEU D 336 -32.47 8.51 -12.31
CA LEU D 336 -32.66 9.91 -12.68
C LEU D 336 -32.84 10.79 -11.43
N LYS D 337 -33.59 10.30 -10.43
CA LYS D 337 -33.79 11.06 -9.21
C LYS D 337 -32.46 11.21 -8.47
N GLY D 338 -31.66 10.16 -8.49
CA GLY D 338 -30.37 10.22 -7.83
C GLY D 338 -29.49 11.24 -8.52
N VAL D 339 -29.50 11.20 -9.85
CA VAL D 339 -28.72 12.14 -10.67
C VAL D 339 -29.21 13.56 -10.45
N ALA D 340 -30.53 13.71 -10.36
CA ALA D 340 -31.14 15.01 -10.15
C ALA D 340 -30.79 15.61 -8.78
N GLY D 341 -30.42 14.73 -7.84
CA GLY D 341 -30.06 15.22 -6.52
C GLY D 341 -31.23 15.83 -5.77
N MET E 1 36.83 17.47 -13.24
CA MET E 1 36.01 16.86 -14.33
C MET E 1 36.48 17.41 -15.66
N ARG E 2 36.88 16.53 -16.57
CA ARG E 2 37.37 16.97 -17.87
C ARG E 2 36.22 17.30 -18.82
N VAL E 3 36.44 18.28 -19.69
CA VAL E 3 35.45 18.72 -20.67
C VAL E 3 35.94 18.41 -22.09
N ILE E 4 35.19 17.57 -22.82
CA ILE E 4 35.57 17.23 -24.18
C ILE E 4 34.81 18.15 -25.12
N PHE E 5 35.53 18.90 -25.95
CA PHE E 5 34.91 19.84 -26.89
C PHE E 5 35.63 19.89 -28.24
N SER E 6 34.85 20.00 -29.31
CA SER E 6 35.41 20.09 -30.64
C SER E 6 34.95 21.35 -31.36
N GLU E 7 35.93 22.12 -31.81
CA GLU E 7 35.70 23.36 -32.53
C GLU E 7 34.98 23.09 -33.86
N ASP E 8 35.08 21.86 -34.37
CA ASP E 8 34.45 21.54 -35.64
C ASP E 8 32.93 21.56 -35.60
N HIS E 9 32.38 21.83 -34.43
CA HIS E 9 30.93 21.88 -34.30
C HIS E 9 30.42 23.01 -35.18
N LYS E 10 31.21 24.08 -35.32
CA LYS E 10 30.77 25.21 -36.14
C LYS E 10 30.61 24.83 -37.61
N LEU E 11 31.06 23.63 -37.98
CA LEU E 11 30.93 23.14 -39.36
C LEU E 11 29.46 22.93 -39.68
N ARG E 12 28.65 22.77 -38.64
CA ARG E 12 27.21 22.60 -38.78
C ARG E 12 26.63 23.97 -38.47
N ASN E 13 26.18 24.66 -39.51
CA ASN E 13 25.64 25.99 -39.34
C ASN E 13 24.50 26.27 -40.33
N ALA E 14 23.47 25.45 -40.27
CA ALA E 14 22.31 25.57 -41.14
C ALA E 14 21.79 26.99 -41.16
N LYS E 15 21.14 27.34 -42.27
CA LYS E 15 20.60 28.68 -42.42
C LYS E 15 19.09 28.72 -42.26
N THR E 16 18.46 27.57 -42.45
CA THR E 16 17.02 27.52 -42.34
C THR E 16 16.52 26.38 -41.48
N GLU E 17 15.34 26.60 -40.89
CA GLU E 17 14.69 25.60 -40.06
C GLU E 17 13.21 25.82 -40.25
N LEU E 18 12.50 24.79 -40.67
CA LEU E 18 11.08 24.94 -40.86
C LEU E 18 10.44 25.08 -39.48
N TYR E 19 9.89 26.27 -39.20
CA TYR E 19 9.26 26.58 -37.92
C TYR E 19 8.05 27.49 -38.13
N GLY E 20 6.89 27.07 -37.64
CA GLY E 20 5.70 27.87 -37.79
C GLY E 20 5.39 28.17 -39.25
N GLY E 21 5.78 27.26 -40.13
CA GLY E 21 5.50 27.42 -41.56
C GLY E 21 6.44 28.35 -42.30
N GLU E 22 7.55 28.68 -41.67
CA GLU E 22 8.54 29.58 -42.27
C GLU E 22 9.95 29.06 -42.04
N LEU E 23 10.84 29.38 -42.98
CA LEU E 23 12.23 28.97 -42.87
C LEU E 23 12.95 30.05 -42.08
N VAL E 24 13.11 29.81 -40.78
CA VAL E 24 13.74 30.79 -39.89
C VAL E 24 15.16 30.41 -39.45
N PRO E 25 15.90 31.38 -38.89
CA PRO E 25 17.25 31.05 -38.44
C PRO E 25 17.17 29.94 -37.40
N PRO E 26 17.78 28.78 -37.71
CA PRO E 26 17.80 27.60 -36.82
C PRO E 26 18.08 27.91 -35.36
N PHE E 27 17.34 27.26 -34.47
CA PHE E 27 17.50 27.42 -33.03
C PHE E 27 18.79 26.78 -32.53
N GLU E 28 19.18 25.68 -33.15
CA GLU E 28 20.39 24.98 -32.75
C GLU E 28 21.55 25.61 -33.54
N ALA E 29 21.98 26.76 -33.07
CA ALA E 29 23.06 27.53 -33.70
C ALA E 29 24.36 27.45 -32.93
N PRO E 30 25.49 27.72 -33.60
CA PRO E 30 26.84 27.70 -33.05
C PRO E 30 27.04 28.48 -31.76
N PHE E 31 26.32 29.59 -31.61
CA PHE E 31 26.47 30.41 -30.42
C PHE E 31 26.21 29.63 -29.12
N ARG E 32 25.37 28.62 -29.19
CA ARG E 32 25.05 27.79 -28.03
C ARG E 32 26.31 27.20 -27.43
N ALA E 33 27.10 26.56 -28.28
CA ALA E 33 28.33 25.92 -27.86
C ALA E 33 29.30 26.90 -27.19
N GLU E 34 29.33 28.13 -27.69
CA GLU E 34 30.23 29.14 -27.12
C GLU E 34 29.74 29.57 -25.75
N TRP E 35 28.48 30.01 -25.70
CA TRP E 35 27.87 30.44 -24.45
C TRP E 35 28.05 29.38 -23.36
N ILE E 36 27.76 28.13 -23.68
CA ILE E 36 27.88 27.02 -22.74
C ILE E 36 29.33 26.74 -22.36
N LEU E 37 30.22 26.76 -23.34
CA LEU E 37 31.64 26.49 -23.09
C LEU E 37 32.27 27.50 -22.16
N ALA E 38 32.08 28.77 -22.48
CA ALA E 38 32.64 29.86 -21.66
C ALA E 38 32.05 29.81 -20.25
N ALA E 39 30.86 29.22 -20.12
CA ALA E 39 30.21 29.13 -18.83
C ALA E 39 30.80 28.05 -17.92
N VAL E 40 31.11 26.88 -18.47
CA VAL E 40 31.68 25.80 -17.65
C VAL E 40 33.09 26.19 -17.25
N LYS E 41 33.81 26.85 -18.15
CA LYS E 41 35.17 27.28 -17.86
C LYS E 41 35.04 28.26 -16.71
N GLU E 42 34.05 29.14 -16.81
CA GLU E 42 33.75 30.14 -15.80
C GLU E 42 33.50 29.46 -14.45
N ALA E 43 32.82 28.31 -14.48
CA ALA E 43 32.51 27.59 -13.26
C ALA E 43 33.71 26.79 -12.73
N GLY E 44 34.84 26.91 -13.40
CA GLY E 44 36.03 26.20 -12.94
C GLY E 44 36.42 25.00 -13.78
N PHE E 45 35.49 24.53 -14.62
CA PHE E 45 35.74 23.38 -15.49
C PHE E 45 36.48 23.86 -16.73
N ASP E 46 37.75 24.22 -16.55
CA ASP E 46 38.61 24.72 -17.62
C ASP E 46 39.55 23.68 -18.20
N ASP E 47 39.29 22.42 -17.91
CA ASP E 47 40.14 21.36 -18.43
C ASP E 47 39.51 20.85 -19.73
N VAL E 48 39.52 21.70 -20.74
CA VAL E 48 38.94 21.38 -22.04
C VAL E 48 39.99 20.78 -22.98
N VAL E 49 39.66 19.65 -23.57
CA VAL E 49 40.55 18.97 -24.51
C VAL E 49 39.76 18.57 -25.73
N ALA E 50 40.42 18.57 -26.89
CA ALA E 50 39.77 18.21 -28.13
C ALA E 50 39.68 16.70 -28.31
N PRO E 51 38.59 16.22 -28.90
CA PRO E 51 38.45 14.78 -29.10
C PRO E 51 39.44 14.21 -30.12
N ALA E 52 39.74 12.94 -29.97
CA ALA E 52 40.66 12.24 -30.86
C ALA E 52 39.89 11.72 -32.06
N ARG E 53 40.60 11.11 -33.00
CA ARG E 53 39.96 10.55 -34.19
C ARG E 53 39.34 9.21 -33.85
N HIS E 54 38.20 8.92 -34.46
CA HIS E 54 37.52 7.64 -34.24
C HIS E 54 36.84 7.17 -35.50
N GLY E 55 36.81 5.86 -35.67
CA GLY E 55 36.18 5.27 -36.84
C GLY E 55 34.69 5.11 -36.68
N LEU E 56 34.07 4.33 -37.57
CA LEU E 56 32.63 4.12 -37.52
C LEU E 56 32.27 2.82 -36.83
N GLU E 57 33.27 2.15 -36.27
CA GLU E 57 33.03 0.88 -35.61
C GLU E 57 32.02 0.92 -34.48
N THR E 58 32.12 1.94 -33.63
CA THR E 58 31.21 2.06 -32.51
C THR E 58 29.80 2.48 -32.93
N VAL E 59 29.72 3.56 -33.68
CA VAL E 59 28.42 4.08 -34.14
C VAL E 59 27.67 3.07 -35.00
N LEU E 60 28.40 2.23 -35.71
CA LEU E 60 27.77 1.22 -36.55
C LEU E 60 27.09 0.12 -35.73
N LYS E 61 27.29 0.13 -34.42
CA LYS E 61 26.67 -0.87 -33.54
C LYS E 61 25.34 -0.35 -32.99
N VAL E 62 25.07 0.95 -33.21
CA VAL E 62 23.84 1.56 -32.75
C VAL E 62 23.05 2.22 -33.90
N HIS E 63 23.73 2.58 -34.99
CA HIS E 63 23.05 3.18 -36.14
C HIS E 63 23.14 2.29 -37.39
N ASP E 64 22.06 2.27 -38.17
CA ASP E 64 21.97 1.51 -39.41
C ASP E 64 23.03 2.05 -40.36
N ALA E 65 23.78 1.16 -41.01
CA ALA E 65 24.84 1.58 -41.95
C ALA E 65 24.31 2.32 -43.17
N GLY E 66 23.11 1.96 -43.62
CA GLY E 66 22.53 2.63 -44.77
C GLY E 66 22.34 4.09 -44.43
N TYR E 67 21.74 4.32 -43.27
CA TYR E 67 21.47 5.66 -42.75
C TYR E 67 22.75 6.48 -42.70
N LEU E 68 23.80 5.92 -42.07
CA LEU E 68 25.08 6.62 -41.95
C LEU E 68 25.66 6.89 -43.34
N ASN E 69 25.63 5.87 -44.19
CA ASN E 69 26.12 6.00 -45.55
C ASN E 69 25.42 7.21 -46.15
N PHE E 70 24.11 7.27 -45.95
CA PHE E 70 23.29 8.37 -46.46
C PHE E 70 23.75 9.74 -45.96
N LEU E 71 23.79 9.92 -44.64
CA LEU E 71 24.20 11.19 -44.05
C LEU E 71 25.50 11.74 -44.63
N GLU E 72 26.43 10.85 -44.94
CA GLU E 72 27.72 11.30 -45.46
C GLU E 72 27.70 12.01 -46.81
N THR E 73 26.84 11.59 -47.72
CA THR E 73 26.81 12.22 -49.03
C THR E 73 25.51 12.94 -49.34
N ALA E 74 24.64 13.01 -48.34
CA ALA E 74 23.35 13.66 -48.48
C ALA E 74 23.46 15.02 -49.16
N TRP E 75 24.25 15.92 -48.59
CA TRP E 75 24.39 17.25 -49.16
C TRP E 75 24.90 17.28 -50.59
N ASP E 76 26.02 16.61 -50.88
CA ASP E 76 26.54 16.59 -52.24
C ASP E 76 25.48 16.16 -53.24
N ARG E 77 24.65 15.20 -52.87
CA ARG E 77 23.60 14.71 -53.76
C ARG E 77 22.49 15.73 -53.95
N TRP E 78 22.09 16.37 -52.85
CA TRP E 78 21.03 17.36 -52.86
C TRP E 78 21.40 18.50 -53.83
N LYS E 79 22.61 19.01 -53.70
CA LYS E 79 23.08 20.09 -54.56
C LYS E 79 23.19 19.60 -56.01
N ALA E 80 23.69 18.39 -56.21
CA ALA E 80 23.83 17.79 -57.54
C ALA E 80 22.49 17.67 -58.28
N ALA E 81 21.40 17.67 -57.53
CA ALA E 81 20.07 17.56 -58.12
C ALA E 81 19.52 18.94 -58.50
N GLY E 82 20.27 19.98 -58.18
CA GLY E 82 19.87 21.34 -58.53
C GLY E 82 18.95 22.10 -57.59
N TYR E 83 18.75 21.62 -56.36
CA TYR E 83 17.89 22.33 -55.42
C TYR E 83 18.59 23.55 -54.86
N LYS E 84 17.85 24.66 -54.79
CA LYS E 84 18.42 25.91 -54.29
C LYS E 84 18.52 26.08 -52.78
N GLY E 85 17.60 25.49 -52.03
CA GLY E 85 17.65 25.62 -50.57
C GLY E 85 18.47 24.51 -49.93
N GLU E 86 18.35 24.38 -48.60
CA GLU E 86 19.08 23.33 -47.89
C GLU E 86 18.28 22.03 -48.02
N ALA E 87 18.89 20.92 -47.62
CA ALA E 87 18.25 19.61 -47.72
C ALA E 87 17.14 19.40 -46.69
N ILE E 88 15.90 19.42 -47.17
CA ILE E 88 14.74 19.22 -46.29
C ILE E 88 13.77 18.19 -46.88
N ALA E 89 13.39 17.20 -46.09
CA ALA E 89 12.48 16.14 -46.53
C ALA E 89 11.04 16.60 -46.68
N THR E 90 10.43 16.25 -47.79
CA THR E 90 9.05 16.63 -48.03
C THR E 90 8.10 15.45 -47.89
N SER E 91 8.49 14.30 -48.42
CA SER E 91 7.65 13.11 -48.36
C SER E 91 8.15 12.16 -47.27
N PHE E 92 7.23 11.48 -46.56
CA PHE E 92 7.62 10.57 -45.48
C PHE E 92 6.92 9.21 -45.44
N PRO E 93 7.63 8.16 -44.99
CA PRO E 93 7.02 6.83 -44.91
C PRO E 93 6.12 6.76 -43.67
N VAL E 94 4.91 7.30 -43.80
CA VAL E 94 3.97 7.33 -42.69
C VAL E 94 3.12 6.06 -42.61
N ARG E 95 1.93 6.14 -42.03
CA ARG E 95 1.08 4.95 -41.91
C ARG E 95 0.83 4.21 -43.21
N ARG E 96 0.72 2.90 -43.08
CA ARG E 96 0.44 2.00 -44.20
C ARG E 96 1.20 2.31 -45.50
N THR E 97 2.52 2.45 -45.39
CA THR E 97 3.40 2.71 -46.54
C THR E 97 4.39 1.58 -46.74
N SER E 98 4.90 1.45 -47.96
CA SER E 98 5.87 0.41 -48.31
C SER E 98 7.12 0.47 -47.45
N PRO E 99 7.76 -0.68 -47.20
CA PRO E 99 8.98 -0.71 -46.39
C PRO E 99 10.22 -0.46 -47.25
N ARG E 100 10.04 -0.45 -48.58
CA ARG E 100 11.14 -0.25 -49.50
C ARG E 100 11.88 1.08 -49.38
N ILE E 101 13.17 1.05 -49.69
CA ILE E 101 14.00 2.24 -49.62
C ILE E 101 14.16 2.87 -51.00
N PRO E 102 13.71 4.12 -51.16
CA PRO E 102 13.82 4.82 -52.45
C PRO E 102 15.28 4.89 -52.89
N THR E 103 15.48 5.28 -54.15
CA THR E 103 16.83 5.39 -54.67
C THR E 103 17.22 6.85 -54.91
N ASP E 104 16.30 7.68 -55.38
CA ASP E 104 16.63 9.08 -55.62
C ASP E 104 16.85 9.83 -54.29
N ILE E 105 17.54 10.97 -54.36
CA ILE E 105 17.85 11.75 -53.16
C ILE E 105 16.61 12.25 -52.43
N GLU E 106 15.62 12.73 -53.18
CA GLU E 106 14.39 13.24 -52.60
C GLU E 106 13.66 12.17 -51.80
N GLY E 107 13.72 10.93 -52.27
CA GLY E 107 13.04 9.85 -51.55
C GLY E 107 13.84 9.34 -50.36
N GLN E 108 15.16 9.34 -50.47
CA GLN E 108 15.96 8.84 -49.37
C GLN E 108 15.96 9.78 -48.20
N ILE E 109 16.11 11.08 -48.46
CA ILE E 109 16.11 12.05 -47.38
C ILE E 109 14.83 11.90 -46.55
N GLY E 110 13.71 11.64 -47.22
CA GLY E 110 12.46 11.46 -46.50
C GLY E 110 12.51 10.14 -45.76
N TYR E 111 12.97 9.12 -46.45
CA TYR E 111 13.08 7.78 -45.88
C TYR E 111 13.88 7.79 -44.59
N TYR E 112 14.95 8.58 -44.54
CA TYR E 112 15.81 8.65 -43.37
C TYR E 112 15.55 9.84 -42.43
N CYS E 113 14.35 10.39 -42.48
CA CYS E 113 14.04 11.54 -41.64
C CYS E 113 12.72 11.38 -40.87
N ASN E 114 12.72 11.83 -39.61
CA ASN E 114 11.52 11.76 -38.77
C ASN E 114 10.88 13.12 -38.54
N ALA E 115 11.53 14.17 -39.05
CA ALA E 115 11.01 15.52 -38.87
C ALA E 115 11.60 16.48 -39.89
N ALA E 116 10.72 17.25 -40.54
CA ALA E 116 11.12 18.22 -41.55
C ALA E 116 11.61 19.53 -40.96
N GLU E 117 11.63 19.61 -39.63
CA GLU E 117 12.08 20.84 -38.96
C GLU E 117 13.59 20.87 -38.80
N THR E 118 14.27 20.02 -39.55
CA THR E 118 15.72 19.95 -39.50
C THR E 118 16.23 19.76 -40.92
N ALA E 119 17.17 20.62 -41.32
CA ALA E 119 17.74 20.58 -42.67
C ALA E 119 19.20 20.17 -42.70
N ILE E 120 19.56 19.41 -43.72
CA ILE E 120 20.93 19.00 -43.89
C ILE E 120 21.61 20.12 -44.67
N SER E 121 22.64 20.70 -44.06
CA SER E 121 23.40 21.81 -44.65
C SER E 121 24.85 21.38 -44.88
N PRO E 122 25.62 22.17 -45.63
CA PRO E 122 27.02 21.89 -45.93
C PRO E 122 27.85 21.71 -44.65
N GLY E 123 28.55 20.58 -44.54
CA GLY E 123 29.39 20.35 -43.37
C GLY E 123 28.71 19.69 -42.18
N THR E 124 27.42 19.42 -42.30
CA THR E 124 26.67 18.77 -41.24
C THR E 124 27.33 17.43 -40.85
N TRP E 125 27.68 16.63 -41.84
CA TRP E 125 28.32 15.34 -41.61
C TRP E 125 29.58 15.50 -40.75
N GLU E 126 30.56 16.25 -41.25
CA GLU E 126 31.82 16.47 -40.54
C GLU E 126 31.55 16.92 -39.10
N ALA E 127 30.65 17.88 -38.96
CA ALA E 127 30.31 18.41 -37.65
C ALA E 127 29.82 17.29 -36.74
N ALA E 128 28.93 16.43 -37.24
CA ALA E 128 28.40 15.34 -36.43
C ALA E 128 29.48 14.34 -36.01
N LEU E 129 30.37 13.97 -36.92
CA LEU E 129 31.42 13.01 -36.55
C LEU E 129 32.25 13.55 -35.38
N SER E 130 32.52 14.86 -35.40
CA SER E 130 33.30 15.50 -34.35
C SER E 130 32.54 15.50 -33.02
N SER E 131 31.24 15.73 -33.10
CA SER E 131 30.41 15.72 -31.89
C SER E 131 30.45 14.30 -31.33
N MET E 132 30.28 13.32 -32.20
CA MET E 132 30.33 11.91 -31.79
C MET E 132 31.68 11.59 -31.16
N ALA E 133 32.75 12.08 -31.79
CA ALA E 133 34.10 11.86 -31.29
C ALA E 133 34.21 12.37 -29.86
N SER E 134 33.64 13.55 -29.59
CA SER E 134 33.69 14.11 -28.23
C SER E 134 32.97 13.17 -27.28
N ALA E 135 31.83 12.63 -27.71
CA ALA E 135 31.06 11.71 -26.88
C ALA E 135 31.86 10.45 -26.58
N ILE E 136 32.47 9.88 -27.60
CA ILE E 136 33.26 8.67 -27.43
C ILE E 136 34.41 8.89 -26.45
N ASP E 137 35.08 10.03 -26.53
CA ASP E 137 36.20 10.37 -25.64
C ASP E 137 35.73 10.50 -24.19
N GLY E 138 34.57 11.12 -24.00
CA GLY E 138 34.05 11.27 -22.65
C GLY E 138 33.81 9.91 -22.03
N ALA E 139 33.29 8.97 -22.83
CA ALA E 139 33.01 7.63 -22.33
C ALA E 139 34.31 6.90 -21.98
N ASP E 140 35.34 7.09 -22.80
CA ASP E 140 36.64 6.47 -22.54
C ASP E 140 37.17 6.95 -21.19
N LEU E 141 36.97 8.23 -20.86
CA LEU E 141 37.44 8.75 -19.59
C LEU E 141 36.77 8.00 -18.46
N ILE E 142 35.46 7.84 -18.57
CA ILE E 142 34.68 7.14 -17.56
C ILE E 142 35.20 5.71 -17.42
N ALA E 143 35.50 5.08 -18.56
CA ALA E 143 36.00 3.73 -18.57
C ALA E 143 37.37 3.67 -17.90
N ALA E 144 38.13 4.75 -18.02
CA ALA E 144 39.45 4.80 -17.41
C ALA E 144 39.35 4.94 -15.89
N GLY E 145 38.13 5.07 -15.37
CA GLY E 145 37.98 5.19 -13.94
C GLY E 145 37.55 6.54 -13.40
N HIS E 146 37.25 7.49 -14.29
CA HIS E 146 36.83 8.82 -13.83
C HIS E 146 35.39 8.80 -13.33
N LYS E 147 35.14 9.53 -12.25
CA LYS E 147 33.82 9.64 -11.64
C LYS E 147 32.85 10.37 -12.56
N ALA E 148 33.32 11.45 -13.20
CA ALA E 148 32.47 12.21 -14.10
C ALA E 148 33.27 12.86 -15.24
N ALA E 149 32.56 13.22 -16.29
CA ALA E 149 33.16 13.87 -17.45
C ALA E 149 32.08 14.57 -18.25
N PHE E 150 32.45 15.64 -18.95
CA PHE E 150 31.48 16.39 -19.74
C PHE E 150 31.85 16.46 -21.20
N SER E 151 30.94 15.97 -22.05
CA SER E 151 31.16 16.03 -23.47
C SER E 151 30.28 17.15 -24.03
N LEU E 152 30.90 18.29 -24.34
CA LEU E 152 30.15 19.43 -24.90
C LEU E 152 29.87 19.08 -26.35
N CYS E 153 28.86 18.23 -26.57
CA CYS E 153 28.45 17.79 -27.90
C CYS E 153 27.59 18.79 -28.65
N ARG E 154 27.84 18.85 -29.95
CA ARG E 154 27.07 19.69 -30.85
C ARG E 154 27.45 19.32 -32.27
N PRO E 155 26.46 19.07 -33.13
CA PRO E 155 25.03 19.13 -32.79
C PRO E 155 24.61 18.04 -31.80
N PRO E 156 23.41 18.17 -31.20
CA PRO E 156 22.91 17.18 -30.24
C PRO E 156 22.58 15.91 -31.01
N GLY E 157 22.12 14.87 -30.30
CA GLY E 157 21.80 13.63 -31.00
C GLY E 157 20.74 12.71 -30.42
N HIS E 158 20.12 13.08 -29.30
CA HIS E 158 19.13 12.20 -28.71
C HIS E 158 17.87 11.97 -29.57
N ALA E 159 17.70 12.77 -30.62
CA ALA E 159 16.54 12.65 -31.49
C ALA E 159 16.84 11.76 -32.71
N ALA E 160 18.13 11.47 -32.91
CA ALA E 160 18.54 10.62 -34.02
C ALA E 160 18.29 9.16 -33.69
N GLY E 161 17.43 8.53 -34.49
CA GLY E 161 17.10 7.15 -34.27
C GLY E 161 18.03 6.20 -35.01
N ILE E 162 17.68 4.93 -35.00
CA ILE E 162 18.49 3.91 -35.65
C ILE E 162 18.79 4.26 -37.09
N ASP E 163 17.77 4.66 -37.83
CA ASP E 163 17.95 4.99 -39.25
C ASP E 163 17.15 6.23 -39.64
N MET E 164 17.31 7.31 -38.89
CA MET E 164 16.60 8.55 -39.17
C MET E 164 17.16 9.75 -38.42
N PHE E 165 17.18 10.92 -39.06
CA PHE E 165 17.66 12.14 -38.45
C PHE E 165 16.44 13.04 -38.23
N GLY E 166 16.59 14.03 -37.34
CA GLY E 166 15.52 14.95 -37.04
C GLY E 166 15.81 15.68 -35.74
N GLY E 167 14.91 16.59 -35.35
CA GLY E 167 15.09 17.33 -34.11
C GLY E 167 16.49 17.84 -33.88
N TYR E 168 17.10 18.37 -34.94
CA TYR E 168 18.47 18.91 -34.90
C TYR E 168 19.53 17.83 -34.68
N CYS E 169 19.12 16.56 -34.72
CA CYS E 169 20.06 15.46 -34.49
C CYS E 169 20.39 14.60 -35.72
N PHE E 170 21.62 14.08 -35.79
CA PHE E 170 22.06 13.27 -36.93
C PHE E 170 22.69 11.97 -36.46
N ILE E 171 23.58 12.09 -35.48
CA ILE E 171 24.24 10.92 -34.92
C ILE E 171 23.96 10.96 -33.42
N ASN E 172 23.33 9.91 -32.90
CA ASN E 172 22.99 9.86 -31.48
C ASN E 172 24.24 9.70 -30.61
N ASN E 173 24.76 10.84 -30.13
CA ASN E 173 25.96 10.87 -29.29
C ASN E 173 25.84 10.07 -28.01
N ALA E 174 24.79 10.30 -27.25
CA ALA E 174 24.59 9.58 -26.00
C ALA E 174 24.56 8.09 -26.29
N ALA E 175 23.94 7.72 -27.40
CA ALA E 175 23.84 6.32 -27.78
C ALA E 175 25.21 5.71 -28.03
N VAL E 176 26.05 6.42 -28.78
CA VAL E 176 27.39 5.95 -29.08
C VAL E 176 28.23 5.87 -27.79
N ALA E 177 28.10 6.86 -26.92
CA ALA E 177 28.84 6.85 -25.67
C ALA E 177 28.47 5.60 -24.86
N ALA E 178 27.18 5.33 -24.73
CA ALA E 178 26.75 4.16 -23.98
C ALA E 178 27.39 2.90 -24.59
N GLN E 179 27.30 2.79 -25.91
CA GLN E 179 27.86 1.64 -26.63
C GLN E 179 29.36 1.52 -26.36
N ARG E 180 30.01 2.67 -26.27
CA ARG E 180 31.44 2.71 -26.02
C ARG E 180 31.77 2.07 -24.68
N LEU E 181 30.99 2.42 -23.66
CA LEU E 181 31.19 1.87 -22.32
C LEU E 181 31.11 0.36 -22.36
N LEU E 182 30.05 -0.14 -22.99
CA LEU E 182 29.87 -1.57 -23.12
C LEU E 182 31.11 -2.16 -23.80
N ASP E 183 31.51 -1.55 -24.93
CA ASP E 183 32.70 -2.02 -25.65
C ASP E 183 33.92 -2.03 -24.74
N LYS E 184 34.04 -1.02 -23.90
CA LYS E 184 35.19 -0.93 -23.00
C LYS E 184 35.10 -1.90 -21.83
N GLY E 185 34.09 -2.75 -21.83
CA GLY E 185 34.00 -3.72 -20.75
C GLY E 185 32.73 -3.76 -19.93
N ALA E 186 31.85 -2.78 -20.06
CA ALA E 186 30.62 -2.78 -19.27
C ALA E 186 29.65 -3.84 -19.78
N LYS E 187 28.78 -4.31 -18.89
CA LYS E 187 27.79 -5.33 -19.26
C LYS E 187 26.38 -4.70 -19.24
N LYS E 188 26.24 -3.67 -18.42
CA LYS E 188 24.98 -2.96 -18.29
C LYS E 188 25.21 -1.46 -18.13
N ILE E 189 24.63 -0.67 -19.03
CA ILE E 189 24.77 0.78 -19.00
C ILE E 189 23.36 1.42 -19.10
N ALA E 190 23.18 2.56 -18.45
CA ALA E 190 21.89 3.26 -18.49
C ALA E 190 22.08 4.62 -19.13
N ILE E 191 21.00 5.20 -19.63
CA ILE E 191 21.00 6.52 -20.25
C ILE E 191 19.82 7.29 -19.69
N LEU E 192 20.12 8.37 -18.96
CA LEU E 192 19.10 9.23 -18.36
C LEU E 192 19.03 10.51 -19.20
N ASP E 193 17.88 10.71 -19.84
CA ASP E 193 17.63 11.85 -20.73
C ASP E 193 16.77 12.90 -20.03
N VAL E 194 17.41 13.96 -19.53
CA VAL E 194 16.71 15.03 -18.82
C VAL E 194 16.29 16.19 -19.72
N ASP E 195 16.73 16.15 -20.97
CA ASP E 195 16.40 17.17 -21.97
C ASP E 195 14.88 17.30 -22.00
N PHE E 196 14.38 18.51 -22.26
CA PHE E 196 12.94 18.75 -22.30
C PHE E 196 12.15 17.80 -23.20
N HIS E 197 12.68 17.54 -24.38
CA HIS E 197 12.02 16.67 -25.35
C HIS E 197 12.35 15.21 -25.07
N HIS E 198 11.47 14.32 -25.54
CA HIS E 198 11.72 12.90 -25.35
C HIS E 198 12.84 12.46 -26.28
N GLY E 199 13.82 11.71 -25.75
CA GLY E 199 14.91 11.24 -26.59
C GLY E 199 14.44 10.11 -27.50
N ASN E 200 13.51 10.42 -28.40
CA ASN E 200 12.95 9.44 -29.31
C ASN E 200 13.96 8.62 -30.09
N GLY E 201 15.11 9.22 -30.41
CA GLY E 201 16.13 8.49 -31.13
C GLY E 201 16.75 7.46 -30.22
N THR E 202 17.18 7.90 -29.05
CA THR E 202 17.81 7.01 -28.08
C THR E 202 16.89 5.84 -27.81
N GLN E 203 15.62 6.11 -27.53
CA GLN E 203 14.67 5.04 -27.25
C GLN E 203 14.64 4.03 -28.39
N ASP E 204 14.51 4.52 -29.62
CA ASP E 204 14.47 3.61 -30.77
C ASP E 204 15.68 2.69 -30.82
N ILE E 205 16.87 3.25 -30.65
CA ILE E 205 18.12 2.48 -30.69
C ILE E 205 18.22 1.35 -29.65
N PHE E 206 17.70 1.56 -28.45
CA PHE E 206 17.81 0.55 -27.42
C PHE E 206 16.51 -0.12 -27.02
N TYR E 207 15.43 0.25 -27.70
CA TYR E 207 14.14 -0.34 -27.36
C TYR E 207 14.21 -1.85 -27.25
N GLU E 208 14.90 -2.50 -28.19
CA GLU E 208 15.03 -3.97 -28.16
C GLU E 208 16.39 -4.49 -27.67
N ARG E 209 17.11 -3.66 -26.92
CA ARG E 209 18.41 -4.00 -26.35
C ARG E 209 18.22 -4.25 -24.86
N GLY E 210 18.72 -5.37 -24.36
CA GLY E 210 18.57 -5.68 -22.94
C GLY E 210 19.70 -5.20 -22.05
N ASP E 211 20.83 -4.88 -22.66
CA ASP E 211 22.01 -4.42 -21.93
C ASP E 211 22.05 -2.92 -21.64
N VAL E 212 21.04 -2.21 -22.15
CA VAL E 212 20.99 -0.76 -21.94
C VAL E 212 19.61 -0.34 -21.46
N PHE E 213 19.57 0.46 -20.40
CA PHE E 213 18.29 0.93 -19.88
C PHE E 213 18.14 2.39 -20.27
N PHE E 214 16.94 2.77 -20.68
CA PHE E 214 16.66 4.14 -21.09
C PHE E 214 15.53 4.83 -20.35
N ALA E 215 15.88 5.87 -19.60
CA ALA E 215 14.91 6.65 -18.85
C ALA E 215 14.88 8.06 -19.39
N SER E 216 13.67 8.61 -19.57
CA SER E 216 13.53 9.97 -20.07
C SER E 216 12.41 10.79 -19.40
N LEU E 217 12.75 12.02 -19.00
CA LEU E 217 11.78 12.92 -18.40
C LEU E 217 11.57 13.94 -19.52
N HIS E 218 10.32 14.21 -19.89
CA HIS E 218 10.06 15.12 -20.99
C HIS E 218 8.63 15.63 -21.02
N GLY E 219 8.37 16.58 -21.91
CA GLY E 219 7.04 17.12 -22.05
C GLY E 219 6.12 16.11 -22.71
N ASP E 220 4.92 15.97 -22.16
CA ASP E 220 3.92 15.05 -22.69
C ASP E 220 3.96 15.06 -24.22
N PRO E 221 4.32 13.93 -24.83
CA PRO E 221 4.35 13.90 -26.28
C PRO E 221 3.02 14.26 -26.94
N ALA E 222 1.94 14.21 -26.16
CA ALA E 222 0.63 14.56 -26.70
C ALA E 222 0.61 16.02 -27.13
N GLU E 223 1.37 16.87 -26.45
CA GLU E 223 1.43 18.28 -26.77
C GLU E 223 2.84 18.86 -26.87
N ALA E 224 3.81 17.99 -27.15
CA ALA E 224 5.21 18.44 -27.28
C ALA E 224 6.00 17.55 -28.24
N PHE E 225 6.89 18.20 -29.00
CA PHE E 225 7.74 17.50 -29.95
C PHE E 225 8.53 16.43 -29.18
N PRO E 226 8.78 15.25 -29.80
CA PRO E 226 8.46 14.87 -31.19
C PRO E 226 7.04 14.34 -31.44
N HIS E 227 6.17 14.36 -30.43
CA HIS E 227 4.79 13.93 -30.58
C HIS E 227 4.50 12.45 -30.81
N PHE E 228 5.46 11.69 -31.33
CA PHE E 228 5.16 10.28 -31.62
C PHE E 228 5.95 9.23 -30.86
N LEU E 229 6.31 9.54 -29.63
CA LEU E 229 7.05 8.63 -28.78
C LEU E 229 7.27 9.35 -27.45
N GLY E 230 7.24 8.63 -26.34
CA GLY E 230 7.43 9.27 -25.04
C GLY E 230 6.32 8.94 -24.07
N TYR E 231 5.34 8.17 -24.52
CA TYR E 231 4.22 7.75 -23.69
C TYR E 231 4.70 6.71 -22.68
N ALA E 232 4.13 6.77 -21.47
CA ALA E 232 4.49 5.84 -20.41
C ALA E 232 4.33 4.38 -20.84
N GLU E 233 3.34 4.13 -21.70
CA GLU E 233 3.05 2.80 -22.22
C GLU E 233 4.27 2.09 -22.78
N GLU E 234 5.12 2.83 -23.48
CA GLU E 234 6.33 2.26 -24.09
C GLU E 234 7.37 1.84 -23.02
N THR E 235 7.51 0.54 -22.79
CA THR E 235 8.45 0.06 -21.79
C THR E 235 9.54 -0.85 -22.34
N GLY E 236 9.48 -1.12 -23.64
CA GLY E 236 10.47 -2.00 -24.25
C GLY E 236 9.79 -3.02 -25.12
N LYS E 237 10.59 -3.77 -25.87
CA LYS E 237 10.06 -4.79 -26.77
C LYS E 237 11.02 -5.96 -26.94
N GLY E 238 10.45 -7.15 -27.12
CA GLY E 238 11.24 -8.35 -27.30
C GLY E 238 12.41 -8.44 -26.35
N ALA E 239 13.60 -8.60 -26.90
CA ALA E 239 14.83 -8.70 -26.12
C ALA E 239 15.08 -7.53 -25.18
N GLY E 240 14.46 -6.38 -25.44
CA GLY E 240 14.66 -5.20 -24.60
C GLY E 240 13.53 -4.87 -23.66
N ALA E 241 12.63 -5.84 -23.49
CA ALA E 241 11.47 -5.67 -22.62
C ALA E 241 11.85 -5.06 -21.28
N GLY E 242 11.03 -4.15 -20.80
CA GLY E 242 11.28 -3.51 -19.52
C GLY E 242 12.53 -2.66 -19.42
N THR E 243 13.17 -2.30 -20.53
CA THR E 243 14.38 -1.48 -20.43
C THR E 243 14.18 -0.04 -20.88
N THR E 244 12.93 0.41 -20.89
CA THR E 244 12.57 1.77 -21.28
C THR E 244 11.60 2.37 -20.26
N ALA E 245 11.94 3.53 -19.70
CA ALA E 245 11.09 4.18 -18.71
C ALA E 245 10.81 5.66 -19.02
N ASN E 246 9.63 5.93 -19.59
CA ASN E 246 9.26 7.31 -19.94
C ASN E 246 8.44 8.02 -18.87
N TYR E 247 8.78 9.28 -18.62
CA TYR E 247 8.07 10.08 -17.65
C TYR E 247 7.57 11.37 -18.27
N PRO E 248 6.52 11.28 -19.10
CA PRO E 248 5.93 12.45 -19.76
C PRO E 248 5.26 13.35 -18.72
N MET E 249 5.37 14.67 -18.87
CA MET E 249 4.76 15.62 -17.94
C MET E 249 4.13 16.83 -18.66
N GLY E 250 3.13 17.44 -18.03
CA GLY E 250 2.41 18.56 -18.63
C GLY E 250 3.04 19.94 -18.61
N ARG E 251 2.32 20.90 -19.18
CA ARG E 251 2.81 22.27 -19.23
C ARG E 251 2.98 22.86 -17.85
N GLY E 252 3.99 23.71 -17.70
CA GLY E 252 4.26 24.39 -16.44
C GLY E 252 4.73 23.50 -15.29
N THR E 253 5.16 22.28 -15.60
CA THR E 253 5.64 21.35 -14.58
C THR E 253 6.78 21.99 -13.78
N PRO E 254 6.58 22.14 -12.46
CA PRO E 254 7.60 22.73 -11.59
C PRO E 254 8.58 21.63 -11.14
N TYR E 255 9.73 22.03 -10.60
CA TYR E 255 10.70 21.03 -10.15
C TYR E 255 10.08 20.10 -9.11
N SER E 256 9.13 20.63 -8.35
CA SER E 256 8.45 19.85 -7.33
C SER E 256 8.05 18.48 -7.91
N VAL E 257 7.52 18.50 -9.13
CA VAL E 257 7.09 17.29 -9.84
C VAL E 257 8.25 16.63 -10.61
N TRP E 258 8.97 17.44 -11.38
CA TRP E 258 10.07 16.93 -12.17
C TRP E 258 11.04 16.13 -11.29
N GLY E 259 11.41 16.70 -10.14
CA GLY E 259 12.32 16.05 -9.23
C GLY E 259 11.87 14.65 -8.84
N GLU E 260 10.56 14.45 -8.72
CA GLU E 260 10.05 13.15 -8.36
C GLU E 260 10.30 12.17 -9.50
N ALA E 261 9.92 12.55 -10.71
CA ALA E 261 10.15 11.69 -11.86
C ALA E 261 11.61 11.30 -11.86
N LEU E 262 12.49 12.26 -11.60
CA LEU E 262 13.91 11.98 -11.59
C LEU E 262 14.26 10.90 -10.57
N THR E 263 13.69 11.02 -9.37
CA THR E 263 13.95 10.04 -8.33
C THR E 263 13.49 8.65 -8.74
N ASP E 264 12.33 8.57 -9.37
CA ASP E 264 11.81 7.28 -9.79
C ASP E 264 12.69 6.66 -10.86
N SER E 265 13.13 7.45 -11.83
CA SER E 265 13.98 6.90 -12.88
C SER E 265 15.30 6.39 -12.30
N LEU E 266 15.90 7.15 -11.38
CA LEU E 266 17.16 6.74 -10.77
C LEU E 266 16.93 5.49 -9.92
N LYS E 267 15.70 5.30 -9.51
CA LYS E 267 15.33 4.14 -8.71
C LYS E 267 15.26 2.92 -9.64
N ARG E 268 14.65 3.08 -10.81
CA ARG E 268 14.55 1.96 -11.75
C ARG E 268 15.94 1.63 -12.35
N ILE E 269 16.76 2.65 -12.54
CA ILE E 269 18.09 2.45 -13.11
C ILE E 269 18.96 1.61 -12.18
N ALA E 270 18.89 1.92 -10.89
CA ALA E 270 19.65 1.18 -9.89
C ALA E 270 19.24 -0.29 -9.92
N ALA E 271 17.93 -0.53 -9.93
CA ALA E 271 17.39 -1.89 -9.95
C ALA E 271 17.80 -2.61 -11.22
N PHE E 272 18.22 -1.86 -12.22
CA PHE E 272 18.65 -2.44 -13.49
C PHE E 272 20.08 -2.94 -13.37
N GLY E 273 20.86 -2.27 -12.53
CA GLY E 273 22.25 -2.66 -12.34
C GLY E 273 23.21 -1.91 -13.24
N ALA E 274 22.85 -0.67 -13.59
CA ALA E 274 23.71 0.13 -14.44
C ALA E 274 25.06 0.37 -13.78
N GLU E 275 26.11 0.12 -14.55
CA GLU E 275 27.47 0.30 -14.07
C GLU E 275 27.85 1.77 -14.22
N ALA E 276 27.14 2.44 -15.11
CA ALA E 276 27.37 3.87 -15.33
C ALA E 276 26.13 4.46 -15.99
N ILE E 277 26.06 5.77 -16.03
CA ILE E 277 24.92 6.43 -16.62
C ILE E 277 25.31 7.57 -17.54
N VAL E 278 24.84 7.48 -18.78
CA VAL E 278 25.09 8.52 -19.77
C VAL E 278 23.88 9.46 -19.65
N VAL E 279 24.14 10.67 -19.18
CA VAL E 279 23.10 11.66 -18.98
C VAL E 279 22.97 12.62 -20.15
N SER E 280 21.90 12.49 -20.92
CA SER E 280 21.65 13.38 -22.03
C SER E 280 21.16 14.68 -21.40
N LEU E 281 22.08 15.61 -21.19
CA LEU E 281 21.74 16.89 -20.57
C LEU E 281 21.17 17.90 -21.55
N GLY E 282 19.92 18.28 -21.31
CA GLY E 282 19.25 19.28 -22.11
C GLY E 282 18.83 20.28 -21.06
N VAL E 283 19.15 21.55 -21.25
CA VAL E 283 18.77 22.56 -20.26
C VAL E 283 17.56 23.35 -20.72
N ASP E 284 16.91 22.87 -21.78
CA ASP E 284 15.75 23.55 -22.29
C ASP E 284 14.52 23.31 -21.42
N THR E 285 14.74 22.72 -20.25
CA THR E 285 13.63 22.49 -19.32
C THR E 285 13.50 23.75 -18.46
N PHE E 286 14.36 24.72 -18.73
CA PHE E 286 14.43 26.01 -18.05
C PHE E 286 13.15 26.82 -18.27
N GLU E 287 12.69 27.52 -17.24
CA GLU E 287 11.47 28.31 -17.36
C GLU E 287 11.55 29.34 -18.49
N GLN E 288 12.74 29.85 -18.78
CA GLN E 288 12.91 30.85 -19.83
C GLN E 288 13.22 30.26 -21.21
N ASP E 289 13.06 28.95 -21.38
CA ASP E 289 13.36 28.36 -22.68
C ASP E 289 12.31 28.74 -23.72
N PRO E 290 12.77 29.16 -24.91
CA PRO E 290 11.89 29.57 -25.99
C PRO E 290 10.95 28.50 -26.57
N ILE E 291 11.38 27.24 -26.60
CA ILE E 291 10.53 26.21 -27.18
C ILE E 291 10.03 25.13 -26.21
N SER E 292 10.08 25.40 -24.92
CA SER E 292 9.66 24.41 -23.94
C SER E 292 8.72 25.00 -22.89
N PHE E 293 7.87 24.14 -22.33
CA PHE E 293 6.89 24.59 -21.33
C PHE E 293 7.06 24.06 -19.91
N PHE E 294 8.29 23.76 -19.51
CA PHE E 294 8.55 23.30 -18.14
C PHE E 294 9.00 24.55 -17.38
N LYS E 295 8.90 24.53 -16.06
CA LYS E 295 9.30 25.70 -15.31
C LYS E 295 10.37 25.46 -14.25
N LEU E 296 11.56 25.05 -14.66
CA LEU E 296 12.63 24.86 -13.70
C LEU E 296 13.41 26.16 -13.53
N THR E 297 14.26 26.23 -12.51
CA THR E 297 15.04 27.43 -12.26
C THR E 297 16.52 27.07 -12.19
N SER E 298 17.40 28.02 -12.44
CA SER E 298 18.82 27.77 -12.42
C SER E 298 19.28 26.92 -11.23
N PRO E 299 18.77 27.20 -10.01
CA PRO E 299 19.18 26.41 -8.84
C PRO E 299 18.83 24.93 -8.98
N ASP E 300 17.64 24.63 -9.47
CA ASP E 300 17.21 23.24 -9.65
C ASP E 300 18.22 22.40 -10.43
N TYR E 301 19.00 23.05 -11.29
CA TYR E 301 20.00 22.35 -12.09
C TYR E 301 21.18 21.86 -11.24
N ILE E 302 21.40 22.52 -10.11
CA ILE E 302 22.46 22.13 -9.20
C ILE E 302 21.95 20.86 -8.49
N THR E 303 20.69 20.93 -8.05
CA THR E 303 20.06 19.81 -7.37
C THR E 303 19.98 18.59 -8.29
N MET E 304 19.82 18.85 -9.59
CA MET E 304 19.71 17.80 -10.57
C MET E 304 21.01 17.01 -10.70
N GLY E 305 22.12 17.75 -10.77
CA GLY E 305 23.42 17.12 -10.89
C GLY E 305 23.73 16.28 -9.66
N ARG E 306 23.50 16.87 -8.49
CA ARG E 306 23.74 16.20 -7.21
C ARG E 306 22.95 14.88 -7.10
N THR E 307 21.66 14.96 -7.38
CA THR E 307 20.80 13.78 -7.30
C THR E 307 21.26 12.67 -8.21
N ILE E 308 21.60 13.01 -9.45
CA ILE E 308 22.04 12.01 -10.40
C ILE E 308 23.39 11.43 -9.99
N ALA E 309 24.30 12.29 -9.52
CA ALA E 309 25.60 11.82 -9.12
C ALA E 309 25.46 10.97 -7.87
N ALA E 310 24.44 11.26 -7.08
CA ALA E 310 24.19 10.52 -5.84
C ALA E 310 23.78 9.07 -6.08
N SER E 311 23.88 8.63 -7.33
CA SER E 311 23.53 7.25 -7.69
C SER E 311 24.67 6.34 -7.28
N GLY E 312 25.89 6.88 -7.28
CA GLY E 312 27.04 6.09 -6.91
C GLY E 312 27.73 5.44 -8.08
N VAL E 313 27.36 5.84 -9.28
CA VAL E 313 27.98 5.27 -10.45
C VAL E 313 28.50 6.40 -11.31
N PRO E 314 29.57 6.14 -12.08
CA PRO E 314 30.19 7.14 -12.97
C PRO E 314 29.18 7.82 -13.89
N LEU E 315 29.42 9.10 -14.14
CA LEU E 315 28.53 9.86 -15.01
C LEU E 315 29.25 10.47 -16.20
N LEU E 316 28.61 10.38 -17.37
CA LEU E 316 29.11 10.97 -18.60
C LEU E 316 28.01 11.93 -19.05
N VAL E 317 28.21 13.23 -18.87
CA VAL E 317 27.20 14.19 -19.28
C VAL E 317 27.38 14.52 -20.76
N VAL E 318 26.35 14.27 -21.56
CA VAL E 318 26.38 14.53 -23.00
C VAL E 318 25.41 15.66 -23.36
N MET E 319 25.94 16.76 -23.86
CA MET E 319 25.11 17.91 -24.19
C MET E 319 24.04 17.60 -25.23
N GLU E 320 22.88 18.21 -25.02
CA GLU E 320 21.73 18.04 -25.91
C GLU E 320 21.11 19.43 -26.15
N GLY E 321 19.83 19.56 -25.80
CA GLY E 321 19.11 20.80 -25.99
C GLY E 321 19.38 21.95 -25.02
N GLY E 322 18.65 23.05 -25.23
CA GLY E 322 18.79 24.25 -24.42
C GLY E 322 18.97 25.38 -25.43
N TYR E 323 18.01 26.31 -25.48
CA TYR E 323 18.07 27.41 -26.45
C TYR E 323 17.76 28.79 -25.87
N GLY E 324 17.69 29.77 -26.77
CA GLY E 324 17.37 31.13 -26.40
C GLY E 324 18.27 31.86 -25.41
N VAL E 325 17.72 32.14 -24.23
CA VAL E 325 18.43 32.86 -23.19
C VAL E 325 19.86 32.42 -22.99
N PRO E 326 20.73 33.34 -22.52
CA PRO E 326 22.14 33.03 -22.29
C PRO E 326 22.35 32.16 -21.07
N GLU E 327 21.28 31.94 -20.31
CA GLU E 327 21.36 31.11 -19.12
C GLU E 327 21.66 29.66 -19.45
N ILE E 328 21.57 29.30 -20.73
CA ILE E 328 21.86 27.93 -21.12
C ILE E 328 23.22 27.51 -20.58
N GLY E 329 24.17 28.43 -20.59
CA GLY E 329 25.51 28.14 -20.09
C GLY E 329 25.54 27.98 -18.57
N LEU E 330 24.94 28.93 -17.87
CA LEU E 330 24.93 28.84 -16.41
C LEU E 330 24.25 27.55 -16.00
N ASN E 331 23.08 27.29 -16.55
CA ASN E 331 22.33 26.08 -16.20
C ASN E 331 23.14 24.80 -16.38
N VAL E 332 23.84 24.69 -17.50
CA VAL E 332 24.66 23.49 -17.75
C VAL E 332 25.74 23.41 -16.69
N ALA E 333 26.39 24.53 -16.44
CA ALA E 333 27.44 24.59 -15.44
C ALA E 333 26.91 24.16 -14.07
N ASN E 334 25.71 24.60 -13.71
CA ASN E 334 25.14 24.23 -12.42
C ASN E 334 25.00 22.72 -12.25
N VAL E 335 24.69 22.02 -13.33
CA VAL E 335 24.57 20.56 -13.24
C VAL E 335 25.95 19.98 -12.97
N LEU E 336 26.97 20.47 -13.67
CA LEU E 336 28.32 19.99 -13.47
C LEU E 336 28.75 20.29 -12.03
N LYS E 337 28.33 21.44 -11.49
CA LYS E 337 28.69 21.78 -10.11
C LYS E 337 28.02 20.80 -9.16
N GLY E 338 26.79 20.42 -9.49
CA GLY E 338 26.05 19.48 -8.66
C GLY E 338 26.69 18.11 -8.69
N VAL E 339 27.13 17.70 -9.87
CA VAL E 339 27.77 16.41 -10.05
C VAL E 339 29.11 16.43 -9.32
N ALA E 340 29.78 17.58 -9.35
CA ALA E 340 31.08 17.74 -8.69
C ALA E 340 31.00 17.45 -7.20
N GLY E 341 29.81 17.55 -6.63
CA GLY E 341 29.64 17.29 -5.21
C GLY E 341 30.19 18.43 -4.36
N MET F 1 34.26 -0.69 69.53
CA MET F 1 33.74 -1.04 68.19
C MET F 1 34.85 -1.22 67.17
N ARG F 2 34.66 -2.18 66.27
CA ARG F 2 35.65 -2.45 65.24
C ARG F 2 35.56 -1.41 64.14
N VAL F 3 36.64 -1.25 63.38
CA VAL F 3 36.68 -0.30 62.28
C VAL F 3 36.98 -1.02 60.99
N ILE F 4 36.02 -1.06 60.07
CA ILE F 4 36.22 -1.72 58.79
C ILE F 4 36.73 -0.66 57.84
N PHE F 5 37.84 -0.96 57.15
CA PHE F 5 38.44 0.00 56.24
C PHE F 5 39.24 -0.68 55.13
N SER F 6 39.02 -0.23 53.89
CA SER F 6 39.73 -0.78 52.74
C SER F 6 40.72 0.22 52.16
N GLU F 7 41.94 -0.24 51.90
CA GLU F 7 42.93 0.64 51.33
C GLU F 7 42.60 0.98 49.88
N ASP F 8 41.75 0.16 49.25
CA ASP F 8 41.38 0.38 47.85
C ASP F 8 40.57 1.65 47.64
N HIS F 9 40.32 2.40 48.70
CA HIS F 9 39.57 3.63 48.55
C HIS F 9 40.41 4.56 47.67
N LYS F 10 41.73 4.40 47.76
CA LYS F 10 42.66 5.23 46.99
C LYS F 10 42.50 5.00 45.48
N LEU F 11 41.80 3.95 45.10
CA LEU F 11 41.57 3.68 43.68
C LEU F 11 40.67 4.77 43.14
N ARG F 12 40.04 5.50 44.05
CA ARG F 12 39.17 6.62 43.69
C ARG F 12 40.03 7.87 43.79
N ASN F 13 40.55 8.33 42.66
CA ASN F 13 41.41 9.50 42.65
C ASN F 13 41.14 10.40 41.44
N ALA F 14 39.92 10.93 41.36
CA ALA F 14 39.54 11.80 40.25
C ALA F 14 40.44 13.04 40.26
N LYS F 15 40.91 13.46 39.09
CA LYS F 15 41.76 14.63 39.01
C LYS F 15 40.98 15.93 38.96
N THR F 16 39.73 15.86 38.52
CA THR F 16 38.92 17.08 38.42
C THR F 16 37.52 17.04 39.00
N GLU F 17 37.05 18.22 39.39
CA GLU F 17 35.71 18.41 39.93
C GLU F 17 35.22 19.75 39.42
N LEU F 18 34.08 19.75 38.74
CA LEU F 18 33.52 20.98 38.23
C LEU F 18 33.02 21.74 39.44
N TYR F 19 33.65 22.87 39.71
CA TYR F 19 33.28 23.71 40.85
C TYR F 19 33.56 25.16 40.52
N GLY F 20 32.56 26.01 40.75
CA GLY F 20 32.70 27.43 40.49
C GLY F 20 33.05 27.74 39.05
N GLY F 21 32.60 26.90 38.12
CA GLY F 21 32.89 27.13 36.72
C GLY F 21 34.25 26.64 36.28
N GLU F 22 35.04 26.10 37.21
CA GLU F 22 36.38 25.60 36.90
C GLU F 22 36.54 24.14 37.31
N LEU F 23 37.53 23.47 36.72
CA LEU F 23 37.83 22.09 37.04
C LEU F 23 38.97 22.09 38.04
N VAL F 24 38.66 21.81 39.30
CA VAL F 24 39.67 21.79 40.35
C VAL F 24 39.81 20.40 40.98
N PRO F 25 40.93 20.16 41.71
CA PRO F 25 41.13 18.85 42.35
C PRO F 25 39.98 18.53 43.32
N PRO F 26 39.29 17.41 43.08
CA PRO F 26 38.16 16.96 43.91
C PRO F 26 38.33 17.12 45.42
N PHE F 27 37.35 17.75 46.06
CA PHE F 27 37.39 17.98 47.51
C PHE F 27 37.24 16.68 48.28
N GLU F 28 36.71 15.66 47.61
CA GLU F 28 36.53 14.36 48.25
C GLU F 28 37.78 13.59 47.82
N ALA F 29 38.90 13.94 48.46
CA ALA F 29 40.19 13.32 48.16
C ALA F 29 40.57 12.23 49.16
N PRO F 30 41.53 11.38 48.79
CA PRO F 30 42.04 10.28 49.62
C PRO F 30 42.52 10.65 51.02
N PHE F 31 43.12 11.83 51.17
CA PHE F 31 43.62 12.24 52.48
C PHE F 31 42.54 12.27 53.56
N ARG F 32 41.27 12.33 53.14
CA ARG F 32 40.18 12.37 54.13
C ARG F 32 40.17 11.06 54.93
N ALA F 33 40.29 9.95 54.21
CA ALA F 33 40.31 8.62 54.81
C ALA F 33 41.48 8.45 55.76
N GLU F 34 42.64 8.97 55.38
CA GLU F 34 43.83 8.87 56.21
C GLU F 34 43.69 9.71 57.48
N TRP F 35 43.09 10.89 57.35
CA TRP F 35 42.89 11.79 58.49
C TRP F 35 41.87 11.21 59.48
N ILE F 36 40.79 10.65 58.94
CA ILE F 36 39.73 10.07 59.78
C ILE F 36 40.25 8.81 60.47
N LEU F 37 40.96 7.98 59.73
CA LEU F 37 41.50 6.75 60.28
C LEU F 37 42.51 7.06 61.38
N ALA F 38 43.43 7.97 61.09
CA ALA F 38 44.46 8.34 62.05
C ALA F 38 43.86 8.87 63.34
N ALA F 39 42.73 9.55 63.22
CA ALA F 39 42.05 10.12 64.39
C ALA F 39 41.27 9.08 65.20
N VAL F 40 40.53 8.20 64.54
CA VAL F 40 39.78 7.20 65.27
C VAL F 40 40.72 6.26 66.00
N LYS F 41 41.89 6.01 65.44
CA LYS F 41 42.87 5.15 66.10
C LYS F 41 43.36 5.85 67.34
N GLU F 42 43.70 7.13 67.21
CA GLU F 42 44.18 7.90 68.34
C GLU F 42 43.12 8.00 69.44
N ALA F 43 41.85 7.93 69.03
CA ALA F 43 40.73 8.04 69.95
C ALA F 43 40.57 6.78 70.78
N GLY F 44 41.21 5.70 70.33
CA GLY F 44 41.12 4.44 71.04
C GLY F 44 40.57 3.32 70.19
N PHE F 45 39.90 3.67 69.09
CA PHE F 45 39.33 2.67 68.22
C PHE F 45 40.38 2.22 67.21
N ASP F 46 41.31 1.40 67.67
CA ASP F 46 42.39 0.93 66.82
C ASP F 46 42.24 -0.50 66.33
N ASP F 47 41.04 -1.04 66.40
CA ASP F 47 40.78 -2.40 65.93
C ASP F 47 40.33 -2.33 64.48
N VAL F 48 41.21 -1.80 63.65
CA VAL F 48 40.96 -1.64 62.23
C VAL F 48 41.17 -2.91 61.44
N VAL F 49 40.22 -3.25 60.58
CA VAL F 49 40.33 -4.46 59.77
C VAL F 49 39.80 -4.22 58.37
N ALA F 50 40.40 -4.89 57.38
CA ALA F 50 39.96 -4.74 56.00
C ALA F 50 38.74 -5.63 55.74
N PRO F 51 37.84 -5.17 54.85
CA PRO F 51 36.65 -5.94 54.52
C PRO F 51 36.94 -7.12 53.60
N ALA F 52 36.05 -8.11 53.62
CA ALA F 52 36.22 -9.26 52.75
C ALA F 52 35.60 -8.91 51.40
N ARG F 53 35.86 -9.74 50.39
CA ARG F 53 35.31 -9.52 49.06
C ARG F 53 33.85 -9.98 49.03
N HIS F 54 32.99 -9.19 48.41
CA HIS F 54 31.56 -9.50 48.32
C HIS F 54 31.04 -9.38 46.89
N GLY F 55 30.04 -10.19 46.54
CA GLY F 55 29.47 -10.12 45.21
C GLY F 55 28.57 -8.90 45.05
N LEU F 56 27.77 -8.88 44.00
CA LEU F 56 26.86 -7.76 43.75
C LEU F 56 25.42 -8.05 44.15
N GLU F 57 25.19 -9.21 44.76
CA GLU F 57 23.84 -9.60 45.17
C GLU F 57 23.16 -8.62 46.11
N THR F 58 23.88 -8.15 47.11
CA THR F 58 23.26 -7.23 48.06
C THR F 58 22.91 -5.89 47.41
N VAL F 59 23.90 -5.27 46.77
CA VAL F 59 23.71 -3.98 46.12
C VAL F 59 22.64 -4.01 45.03
N LEU F 60 22.50 -5.17 44.37
CA LEU F 60 21.50 -5.34 43.32
C LEU F 60 20.08 -5.34 43.84
N LYS F 61 19.92 -5.29 45.16
CA LYS F 61 18.58 -5.25 45.76
C LYS F 61 18.19 -3.81 46.07
N VAL F 62 19.11 -2.87 45.90
CA VAL F 62 18.82 -1.46 46.16
C VAL F 62 19.16 -0.53 44.98
N HIS F 63 20.15 -0.91 44.16
CA HIS F 63 20.54 -0.11 43.00
C HIS F 63 20.07 -0.76 41.71
N ASP F 64 19.93 0.04 40.66
CA ASP F 64 19.49 -0.47 39.37
C ASP F 64 20.62 -1.26 38.68
N ALA F 65 20.26 -2.43 38.15
CA ALA F 65 21.19 -3.30 37.45
C ALA F 65 21.76 -2.57 36.24
N GLY F 66 20.91 -1.81 35.56
CA GLY F 66 21.37 -1.06 34.40
C GLY F 66 22.42 -0.05 34.84
N TYR F 67 22.12 0.65 35.92
CA TYR F 67 22.99 1.67 36.50
C TYR F 67 24.36 1.09 36.87
N LEU F 68 24.36 -0.03 37.58
CA LEU F 68 25.63 -0.65 37.98
C LEU F 68 26.43 -1.11 36.76
N ASN F 69 25.75 -1.73 35.78
CA ASN F 69 26.42 -2.19 34.57
C ASN F 69 27.17 -0.99 33.94
N PHE F 70 26.52 0.17 33.96
CA PHE F 70 27.08 1.41 33.43
C PHE F 70 28.35 1.82 34.20
N LEU F 71 28.26 1.81 35.53
CA LEU F 71 29.40 2.19 36.36
C LEU F 71 30.64 1.32 36.16
N GLU F 72 30.47 0.05 35.86
CA GLU F 72 31.61 -0.81 35.68
C GLU F 72 32.41 -0.51 34.41
N THR F 73 31.72 -0.17 33.33
CA THR F 73 32.41 0.10 32.07
C THR F 73 32.49 1.59 31.72
N ALA F 74 31.83 2.42 32.52
CA ALA F 74 31.80 3.85 32.29
C ALA F 74 33.12 4.43 31.75
N TRP F 75 34.19 4.32 32.54
CA TRP F 75 35.47 4.87 32.13
C TRP F 75 36.05 4.27 30.86
N ASP F 76 36.04 2.95 30.74
CA ASP F 76 36.59 2.34 29.55
C ASP F 76 35.92 2.91 28.32
N ARG F 77 34.60 2.99 28.35
CA ARG F 77 33.86 3.53 27.22
C ARG F 77 34.21 4.99 26.96
N TRP F 78 34.30 5.78 28.04
CA TRP F 78 34.62 7.19 27.92
C TRP F 78 35.94 7.43 27.18
N LYS F 79 36.96 6.64 27.50
CA LYS F 79 38.27 6.78 26.84
C LYS F 79 38.20 6.27 25.41
N ALA F 80 37.45 5.19 25.20
CA ALA F 80 37.29 4.63 23.88
C ALA F 80 36.62 5.66 22.96
N ALA F 81 35.84 6.57 23.55
CA ALA F 81 35.17 7.60 22.76
C ALA F 81 36.16 8.67 22.29
N GLY F 82 37.36 8.64 22.85
CA GLY F 82 38.39 9.60 22.45
C GLY F 82 38.50 10.84 23.31
N TYR F 83 37.60 10.99 24.28
CA TYR F 83 37.59 12.15 25.16
C TYR F 83 38.88 12.22 25.98
N LYS F 84 39.44 13.41 26.09
CA LYS F 84 40.67 13.60 26.83
C LYS F 84 40.47 13.83 28.32
N GLY F 85 39.34 14.40 28.70
CA GLY F 85 39.10 14.65 30.12
C GLY F 85 38.47 13.48 30.83
N GLU F 86 38.09 13.68 32.09
CA GLU F 86 37.45 12.61 32.87
C GLU F 86 35.98 12.56 32.49
N ALA F 87 35.33 11.43 32.72
CA ALA F 87 33.92 11.32 32.38
C ALA F 87 33.02 12.24 33.18
N ILE F 88 32.57 13.32 32.55
CA ILE F 88 31.68 14.25 33.20
C ILE F 88 30.43 14.46 32.33
N ALA F 89 29.27 14.31 32.95
CA ALA F 89 27.99 14.47 32.26
C ALA F 89 27.73 15.91 31.85
N THR F 90 27.10 16.11 30.70
CA THR F 90 26.80 17.47 30.22
C THR F 90 25.32 17.62 29.86
N SER F 91 24.67 16.54 29.46
CA SER F 91 23.27 16.62 29.09
C SER F 91 22.45 15.86 30.12
N PHE F 92 21.46 16.50 30.72
CA PHE F 92 20.65 15.82 31.73
C PHE F 92 19.15 15.71 31.40
N PRO F 93 18.53 14.60 31.78
CA PRO F 93 17.10 14.51 31.47
C PRO F 93 16.32 15.29 32.54
N VAL F 94 16.14 16.59 32.30
CA VAL F 94 15.43 17.44 33.25
C VAL F 94 13.92 17.45 32.99
N ARG F 95 13.24 18.54 33.31
CA ARG F 95 11.81 18.60 33.12
C ARG F 95 11.28 18.28 31.72
N ARG F 96 10.18 17.55 31.69
CA ARG F 96 9.50 17.18 30.44
C ARG F 96 10.41 16.56 29.35
N THR F 97 11.29 15.65 29.74
CA THR F 97 12.20 14.98 28.81
C THR F 97 11.76 13.55 28.59
N SER F 98 12.34 12.88 27.58
CA SER F 98 11.99 11.49 27.31
C SER F 98 12.51 10.60 28.44
N PRO F 99 11.90 9.42 28.63
CA PRO F 99 12.37 8.53 29.70
C PRO F 99 13.46 7.58 29.17
N ARG F 100 13.57 7.50 27.85
CA ARG F 100 14.55 6.64 27.20
C ARG F 100 16.01 6.85 27.61
N ILE F 101 16.77 5.76 27.51
CA ILE F 101 18.19 5.75 27.85
C ILE F 101 19.04 5.83 26.58
N PRO F 102 19.94 6.82 26.48
CA PRO F 102 20.76 6.90 25.27
C PRO F 102 21.65 5.64 25.17
N THR F 103 22.23 5.42 23.99
CA THR F 103 23.12 4.28 23.79
C THR F 103 24.58 4.79 23.80
N ASP F 104 24.78 6.03 23.37
CA ASP F 104 26.11 6.65 23.34
C ASP F 104 26.60 6.92 24.77
N ILE F 105 27.90 6.78 25.00
CA ILE F 105 28.46 6.98 26.33
C ILE F 105 28.21 8.39 26.87
N GLU F 106 28.36 9.39 26.01
CA GLU F 106 28.15 10.78 26.40
C GLU F 106 26.71 11.01 26.91
N GLY F 107 25.73 10.41 26.24
CA GLY F 107 24.36 10.60 26.69
C GLY F 107 24.00 9.73 27.89
N GLN F 108 24.59 8.53 27.90
CA GLN F 108 24.32 7.58 28.97
C GLN F 108 24.84 8.05 30.33
N ILE F 109 25.97 8.76 30.33
CA ILE F 109 26.50 9.25 31.59
C ILE F 109 25.52 10.29 32.15
N GLY F 110 24.90 11.06 31.26
CA GLY F 110 23.94 12.05 31.72
C GLY F 110 22.71 11.38 32.31
N TYR F 111 22.27 10.29 31.68
CA TYR F 111 21.08 9.57 32.13
C TYR F 111 21.24 9.10 33.56
N TYR F 112 22.41 8.55 33.85
CA TYR F 112 22.74 7.99 35.16
C TYR F 112 23.41 8.97 36.13
N CYS F 113 23.29 10.27 35.86
CA CYS F 113 23.91 11.29 36.72
C CYS F 113 22.96 12.37 37.21
N ASN F 114 23.07 12.75 38.47
CA ASN F 114 22.20 13.81 38.99
C ASN F 114 22.97 15.07 39.33
N ALA F 115 24.28 15.04 39.16
CA ALA F 115 25.11 16.20 39.47
C ALA F 115 26.42 16.13 38.71
N ALA F 116 26.66 17.12 37.85
CA ALA F 116 27.89 17.15 37.05
C ALA F 116 29.15 17.56 37.83
N GLU F 117 29.02 17.70 39.15
CA GLU F 117 30.16 18.06 39.98
C GLU F 117 30.93 16.82 40.44
N THR F 118 30.60 15.67 39.86
CA THR F 118 31.27 14.41 40.18
C THR F 118 31.69 13.78 38.85
N ALA F 119 32.95 13.39 38.73
CA ALA F 119 33.43 12.78 37.49
C ALA F 119 33.86 11.34 37.72
N ILE F 120 33.70 10.52 36.69
CA ILE F 120 34.08 9.12 36.77
C ILE F 120 35.52 9.05 36.25
N SER F 121 36.40 8.45 37.05
CA SER F 121 37.80 8.32 36.68
C SER F 121 38.22 6.89 36.89
N PRO F 122 39.41 6.52 36.41
CA PRO F 122 39.91 5.16 36.56
C PRO F 122 39.85 4.76 38.03
N GLY F 123 39.48 3.50 38.28
CA GLY F 123 39.41 3.01 39.63
C GLY F 123 38.15 3.32 40.43
N THR F 124 37.32 4.22 39.95
CA THR F 124 36.11 4.57 40.67
C THR F 124 35.24 3.35 40.96
N TRP F 125 35.06 2.51 39.95
CA TRP F 125 34.24 1.33 40.13
C TRP F 125 34.80 0.43 41.22
N GLU F 126 36.07 0.07 41.09
CA GLU F 126 36.72 -0.79 42.08
C GLU F 126 36.71 -0.13 43.47
N ALA F 127 36.92 1.18 43.48
CA ALA F 127 36.92 1.93 44.73
C ALA F 127 35.54 1.88 45.39
N ALA F 128 34.49 2.07 44.59
CA ALA F 128 33.13 2.05 45.13
C ALA F 128 32.79 0.68 45.71
N LEU F 129 33.27 -0.37 45.05
CA LEU F 129 33.03 -1.74 45.48
C LEU F 129 33.69 -2.06 46.82
N SER F 130 34.87 -1.48 47.05
CA SER F 130 35.57 -1.73 48.30
C SER F 130 34.87 -0.99 49.43
N SER F 131 34.42 0.23 49.16
CA SER F 131 33.71 1.02 50.16
C SER F 131 32.41 0.27 50.48
N MET F 132 31.81 -0.30 49.44
CA MET F 132 30.57 -1.07 49.60
C MET F 132 30.86 -2.26 50.53
N ALA F 133 31.96 -2.96 50.26
CA ALA F 133 32.35 -4.09 51.08
C ALA F 133 32.56 -3.69 52.53
N SER F 134 33.07 -2.49 52.77
CA SER F 134 33.29 -2.04 54.14
C SER F 134 31.97 -1.90 54.87
N ALA F 135 30.91 -1.55 54.14
CA ALA F 135 29.62 -1.38 54.79
C ALA F 135 28.99 -2.75 54.99
N ILE F 136 29.20 -3.65 54.03
CA ILE F 136 28.63 -4.98 54.18
C ILE F 136 29.22 -5.67 55.41
N ASP F 137 30.53 -5.61 55.58
CA ASP F 137 31.19 -6.23 56.73
C ASP F 137 30.73 -5.58 58.03
N GLY F 138 30.60 -4.26 58.00
CA GLY F 138 30.16 -3.54 59.18
C GLY F 138 28.78 -4.03 59.59
N ALA F 139 27.93 -4.28 58.59
CA ALA F 139 26.58 -4.77 58.84
C ALA F 139 26.63 -6.17 59.42
N ASP F 140 27.52 -6.99 58.87
CA ASP F 140 27.67 -8.36 59.33
C ASP F 140 28.00 -8.39 60.82
N LEU F 141 28.89 -7.48 61.25
CA LEU F 141 29.26 -7.40 62.65
C LEU F 141 28.02 -7.12 63.52
N ILE F 142 27.14 -6.26 63.02
CA ILE F 142 25.92 -5.92 63.75
C ILE F 142 25.02 -7.14 63.80
N ALA F 143 24.86 -7.77 62.64
CA ALA F 143 24.04 -8.96 62.54
C ALA F 143 24.62 -10.02 63.46
N ALA F 144 25.93 -9.96 63.68
CA ALA F 144 26.60 -10.94 64.53
C ALA F 144 26.32 -10.74 66.01
N GLY F 145 26.09 -9.49 66.42
CA GLY F 145 25.81 -9.23 67.81
C GLY F 145 26.40 -7.94 68.31
N HIS F 146 27.34 -7.38 67.55
CA HIS F 146 27.98 -6.14 67.95
C HIS F 146 26.96 -5.01 68.06
N LYS F 147 27.09 -4.24 69.15
CA LYS F 147 26.18 -3.14 69.45
C LYS F 147 26.53 -1.87 68.67
N ALA F 148 27.76 -1.80 68.16
CA ALA F 148 28.18 -0.65 67.39
C ALA F 148 29.38 -1.03 66.53
N ALA F 149 29.51 -0.35 65.40
CA ALA F 149 30.62 -0.62 64.50
C ALA F 149 30.77 0.58 63.61
N PHE F 150 31.93 0.72 63.01
CA PHE F 150 32.19 1.86 62.13
C PHE F 150 32.76 1.42 60.80
N SER F 151 32.09 1.80 59.72
CA SER F 151 32.56 1.47 58.37
C SER F 151 33.11 2.74 57.75
N LEU F 152 34.44 2.89 57.76
CA LEU F 152 35.08 4.08 57.18
C LEU F 152 35.00 3.94 55.67
N CYS F 153 33.85 4.36 55.12
CA CYS F 153 33.56 4.31 53.69
C CYS F 153 34.08 5.49 52.91
N ARG F 154 34.57 5.18 51.71
CA ARG F 154 35.07 6.16 50.78
C ARG F 154 35.33 5.43 49.47
N PRO F 155 34.72 5.93 48.36
CA PRO F 155 33.85 7.11 48.36
C PRO F 155 32.54 6.92 49.13
N PRO F 156 31.95 8.03 49.59
CA PRO F 156 30.70 8.03 50.35
C PRO F 156 29.56 7.59 49.44
N GLY F 157 28.35 7.43 49.97
CA GLY F 157 27.26 6.97 49.13
C GLY F 157 25.84 7.51 49.24
N HIS F 158 25.51 8.26 50.28
CA HIS F 158 24.13 8.73 50.44
C HIS F 158 23.55 9.62 49.33
N ALA F 159 24.37 10.01 48.35
CA ALA F 159 23.89 10.85 47.23
C ALA F 159 23.58 9.98 46.01
N ALA F 160 24.05 8.74 46.03
CA ALA F 160 23.82 7.82 44.94
C ALA F 160 22.39 7.27 45.05
N GLY F 161 21.53 7.63 44.09
CA GLY F 161 20.16 7.15 44.13
C GLY F 161 20.00 5.77 43.49
N ILE F 162 18.76 5.39 43.21
CA ILE F 162 18.51 4.08 42.61
C ILE F 162 19.27 3.81 41.31
N ASP F 163 19.25 4.78 40.38
CA ASP F 163 19.95 4.64 39.10
C ASP F 163 20.73 5.89 38.68
N MET F 164 21.35 6.55 39.63
CA MET F 164 22.10 7.76 39.30
C MET F 164 23.21 8.06 40.31
N PHE F 165 24.34 8.54 39.81
CA PHE F 165 25.47 8.90 40.66
C PHE F 165 25.57 10.43 40.76
N GLY F 166 26.38 10.90 41.70
CA GLY F 166 26.54 12.33 41.92
C GLY F 166 26.93 12.64 43.36
N GLY F 167 27.18 13.90 43.66
CA GLY F 167 27.55 14.27 45.02
C GLY F 167 28.72 13.47 45.57
N TYR F 168 29.66 13.11 44.69
CA TYR F 168 30.86 12.34 45.04
C TYR F 168 30.54 10.87 45.33
N CYS F 169 29.27 10.52 45.20
CA CYS F 169 28.79 9.17 45.47
C CYS F 169 28.48 8.35 44.22
N PHE F 170 28.64 7.03 44.33
CA PHE F 170 28.41 6.13 43.22
C PHE F 170 27.59 4.93 43.63
N ILE F 171 27.89 4.40 44.81
CA ILE F 171 27.19 3.26 45.37
C ILE F 171 26.80 3.60 46.79
N ASN F 172 25.50 3.60 47.05
CA ASN F 172 24.97 3.94 48.36
C ASN F 172 25.32 2.87 49.40
N ASN F 173 26.46 3.08 50.03
CA ASN F 173 26.98 2.17 51.04
C ASN F 173 25.95 1.93 52.15
N ALA F 174 25.42 3.01 52.70
CA ALA F 174 24.43 2.90 53.77
C ALA F 174 23.26 2.03 53.33
N ALA F 175 22.87 2.15 52.07
CA ALA F 175 21.75 1.35 51.57
C ALA F 175 22.15 -0.11 51.54
N VAL F 176 23.35 -0.39 51.02
CA VAL F 176 23.80 -1.78 50.96
C VAL F 176 23.84 -2.38 52.38
N ALA F 177 24.26 -1.57 53.34
CA ALA F 177 24.33 -1.97 54.75
C ALA F 177 22.95 -2.35 55.28
N ALA F 178 22.00 -1.42 55.16
CA ALA F 178 20.65 -1.66 55.64
C ALA F 178 20.09 -2.92 55.00
N GLN F 179 20.26 -3.06 53.69
CA GLN F 179 19.78 -4.24 52.98
C GLN F 179 20.43 -5.48 53.60
N ARG F 180 21.74 -5.40 53.82
CA ARG F 180 22.46 -6.52 54.41
C ARG F 180 21.80 -6.99 55.72
N LEU F 181 21.48 -6.04 56.60
CA LEU F 181 20.85 -6.37 57.88
C LEU F 181 19.52 -7.10 57.69
N LEU F 182 18.73 -6.66 56.71
CA LEU F 182 17.47 -7.31 56.44
C LEU F 182 17.76 -8.71 55.91
N ASP F 183 18.75 -8.85 55.04
CA ASP F 183 19.06 -10.16 54.50
C ASP F 183 19.55 -11.10 55.59
N LYS F 184 20.22 -10.54 56.59
CA LYS F 184 20.77 -11.33 57.69
C LYS F 184 19.73 -11.77 58.72
N GLY F 185 18.51 -11.23 58.61
CA GLY F 185 17.47 -11.62 59.54
C GLY F 185 16.57 -10.52 60.08
N ALA F 186 16.90 -9.26 59.82
CA ALA F 186 16.09 -8.16 60.31
C ALA F 186 14.86 -7.97 59.44
N LYS F 187 13.78 -7.48 60.06
CA LYS F 187 12.53 -7.25 59.36
C LYS F 187 12.35 -5.74 59.11
N LYS F 188 12.88 -4.94 60.02
CA LYS F 188 12.78 -3.49 59.93
C LYS F 188 14.06 -2.78 60.35
N ILE F 189 14.65 -2.03 59.41
CA ILE F 189 15.88 -1.27 59.66
C ILE F 189 15.69 0.19 59.35
N ALA F 190 16.40 1.05 60.07
CA ALA F 190 16.30 2.50 59.85
C ALA F 190 17.66 3.12 59.51
N ILE F 191 17.65 4.17 58.70
CA ILE F 191 18.88 4.88 58.36
C ILE F 191 18.74 6.32 58.83
N LEU F 192 19.78 6.83 59.47
CA LEU F 192 19.78 8.19 59.99
C LEU F 192 20.91 8.97 59.35
N ASP F 193 20.55 10.01 58.60
CA ASP F 193 21.55 10.79 57.90
C ASP F 193 21.82 12.09 58.62
N VAL F 194 23.03 12.21 59.17
CA VAL F 194 23.43 13.38 59.91
C VAL F 194 24.36 14.27 59.10
N ASP F 195 24.75 13.80 57.91
CA ASP F 195 25.61 14.55 57.00
C ASP F 195 24.91 15.88 56.68
N PHE F 196 25.68 16.95 56.53
CA PHE F 196 25.07 18.26 56.25
C PHE F 196 24.10 18.22 55.07
N HIS F 197 24.45 17.48 54.02
CA HIS F 197 23.60 17.39 52.86
C HIS F 197 22.55 16.31 53.04
N HIS F 198 21.42 16.50 52.37
CA HIS F 198 20.34 15.54 52.44
C HIS F 198 20.77 14.26 51.75
N GLY F 199 20.30 13.12 52.26
CA GLY F 199 20.66 11.85 51.63
C GLY F 199 19.65 11.59 50.53
N ASN F 200 19.71 12.39 49.47
CA ASN F 200 18.79 12.28 48.35
C ASN F 200 18.83 10.91 47.66
N GLY F 201 20.01 10.30 47.63
CA GLY F 201 20.14 9.00 47.01
C GLY F 201 19.51 7.93 47.86
N THR F 202 19.77 7.99 49.16
CA THR F 202 19.23 7.02 50.08
C THR F 202 17.71 7.08 50.04
N GLN F 203 17.19 8.30 50.16
CA GLN F 203 15.76 8.52 50.14
C GLN F 203 15.12 7.90 48.91
N ASP F 204 15.73 8.15 47.76
CA ASP F 204 15.24 7.63 46.50
C ASP F 204 15.11 6.10 46.55
N ILE F 205 16.15 5.43 47.04
CA ILE F 205 16.19 3.98 47.13
C ILE F 205 15.08 3.34 47.99
N PHE F 206 14.83 3.89 49.17
CA PHE F 206 13.84 3.36 50.09
C PHE F 206 12.49 4.09 50.14
N TYR F 207 12.33 5.14 49.34
CA TYR F 207 11.08 5.91 49.32
C TYR F 207 9.82 5.03 49.24
N GLU F 208 9.86 3.99 48.41
CA GLU F 208 8.71 3.09 48.28
C GLU F 208 8.89 1.74 48.97
N ARG F 209 9.68 1.72 50.04
CA ARG F 209 9.89 0.50 50.78
C ARG F 209 9.44 0.70 52.23
N GLY F 210 8.53 -0.17 52.69
CA GLY F 210 8.01 -0.05 54.03
C GLY F 210 8.87 -0.70 55.09
N ASP F 211 9.81 -1.54 54.68
CA ASP F 211 10.66 -2.24 55.62
C ASP F 211 11.88 -1.45 56.10
N VAL F 212 12.07 -0.27 55.53
CA VAL F 212 13.19 0.57 55.93
C VAL F 212 12.70 1.98 56.13
N PHE F 213 13.12 2.57 57.24
CA PHE F 213 12.72 3.94 57.54
C PHE F 213 13.93 4.83 57.28
N PHE F 214 13.70 6.00 56.70
CA PHE F 214 14.80 6.92 56.42
C PHE F 214 14.57 8.28 57.07
N ALA F 215 15.58 8.74 57.79
CA ALA F 215 15.51 10.03 58.46
C ALA F 215 16.73 10.84 58.04
N SER F 216 16.55 12.12 57.78
CA SER F 216 17.68 12.95 57.41
C SER F 216 17.55 14.35 57.98
N LEU F 217 18.63 14.81 58.60
CA LEU F 217 18.66 16.18 59.11
C LEU F 217 19.64 16.76 58.11
N HIS F 218 19.35 17.96 57.63
CA HIS F 218 20.23 18.56 56.63
C HIS F 218 19.89 20.03 56.38
N GLY F 219 20.81 20.72 55.72
CA GLY F 219 20.59 22.12 55.42
C GLY F 219 19.44 22.26 54.43
N ASP F 220 18.55 23.22 54.66
CA ASP F 220 17.43 23.43 53.77
C ASP F 220 17.89 23.36 52.31
N PRO F 221 17.26 22.49 51.51
CA PRO F 221 17.55 22.27 50.09
C PRO F 221 17.22 23.47 49.21
N ALA F 222 16.45 24.40 49.76
CA ALA F 222 16.08 25.58 49.04
C ALA F 222 17.34 26.39 48.73
N GLU F 223 18.38 26.22 49.54
CA GLU F 223 19.63 26.95 49.32
C GLU F 223 20.86 26.11 49.62
N ALA F 224 20.72 24.78 49.55
CA ALA F 224 21.84 23.86 49.82
C ALA F 224 21.76 22.59 48.96
N PHE F 225 22.91 22.11 48.53
CA PHE F 225 23.01 20.88 47.74
C PHE F 225 22.32 19.75 48.51
N PRO F 226 21.66 18.81 47.80
CA PRO F 226 21.51 18.67 46.34
C PRO F 226 20.52 19.62 45.66
N HIS F 227 19.78 20.41 46.45
CA HIS F 227 18.84 21.39 45.90
C HIS F 227 17.49 20.89 45.40
N PHE F 228 17.35 19.61 45.10
CA PHE F 228 16.07 19.11 44.56
C PHE F 228 15.37 17.96 45.28
N LEU F 229 15.62 17.84 46.59
CA LEU F 229 15.01 16.81 47.40
C LEU F 229 15.40 17.11 48.85
N GLY F 230 14.56 16.70 49.81
CA GLY F 230 14.88 16.97 51.20
C GLY F 230 13.87 17.83 51.93
N TYR F 231 12.75 18.14 51.28
CA TYR F 231 11.71 18.95 51.90
C TYR F 231 10.89 18.07 52.83
N ALA F 232 10.27 18.69 53.83
CA ALA F 232 9.47 17.98 54.81
C ALA F 232 8.29 17.24 54.17
N GLU F 233 7.64 17.87 53.20
CA GLU F 233 6.48 17.26 52.55
C GLU F 233 6.75 15.86 52.01
N GLU F 234 8.02 15.54 51.79
CA GLU F 234 8.40 14.22 51.28
C GLU F 234 8.35 13.23 52.41
N THR F 235 7.31 12.39 52.46
CA THR F 235 7.19 11.43 53.55
C THR F 235 7.10 9.99 53.06
N GLY F 236 7.19 9.81 51.75
CA GLY F 236 7.12 8.47 51.19
C GLY F 236 6.05 8.30 50.12
N LYS F 237 6.00 7.11 49.55
CA LYS F 237 5.03 6.83 48.50
C LYS F 237 4.69 5.34 48.39
N GLY F 238 3.44 5.06 48.02
CA GLY F 238 2.97 3.70 47.85
C GLY F 238 3.28 2.74 48.98
N ALA F 239 3.97 1.66 48.64
CA ALA F 239 4.34 0.64 49.62
C ALA F 239 5.23 1.15 50.76
N GLY F 240 5.90 2.29 50.56
CA GLY F 240 6.76 2.84 51.60
C GLY F 240 6.24 4.14 52.19
N ALA F 241 4.96 4.42 51.98
CA ALA F 241 4.38 5.66 52.50
C ALA F 241 4.58 5.80 54.01
N GLY F 242 5.08 6.96 54.42
CA GLY F 242 5.30 7.21 55.83
C GLY F 242 6.63 6.73 56.38
N THR F 243 7.55 6.36 55.50
CA THR F 243 8.85 5.89 55.97
C THR F 243 10.00 6.84 55.65
N THR F 244 9.68 8.11 55.41
CA THR F 244 10.70 9.13 55.13
C THR F 244 10.43 10.39 55.99
N ALA F 245 11.43 10.81 56.75
CA ALA F 245 11.27 12.00 57.60
C ALA F 245 12.44 12.96 57.40
N ASN F 246 12.22 14.06 56.70
CA ASN F 246 13.28 15.02 56.46
C ASN F 246 13.22 16.18 57.45
N TYR F 247 14.38 16.68 57.86
CA TYR F 247 14.41 17.81 58.77
C TYR F 247 15.34 18.87 58.21
N PRO F 248 14.84 19.67 57.26
CA PRO F 248 15.64 20.74 56.65
C PRO F 248 15.78 21.88 57.66
N MET F 249 16.94 22.52 57.67
CA MET F 249 17.19 23.61 58.60
C MET F 249 18.03 24.73 57.97
N GLY F 250 17.72 25.98 58.34
CA GLY F 250 18.41 27.15 57.81
C GLY F 250 19.84 27.40 58.21
N ARG F 251 20.37 28.58 57.85
CA ARG F 251 21.75 28.91 58.18
C ARG F 251 21.90 29.30 59.64
N GLY F 252 23.09 29.07 60.16
CA GLY F 252 23.37 29.42 61.55
C GLY F 252 22.74 28.51 62.59
N THR F 253 22.12 27.43 62.14
CA THR F 253 21.51 26.51 63.08
C THR F 253 22.53 25.98 64.09
N PRO F 254 22.30 26.24 65.38
CA PRO F 254 23.19 25.78 66.45
C PRO F 254 22.73 24.40 66.87
N TYR F 255 23.57 23.67 67.57
CA TYR F 255 23.21 22.33 68.01
C TYR F 255 21.93 22.32 68.86
N SER F 256 21.66 23.39 69.58
CA SER F 256 20.46 23.45 70.43
C SER F 256 19.21 23.12 69.60
N VAL F 257 19.21 23.53 68.35
CA VAL F 257 18.09 23.28 67.46
C VAL F 257 18.25 21.99 66.68
N TRP F 258 19.43 21.81 66.10
CA TRP F 258 19.75 20.62 65.32
C TRP F 258 19.46 19.39 66.18
N GLY F 259 19.85 19.47 67.45
CA GLY F 259 19.63 18.39 68.38
C GLY F 259 18.17 18.11 68.64
N GLU F 260 17.33 19.12 68.41
CA GLU F 260 15.90 18.95 68.59
C GLU F 260 15.36 18.08 67.49
N ALA F 261 15.91 18.26 66.30
CA ALA F 261 15.50 17.46 65.16
C ALA F 261 15.97 16.02 65.35
N LEU F 262 17.21 15.84 65.81
CA LEU F 262 17.75 14.50 66.03
C LEU F 262 16.89 13.73 67.02
N THR F 263 16.42 14.41 68.06
CA THR F 263 15.59 13.77 69.05
C THR F 263 14.29 13.31 68.42
N ASP F 264 13.70 14.17 67.60
CA ASP F 264 12.44 13.87 66.93
C ASP F 264 12.60 12.71 65.94
N SER F 265 13.66 12.75 65.13
CA SER F 265 13.87 11.68 64.18
C SER F 265 14.04 10.34 64.90
N LEU F 266 14.86 10.32 65.94
CA LEU F 266 15.07 9.08 66.70
C LEU F 266 13.75 8.60 67.27
N LYS F 267 12.86 9.55 67.52
CA LYS F 267 11.57 9.20 68.08
C LYS F 267 10.75 8.46 67.01
N ARG F 268 10.73 9.00 65.79
CA ARG F 268 9.99 8.36 64.70
C ARG F 268 10.55 6.97 64.43
N ILE F 269 11.87 6.84 64.62
CA ILE F 269 12.55 5.58 64.40
C ILE F 269 12.09 4.52 65.40
N ALA F 270 11.85 4.96 66.62
CA ALA F 270 11.39 4.07 67.67
C ALA F 270 9.96 3.62 67.33
N ALA F 271 9.11 4.55 66.91
CA ALA F 271 7.73 4.23 66.56
C ALA F 271 7.72 3.24 65.39
N PHE F 272 8.66 3.41 64.47
CA PHE F 272 8.79 2.53 63.31
C PHE F 272 9.16 1.15 63.78
N GLY F 273 9.83 1.09 64.92
CA GLY F 273 10.26 -0.18 65.49
C GLY F 273 11.50 -0.73 64.82
N ALA F 274 12.48 0.15 64.57
CA ALA F 274 13.72 -0.27 63.93
C ALA F 274 14.60 -1.13 64.83
N GLU F 275 15.05 -2.25 64.27
CA GLU F 275 15.91 -3.20 64.97
C GLU F 275 17.36 -2.74 65.07
N ALA F 276 17.76 -1.85 64.18
CA ALA F 276 19.11 -1.32 64.18
C ALA F 276 19.08 -0.06 63.34
N ILE F 277 20.03 0.83 63.60
CA ILE F 277 20.09 2.10 62.88
C ILE F 277 21.42 2.23 62.13
N VAL F 278 21.33 2.45 60.83
CA VAL F 278 22.54 2.65 60.04
C VAL F 278 22.69 4.17 60.03
N VAL F 279 23.80 4.64 60.61
CA VAL F 279 24.04 6.08 60.69
C VAL F 279 24.97 6.55 59.58
N SER F 280 24.44 7.39 58.68
CA SER F 280 25.26 7.95 57.63
C SER F 280 25.87 9.17 58.28
N LEU F 281 27.15 9.04 58.64
CA LEU F 281 27.86 10.12 59.33
C LEU F 281 28.65 11.06 58.44
N GLY F 282 28.13 12.26 58.28
CA GLY F 282 28.82 13.27 57.51
C GLY F 282 29.21 14.29 58.57
N VAL F 283 30.45 14.78 58.56
CA VAL F 283 30.83 15.76 59.57
C VAL F 283 30.87 17.17 59.00
N ASP F 284 30.35 17.34 57.79
CA ASP F 284 30.33 18.66 57.19
C ASP F 284 29.39 19.60 57.90
N THR F 285 28.71 19.13 58.94
CA THR F 285 27.82 19.99 59.71
C THR F 285 28.69 20.87 60.62
N PHE F 286 29.99 20.59 60.68
CA PHE F 286 30.94 21.34 61.51
C PHE F 286 30.97 22.83 61.13
N GLU F 287 30.84 23.69 62.12
CA GLU F 287 30.83 25.14 61.90
C GLU F 287 32.03 25.67 61.12
N GLN F 288 33.12 24.91 61.07
CA GLN F 288 34.27 25.40 60.33
C GLN F 288 34.40 24.76 58.95
N ASP F 289 33.53 23.80 58.65
CA ASP F 289 33.55 23.15 57.36
C ASP F 289 33.15 24.21 56.33
N PRO F 290 33.91 24.31 55.23
CA PRO F 290 33.65 25.28 54.16
C PRO F 290 32.23 25.22 53.57
N ILE F 291 31.90 24.14 52.88
CA ILE F 291 30.58 23.99 52.26
C ILE F 291 29.48 23.56 53.25
N SER F 292 28.98 24.52 54.02
CA SER F 292 27.95 24.23 55.01
C SER F 292 27.69 25.41 55.95
N PHE F 293 26.42 25.61 56.31
CA PHE F 293 26.04 26.70 57.19
C PHE F 293 25.44 26.32 58.53
N PHE F 294 26.02 25.30 59.17
CA PHE F 294 25.56 24.88 60.50
C PHE F 294 26.65 25.21 61.50
N LYS F 295 26.24 25.59 62.71
CA LYS F 295 27.18 25.97 63.76
C LYS F 295 27.43 24.88 64.80
N LEU F 296 27.81 23.70 64.34
CA LEU F 296 28.10 22.59 65.25
C LEU F 296 29.58 22.60 65.64
N THR F 297 29.86 22.42 66.93
CA THR F 297 31.22 22.40 67.44
C THR F 297 31.68 20.95 67.62
N SER F 298 32.98 20.75 67.76
CA SER F 298 33.50 19.40 67.93
C SER F 298 32.81 18.64 69.08
N PRO F 299 32.68 19.28 70.26
CA PRO F 299 32.03 18.67 71.44
C PRO F 299 30.63 18.12 71.17
N ASP F 300 29.90 18.79 70.28
CA ASP F 300 28.54 18.38 69.93
C ASP F 300 28.48 16.97 69.33
N TYR F 301 29.50 16.60 68.56
CA TYR F 301 29.54 15.29 67.91
C TYR F 301 29.51 14.16 68.94
N ILE F 302 30.06 14.42 70.12
CA ILE F 302 30.08 13.43 71.18
C ILE F 302 28.65 13.31 71.73
N THR F 303 27.98 14.45 71.85
CA THR F 303 26.61 14.46 72.34
C THR F 303 25.71 13.78 71.31
N MET F 304 26.12 13.89 70.05
CA MET F 304 25.38 13.29 68.96
C MET F 304 25.44 11.78 69.04
N GLY F 305 26.65 11.25 69.19
CA GLY F 305 26.83 9.81 69.27
C GLY F 305 26.19 9.25 70.51
N ARG F 306 26.16 10.05 71.57
CA ARG F 306 25.58 9.65 72.84
C ARG F 306 24.05 9.49 72.72
N THR F 307 23.40 10.47 72.08
CA THR F 307 21.95 10.48 71.88
C THR F 307 21.44 9.36 70.97
N ILE F 308 22.15 9.14 69.87
CA ILE F 308 21.76 8.11 68.92
C ILE F 308 21.93 6.74 69.56
N ALA F 309 23.12 6.48 70.08
CA ALA F 309 23.39 5.19 70.71
C ALA F 309 22.41 4.90 71.83
N ALA F 310 21.89 5.96 72.46
CA ALA F 310 20.94 5.80 73.55
C ALA F 310 19.58 5.30 73.06
N SER F 311 19.50 4.99 71.77
CA SER F 311 18.26 4.49 71.18
C SER F 311 18.02 3.05 71.60
N GLY F 312 19.06 2.41 72.13
CA GLY F 312 18.94 1.04 72.58
C GLY F 312 19.25 0.00 71.52
N VAL F 313 19.13 0.35 70.25
CA VAL F 313 19.41 -0.63 69.20
C VAL F 313 20.82 -0.49 68.64
N PRO F 314 21.36 -1.57 68.06
CA PRO F 314 22.71 -1.57 67.49
C PRO F 314 22.88 -0.44 66.51
N LEU F 315 24.13 0.02 66.37
CA LEU F 315 24.44 1.12 65.47
C LEU F 315 25.56 0.78 64.50
N LEU F 316 25.38 1.17 63.24
CA LEU F 316 26.40 1.00 62.22
C LEU F 316 26.60 2.41 61.68
N VAL F 317 27.82 2.91 61.83
CA VAL F 317 28.16 4.25 61.37
C VAL F 317 28.93 4.11 60.08
N VAL F 318 28.39 4.71 59.02
CA VAL F 318 29.00 4.67 57.70
C VAL F 318 29.50 6.07 57.36
N MET F 319 30.78 6.19 57.00
CA MET F 319 31.37 7.49 56.67
C MET F 319 30.74 8.08 55.43
N GLU F 320 30.44 9.36 55.50
CA GLU F 320 29.86 10.07 54.38
C GLU F 320 30.74 11.28 54.06
N GLY F 321 30.14 12.47 54.14
CA GLY F 321 30.85 13.70 53.85
C GLY F 321 31.59 14.38 54.99
N GLY F 322 32.09 15.60 54.71
CA GLY F 322 32.85 16.34 55.69
C GLY F 322 34.25 16.42 55.11
N TYR F 323 34.61 17.58 54.56
CA TYR F 323 35.92 17.73 53.96
C TYR F 323 36.61 18.97 54.45
N GLY F 324 37.93 19.01 54.23
CA GLY F 324 38.72 20.18 54.60
C GLY F 324 39.35 20.20 55.97
N VAL F 325 38.80 21.05 56.83
CA VAL F 325 39.27 21.27 58.19
C VAL F 325 40.00 20.08 58.82
N PRO F 326 41.13 20.34 59.50
CA PRO F 326 41.89 19.27 60.14
C PRO F 326 41.09 18.58 61.24
N GLU F 327 39.95 19.16 61.59
CA GLU F 327 39.12 18.59 62.64
C GLU F 327 38.26 17.41 62.20
N ILE F 328 38.10 17.21 60.89
CA ILE F 328 37.28 16.10 60.40
C ILE F 328 37.53 14.80 61.14
N GLY F 329 38.80 14.38 61.20
CA GLY F 329 39.13 13.15 61.89
C GLY F 329 38.67 13.18 63.33
N LEU F 330 38.95 14.28 64.02
CA LEU F 330 38.55 14.42 65.41
C LEU F 330 37.04 14.32 65.58
N ASN F 331 36.32 15.09 64.76
CA ASN F 331 34.87 15.12 64.81
C ASN F 331 34.25 13.73 64.60
N VAL F 332 34.82 12.95 63.69
CA VAL F 332 34.30 11.61 63.43
C VAL F 332 34.60 10.74 64.64
N ALA F 333 35.83 10.83 65.15
CA ALA F 333 36.23 10.05 66.30
C ALA F 333 35.35 10.39 67.51
N ASN F 334 34.96 11.66 67.63
CA ASN F 334 34.11 12.15 68.72
C ASN F 334 32.71 11.54 68.71
N VAL F 335 32.16 11.31 67.53
CA VAL F 335 30.83 10.70 67.41
C VAL F 335 30.97 9.26 67.89
N LEU F 336 32.09 8.63 67.54
CA LEU F 336 32.36 7.26 67.96
C LEU F 336 32.51 7.17 69.47
N LYS F 337 33.12 8.18 70.07
CA LYS F 337 33.29 8.22 71.50
C LYS F 337 31.93 8.25 72.16
N GLY F 338 31.10 9.19 71.74
CA GLY F 338 29.75 9.30 72.29
C GLY F 338 28.97 7.99 72.21
N VAL F 339 29.11 7.28 71.10
CA VAL F 339 28.43 6.00 70.89
C VAL F 339 29.01 4.91 71.79
N ALA F 340 30.33 4.88 71.90
CA ALA F 340 31.00 3.89 72.72
C ALA F 340 30.61 4.02 74.19
N GLY F 341 30.28 5.23 74.62
CA GLY F 341 29.89 5.44 76.00
C GLY F 341 31.04 5.33 76.99
N MET G 1 -41.45 -1.71 8.91
CA MET G 1 -40.91 -1.90 10.27
C MET G 1 -41.84 -1.25 11.27
N ARG G 2 -41.72 -1.66 12.54
CA ARG G 2 -42.55 -1.10 13.59
C ARG G 2 -42.00 0.28 13.98
N VAL G 3 -42.91 1.20 14.32
CA VAL G 3 -42.54 2.55 14.73
C VAL G 3 -42.99 2.77 16.17
N ILE G 4 -42.05 3.09 17.05
CA ILE G 4 -42.39 3.32 18.46
C ILE G 4 -42.46 4.82 18.66
N PHE G 5 -43.58 5.30 19.17
CA PHE G 5 -43.75 6.73 19.38
C PHE G 5 -44.53 7.00 20.65
N SER G 6 -44.18 8.08 21.33
CA SER G 6 -44.89 8.43 22.56
C SER G 6 -45.43 9.84 22.47
N GLU G 7 -46.72 9.98 22.71
CA GLU G 7 -47.32 11.30 22.67
C GLU G 7 -46.72 12.19 23.76
N ASP G 8 -46.17 11.57 24.81
CA ASP G 8 -45.61 12.32 25.93
C ASP G 8 -44.37 13.17 25.63
N HIS G 9 -43.82 13.00 24.44
CA HIS G 9 -42.65 13.78 24.04
C HIS G 9 -43.01 15.27 24.14
N LYS G 10 -44.30 15.57 23.95
CA LYS G 10 -44.75 16.95 24.02
C LYS G 10 -44.63 17.52 25.44
N LEU G 11 -44.48 16.67 26.44
CA LEU G 11 -44.36 17.19 27.81
C LEU G 11 -43.06 17.98 27.93
N ARG G 12 -42.21 17.84 26.92
CA ARG G 12 -40.93 18.57 26.85
C ARG G 12 -41.15 19.64 25.81
N ASN G 13 -41.55 20.81 26.27
CA ASN G 13 -41.80 21.94 25.37
C ASN G 13 -41.20 23.20 25.98
N ALA G 14 -39.88 23.19 26.11
CA ALA G 14 -39.13 24.31 26.67
C ALA G 14 -39.42 25.60 25.92
N LYS G 15 -39.26 26.71 26.62
CA LYS G 15 -39.52 28.01 26.01
C LYS G 15 -38.26 28.77 25.65
N THR G 16 -37.15 28.41 26.29
CA THR G 16 -35.92 29.12 26.03
C THR G 16 -34.73 28.24 25.71
N GLU G 17 -33.80 28.82 24.97
CA GLU G 17 -32.57 28.18 24.58
C GLU G 17 -31.54 29.30 24.44
N LEU G 18 -30.41 29.15 25.12
CA LEU G 18 -29.37 30.16 25.02
C LEU G 18 -28.71 29.96 23.65
N TYR G 19 -28.87 30.97 22.80
CA TYR G 19 -28.33 30.95 21.44
C TYR G 19 -27.85 32.33 20.98
N GLY G 20 -26.64 32.38 20.44
CA GLY G 20 -26.11 33.64 19.97
C GLY G 20 -26.19 34.71 21.01
N GLY G 21 -26.13 34.31 22.28
CA GLY G 21 -26.20 35.29 23.36
C GLY G 21 -27.61 35.74 23.71
N GLU G 22 -28.61 35.00 23.23
CA GLU G 22 -30.01 35.34 23.52
C GLU G 22 -30.81 34.10 23.88
N LEU G 23 -31.99 34.31 24.46
CA LEU G 23 -32.88 33.23 24.84
C LEU G 23 -33.98 33.11 23.79
N VAL G 24 -33.75 32.27 22.81
CA VAL G 24 -34.70 32.08 21.72
C VAL G 24 -35.53 30.81 21.85
N PRO G 25 -36.48 30.58 20.92
CA PRO G 25 -37.30 29.38 21.00
C PRO G 25 -36.40 28.21 20.63
N PRO G 26 -36.40 27.17 21.46
CA PRO G 26 -35.57 25.99 21.18
C PRO G 26 -35.79 25.42 19.79
N PHE G 27 -34.71 24.99 19.16
CA PHE G 27 -34.74 24.38 17.84
C PHE G 27 -35.34 22.99 17.97
N GLU G 28 -35.22 22.41 19.16
CA GLU G 28 -35.74 21.07 19.41
C GLU G 28 -37.15 21.19 20.00
N ALA G 29 -38.10 21.45 19.11
CA ALA G 29 -39.51 21.64 19.47
C ALA G 29 -40.46 20.50 19.10
N PRO G 30 -41.57 20.38 19.86
CA PRO G 30 -42.57 19.33 19.62
C PRO G 30 -42.91 19.09 18.15
N PHE G 31 -43.06 20.15 17.38
CA PHE G 31 -43.41 19.98 15.98
C PHE G 31 -42.49 19.04 15.19
N ARG G 32 -41.24 18.89 15.61
CA ARG G 32 -40.32 18.00 14.89
C ARG G 32 -40.86 16.57 14.84
N ALA G 33 -41.38 16.10 15.96
CA ALA G 33 -41.94 14.76 16.09
C ALA G 33 -43.17 14.59 15.22
N GLU G 34 -44.03 15.60 15.27
CA GLU G 34 -45.27 15.61 14.49
C GLU G 34 -44.92 15.48 13.02
N TRP G 35 -44.00 16.34 12.57
CA TRP G 35 -43.55 16.34 11.18
C TRP G 35 -42.90 15.03 10.73
N ILE G 36 -41.98 14.51 11.55
CA ILE G 36 -41.29 13.27 11.23
C ILE G 36 -42.26 12.08 11.20
N LEU G 37 -43.18 12.04 12.16
CA LEU G 37 -44.16 10.96 12.24
C LEU G 37 -45.07 10.95 11.02
N ALA G 38 -45.65 12.11 10.72
CA ALA G 38 -46.53 12.23 9.58
C ALA G 38 -45.80 11.84 8.31
N ALA G 39 -44.54 12.22 8.22
CA ALA G 39 -43.74 11.91 7.04
C ALA G 39 -43.53 10.40 6.85
N VAL G 40 -43.08 9.73 7.91
CA VAL G 40 -42.82 8.29 7.86
C VAL G 40 -44.07 7.47 7.57
N LYS G 41 -45.22 7.96 8.04
CA LYS G 41 -46.46 7.27 7.78
C LYS G 41 -46.80 7.40 6.31
N GLU G 42 -46.81 8.63 5.81
CA GLU G 42 -47.12 8.88 4.40
C GLU G 42 -46.10 8.17 3.50
N ALA G 43 -45.08 7.58 4.12
CA ALA G 43 -44.04 6.84 3.40
C ALA G 43 -44.32 5.35 3.43
N GLY G 44 -45.38 4.96 4.13
CA GLY G 44 -45.74 3.55 4.21
C GLY G 44 -45.51 2.89 5.56
N PHE G 45 -44.78 3.57 6.44
CA PHE G 45 -44.50 3.05 7.77
C PHE G 45 -45.56 3.56 8.74
N ASP G 46 -46.76 2.99 8.64
CA ASP G 46 -47.87 3.41 9.48
C ASP G 46 -48.09 2.51 10.68
N ASP G 47 -47.28 1.48 10.85
CA ASP G 47 -47.42 0.59 11.99
C ASP G 47 -46.80 1.26 13.20
N VAL G 48 -47.58 2.14 13.82
CA VAL G 48 -47.14 2.90 14.98
C VAL G 48 -47.71 2.36 16.29
N VAL G 49 -46.86 2.20 17.30
CA VAL G 49 -47.31 1.70 18.59
C VAL G 49 -46.65 2.50 19.70
N ALA G 50 -47.43 2.79 20.74
CA ALA G 50 -46.89 3.53 21.86
C ALA G 50 -45.98 2.61 22.65
N PRO G 51 -44.98 3.17 23.34
CA PRO G 51 -44.07 2.37 24.13
C PRO G 51 -44.72 1.86 25.41
N ALA G 52 -44.25 0.72 25.88
CA ALA G 52 -44.79 0.16 27.10
C ALA G 52 -44.07 0.83 28.27
N ARG G 53 -44.53 0.51 29.48
CA ARG G 53 -43.97 1.05 30.71
C ARG G 53 -42.68 0.32 31.07
N HIS G 54 -41.69 1.04 31.58
CA HIS G 54 -40.41 0.45 31.96
C HIS G 54 -39.84 1.08 33.21
N GLY G 55 -38.94 0.35 33.87
CA GLY G 55 -38.33 0.87 35.07
C GLY G 55 -37.03 1.58 34.79
N LEU G 56 -36.18 1.68 35.80
CA LEU G 56 -34.90 2.35 35.63
C LEU G 56 -33.77 1.36 35.58
N GLU G 57 -34.10 0.07 35.57
CA GLU G 57 -33.05 -0.95 35.55
C GLU G 57 -32.13 -0.85 34.35
N THR G 58 -32.71 -0.68 33.16
CA THR G 58 -31.88 -0.59 31.98
C THR G 58 -31.03 0.67 31.98
N VAL G 59 -31.67 1.83 32.09
CA VAL G 59 -30.96 3.10 32.07
C VAL G 59 -29.91 3.23 33.18
N LEU G 60 -30.18 2.59 34.32
CA LEU G 60 -29.26 2.63 35.44
C LEU G 60 -27.95 1.89 35.16
N LYS G 61 -27.85 1.26 33.99
CA LYS G 61 -26.62 0.54 33.64
C LYS G 61 -25.75 1.39 32.73
N VAL G 62 -26.27 2.55 32.32
CA VAL G 62 -25.53 3.46 31.44
C VAL G 62 -25.45 4.88 32.00
N HIS G 63 -26.37 5.24 32.89
CA HIS G 63 -26.34 6.56 33.49
C HIS G 63 -26.11 6.51 34.98
N ASP G 64 -25.33 7.47 35.46
CA ASP G 64 -25.04 7.59 36.88
C ASP G 64 -26.35 7.80 37.63
N ALA G 65 -26.55 7.07 38.73
CA ALA G 65 -27.79 7.23 39.51
C ALA G 65 -27.90 8.63 40.11
N GLY G 66 -26.77 9.21 40.51
CA GLY G 66 -26.81 10.55 41.06
C GLY G 66 -27.44 11.48 40.03
N TYR G 67 -27.01 11.30 38.79
CA TYR G 67 -27.50 12.08 37.65
C TYR G 67 -29.01 11.91 37.41
N LEU G 68 -29.48 10.66 37.35
CA LEU G 68 -30.90 10.40 37.12
C LEU G 68 -31.74 11.01 38.22
N ASN G 69 -31.27 10.85 39.46
CA ASN G 69 -31.96 11.38 40.62
C ASN G 69 -32.05 12.89 40.48
N PHE G 70 -31.03 13.51 39.87
CA PHE G 70 -31.04 14.96 39.70
C PHE G 70 -32.07 15.47 38.71
N LEU G 71 -32.19 14.80 37.58
CA LEU G 71 -33.13 15.21 36.55
C LEU G 71 -34.56 15.14 37.07
N GLU G 72 -34.91 14.04 37.73
CA GLU G 72 -36.26 13.89 38.22
C GLU G 72 -36.81 15.08 39.00
N THR G 73 -36.01 15.70 39.86
CA THR G 73 -36.52 16.82 40.63
C THR G 73 -35.84 18.15 40.41
N ALA G 74 -35.03 18.22 39.37
CA ALA G 74 -34.33 19.46 39.06
C ALA G 74 -35.34 20.61 38.94
N TRP G 75 -36.35 20.44 38.09
CA TRP G 75 -37.32 21.52 37.90
C TRP G 75 -37.97 22.00 39.18
N ASP G 76 -38.47 21.08 40.01
CA ASP G 76 -39.12 21.50 41.25
C ASP G 76 -38.17 22.32 42.14
N ARG G 77 -36.94 21.83 42.31
CA ARG G 77 -35.98 22.54 43.13
C ARG G 77 -35.68 23.92 42.56
N TRP G 78 -35.66 24.01 41.23
CA TRP G 78 -35.38 25.26 40.57
C TRP G 78 -36.46 26.28 40.88
N LYS G 79 -37.72 25.86 40.79
CA LYS G 79 -38.84 26.77 41.07
C LYS G 79 -38.82 27.14 42.55
N ALA G 80 -38.62 26.15 43.41
CA ALA G 80 -38.57 26.38 44.84
C ALA G 80 -37.50 27.42 45.15
N ALA G 81 -36.38 27.33 44.43
CA ALA G 81 -35.27 28.26 44.63
C ALA G 81 -35.70 29.70 44.34
N GLY G 82 -36.83 29.89 43.67
CA GLY G 82 -37.30 31.23 43.38
C GLY G 82 -36.91 31.79 42.03
N TYR G 83 -36.20 31.00 41.22
CA TYR G 83 -35.77 31.49 39.91
C TYR G 83 -36.95 31.66 38.94
N LYS G 84 -37.03 32.87 38.38
CA LYS G 84 -38.07 33.27 37.46
C LYS G 84 -38.17 32.54 36.11
N GLY G 85 -37.03 32.26 35.49
CA GLY G 85 -37.04 31.59 34.21
C GLY G 85 -36.82 30.09 34.30
N GLU G 86 -36.45 29.46 33.18
CA GLU G 86 -36.21 28.03 33.15
C GLU G 86 -34.84 27.68 33.73
N ALA G 87 -34.65 26.40 34.09
CA ALA G 87 -33.40 25.93 34.68
C ALA G 87 -32.22 25.90 33.73
N ILE G 88 -31.29 26.85 33.88
CA ILE G 88 -30.10 26.92 33.03
C ILE G 88 -28.82 27.01 33.87
N ALA G 89 -27.90 26.08 33.68
CA ALA G 89 -26.65 26.08 34.41
C ALA G 89 -25.83 27.32 34.06
N THR G 90 -25.04 27.81 35.00
CA THR G 90 -24.20 28.97 34.78
C THR G 90 -22.77 28.64 35.16
N SER G 91 -22.61 27.90 36.25
CA SER G 91 -21.27 27.53 36.71
C SER G 91 -20.98 26.08 36.29
N PHE G 92 -19.79 25.85 35.76
CA PHE G 92 -19.43 24.51 35.30
C PHE G 92 -18.06 24.02 35.79
N PRO G 93 -17.96 22.73 36.13
CA PRO G 93 -16.72 22.12 36.61
C PRO G 93 -15.76 21.97 35.44
N VAL G 94 -15.01 23.04 35.15
CA VAL G 94 -14.06 23.03 34.06
C VAL G 94 -12.64 22.69 34.53
N ARG G 95 -11.64 23.08 33.75
CA ARG G 95 -10.26 22.76 34.10
C ARG G 95 -9.87 23.01 35.56
N ARG G 96 -8.98 22.16 36.06
CA ARG G 96 -8.46 22.31 37.41
C ARG G 96 -9.49 22.63 38.51
N THR G 97 -10.64 21.96 38.49
CA THR G 97 -11.68 22.17 39.50
C THR G 97 -11.86 20.95 40.39
N SER G 98 -12.55 21.14 41.52
CA SER G 98 -12.80 20.07 42.46
C SER G 98 -13.80 19.05 41.90
N PRO G 99 -13.65 17.78 42.31
CA PRO G 99 -14.55 16.72 41.84
C PRO G 99 -15.80 16.60 42.72
N ARG G 100 -15.83 17.33 43.83
CA ARG G 100 -16.96 17.29 44.74
C ARG G 100 -18.27 17.71 44.11
N ILE G 101 -19.34 17.04 44.51
CA ILE G 101 -20.66 17.38 43.98
C ILE G 101 -21.27 18.44 44.90
N PRO G 102 -21.79 19.53 44.32
CA PRO G 102 -22.39 20.59 45.13
C PRO G 102 -23.69 20.11 45.76
N THR G 103 -24.26 20.95 46.61
CA THR G 103 -25.49 20.66 47.31
C THR G 103 -26.69 21.44 46.77
N ASP G 104 -26.55 22.76 46.67
CA ASP G 104 -27.65 23.61 46.21
C ASP G 104 -27.98 23.36 44.73
N ILE G 105 -29.19 23.73 44.32
CA ILE G 105 -29.63 23.50 42.95
C ILE G 105 -28.72 24.18 41.93
N GLU G 106 -28.30 25.41 42.22
CA GLU G 106 -27.42 26.14 41.30
C GLU G 106 -26.11 25.39 41.06
N GLY G 107 -25.57 24.79 42.12
CA GLY G 107 -24.34 24.04 41.98
C GLY G 107 -24.52 22.69 41.31
N GLN G 108 -25.58 21.98 41.66
CA GLN G 108 -25.82 20.67 41.06
C GLN G 108 -26.19 20.74 39.59
N ILE G 109 -26.98 21.75 39.21
CA ILE G 109 -27.38 21.82 37.82
C ILE G 109 -26.13 22.00 36.96
N GLY G 110 -25.16 22.76 37.46
CA GLY G 110 -23.91 22.95 36.74
C GLY G 110 -23.12 21.65 36.72
N TYR G 111 -23.00 21.00 37.87
CA TYR G 111 -22.27 19.73 37.97
C TYR G 111 -22.77 18.72 36.93
N TYR G 112 -24.09 18.66 36.74
CA TYR G 112 -24.70 17.73 35.81
C TYR G 112 -24.98 18.27 34.40
N CYS G 113 -24.29 19.32 33.99
CA CYS G 113 -24.51 19.88 32.67
C CYS G 113 -23.24 20.10 31.84
N ASN G 114 -23.29 19.72 30.57
CA ASN G 114 -22.15 19.88 29.67
C ASN G 114 -22.27 21.09 28.75
N ALA G 115 -23.44 21.72 28.75
CA ALA G 115 -23.68 22.88 27.90
C ALA G 115 -24.86 23.71 28.40
N ALA G 116 -24.73 25.03 28.37
CA ALA G 116 -25.79 25.91 28.83
C ALA G 116 -26.80 26.24 27.74
N GLU G 117 -26.76 25.52 26.62
CA GLU G 117 -27.70 25.79 25.55
C GLU G 117 -28.90 24.85 25.65
N THR G 118 -29.11 24.32 26.85
CA THR G 118 -30.23 23.41 27.12
C THR G 118 -30.82 23.70 28.50
N ALA G 119 -32.07 24.14 28.54
CA ALA G 119 -32.72 24.44 29.81
C ALA G 119 -33.65 23.31 30.24
N ILE G 120 -33.81 23.13 31.55
CA ILE G 120 -34.72 22.09 32.02
C ILE G 120 -36.05 22.79 32.23
N SER G 121 -37.13 22.20 31.71
CA SER G 121 -38.45 22.78 31.83
C SER G 121 -39.43 21.77 32.38
N PRO G 122 -40.62 22.24 32.81
CA PRO G 122 -41.62 21.32 33.35
C PRO G 122 -41.94 20.19 32.36
N GLY G 123 -41.97 18.95 32.85
CA GLY G 123 -42.28 17.82 32.00
C GLY G 123 -41.09 17.21 31.26
N THR G 124 -39.91 17.78 31.44
CA THR G 124 -38.72 17.25 30.79
C THR G 124 -38.40 15.84 31.29
N TRP G 125 -38.54 15.63 32.59
CA TRP G 125 -38.26 14.32 33.16
C TRP G 125 -39.21 13.26 32.56
N GLU G 126 -40.52 13.51 32.66
CA GLU G 126 -41.53 12.58 32.11
C GLU G 126 -41.23 12.30 30.64
N ALA G 127 -41.10 13.37 29.88
CA ALA G 127 -40.83 13.29 28.46
C ALA G 127 -39.56 12.48 28.20
N ALA G 128 -38.51 12.72 28.98
CA ALA G 128 -37.26 11.99 28.80
C ALA G 128 -37.48 10.49 28.98
N LEU G 129 -38.24 10.13 30.02
CA LEU G 129 -38.53 8.73 30.30
C LEU G 129 -39.33 8.05 29.20
N SER G 130 -40.28 8.78 28.61
CA SER G 130 -41.13 8.24 27.55
C SER G 130 -40.31 7.95 26.29
N SER G 131 -39.35 8.84 26.01
CA SER G 131 -38.48 8.72 24.86
C SER G 131 -37.59 7.48 25.00
N MET G 132 -37.07 7.27 26.21
CA MET G 132 -36.21 6.13 26.54
C MET G 132 -37.04 4.86 26.41
N ALA G 133 -38.28 4.95 26.87
CA ALA G 133 -39.22 3.84 26.83
C ALA G 133 -39.34 3.36 25.39
N SER G 134 -39.45 4.30 24.46
CA SER G 134 -39.54 4.00 23.04
C SER G 134 -38.27 3.34 22.55
N ALA G 135 -37.15 3.70 23.14
CA ALA G 135 -35.87 3.12 22.73
C ALA G 135 -35.78 1.70 23.25
N ILE G 136 -36.37 1.46 24.43
CA ILE G 136 -36.37 0.12 25.01
C ILE G 136 -37.28 -0.82 24.22
N ASP G 137 -38.48 -0.36 23.87
CA ASP G 137 -39.40 -1.19 23.10
C ASP G 137 -38.80 -1.52 21.73
N GLY G 138 -38.26 -0.50 21.06
CA GLY G 138 -37.67 -0.72 19.76
C GLY G 138 -36.60 -1.79 19.84
N ALA G 139 -35.74 -1.69 20.85
CA ALA G 139 -34.68 -2.67 21.03
C ALA G 139 -35.24 -4.08 21.17
N ASP G 140 -36.25 -4.21 22.02
CA ASP G 140 -36.89 -5.50 22.26
C ASP G 140 -37.40 -6.14 20.98
N LEU G 141 -37.87 -5.31 20.05
CA LEU G 141 -38.35 -5.84 18.79
C LEU G 141 -37.16 -6.51 18.11
N ILE G 142 -36.04 -5.81 18.07
CA ILE G 142 -34.84 -6.35 17.47
C ILE G 142 -34.45 -7.61 18.21
N ALA G 143 -34.65 -7.58 19.52
CA ALA G 143 -34.34 -8.73 20.36
C ALA G 143 -35.23 -9.92 19.96
N ALA G 144 -36.46 -9.64 19.53
CA ALA G 144 -37.39 -10.69 19.13
C ALA G 144 -37.20 -11.24 17.71
N GLY G 145 -36.19 -10.75 16.99
CA GLY G 145 -35.98 -11.25 15.65
C GLY G 145 -36.22 -10.26 14.55
N HIS G 146 -36.78 -9.10 14.89
CA HIS G 146 -37.04 -8.06 13.89
C HIS G 146 -35.72 -7.63 13.27
N LYS G 147 -35.75 -7.39 11.96
CA LYS G 147 -34.58 -6.99 11.20
C LYS G 147 -34.36 -5.47 11.29
N ALA G 148 -35.42 -4.73 11.55
CA ALA G 148 -35.33 -3.29 11.66
C ALA G 148 -36.54 -2.71 12.37
N ALA G 149 -36.32 -1.63 13.11
CA ALA G 149 -37.38 -0.94 13.83
C ALA G 149 -37.00 0.52 13.97
N PHE G 150 -38.00 1.38 14.13
CA PHE G 150 -37.74 2.80 14.27
C PHE G 150 -38.38 3.39 15.52
N SER G 151 -37.53 3.89 16.41
CA SER G 151 -37.99 4.52 17.64
C SER G 151 -37.97 6.02 17.47
N LEU G 152 -39.13 6.62 17.22
CA LEU G 152 -39.21 8.06 17.06
C LEU G 152 -38.98 8.68 18.44
N CYS G 153 -37.72 8.93 18.78
CA CYS G 153 -37.38 9.49 20.08
C CYS G 153 -37.29 11.00 20.15
N ARG G 154 -37.93 11.54 21.18
CA ARG G 154 -37.89 12.95 21.45
C ARG G 154 -38.30 13.11 22.90
N PRO G 155 -37.50 13.83 23.69
CA PRO G 155 -36.26 14.49 23.24
C PRO G 155 -35.19 13.47 22.81
N PRO G 156 -34.14 13.95 22.11
CA PRO G 156 -33.03 13.11 21.62
C PRO G 156 -32.09 12.84 22.79
N GLY G 157 -31.02 12.08 22.58
CA GLY G 157 -30.17 11.81 23.71
C GLY G 157 -28.70 11.49 23.55
N HIS G 158 -28.14 11.54 22.34
CA HIS G 158 -26.74 11.20 22.20
C HIS G 158 -25.77 12.20 22.82
N ALA G 159 -26.29 13.31 23.34
CA ALA G 159 -25.45 14.34 23.97
C ALA G 159 -25.45 14.15 25.49
N ALA G 160 -26.35 13.30 25.97
CA ALA G 160 -26.42 13.03 27.39
C ALA G 160 -25.33 12.01 27.72
N GLY G 161 -24.44 12.42 28.63
CA GLY G 161 -23.33 11.56 29.03
C GLY G 161 -23.64 10.80 30.30
N ILE G 162 -22.64 10.13 30.85
CA ILE G 162 -22.84 9.35 32.06
C ILE G 162 -23.52 10.11 33.18
N ASP G 163 -23.09 11.34 33.39
CA ASP G 163 -23.67 12.15 34.45
C ASP G 163 -23.87 13.59 34.05
N MET G 164 -24.39 13.84 32.85
CA MET G 164 -24.59 15.22 32.40
C MET G 164 -25.52 15.39 31.21
N PHE G 165 -26.36 16.43 31.27
CA PHE G 165 -27.30 16.71 30.19
C PHE G 165 -26.81 17.90 29.38
N GLY G 166 -27.34 18.02 28.18
CA GLY G 166 -26.96 19.11 27.30
C GLY G 166 -27.27 18.78 25.85
N GLY G 167 -26.98 19.73 24.97
CA GLY G 167 -27.21 19.53 23.55
C GLY G 167 -28.63 19.10 23.22
N TYR G 168 -29.54 19.42 24.14
CA TYR G 168 -30.97 19.12 24.03
C TYR G 168 -31.33 17.72 24.54
N CYS G 169 -30.34 17.02 25.10
CA CYS G 169 -30.50 15.66 25.60
C CYS G 169 -30.45 15.54 27.14
N PHE G 170 -31.13 14.54 27.68
CA PHE G 170 -31.20 14.31 29.13
C PHE G 170 -30.93 12.83 29.44
N ILE G 171 -31.48 11.95 28.61
CA ILE G 171 -31.27 10.53 28.78
C ILE G 171 -30.86 9.97 27.44
N ASN G 172 -29.73 9.27 27.44
CA ASN G 172 -29.22 8.70 26.21
C ASN G 172 -30.00 7.49 25.70
N ASN G 173 -31.04 7.76 24.91
CA ASN G 173 -31.89 6.72 24.35
C ASN G 173 -31.09 5.64 23.61
N ALA G 174 -30.21 6.05 22.69
CA ALA G 174 -29.42 5.09 21.93
C ALA G 174 -28.60 4.20 22.85
N ALA G 175 -28.08 4.79 23.92
CA ALA G 175 -27.28 4.03 24.86
C ALA G 175 -28.14 2.99 25.57
N VAL G 176 -29.30 3.42 26.08
CA VAL G 176 -30.18 2.48 26.78
C VAL G 176 -30.57 1.34 25.86
N ALA G 177 -30.90 1.66 24.61
CA ALA G 177 -31.29 0.65 23.61
C ALA G 177 -30.15 -0.36 23.41
N ALA G 178 -28.93 0.13 23.26
CA ALA G 178 -27.81 -0.77 23.09
C ALA G 178 -27.70 -1.66 24.33
N GLN G 179 -27.80 -1.06 25.51
CA GLN G 179 -27.71 -1.81 26.76
C GLN G 179 -28.82 -2.85 26.84
N ARG G 180 -30.02 -2.45 26.46
CA ARG G 180 -31.16 -3.36 26.48
C ARG G 180 -30.89 -4.56 25.60
N LEU G 181 -30.25 -4.34 24.46
CA LEU G 181 -29.95 -5.42 23.52
C LEU G 181 -29.00 -6.42 24.18
N LEU G 182 -28.05 -5.91 24.95
CA LEU G 182 -27.10 -6.74 25.67
C LEU G 182 -27.86 -7.53 26.74
N ASP G 183 -28.75 -6.87 27.47
CA ASP G 183 -29.51 -7.56 28.50
C ASP G 183 -30.34 -8.69 27.91
N LYS G 184 -30.66 -8.59 26.63
CA LYS G 184 -31.46 -9.63 25.97
C LYS G 184 -30.64 -10.77 25.41
N GLY G 185 -29.36 -10.81 25.73
CA GLY G 185 -28.53 -11.90 25.24
C GLY G 185 -27.36 -11.55 24.34
N ALA G 186 -27.35 -10.35 23.76
CA ALA G 186 -26.25 -9.97 22.89
C ALA G 186 -24.98 -9.77 23.70
N LYS G 187 -23.83 -10.02 23.09
CA LYS G 187 -22.57 -9.88 23.78
C LYS G 187 -21.83 -8.65 23.23
N LYS G 188 -21.96 -8.42 21.93
CA LYS G 188 -21.33 -7.26 21.30
C LYS G 188 -22.37 -6.45 20.51
N ILE G 189 -22.45 -5.17 20.80
CA ILE G 189 -23.39 -4.27 20.13
C ILE G 189 -22.65 -3.01 19.62
N ALA G 190 -23.08 -2.51 18.48
CA ALA G 190 -22.47 -1.29 17.93
C ALA G 190 -23.49 -0.15 17.83
N ILE G 191 -22.98 1.07 17.93
CA ILE G 191 -23.82 2.25 17.83
C ILE G 191 -23.20 3.12 16.74
N LEU G 192 -23.97 3.40 15.69
CA LEU G 192 -23.49 4.24 14.60
C LEU G 192 -24.26 5.56 14.67
N ASP G 193 -23.54 6.66 14.90
CA ASP G 193 -24.15 7.98 15.03
C ASP G 193 -23.99 8.83 13.76
N VAL G 194 -25.07 8.98 13.01
CA VAL G 194 -25.03 9.75 11.78
C VAL G 194 -25.50 11.19 11.95
N ASP G 195 -26.00 11.51 13.14
CA ASP G 195 -26.45 12.86 13.46
C ASP G 195 -25.29 13.80 13.14
N PHE G 196 -25.58 15.00 12.67
CA PHE G 196 -24.53 15.95 12.31
C PHE G 196 -23.53 16.22 13.44
N HIS G 197 -24.05 16.32 14.67
CA HIS G 197 -23.22 16.57 15.83
C HIS G 197 -22.66 15.31 16.46
N HIS G 198 -21.42 15.39 16.94
CA HIS G 198 -20.80 14.25 17.58
C HIS G 198 -21.65 13.74 18.75
N GLY G 199 -21.68 12.43 18.93
CA GLY G 199 -22.44 11.83 20.03
C GLY G 199 -21.53 11.77 21.24
N ASN G 200 -21.22 12.95 21.77
CA ASN G 200 -20.34 13.06 22.92
C ASN G 200 -20.90 12.35 24.15
N GLY G 201 -22.21 12.38 24.32
CA GLY G 201 -22.82 11.72 25.45
C GLY G 201 -22.61 10.22 25.33
N THR G 202 -22.87 9.68 24.14
CA THR G 202 -22.70 8.25 23.88
C THR G 202 -21.24 7.84 24.03
N GLN G 203 -20.33 8.55 23.37
CA GLN G 203 -18.92 8.19 23.48
C GLN G 203 -18.59 8.02 24.94
N ASP G 204 -18.94 9.03 25.73
CA ASP G 204 -18.67 8.99 27.17
C ASP G 204 -19.19 7.75 27.90
N ILE G 205 -20.45 7.36 27.64
CA ILE G 205 -21.04 6.19 28.29
C ILE G 205 -20.29 4.90 28.00
N PHE G 206 -19.97 4.66 26.73
CA PHE G 206 -19.30 3.44 26.33
C PHE G 206 -17.80 3.55 26.07
N TYR G 207 -17.18 4.66 26.49
CA TYR G 207 -15.75 4.86 26.25
C TYR G 207 -14.87 3.77 26.85
N GLU G 208 -15.20 3.32 28.06
CA GLU G 208 -14.41 2.26 28.70
C GLU G 208 -15.17 0.93 28.71
N ARG G 209 -16.12 0.79 27.79
CA ARG G 209 -16.91 -0.44 27.64
C ARG G 209 -16.47 -1.17 26.38
N GLY G 210 -16.06 -2.43 26.55
CA GLY G 210 -15.61 -3.21 25.41
C GLY G 210 -16.71 -4.02 24.74
N ASP G 211 -17.84 -4.14 25.42
CA ASP G 211 -18.98 -4.89 24.90
C ASP G 211 -19.79 -4.03 23.92
N VAL G 212 -19.37 -2.79 23.76
CA VAL G 212 -20.07 -1.89 22.84
C VAL G 212 -19.07 -1.08 22.02
N PHE G 213 -19.40 -0.91 20.75
CA PHE G 213 -18.56 -0.14 19.85
C PHE G 213 -19.29 1.12 19.40
N PHE G 214 -18.59 2.25 19.42
CA PHE G 214 -19.17 3.52 19.01
C PHE G 214 -18.43 4.17 17.86
N ALA G 215 -19.18 4.55 16.83
CA ALA G 215 -18.63 5.21 15.65
C ALA G 215 -19.52 6.40 15.38
N SER G 216 -18.91 7.57 15.15
CA SER G 216 -19.64 8.81 14.91
C SER G 216 -19.14 9.60 13.68
N LEU G 217 -20.08 10.08 12.87
CA LEU G 217 -19.75 10.90 11.72
C LEU G 217 -20.35 12.25 12.11
N HIS G 218 -19.53 13.30 12.13
CA HIS G 218 -20.01 14.59 12.59
C HIS G 218 -19.12 15.74 12.14
N GLY G 219 -19.58 16.96 12.42
CA GLY G 219 -18.80 18.13 12.08
C GLY G 219 -17.60 18.19 13.00
N ASP G 220 -16.45 18.58 12.44
CA ASP G 220 -15.21 18.72 13.20
C ASP G 220 -15.46 19.46 14.51
N PRO G 221 -15.14 18.84 15.64
CA PRO G 221 -15.36 19.53 16.93
C PRO G 221 -14.59 20.86 17.04
N ALA G 222 -13.61 21.05 16.17
CA ALA G 222 -12.83 22.28 16.18
C ALA G 222 -13.69 23.51 15.86
N GLU G 223 -14.77 23.30 15.12
CA GLU G 223 -15.65 24.39 14.74
C GLU G 223 -17.13 24.00 14.70
N ALA G 224 -17.53 23.14 15.63
CA ALA G 224 -18.91 22.69 15.71
C ALA G 224 -19.24 22.12 17.10
N PHE G 225 -20.41 22.46 17.62
CA PHE G 225 -20.86 21.95 18.93
C PHE G 225 -20.79 20.43 18.79
N PRO G 226 -20.48 19.69 19.87
CA PRO G 226 -20.21 20.15 21.24
C PRO G 226 -18.83 20.76 21.50
N HIS G 227 -17.97 20.79 20.47
CA HIS G 227 -16.63 21.37 20.57
C HIS G 227 -15.59 20.67 21.43
N PHE G 228 -16.00 19.92 22.44
CA PHE G 228 -15.00 19.30 23.31
C PHE G 228 -14.88 17.78 23.29
N LEU G 229 -15.26 17.18 22.18
CA LEU G 229 -15.18 15.74 22.01
C LEU G 229 -15.51 15.40 20.56
N GLY G 230 -14.89 14.36 20.02
CA GLY G 230 -15.18 13.98 18.65
C GLY G 230 -13.96 13.99 17.74
N TYR G 231 -12.80 14.23 18.32
CA TYR G 231 -11.55 14.24 17.55
C TYR G 231 -11.17 12.80 17.22
N ALA G 232 -10.55 12.61 16.06
CA ALA G 232 -10.13 11.29 15.59
C ALA G 232 -9.24 10.53 16.57
N GLU G 233 -8.48 11.26 17.37
CA GLU G 233 -7.59 10.68 18.35
C GLU G 233 -8.31 9.85 19.40
N GLU G 234 -9.55 10.22 19.71
CA GLU G 234 -10.34 9.50 20.71
C GLU G 234 -10.74 8.12 20.19
N THR G 235 -10.18 7.07 20.79
CA THR G 235 -10.49 5.71 20.34
C THR G 235 -10.90 4.75 21.47
N GLY G 236 -11.10 5.29 22.66
CA GLY G 236 -11.49 4.44 23.78
C GLY G 236 -10.47 4.51 24.89
N LYS G 237 -10.80 3.93 26.05
CA LYS G 237 -9.87 3.96 27.18
C LYS G 237 -9.96 2.68 28.02
N GLY G 238 -8.82 2.29 28.59
CA GLY G 238 -8.78 1.08 29.40
C GLY G 238 -9.54 -0.06 28.78
N ALA G 239 -10.46 -0.62 29.58
CA ALA G 239 -11.30 -1.73 29.15
C ALA G 239 -12.02 -1.50 27.81
N GLY G 240 -12.20 -0.23 27.45
CA GLY G 240 -12.86 0.09 26.20
C GLY G 240 -11.90 0.63 25.14
N ALA G 241 -10.65 0.18 25.17
CA ALA G 241 -9.69 0.65 24.19
C ALA G 241 -10.10 0.16 22.80
N GLY G 242 -9.89 1.02 21.81
CA GLY G 242 -10.25 0.66 20.44
C GLY G 242 -11.72 0.46 20.13
N THR G 243 -12.62 0.95 20.98
CA THR G 243 -14.03 0.76 20.70
C THR G 243 -14.78 2.03 20.28
N THR G 244 -14.00 3.06 19.97
CA THR G 244 -14.56 4.35 19.52
C THR G 244 -13.88 4.76 18.24
N ALA G 245 -14.69 5.18 17.27
CA ALA G 245 -14.16 5.60 15.97
C ALA G 245 -14.84 6.90 15.55
N ASN G 246 -14.10 8.00 15.66
CA ASN G 246 -14.64 9.30 15.30
C ASN G 246 -14.23 9.77 13.91
N TYR G 247 -15.20 10.24 13.15
CA TYR G 247 -14.96 10.71 11.80
C TYR G 247 -15.37 12.16 11.64
N PRO G 248 -14.60 13.08 12.22
CA PRO G 248 -14.91 14.51 12.13
C PRO G 248 -14.73 14.99 10.69
N MET G 249 -15.63 15.86 10.23
CA MET G 249 -15.52 16.37 8.87
C MET G 249 -15.78 17.87 8.85
N GLY G 250 -15.10 18.55 7.92
CA GLY G 250 -15.17 19.99 7.78
C GLY G 250 -16.41 20.56 7.14
N ARG G 251 -16.47 21.89 7.07
CA ARG G 251 -17.61 22.59 6.51
C ARG G 251 -17.91 22.25 5.05
N GLY G 252 -19.20 22.14 4.75
CA GLY G 252 -19.66 21.85 3.39
C GLY G 252 -19.42 20.44 2.88
N THR G 253 -19.12 19.50 3.77
CA THR G 253 -18.88 18.13 3.34
C THR G 253 -20.05 17.55 2.55
N PRO G 254 -19.78 17.05 1.34
CA PRO G 254 -20.79 16.46 0.47
C PRO G 254 -20.85 14.95 0.71
N TYR G 255 -21.92 14.30 0.28
CA TYR G 255 -22.03 12.86 0.51
C TYR G 255 -20.82 12.10 -0.04
N SER G 256 -20.24 12.56 -1.14
CA SER G 256 -19.07 11.89 -1.69
C SER G 256 -18.01 11.67 -0.61
N VAL G 257 -17.89 12.61 0.32
CA VAL G 257 -16.91 12.48 1.40
C VAL G 257 -17.48 11.76 2.63
N TRP G 258 -18.69 12.16 3.00
CA TRP G 258 -19.39 11.60 4.14
C TRP G 258 -19.62 10.10 3.95
N GLY G 259 -20.12 9.74 2.76
CA GLY G 259 -20.38 8.34 2.48
C GLY G 259 -19.11 7.51 2.60
N GLU G 260 -17.97 8.13 2.35
CA GLU G 260 -16.68 7.46 2.43
C GLU G 260 -16.41 7.12 3.88
N ALA G 261 -16.64 8.09 4.76
CA ALA G 261 -16.43 7.87 6.17
C ALA G 261 -17.45 6.83 6.64
N LEU G 262 -18.69 6.96 6.18
CA LEU G 262 -19.74 6.02 6.57
C LEU G 262 -19.31 4.58 6.31
N THR G 263 -18.95 4.31 5.06
CA THR G 263 -18.53 2.99 4.65
C THR G 263 -17.36 2.50 5.51
N ASP G 264 -16.48 3.41 5.91
CA ASP G 264 -15.36 2.99 6.72
C ASP G 264 -15.78 2.60 8.13
N SER G 265 -16.69 3.37 8.71
CA SER G 265 -17.15 3.05 10.06
C SER G 265 -17.83 1.68 10.07
N LEU G 266 -18.53 1.35 8.99
CA LEU G 266 -19.22 0.05 8.90
C LEU G 266 -18.24 -1.11 8.86
N LYS G 267 -17.06 -0.87 8.32
CA LYS G 267 -16.07 -1.92 8.24
C LYS G 267 -15.51 -2.18 9.64
N ARG G 268 -15.24 -1.11 10.39
CA ARG G 268 -14.71 -1.25 11.75
C ARG G 268 -15.75 -1.90 12.67
N ILE G 269 -17.03 -1.60 12.43
CA ILE G 269 -18.11 -2.16 13.22
C ILE G 269 -18.20 -3.66 12.94
N ALA G 270 -18.07 -4.02 11.67
CA ALA G 270 -18.12 -5.42 11.27
C ALA G 270 -16.95 -6.19 11.87
N ALA G 271 -15.77 -5.58 11.87
CA ALA G 271 -14.60 -6.21 12.44
C ALA G 271 -14.76 -6.38 13.95
N PHE G 272 -15.56 -5.51 14.56
CA PHE G 272 -15.80 -5.56 16.01
C PHE G 272 -16.63 -6.79 16.33
N GLY G 273 -17.51 -7.13 15.40
CA GLY G 273 -18.38 -8.28 15.58
C GLY G 273 -19.71 -7.88 16.18
N ALA G 274 -20.28 -6.77 15.73
CA ALA G 274 -21.56 -6.34 16.27
C ALA G 274 -22.67 -7.29 15.85
N GLU G 275 -23.54 -7.61 16.81
CA GLU G 275 -24.66 -8.51 16.57
C GLU G 275 -25.84 -7.69 16.06
N ALA G 276 -25.88 -6.44 16.49
CA ALA G 276 -26.93 -5.52 16.08
C ALA G 276 -26.29 -4.14 16.05
N ILE G 277 -26.97 -3.20 15.40
CA ILE G 277 -26.46 -1.85 15.30
C ILE G 277 -27.54 -0.83 15.59
N VAL G 278 -27.32 -0.05 16.64
CA VAL G 278 -28.26 1.01 17.01
C VAL G 278 -27.75 2.23 16.23
N VAL G 279 -28.64 2.83 15.46
CA VAL G 279 -28.32 3.98 14.64
C VAL G 279 -28.91 5.27 15.23
N SER G 280 -28.06 6.15 15.74
CA SER G 280 -28.53 7.42 16.27
C SER G 280 -28.74 8.25 15.01
N LEU G 281 -29.98 8.29 14.53
CA LEU G 281 -30.27 9.02 13.31
C LEU G 281 -30.54 10.49 13.57
N GLY G 282 -29.82 11.33 12.84
CA GLY G 282 -30.00 12.76 12.94
C GLY G 282 -29.97 13.23 11.51
N VAL G 283 -30.99 13.95 11.07
CA VAL G 283 -31.01 14.41 9.69
C VAL G 283 -30.53 15.84 9.57
N ASP G 284 -29.85 16.33 10.60
CA ASP G 284 -29.33 17.69 10.57
C ASP G 284 -28.05 17.77 9.76
N THR G 285 -27.83 16.76 8.91
CA THR G 285 -26.67 16.70 8.03
C THR G 285 -27.17 17.18 6.66
N PHE G 286 -28.46 17.52 6.63
CA PHE G 286 -29.13 18.00 5.42
C PHE G 286 -28.56 19.37 5.04
N GLU G 287 -28.46 19.62 3.73
CA GLU G 287 -27.91 20.90 3.25
C GLU G 287 -28.69 22.12 3.72
N GLN G 288 -29.99 21.95 3.96
CA GLN G 288 -30.83 23.04 4.39
C GLN G 288 -31.00 23.13 5.89
N ASP G 289 -30.15 22.46 6.65
CA ASP G 289 -30.27 22.50 8.10
C ASP G 289 -29.84 23.86 8.66
N PRO G 290 -30.66 24.41 9.57
CA PRO G 290 -30.41 25.71 10.20
C PRO G 290 -29.19 25.87 11.11
N ILE G 291 -28.64 24.78 11.63
CA ILE G 291 -27.47 24.89 12.51
C ILE G 291 -26.29 23.98 12.18
N SER G 292 -26.29 23.41 10.98
CA SER G 292 -25.22 22.52 10.58
C SER G 292 -24.61 22.97 9.25
N PHE G 293 -23.40 22.51 8.97
CA PHE G 293 -22.72 22.90 7.75
C PHE G 293 -22.33 21.78 6.80
N PHE G 294 -23.14 20.72 6.75
CA PHE G 294 -22.88 19.61 5.82
C PHE G 294 -23.80 19.78 4.64
N LYS G 295 -23.48 19.12 3.53
CA LYS G 295 -24.31 19.27 2.34
C LYS G 295 -24.84 17.97 1.76
N LEU G 296 -25.80 17.36 2.46
CA LEU G 296 -26.41 16.13 1.97
C LEU G 296 -27.79 16.46 1.38
N THR G 297 -28.20 15.67 0.39
CA THR G 297 -29.51 15.87 -0.23
C THR G 297 -30.41 14.72 0.19
N SER G 298 -31.72 14.91 0.09
CA SER G 298 -32.68 13.89 0.49
C SER G 298 -32.38 12.49 -0.05
N PRO G 299 -32.05 12.36 -1.35
CA PRO G 299 -31.76 11.04 -1.90
C PRO G 299 -30.64 10.31 -1.15
N ASP G 300 -29.68 11.07 -0.64
CA ASP G 300 -28.55 10.47 0.09
C ASP G 300 -29.00 9.69 1.31
N TYR G 301 -30.14 10.07 1.89
CA TYR G 301 -30.65 9.37 3.07
C TYR G 301 -31.12 7.96 2.73
N ILE G 302 -31.52 7.75 1.48
CA ILE G 302 -31.95 6.45 1.02
C ILE G 302 -30.69 5.58 0.99
N THR G 303 -29.62 6.13 0.41
CA THR G 303 -28.35 5.43 0.31
C THR G 303 -27.82 5.08 1.70
N MET G 304 -27.82 6.09 2.58
CA MET G 304 -27.34 5.93 3.94
C MET G 304 -28.01 4.75 4.61
N GLY G 305 -29.34 4.75 4.58
CA GLY G 305 -30.09 3.67 5.17
C GLY G 305 -29.82 2.33 4.50
N ARG G 306 -29.85 2.32 3.17
CA ARG G 306 -29.61 1.10 2.41
C ARG G 306 -28.22 0.57 2.73
N THR G 307 -27.21 1.43 2.66
CA THR G 307 -25.84 1.02 2.94
C THR G 307 -25.66 0.40 4.32
N ILE G 308 -26.21 1.06 5.33
CA ILE G 308 -26.12 0.59 6.71
C ILE G 308 -26.82 -0.75 6.86
N ALA G 309 -28.04 -0.84 6.33
CA ALA G 309 -28.78 -2.08 6.42
C ALA G 309 -28.04 -3.20 5.71
N ALA G 310 -27.21 -2.83 4.73
CA ALA G 310 -26.47 -3.84 4.00
C ALA G 310 -25.38 -4.48 4.86
N SER G 311 -25.38 -4.16 6.16
CA SER G 311 -24.37 -4.72 7.04
C SER G 311 -24.69 -6.18 7.35
N GLY G 312 -25.97 -6.54 7.23
CA GLY G 312 -26.36 -7.90 7.51
C GLY G 312 -26.89 -8.11 8.91
N VAL G 313 -26.56 -7.21 9.83
CA VAL G 313 -27.06 -7.36 11.20
C VAL G 313 -28.32 -6.54 11.40
N PRO G 314 -29.14 -6.88 12.41
CA PRO G 314 -30.37 -6.15 12.70
C PRO G 314 -30.11 -4.67 12.99
N LEU G 315 -31.06 -3.81 12.62
CA LEU G 315 -30.92 -2.39 12.84
C LEU G 315 -32.04 -1.77 13.67
N LEU G 316 -31.64 -0.90 14.60
CA LEU G 316 -32.61 -0.17 15.42
C LEU G 316 -32.30 1.30 15.18
N VAL G 317 -33.22 2.02 14.56
CA VAL G 317 -33.02 3.44 14.28
C VAL G 317 -33.62 4.30 15.40
N VAL G 318 -32.78 5.09 16.07
CA VAL G 318 -33.26 5.98 17.13
C VAL G 318 -33.18 7.43 16.63
N MET G 319 -34.28 8.17 16.76
CA MET G 319 -34.32 9.56 16.30
C MET G 319 -33.45 10.48 17.17
N GLU G 320 -32.75 11.41 16.51
CA GLU G 320 -31.90 12.39 17.19
C GLU G 320 -32.19 13.76 16.58
N GLY G 321 -31.15 14.38 16.04
CA GLY G 321 -31.28 15.70 15.44
C GLY G 321 -31.95 15.87 14.09
N GLY G 322 -32.09 17.14 13.69
CA GLY G 322 -32.72 17.53 12.45
C GLY G 322 -33.63 18.69 12.81
N TYR G 323 -33.39 19.86 12.23
CA TYR G 323 -34.19 21.04 12.58
C TYR G 323 -34.62 21.89 11.41
N GLY G 324 -35.34 22.97 11.74
CA GLY G 324 -35.78 23.93 10.75
C GLY G 324 -36.79 23.53 9.70
N VAL G 325 -36.27 23.24 8.50
CA VAL G 325 -37.09 22.86 7.34
C VAL G 325 -37.98 21.66 7.62
N PRO G 326 -39.05 21.51 6.84
CA PRO G 326 -40.00 20.40 6.99
C PRO G 326 -39.50 19.09 6.37
N GLU G 327 -38.49 19.19 5.51
CA GLU G 327 -37.93 18.02 4.87
C GLU G 327 -37.27 17.05 5.83
N ILE G 328 -37.21 17.42 7.11
CA ILE G 328 -36.61 16.56 8.10
C ILE G 328 -37.39 15.27 8.15
N GLY G 329 -38.66 15.36 7.76
CA GLY G 329 -39.51 14.19 7.76
C GLY G 329 -39.18 13.32 6.57
N LEU G 330 -39.11 13.94 5.40
CA LEU G 330 -38.77 13.23 4.19
C LEU G 330 -37.43 12.55 4.37
N ASN G 331 -36.46 13.29 4.86
CA ASN G 331 -35.12 12.74 5.07
C ASN G 331 -35.09 11.54 5.99
N VAL G 332 -35.88 11.57 7.06
CA VAL G 332 -35.91 10.45 7.99
C VAL G 332 -36.61 9.28 7.28
N ALA G 333 -37.72 9.60 6.63
CA ALA G 333 -38.49 8.61 5.88
C ALA G 333 -37.64 7.88 4.84
N ASN G 334 -36.76 8.61 4.15
CA ASN G 334 -35.90 8.00 3.14
C ASN G 334 -34.90 7.04 3.77
N VAL G 335 -34.47 7.33 4.99
CA VAL G 335 -33.52 6.44 5.65
C VAL G 335 -34.22 5.10 5.87
N LEU G 336 -35.43 5.14 6.42
CA LEU G 336 -36.18 3.91 6.64
C LEU G 336 -36.49 3.21 5.34
N LYS G 337 -36.81 4.01 4.32
CA LYS G 337 -37.11 3.47 3.00
C LYS G 337 -35.86 2.74 2.47
N GLY G 338 -34.68 3.25 2.82
CA GLY G 338 -33.44 2.64 2.37
C GLY G 338 -33.07 1.38 3.14
N VAL G 339 -33.51 1.32 4.40
CA VAL G 339 -33.26 0.17 5.26
C VAL G 339 -34.25 -0.92 4.88
N ALA G 340 -35.46 -0.53 4.50
CA ALA G 340 -36.51 -1.46 4.10
C ALA G 340 -36.06 -2.33 2.93
N GLY G 341 -35.11 -1.84 2.15
CA GLY G 341 -34.62 -2.60 1.00
C GLY G 341 -35.50 -2.39 -0.22
N MET H 1 -20.04 15.62 -73.50
CA MET H 1 -20.25 15.25 -72.07
C MET H 1 -20.39 16.52 -71.25
N ARG H 2 -21.06 16.43 -70.10
CA ARG H 2 -21.22 17.61 -69.26
C ARG H 2 -19.95 17.85 -68.42
N VAL H 3 -19.75 19.10 -68.01
CA VAL H 3 -18.59 19.45 -67.20
C VAL H 3 -19.02 20.07 -65.87
N ILE H 4 -18.75 19.36 -64.77
CA ILE H 4 -19.10 19.87 -63.44
C ILE H 4 -17.91 20.66 -62.93
N PHE H 5 -18.13 21.93 -62.60
CA PHE H 5 -17.04 22.79 -62.12
C PHE H 5 -17.51 23.81 -61.08
N SER H 6 -16.62 24.17 -60.17
CA SER H 6 -16.94 25.14 -59.12
C SER H 6 -15.92 26.25 -59.01
N GLU H 7 -16.39 27.49 -58.98
CA GLU H 7 -15.51 28.64 -58.86
C GLU H 7 -14.87 28.69 -57.48
N ASP H 8 -15.45 27.99 -56.51
CA ASP H 8 -14.90 28.01 -55.16
C ASP H 8 -13.51 27.39 -55.03
N HIS H 9 -13.02 26.78 -56.09
CA HIS H 9 -11.69 26.18 -56.04
C HIS H 9 -10.70 27.28 -55.71
N LYS H 10 -11.03 28.51 -56.08
CA LYS H 10 -10.15 29.64 -55.83
C LYS H 10 -9.86 29.81 -54.34
N LEU H 11 -10.73 29.32 -53.47
CA LEU H 11 -10.52 29.45 -52.03
C LEU H 11 -9.24 28.70 -51.62
N ARG H 12 -8.79 27.81 -52.49
CA ARG H 12 -7.56 27.07 -52.26
C ARG H 12 -6.47 27.85 -53.00
N ASN H 13 -5.72 28.65 -52.26
CA ASN H 13 -4.64 29.44 -52.84
C ASN H 13 -3.53 29.70 -51.83
N ALA H 14 -2.87 28.64 -51.38
CA ALA H 14 -1.78 28.80 -50.43
C ALA H 14 -0.70 29.60 -51.12
N LYS H 15 0.12 30.29 -50.35
CA LYS H 15 1.15 31.06 -50.98
C LYS H 15 2.52 30.43 -50.86
N THR H 16 2.64 29.43 -50.01
CA THR H 16 3.92 28.76 -49.83
C THR H 16 3.85 27.24 -50.04
N GLU H 17 4.96 26.70 -50.53
CA GLU H 17 5.11 25.27 -50.76
C GLU H 17 6.57 24.91 -50.53
N LEU H 18 6.80 23.89 -49.70
CA LEU H 18 8.15 23.46 -49.39
C LEU H 18 8.72 22.66 -50.57
N TYR H 19 9.56 23.31 -51.36
CA TYR H 19 10.15 22.67 -52.53
C TYR H 19 11.63 23.02 -52.69
N GLY H 20 12.47 22.00 -52.80
CA GLY H 20 13.89 22.25 -52.95
C GLY H 20 14.46 23.00 -51.76
N GLY H 21 13.84 22.82 -50.59
CA GLY H 21 14.33 23.49 -49.40
C GLY H 21 13.97 24.95 -49.29
N GLU H 22 12.99 25.39 -50.08
CA GLU H 22 12.54 26.79 -50.04
C GLU H 22 11.02 26.81 -50.06
N LEU H 23 10.45 27.94 -49.65
CA LEU H 23 9.01 28.10 -49.67
C LEU H 23 8.72 28.87 -50.94
N VAL H 24 8.12 28.22 -51.92
CA VAL H 24 7.82 28.86 -53.20
C VAL H 24 6.34 28.82 -53.53
N PRO H 25 5.90 29.61 -54.54
CA PRO H 25 4.48 29.59 -54.88
C PRO H 25 4.09 28.16 -55.25
N PRO H 26 2.96 27.68 -54.72
CA PRO H 26 2.44 26.33 -54.96
C PRO H 26 2.24 26.00 -56.45
N PHE H 27 2.86 24.91 -56.90
CA PHE H 27 2.75 24.49 -58.30
C PHE H 27 1.30 24.23 -58.70
N GLU H 28 0.49 23.82 -57.72
CA GLU H 28 -0.93 23.55 -57.94
C GLU H 28 -1.65 24.89 -57.65
N ALA H 29 -1.49 25.82 -58.58
CA ALA H 29 -2.05 27.16 -58.49
C ALA H 29 -3.46 27.27 -59.09
N PRO H 30 -4.24 28.28 -58.64
CA PRO H 30 -5.60 28.52 -59.11
C PRO H 30 -5.77 28.64 -60.63
N PHE H 31 -4.81 29.30 -61.30
CA PHE H 31 -4.90 29.46 -62.74
C PHE H 31 -5.11 28.13 -63.48
N ARG H 32 -4.56 27.04 -62.93
CA ARG H 32 -4.71 25.71 -63.55
C ARG H 32 -6.19 25.47 -63.87
N ALA H 33 -7.04 25.56 -62.86
CA ALA H 33 -8.47 25.34 -63.05
C ALA H 33 -9.03 26.30 -64.08
N GLU H 34 -8.69 27.58 -63.92
CA GLU H 34 -9.13 28.64 -64.82
C GLU H 34 -8.81 28.25 -66.26
N TRP H 35 -7.52 28.11 -66.56
CA TRP H 35 -7.07 27.77 -67.89
C TRP H 35 -7.66 26.46 -68.42
N ILE H 36 -7.59 25.38 -67.63
CA ILE H 36 -8.16 24.11 -68.06
C ILE H 36 -9.64 24.20 -68.41
N LEU H 37 -10.42 24.97 -67.64
CA LEU H 37 -11.85 25.14 -67.93
C LEU H 37 -12.00 25.85 -69.27
N ALA H 38 -11.19 26.88 -69.45
CA ALA H 38 -11.21 27.67 -70.66
C ALA H 38 -10.81 26.82 -71.86
N ALA H 39 -9.87 25.91 -71.66
CA ALA H 39 -9.40 25.06 -72.73
C ALA H 39 -10.43 24.01 -73.17
N VAL H 40 -11.15 23.43 -72.20
CA VAL H 40 -12.15 22.41 -72.54
C VAL H 40 -13.39 22.99 -73.21
N LYS H 41 -13.76 24.20 -72.81
CA LYS H 41 -14.92 24.87 -73.40
C LYS H 41 -14.60 25.07 -74.89
N GLU H 42 -13.42 25.62 -75.15
CA GLU H 42 -12.95 25.88 -76.50
C GLU H 42 -12.89 24.62 -77.34
N ALA H 43 -12.73 23.46 -76.69
CA ALA H 43 -12.65 22.20 -77.39
C ALA H 43 -14.02 21.71 -77.79
N GLY H 44 -15.06 22.41 -77.33
CA GLY H 44 -16.42 22.01 -77.66
C GLY H 44 -17.26 21.58 -76.48
N PHE H 45 -16.62 21.41 -75.32
CA PHE H 45 -17.34 21.00 -74.12
C PHE H 45 -17.74 22.25 -73.34
N ASP H 46 -18.79 22.92 -73.79
CA ASP H 46 -19.23 24.14 -73.13
C ASP H 46 -20.38 23.93 -72.16
N ASP H 47 -20.87 22.69 -72.07
CA ASP H 47 -21.97 22.40 -71.16
C ASP H 47 -21.42 22.35 -69.73
N VAL H 48 -21.02 23.52 -69.24
CA VAL H 48 -20.44 23.65 -67.90
C VAL H 48 -21.49 24.01 -66.86
N VAL H 49 -21.62 23.19 -65.81
CA VAL H 49 -22.59 23.45 -64.76
C VAL H 49 -21.93 23.41 -63.39
N ALA H 50 -22.42 24.22 -62.47
CA ALA H 50 -21.85 24.24 -61.12
C ALA H 50 -22.39 23.09 -60.28
N PRO H 51 -21.58 22.59 -59.34
CA PRO H 51 -21.97 21.50 -58.47
C PRO H 51 -22.94 21.91 -57.39
N ALA H 52 -23.94 21.06 -57.17
CA ALA H 52 -24.95 21.29 -56.16
C ALA H 52 -24.32 21.08 -54.79
N ARG H 53 -25.01 21.55 -53.75
CA ARG H 53 -24.51 21.41 -52.39
C ARG H 53 -24.62 19.96 -51.93
N HIS H 54 -23.67 19.52 -51.11
CA HIS H 54 -23.65 18.15 -50.60
C HIS H 54 -23.23 18.04 -49.15
N GLY H 55 -23.69 16.99 -48.48
CA GLY H 55 -23.32 16.79 -47.09
C GLY H 55 -21.99 16.07 -46.97
N LEU H 56 -21.70 15.52 -45.79
CA LEU H 56 -20.45 14.79 -45.59
C LEU H 56 -20.69 13.31 -45.53
N GLU H 57 -21.93 12.90 -45.77
CA GLU H 57 -22.27 11.49 -45.72
C GLU H 57 -21.40 10.62 -46.63
N THR H 58 -21.22 11.02 -47.88
CA THR H 58 -20.42 10.21 -48.80
C THR H 58 -18.95 10.18 -48.45
N VAL H 59 -18.36 11.37 -48.25
CA VAL H 59 -16.94 11.48 -47.93
C VAL H 59 -16.58 10.70 -46.64
N LEU H 60 -17.52 10.64 -45.71
CA LEU H 60 -17.33 9.94 -44.44
C LEU H 60 -17.32 8.42 -44.61
N LYS H 61 -17.53 7.96 -45.84
CA LYS H 61 -17.51 6.52 -46.09
C LYS H 61 -16.16 6.14 -46.68
N VAL H 62 -15.27 7.12 -46.86
CA VAL H 62 -13.93 6.85 -47.39
C VAL H 62 -12.83 7.51 -46.57
N HIS H 63 -13.15 8.57 -45.84
CA HIS H 63 -12.15 9.24 -45.01
C HIS H 63 -12.48 9.09 -43.53
N ASP H 64 -11.42 9.09 -42.72
CA ASP H 64 -11.53 8.99 -41.27
C ASP H 64 -12.19 10.25 -40.72
N ALA H 65 -13.15 10.08 -39.80
CA ALA H 65 -13.85 11.22 -39.20
C ALA H 65 -12.92 12.17 -38.47
N GLY H 66 -11.90 11.62 -37.80
CA GLY H 66 -10.96 12.46 -37.10
C GLY H 66 -10.25 13.34 -38.10
N TYR H 67 -9.76 12.72 -39.17
CA TYR H 67 -9.06 13.42 -40.23
C TYR H 67 -9.90 14.57 -40.77
N LEU H 68 -11.13 14.27 -41.19
CA LEU H 68 -12.02 15.33 -41.70
C LEU H 68 -12.21 16.41 -40.65
N ASN H 69 -12.46 16.01 -39.40
CA ASN H 69 -12.64 16.98 -38.33
C ASN H 69 -11.41 17.89 -38.22
N PHE H 70 -10.23 17.28 -38.32
CA PHE H 70 -8.98 18.03 -38.24
C PHE H 70 -8.87 19.10 -39.33
N LEU H 71 -9.20 18.73 -40.57
CA LEU H 71 -9.12 19.65 -41.70
C LEU H 71 -10.02 20.87 -41.54
N GLU H 72 -11.26 20.66 -41.11
CA GLU H 72 -12.20 21.77 -40.95
C GLU H 72 -11.72 22.87 -40.00
N THR H 73 -10.94 22.51 -38.98
CA THR H 73 -10.47 23.49 -38.02
C THR H 73 -8.94 23.67 -37.96
N ALA H 74 -8.24 23.03 -38.89
CA ALA H 74 -6.78 23.12 -38.93
C ALA H 74 -6.24 24.54 -38.95
N TRP H 75 -6.70 25.35 -39.90
CA TRP H 75 -6.20 26.72 -40.01
C TRP H 75 -6.53 27.59 -38.79
N ASP H 76 -7.76 27.51 -38.30
CA ASP H 76 -8.13 28.32 -37.16
C ASP H 76 -7.17 28.04 -36.00
N ARG H 77 -7.03 26.76 -35.67
CA ARG H 77 -6.14 26.35 -34.59
C ARG H 77 -4.69 26.82 -34.81
N TRP H 78 -4.22 26.68 -36.05
CA TRP H 78 -2.86 27.07 -36.41
C TRP H 78 -2.61 28.56 -36.16
N LYS H 79 -3.48 29.41 -36.69
CA LYS H 79 -3.33 30.83 -36.51
C LYS H 79 -3.52 31.16 -35.03
N ALA H 80 -4.40 30.39 -34.39
CA ALA H 80 -4.68 30.59 -32.97
C ALA H 80 -3.43 30.28 -32.13
N ALA H 81 -2.56 29.44 -32.64
CA ALA H 81 -1.33 29.08 -31.94
C ALA H 81 -0.30 30.20 -32.02
N GLY H 82 -0.50 31.12 -32.96
CA GLY H 82 0.42 32.24 -33.10
C GLY H 82 1.50 32.05 -34.13
N TYR H 83 1.42 30.95 -34.88
CA TYR H 83 2.41 30.68 -35.92
C TYR H 83 2.19 31.69 -37.03
N LYS H 84 3.30 32.28 -37.49
CA LYS H 84 3.28 33.29 -38.52
C LYS H 84 3.04 32.80 -39.95
N GLY H 85 3.66 31.68 -40.30
CA GLY H 85 3.49 31.13 -41.65
C GLY H 85 2.27 30.25 -41.79
N GLU H 86 2.18 29.54 -42.90
CA GLU H 86 1.05 28.65 -43.16
C GLU H 86 1.19 27.29 -42.44
N ALA H 87 0.09 26.58 -42.27
CA ALA H 87 0.11 25.29 -41.59
C ALA H 87 0.88 24.22 -42.35
N ILE H 88 2.06 23.89 -41.85
CA ILE H 88 2.91 22.87 -42.47
C ILE H 88 3.51 21.96 -41.41
N ALA H 89 3.28 20.66 -41.56
CA ALA H 89 3.80 19.68 -40.62
C ALA H 89 5.32 19.61 -40.60
N THR H 90 5.87 19.34 -39.42
CA THR H 90 7.32 19.23 -39.22
C THR H 90 7.64 17.80 -38.74
N SER H 91 6.96 17.36 -37.68
CA SER H 91 7.19 16.02 -37.15
C SER H 91 6.22 15.00 -37.77
N PHE H 92 6.71 13.79 -38.03
CA PHE H 92 5.89 12.74 -38.65
C PHE H 92 5.95 11.34 -37.96
N PRO H 93 4.83 10.58 -38.00
CA PRO H 93 4.77 9.25 -37.39
C PRO H 93 5.40 8.23 -38.35
N VAL H 94 6.73 8.24 -38.38
CA VAL H 94 7.46 7.36 -39.27
C VAL H 94 7.68 5.97 -38.69
N ARG H 95 8.81 5.35 -38.96
CA ARG H 95 9.04 4.00 -38.45
C ARG H 95 9.11 3.90 -36.94
N ARG H 96 8.60 2.77 -36.44
CA ARG H 96 8.60 2.45 -35.02
C ARG H 96 8.12 3.55 -34.08
N THR H 97 7.08 4.26 -34.52
CA THR H 97 6.51 5.34 -33.74
C THR H 97 5.18 4.89 -33.14
N SER H 98 4.73 5.61 -32.11
CA SER H 98 3.48 5.32 -31.44
C SER H 98 2.30 5.52 -32.40
N PRO H 99 1.16 4.87 -32.13
CA PRO H 99 -0.02 5.02 -33.00
C PRO H 99 -0.97 6.11 -32.46
N ARG H 100 -0.62 6.65 -31.30
CA ARG H 100 -1.42 7.67 -30.63
C ARG H 100 -1.53 9.01 -31.39
N ILE H 101 -2.66 9.69 -31.20
CA ILE H 101 -2.87 10.97 -31.87
C ILE H 101 -2.60 12.14 -30.91
N PRO H 102 -1.74 13.08 -31.31
CA PRO H 102 -1.45 14.22 -30.43
C PRO H 102 -2.69 15.04 -30.16
N THR H 103 -2.58 15.99 -29.24
CA THR H 103 -3.72 16.85 -28.95
C THR H 103 -3.42 18.24 -29.49
N ASP H 104 -2.13 18.57 -29.56
CA ASP H 104 -1.67 19.87 -30.05
C ASP H 104 -1.79 20.00 -31.57
N ILE H 105 -2.15 21.19 -32.05
CA ILE H 105 -2.30 21.40 -33.48
C ILE H 105 -1.05 21.03 -34.28
N GLU H 106 0.11 21.28 -33.70
CA GLU H 106 1.39 20.97 -34.33
C GLU H 106 1.56 19.46 -34.48
N GLY H 107 1.32 18.73 -33.41
CA GLY H 107 1.46 17.28 -33.49
C GLY H 107 0.39 16.65 -34.36
N GLN H 108 -0.79 17.24 -34.38
CA GLN H 108 -1.86 16.68 -35.18
C GLN H 108 -1.64 16.86 -36.66
N ILE H 109 -1.19 18.04 -37.06
CA ILE H 109 -0.97 18.26 -38.46
C ILE H 109 0.02 17.22 -38.97
N GLY H 110 0.97 16.82 -38.13
CA GLY H 110 1.94 15.81 -38.52
C GLY H 110 1.30 14.44 -38.64
N TYR H 111 0.45 14.14 -37.67
CA TYR H 111 -0.25 12.87 -37.63
C TYR H 111 -1.12 12.64 -38.85
N TYR H 112 -1.70 13.72 -39.36
CA TYR H 112 -2.61 13.64 -40.50
C TYR H 112 -2.01 14.06 -41.82
N CYS H 113 -0.69 14.08 -41.90
CA CYS H 113 -0.01 14.50 -43.13
C CYS H 113 0.96 13.44 -43.61
N ASN H 114 0.97 13.18 -44.92
CA ASN H 114 1.92 12.22 -45.46
C ASN H 114 3.04 12.94 -46.20
N ALA H 115 2.92 14.26 -46.34
CA ALA H 115 3.93 15.07 -47.05
C ALA H 115 3.96 16.57 -46.71
N ALA H 116 5.14 17.08 -46.36
CA ALA H 116 5.29 18.48 -45.99
C ALA H 116 5.33 19.47 -47.17
N GLU H 117 5.17 18.97 -48.40
CA GLU H 117 5.18 19.84 -49.58
C GLU H 117 3.79 20.39 -49.86
N THR H 118 2.95 20.37 -48.83
CA THR H 118 1.58 20.87 -48.93
C THR H 118 1.24 21.57 -47.64
N ALA H 119 0.77 22.80 -47.74
CA ALA H 119 0.40 23.58 -46.57
C ALA H 119 -1.10 23.86 -46.53
N ILE H 120 -1.66 23.92 -45.33
CA ILE H 120 -3.08 24.23 -45.18
C ILE H 120 -3.20 25.74 -44.98
N SER H 121 -4.17 26.35 -45.65
CA SER H 121 -4.37 27.80 -45.57
C SER H 121 -5.86 28.11 -45.63
N PRO H 122 -6.23 29.39 -45.38
CA PRO H 122 -7.63 29.79 -45.42
C PRO H 122 -8.27 29.40 -46.74
N GLY H 123 -9.48 28.86 -46.69
CA GLY H 123 -10.19 28.47 -47.89
C GLY H 123 -9.95 27.05 -48.35
N THR H 124 -8.85 26.46 -47.89
CA THR H 124 -8.48 25.08 -48.24
C THR H 124 -9.61 24.09 -47.99
N TRP H 125 -10.16 24.07 -46.77
CA TRP H 125 -11.22 23.12 -46.44
C TRP H 125 -12.45 23.38 -47.29
N GLU H 126 -12.84 24.65 -47.38
CA GLU H 126 -13.99 25.08 -48.16
C GLU H 126 -13.85 24.68 -49.65
N ALA H 127 -12.67 24.96 -50.21
CA ALA H 127 -12.38 24.64 -51.61
C ALA H 127 -12.40 23.14 -51.81
N ALA H 128 -11.80 22.42 -50.87
CA ALA H 128 -11.76 20.98 -50.96
C ALA H 128 -13.18 20.43 -51.02
N LEU H 129 -14.10 21.03 -50.27
CA LEU H 129 -15.49 20.56 -50.25
C LEU H 129 -16.24 20.78 -51.56
N SER H 130 -15.84 21.82 -52.29
CA SER H 130 -16.47 22.12 -53.58
C SER H 130 -15.87 21.20 -54.63
N SER H 131 -14.60 20.88 -54.46
CA SER H 131 -13.94 19.98 -55.40
C SER H 131 -14.63 18.61 -55.30
N MET H 132 -14.99 18.24 -54.07
CA MET H 132 -15.68 16.98 -53.78
C MET H 132 -17.09 16.99 -54.39
N ALA H 133 -17.78 18.13 -54.24
CA ALA H 133 -19.13 18.31 -54.77
C ALA H 133 -19.12 18.12 -56.29
N SER H 134 -18.17 18.75 -56.97
CA SER H 134 -18.06 18.59 -58.42
C SER H 134 -17.94 17.09 -58.73
N ALA H 135 -17.15 16.39 -57.91
CA ALA H 135 -16.97 14.96 -58.13
C ALA H 135 -18.27 14.20 -57.90
N ILE H 136 -18.95 14.52 -56.81
CA ILE H 136 -20.21 13.86 -56.48
C ILE H 136 -21.22 14.07 -57.59
N ASP H 137 -21.36 15.32 -58.02
CA ASP H 137 -22.30 15.67 -59.08
C ASP H 137 -21.93 14.93 -60.36
N GLY H 138 -20.64 14.86 -60.67
CA GLY H 138 -20.21 14.18 -61.87
C GLY H 138 -20.59 12.71 -61.79
N ALA H 139 -20.46 12.16 -60.59
CA ALA H 139 -20.80 10.76 -60.35
C ALA H 139 -22.29 10.50 -60.53
N ASP H 140 -23.13 11.44 -60.11
CA ASP H 140 -24.58 11.27 -60.28
C ASP H 140 -24.99 11.14 -61.75
N LEU H 141 -24.41 11.98 -62.60
CA LEU H 141 -24.69 11.97 -64.04
C LEU H 141 -24.46 10.57 -64.58
N ILE H 142 -23.34 9.98 -64.19
CA ILE H 142 -23.00 8.64 -64.62
C ILE H 142 -24.10 7.71 -64.12
N ALA H 143 -24.53 7.92 -62.88
CA ALA H 143 -25.58 7.11 -62.28
C ALA H 143 -26.90 7.33 -63.01
N ALA H 144 -27.10 8.57 -63.46
CA ALA H 144 -28.30 8.97 -64.16
C ALA H 144 -28.38 8.33 -65.54
N GLY H 145 -27.24 7.85 -66.04
CA GLY H 145 -27.28 7.21 -67.35
C GLY H 145 -26.24 7.71 -68.34
N HIS H 146 -25.75 8.93 -68.10
CA HIS H 146 -24.73 9.53 -68.95
C HIS H 146 -23.54 8.60 -69.13
N LYS H 147 -23.05 8.50 -70.35
CA LYS H 147 -21.91 7.63 -70.69
C LYS H 147 -20.55 8.24 -70.30
N ALA H 148 -20.51 9.54 -70.07
CA ALA H 148 -19.28 10.20 -69.66
C ALA H 148 -19.55 11.57 -69.04
N ALA H 149 -18.57 12.07 -68.31
CA ALA H 149 -18.70 13.36 -67.65
C ALA H 149 -17.34 13.76 -67.10
N PHE H 150 -17.10 15.06 -67.04
CA PHE H 150 -15.84 15.57 -66.56
C PHE H 150 -15.98 16.44 -65.31
N SER H 151 -15.30 16.05 -64.24
CA SER H 151 -15.35 16.83 -63.00
C SER H 151 -14.03 17.58 -62.84
N LEU H 152 -14.06 18.86 -63.21
CA LEU H 152 -12.87 19.72 -63.11
C LEU H 152 -12.64 19.98 -61.64
N CYS H 153 -11.98 19.04 -60.98
CA CYS H 153 -11.70 19.16 -59.58
C CYS H 153 -10.43 19.94 -59.28
N ARG H 154 -10.48 20.68 -58.18
CA ARG H 154 -9.34 21.43 -57.68
C ARG H 154 -9.72 21.88 -56.27
N PRO H 155 -8.88 21.58 -55.28
CA PRO H 155 -7.61 20.86 -55.49
C PRO H 155 -7.86 19.38 -55.83
N PRO H 156 -6.83 18.68 -56.30
CA PRO H 156 -6.96 17.27 -56.66
C PRO H 156 -7.09 16.45 -55.38
N GLY H 157 -7.25 15.13 -55.49
CA GLY H 157 -7.40 14.35 -54.28
C GLY H 157 -6.82 12.96 -54.24
N HIS H 158 -6.28 12.44 -55.33
CA HIS H 158 -5.76 11.08 -55.30
C HIS H 158 -4.62 10.82 -54.33
N ALA H 159 -3.97 11.86 -53.83
CA ALA H 159 -2.87 11.68 -52.87
C ALA H 159 -3.40 11.65 -51.44
N ALA H 160 -4.65 12.04 -51.29
CA ALA H 160 -5.32 12.09 -50.00
C ALA H 160 -5.76 10.69 -49.57
N GLY H 161 -5.13 10.19 -48.51
CA GLY H 161 -5.44 8.87 -48.00
C GLY H 161 -6.55 8.90 -46.97
N ILE H 162 -6.81 7.74 -46.37
CA ILE H 162 -7.86 7.62 -45.36
C ILE H 162 -7.84 8.71 -44.29
N ASP H 163 -6.71 8.88 -43.63
CA ASP H 163 -6.58 9.87 -42.57
C ASP H 163 -5.34 10.75 -42.72
N MET H 164 -5.01 11.11 -43.96
CA MET H 164 -3.86 11.96 -44.19
C MET H 164 -3.98 12.76 -45.48
N PHE H 165 -3.41 13.96 -45.45
CA PHE H 165 -3.42 14.82 -46.62
C PHE H 165 -1.98 14.95 -47.07
N GLY H 166 -1.80 15.53 -48.26
CA GLY H 166 -0.47 15.71 -48.80
C GLY H 166 -0.49 15.62 -50.32
N GLY H 167 0.61 15.98 -50.97
CA GLY H 167 0.65 15.92 -52.42
C GLY H 167 -0.39 16.83 -53.01
N TYR H 168 -0.62 17.96 -52.35
CA TYR H 168 -1.58 18.98 -52.80
C TYR H 168 -3.02 18.56 -52.62
N CYS H 169 -3.23 17.39 -52.04
CA CYS H 169 -4.57 16.85 -51.86
C CYS H 169 -5.07 16.89 -50.41
N PHE H 170 -6.40 16.90 -50.22
CA PHE H 170 -6.99 16.93 -48.89
C PHE H 170 -8.18 15.99 -48.81
N ILE H 171 -8.92 15.87 -49.91
CA ILE H 171 -10.06 14.97 -49.97
C ILE H 171 -9.99 14.20 -51.29
N ASN H 172 -9.94 12.88 -51.20
CA ASN H 172 -9.87 12.06 -52.39
C ASN H 172 -11.16 12.09 -53.21
N ASN H 173 -11.23 13.05 -54.12
CA ASN H 173 -12.39 13.22 -54.97
C ASN H 173 -12.75 11.94 -55.71
N ALA H 174 -11.78 11.32 -56.35
CA ALA H 174 -12.03 10.08 -57.08
C ALA H 174 -12.70 9.05 -56.16
N ALA H 175 -12.24 8.97 -54.91
CA ALA H 175 -12.79 8.04 -53.93
C ALA H 175 -14.23 8.39 -53.58
N VAL H 176 -14.49 9.66 -53.35
CA VAL H 176 -15.82 10.11 -53.01
C VAL H 176 -16.76 9.83 -54.19
N ALA H 177 -16.23 9.97 -55.40
CA ALA H 177 -17.01 9.71 -56.61
C ALA H 177 -17.35 8.22 -56.70
N ALA H 178 -16.33 7.39 -56.57
CA ALA H 178 -16.49 5.94 -56.63
C ALA H 178 -17.52 5.48 -55.60
N GLN H 179 -17.40 6.02 -54.40
CA GLN H 179 -18.31 5.68 -53.30
C GLN H 179 -19.73 6.12 -53.66
N ARG H 180 -19.84 7.32 -54.20
CA ARG H 180 -21.13 7.87 -54.61
C ARG H 180 -21.81 6.94 -55.60
N LEU H 181 -21.04 6.39 -56.52
CA LEU H 181 -21.58 5.48 -57.52
C LEU H 181 -22.15 4.23 -56.87
N LEU H 182 -21.44 3.70 -55.89
CA LEU H 182 -21.90 2.51 -55.21
C LEU H 182 -23.23 2.82 -54.48
N ASP H 183 -23.26 3.95 -53.77
CA ASP H 183 -24.45 4.39 -53.07
C ASP H 183 -25.68 4.47 -53.96
N LYS H 184 -25.46 4.76 -55.24
CA LYS H 184 -26.52 4.88 -56.22
C LYS H 184 -26.97 3.56 -56.82
N GLY H 185 -26.24 2.48 -56.55
CA GLY H 185 -26.65 1.21 -57.11
C GLY H 185 -25.54 0.31 -57.59
N ALA H 186 -24.40 0.89 -57.96
CA ALA H 186 -23.29 0.10 -58.44
C ALA H 186 -22.83 -0.87 -57.36
N LYS H 187 -22.35 -2.04 -57.78
CA LYS H 187 -21.86 -3.04 -56.83
C LYS H 187 -20.34 -3.16 -56.98
N LYS H 188 -19.85 -2.89 -58.18
CA LYS H 188 -18.42 -2.97 -58.47
C LYS H 188 -17.96 -1.78 -59.32
N ILE H 189 -17.05 -0.99 -58.76
CA ILE H 189 -16.49 0.19 -59.42
C ILE H 189 -14.98 0.09 -59.49
N ALA H 190 -14.39 0.65 -60.54
CA ALA H 190 -12.94 0.63 -60.70
C ALA H 190 -12.43 2.05 -60.85
N ILE H 191 -11.20 2.27 -60.44
CA ILE H 191 -10.60 3.58 -60.57
C ILE H 191 -9.31 3.39 -61.36
N LEU H 192 -9.11 4.23 -62.37
CA LEU H 192 -7.92 4.18 -63.21
C LEU H 192 -7.17 5.50 -63.02
N ASP H 193 -6.01 5.43 -62.38
CA ASP H 193 -5.22 6.64 -62.13
C ASP H 193 -4.12 6.79 -63.19
N VAL H 194 -4.35 7.67 -64.16
CA VAL H 194 -3.38 7.90 -65.24
C VAL H 194 -2.44 9.07 -64.94
N ASP H 195 -2.61 9.69 -63.77
CA ASP H 195 -1.77 10.79 -63.33
C ASP H 195 -0.34 10.28 -63.22
N PHE H 196 0.64 11.13 -63.46
CA PHE H 196 2.05 10.71 -63.38
C PHE H 196 2.42 10.12 -62.03
N HIS H 197 1.85 10.68 -60.96
CA HIS H 197 2.11 10.23 -59.58
C HIS H 197 1.15 9.12 -59.16
N HIS H 198 1.65 8.17 -58.39
CA HIS H 198 0.83 7.08 -57.90
C HIS H 198 -0.31 7.63 -57.04
N GLY H 199 -1.47 6.99 -57.09
CA GLY H 199 -2.58 7.42 -56.25
C GLY H 199 -2.50 6.72 -54.92
N ASN H 200 -1.47 7.07 -54.15
CA ASN H 200 -1.22 6.48 -52.84
C ASN H 200 -2.40 6.67 -51.89
N GLY H 201 -3.11 7.78 -52.08
CA GLY H 201 -4.26 8.05 -51.25
C GLY H 201 -5.41 7.13 -51.65
N THR H 202 -5.71 7.10 -52.94
CA THR H 202 -6.80 6.26 -53.43
C THR H 202 -6.52 4.81 -53.06
N GLN H 203 -5.29 4.37 -53.27
CA GLN H 203 -4.94 2.99 -52.94
C GLN H 203 -5.23 2.75 -51.47
N ASP H 204 -4.70 3.60 -50.62
CA ASP H 204 -4.90 3.42 -49.21
C ASP H 204 -6.37 3.27 -48.82
N ILE H 205 -7.25 4.04 -49.45
CA ILE H 205 -8.67 3.99 -49.15
C ILE H 205 -9.38 2.67 -49.52
N PHE H 206 -9.15 2.18 -50.74
CA PHE H 206 -9.82 0.94 -51.19
C PHE H 206 -8.96 -0.32 -51.13
N TYR H 207 -7.81 -0.23 -50.44
CA TYR H 207 -6.91 -1.37 -50.34
C TYR H 207 -7.60 -2.61 -49.79
N GLU H 208 -8.45 -2.43 -48.77
CA GLU H 208 -9.15 -3.57 -48.18
C GLU H 208 -10.64 -3.63 -48.50
N ARG H 209 -11.03 -2.87 -49.52
CA ARG H 209 -12.41 -2.83 -50.01
C ARG H 209 -12.47 -3.74 -51.23
N GLY H 210 -13.23 -4.82 -51.15
CA GLY H 210 -13.32 -5.73 -52.27
C GLY H 210 -14.35 -5.30 -53.30
N ASP H 211 -15.03 -4.19 -53.04
CA ASP H 211 -16.06 -3.70 -53.95
C ASP H 211 -15.56 -2.65 -54.94
N VAL H 212 -14.33 -2.19 -54.75
CA VAL H 212 -13.75 -1.18 -55.64
C VAL H 212 -12.38 -1.61 -56.12
N PHE H 213 -12.16 -1.61 -57.43
CA PHE H 213 -10.87 -2.00 -57.97
C PHE H 213 -10.03 -0.76 -58.26
N PHE H 214 -8.73 -0.85 -58.04
CA PHE H 214 -7.84 0.29 -58.30
C PHE H 214 -6.62 -0.06 -59.13
N ALA H 215 -6.47 0.62 -60.26
CA ALA H 215 -5.32 0.41 -61.13
C ALA H 215 -4.67 1.76 -61.35
N SER H 216 -3.35 1.81 -61.23
CA SER H 216 -2.64 3.06 -61.41
C SER H 216 -1.36 2.91 -62.21
N LEU H 217 -1.16 3.80 -63.18
CA LEU H 217 0.06 3.81 -63.98
C LEU H 217 0.79 5.05 -63.47
N HIS H 218 2.04 4.89 -63.06
CA HIS H 218 2.76 6.01 -62.49
C HIS H 218 4.28 5.85 -62.52
N GLY H 219 4.98 6.95 -62.21
CA GLY H 219 6.44 6.92 -62.18
C GLY H 219 6.90 6.04 -61.03
N ASP H 220 8.00 5.32 -61.24
CA ASP H 220 8.57 4.43 -60.25
C ASP H 220 8.77 5.13 -58.91
N PRO H 221 8.09 4.65 -57.87
CA PRO H 221 8.22 5.25 -56.53
C PRO H 221 9.65 5.27 -56.03
N ALA H 222 10.50 4.43 -56.61
CA ALA H 222 11.90 4.39 -56.20
C ALA H 222 12.59 5.71 -56.50
N GLU H 223 12.03 6.47 -57.43
CA GLU H 223 12.61 7.75 -57.81
C GLU H 223 11.54 8.74 -58.26
N ALA H 224 10.38 8.68 -57.62
CA ALA H 224 9.28 9.57 -57.93
C ALA H 224 8.32 9.66 -56.75
N PHE H 225 7.79 10.86 -56.54
CA PHE H 225 6.83 11.11 -55.48
C PHE H 225 5.64 10.17 -55.73
N PRO H 226 4.98 9.65 -54.68
CA PRO H 226 5.22 9.91 -53.25
C PRO H 226 6.35 9.11 -52.59
N HIS H 227 7.04 8.29 -53.37
CA HIS H 227 8.19 7.51 -52.88
C HIS H 227 7.92 6.30 -51.99
N PHE H 228 6.78 6.24 -51.34
CA PHE H 228 6.51 5.14 -50.43
C PHE H 228 5.28 4.27 -50.69
N LEU H 229 4.91 4.15 -51.96
CA LEU H 229 3.77 3.33 -52.33
C LEU H 229 3.63 3.31 -53.85
N GLY H 230 3.09 2.24 -54.39
CA GLY H 230 2.94 2.13 -55.83
C GLY H 230 3.75 1.03 -56.48
N TYR H 231 4.26 0.10 -55.68
CA TYR H 231 5.04 -1.00 -56.22
C TYR H 231 4.15 -2.12 -56.70
N ALA H 232 4.61 -2.84 -57.71
CA ALA H 232 3.85 -3.94 -58.30
C ALA H 232 3.37 -4.96 -57.27
N GLU H 233 4.13 -5.15 -56.20
CA GLU H 233 3.79 -6.10 -55.14
C GLU H 233 2.53 -5.73 -54.36
N GLU H 234 2.16 -4.45 -54.37
CA GLU H 234 0.97 -4.00 -53.64
C GLU H 234 -0.29 -4.41 -54.39
N THR H 235 -0.79 -5.60 -54.11
CA THR H 235 -1.96 -6.09 -54.81
C THR H 235 -3.26 -6.10 -54.01
N GLY H 236 -3.17 -5.73 -52.75
CA GLY H 236 -4.36 -5.70 -51.92
C GLY H 236 -4.14 -6.39 -50.59
N LYS H 237 -5.16 -6.35 -49.75
CA LYS H 237 -5.07 -6.95 -48.43
C LYS H 237 -6.45 -7.29 -47.87
N GLY H 238 -6.50 -8.40 -47.13
CA GLY H 238 -7.74 -8.85 -46.52
C GLY H 238 -8.94 -8.94 -47.45
N ALA H 239 -10.06 -8.36 -47.04
CA ALA H 239 -11.29 -8.38 -47.82
C ALA H 239 -11.08 -7.71 -49.17
N GLY H 240 -9.99 -6.96 -49.30
CA GLY H 240 -9.69 -6.27 -50.55
C GLY H 240 -8.54 -6.89 -51.33
N ALA H 241 -8.15 -8.10 -50.99
CA ALA H 241 -7.04 -8.76 -51.69
C ALA H 241 -7.23 -8.87 -53.20
N GLY H 242 -6.20 -8.49 -53.93
CA GLY H 242 -6.26 -8.56 -55.38
C GLY H 242 -7.09 -7.49 -56.06
N THR H 243 -7.29 -6.36 -55.39
CA THR H 243 -8.08 -5.32 -56.04
C THR H 243 -7.24 -4.08 -56.33
N THR H 244 -5.92 -4.22 -56.21
CA THR H 244 -5.02 -3.12 -56.52
C THR H 244 -4.02 -3.54 -57.58
N ALA H 245 -3.85 -2.71 -58.60
CA ALA H 245 -2.92 -3.04 -59.68
C ALA H 245 -2.05 -1.86 -60.07
N ASN H 246 -0.84 -1.80 -59.52
CA ASN H 246 0.10 -0.71 -59.81
C ASN H 246 0.96 -1.04 -61.04
N TYR H 247 1.22 -0.04 -61.86
CA TYR H 247 2.06 -0.20 -63.05
C TYR H 247 3.13 0.88 -63.05
N PRO H 248 4.16 0.73 -62.20
CA PRO H 248 5.24 1.71 -62.13
C PRO H 248 6.12 1.64 -63.38
N MET H 249 6.67 2.78 -63.78
CA MET H 249 7.54 2.86 -64.96
C MET H 249 8.68 3.87 -64.78
N GLY H 250 9.81 3.58 -65.40
CA GLY H 250 11.00 4.41 -65.28
C GLY H 250 11.02 5.75 -65.99
N ARG H 251 12.14 6.45 -65.87
CA ARG H 251 12.31 7.75 -66.49
C ARG H 251 12.20 7.72 -68.00
N GLY H 252 11.72 8.82 -68.57
CA GLY H 252 11.57 8.95 -70.01
C GLY H 252 10.81 7.82 -70.67
N THR H 253 9.59 7.56 -70.21
CA THR H 253 8.80 6.49 -70.81
C THR H 253 7.88 7.02 -71.92
N PRO H 254 8.02 6.47 -73.13
CA PRO H 254 7.21 6.87 -74.28
C PRO H 254 5.82 6.24 -74.15
N TYR H 255 4.87 6.74 -74.94
CA TYR H 255 3.51 6.22 -74.89
C TYR H 255 3.48 4.74 -75.26
N SER H 256 4.44 4.32 -76.08
CA SER H 256 4.50 2.92 -76.50
C SER H 256 4.56 1.98 -75.31
N VAL H 257 5.35 2.34 -74.31
CA VAL H 257 5.46 1.52 -73.11
C VAL H 257 4.24 1.78 -72.22
N TRP H 258 3.98 3.05 -71.96
CA TRP H 258 2.86 3.47 -71.11
C TRP H 258 1.56 2.88 -71.62
N GLY H 259 1.40 2.86 -72.94
CA GLY H 259 0.20 2.31 -73.52
C GLY H 259 -0.01 0.85 -73.20
N GLU H 260 1.07 0.07 -73.14
CA GLU H 260 0.92 -1.36 -72.83
C GLU H 260 0.29 -1.54 -71.46
N ALA H 261 0.81 -0.80 -70.48
CA ALA H 261 0.30 -0.88 -69.11
C ALA H 261 -1.18 -0.56 -69.10
N LEU H 262 -1.54 0.56 -69.72
CA LEU H 262 -2.92 0.98 -69.78
C LEU H 262 -3.81 -0.15 -70.30
N THR H 263 -3.36 -0.77 -71.39
CA THR H 263 -4.08 -1.87 -72.01
C THR H 263 -4.28 -3.00 -71.02
N ASP H 264 -3.24 -3.27 -70.24
CA ASP H 264 -3.31 -4.32 -69.25
C ASP H 264 -4.19 -3.93 -68.08
N SER H 265 -4.13 -2.65 -67.69
CA SER H 265 -4.93 -2.21 -66.58
C SER H 265 -6.42 -2.32 -66.89
N LEU H 266 -6.79 -2.07 -68.14
CA LEU H 266 -8.19 -2.15 -68.56
C LEU H 266 -8.62 -3.61 -68.61
N LYS H 267 -7.66 -4.49 -68.80
CA LYS H 267 -7.96 -5.90 -68.86
C LYS H 267 -8.30 -6.39 -67.45
N ARG H 268 -7.51 -5.99 -66.46
CA ARG H 268 -7.80 -6.40 -65.09
C ARG H 268 -9.14 -5.84 -64.62
N ILE H 269 -9.40 -4.58 -64.96
CA ILE H 269 -10.65 -3.92 -64.62
C ILE H 269 -11.85 -4.68 -65.18
N ALA H 270 -11.73 -5.07 -66.45
CA ALA H 270 -12.79 -5.82 -67.12
C ALA H 270 -13.07 -7.13 -66.40
N ALA H 271 -12.00 -7.81 -65.98
CA ALA H 271 -12.13 -9.08 -65.27
C ALA H 271 -12.78 -8.86 -63.91
N PHE H 272 -12.48 -7.73 -63.28
CA PHE H 272 -13.03 -7.40 -61.97
C PHE H 272 -14.55 -7.25 -62.11
N GLY H 273 -14.98 -6.89 -63.32
CA GLY H 273 -16.40 -6.70 -63.59
C GLY H 273 -16.90 -5.35 -63.16
N ALA H 274 -16.13 -4.30 -63.45
CA ALA H 274 -16.51 -2.95 -63.07
C ALA H 274 -17.71 -2.43 -63.85
N GLU H 275 -18.67 -1.84 -63.15
CA GLU H 275 -19.86 -1.29 -63.78
C GLU H 275 -19.61 0.11 -64.33
N ALA H 276 -18.54 0.75 -63.86
CA ALA H 276 -18.16 2.09 -64.30
C ALA H 276 -16.73 2.38 -63.87
N ILE H 277 -16.02 3.18 -64.64
CA ILE H 277 -14.64 3.52 -64.32
C ILE H 277 -14.49 4.98 -63.97
N VAL H 278 -13.86 5.25 -62.83
CA VAL H 278 -13.61 6.62 -62.42
C VAL H 278 -12.16 6.86 -62.83
N VAL H 279 -11.93 7.84 -63.69
CA VAL H 279 -10.59 8.13 -64.18
C VAL H 279 -9.95 9.33 -63.52
N SER H 280 -8.89 9.08 -62.77
CA SER H 280 -8.15 10.15 -62.10
C SER H 280 -7.20 10.74 -63.11
N LEU H 281 -7.73 11.64 -63.94
CA LEU H 281 -6.96 12.28 -65.00
C LEU H 281 -5.96 13.32 -64.55
N GLY H 282 -4.69 12.97 -64.65
CA GLY H 282 -3.61 13.89 -64.31
C GLY H 282 -2.81 13.99 -65.60
N VAL H 283 -2.60 15.19 -66.12
CA VAL H 283 -1.86 15.32 -67.37
C VAL H 283 -0.39 15.67 -67.19
N ASP H 284 0.10 15.52 -65.95
CA ASP H 284 1.49 15.80 -65.65
C ASP H 284 2.40 14.70 -66.20
N THR H 285 1.85 13.81 -67.02
CA THR H 285 2.65 12.75 -67.63
C THR H 285 3.22 13.33 -68.92
N PHE H 286 2.80 14.54 -69.26
CA PHE H 286 3.22 15.27 -70.47
C PHE H 286 4.73 15.45 -70.52
N GLU H 287 5.31 15.32 -71.71
CA GLU H 287 6.76 15.46 -71.88
C GLU H 287 7.36 16.74 -71.33
N GLN H 288 6.55 17.79 -71.18
CA GLN H 288 7.05 19.06 -70.68
C GLN H 288 6.63 19.43 -69.25
N ASP H 289 6.16 18.46 -68.48
CA ASP H 289 5.75 18.77 -67.12
C ASP H 289 6.99 19.01 -66.23
N PRO H 290 7.03 20.18 -65.54
CA PRO H 290 8.12 20.62 -64.66
C PRO H 290 8.49 19.75 -63.44
N ILE H 291 7.65 18.78 -63.10
CA ILE H 291 7.92 17.89 -61.97
C ILE H 291 7.54 16.43 -62.28
N SER H 292 7.84 15.99 -63.49
CA SER H 292 7.53 14.62 -63.89
C SER H 292 8.54 14.17 -64.94
N PHE H 293 8.69 12.85 -65.13
CA PHE H 293 9.66 12.34 -66.10
C PHE H 293 9.15 11.41 -67.18
N PHE H 294 7.86 11.51 -67.53
CA PHE H 294 7.31 10.67 -68.59
C PHE H 294 7.40 11.44 -69.90
N LYS H 295 7.26 10.73 -71.01
CA LYS H 295 7.34 11.40 -72.31
C LYS H 295 6.16 11.18 -73.24
N LEU H 296 4.99 11.71 -72.86
CA LEU H 296 3.80 11.61 -73.69
C LEU H 296 3.60 12.94 -74.41
N THR H 297 2.99 12.89 -75.59
CA THR H 297 2.73 14.10 -76.36
C THR H 297 1.24 14.36 -76.41
N SER H 298 0.87 15.59 -76.76
CA SER H 298 -0.54 15.94 -76.81
C SER H 298 -1.44 14.94 -77.55
N PRO H 299 -1.02 14.46 -78.73
CA PRO H 299 -1.83 13.51 -79.49
C PRO H 299 -2.12 12.21 -78.73
N ASP H 300 -1.18 11.77 -77.89
CA ASP H 300 -1.36 10.54 -77.12
C ASP H 300 -2.61 10.56 -76.25
N TYR H 301 -2.91 11.71 -75.66
CA TYR H 301 -4.06 11.87 -74.79
C TYR H 301 -5.35 11.54 -75.51
N ILE H 302 -5.38 11.77 -76.82
CA ILE H 302 -6.58 11.46 -77.60
C ILE H 302 -6.69 9.95 -77.71
N THR H 303 -5.53 9.29 -77.77
CA THR H 303 -5.49 7.85 -77.86
C THR H 303 -5.92 7.26 -76.51
N MET H 304 -5.35 7.82 -75.45
CA MET H 304 -5.65 7.38 -74.09
C MET H 304 -7.14 7.36 -73.84
N GLY H 305 -7.82 8.48 -74.12
CA GLY H 305 -9.25 8.56 -73.89
C GLY H 305 -10.02 7.58 -74.74
N ARG H 306 -9.64 7.48 -76.00
CA ARG H 306 -10.29 6.57 -76.95
C ARG H 306 -10.19 5.13 -76.40
N THR H 307 -9.00 4.78 -75.90
CA THR H 307 -8.74 3.44 -75.35
C THR H 307 -9.55 3.17 -74.09
N ILE H 308 -9.55 4.12 -73.17
CA ILE H 308 -10.29 3.97 -71.94
C ILE H 308 -11.77 3.84 -72.27
N ALA H 309 -12.31 4.80 -73.01
CA ALA H 309 -13.72 4.75 -73.38
C ALA H 309 -14.08 3.43 -74.06
N ALA H 310 -13.10 2.78 -74.69
CA ALA H 310 -13.31 1.52 -75.38
C ALA H 310 -13.59 0.37 -74.41
N SER H 311 -13.66 0.67 -73.12
CA SER H 311 -13.93 -0.36 -72.12
C SER H 311 -15.41 -0.72 -72.18
N GLY H 312 -16.23 0.22 -72.65
CA GLY H 312 -17.66 -0.05 -72.75
C GLY H 312 -18.49 0.29 -71.53
N VAL H 313 -17.85 0.80 -70.49
CA VAL H 313 -18.60 1.17 -69.28
C VAL H 313 -18.54 2.68 -69.10
N PRO H 314 -19.57 3.26 -68.45
CA PRO H 314 -19.59 4.71 -68.24
C PRO H 314 -18.28 5.20 -67.61
N LEU H 315 -17.87 6.43 -67.91
CA LEU H 315 -16.63 6.98 -67.37
C LEU H 315 -16.79 8.34 -66.70
N LEU H 316 -16.15 8.52 -65.56
CA LEU H 316 -16.19 9.80 -64.87
C LEU H 316 -14.76 10.30 -64.77
N VAL H 317 -14.39 11.27 -65.61
CA VAL H 317 -13.04 11.82 -65.60
C VAL H 317 -12.98 12.81 -64.44
N VAL H 318 -12.01 12.62 -63.55
CA VAL H 318 -11.79 13.48 -62.38
C VAL H 318 -10.40 14.12 -62.50
N MET H 319 -10.34 15.45 -62.46
CA MET H 319 -9.08 16.16 -62.60
C MET H 319 -8.09 15.94 -61.46
N GLU H 320 -6.83 15.75 -61.82
CA GLU H 320 -5.78 15.54 -60.84
C GLU H 320 -4.59 16.46 -61.12
N GLY H 321 -3.45 15.86 -61.42
CA GLY H 321 -2.23 16.62 -61.71
C GLY H 321 -2.09 17.20 -63.11
N GLY H 322 -1.00 17.94 -63.31
CA GLY H 322 -0.74 18.57 -64.60
C GLY H 322 -0.35 20.01 -64.27
N TYR H 323 0.95 20.31 -64.36
CA TYR H 323 1.44 21.63 -64.01
C TYR H 323 2.29 22.32 -65.07
N GLY H 324 2.63 23.57 -64.78
CA GLY H 324 3.46 24.39 -65.64
C GLY H 324 2.91 24.80 -66.99
N VAL H 325 3.47 24.19 -68.02
CA VAL H 325 3.13 24.42 -69.41
C VAL H 325 1.66 24.68 -69.69
N PRO H 326 1.37 25.56 -70.66
CA PRO H 326 -0.01 25.89 -71.02
C PRO H 326 -0.74 24.75 -71.73
N GLU H 327 -0.02 23.67 -72.05
CA GLU H 327 -0.62 22.52 -72.72
C GLU H 327 -1.52 21.71 -71.80
N ILE H 328 -1.50 21.99 -70.49
CA ILE H 328 -2.33 21.24 -69.56
C ILE H 328 -3.80 21.27 -69.96
N GLY H 329 -4.21 22.37 -70.57
CA GLY H 329 -5.60 22.51 -70.99
C GLY H 329 -5.90 21.68 -72.23
N LEU H 330 -5.02 21.80 -73.22
CA LEU H 330 -5.14 21.07 -74.47
C LEU H 330 -5.08 19.58 -74.23
N ASN H 331 -4.26 19.18 -73.27
CA ASN H 331 -4.11 17.77 -72.94
C ASN H 331 -5.35 17.21 -72.27
N VAL H 332 -5.95 17.96 -71.35
CA VAL H 332 -7.15 17.49 -70.70
C VAL H 332 -8.24 17.41 -71.75
N ALA H 333 -8.37 18.47 -72.54
CA ALA H 333 -9.37 18.50 -73.60
C ALA H 333 -9.23 17.34 -74.56
N ASN H 334 -7.99 16.98 -74.90
CA ASN H 334 -7.74 15.86 -75.81
C ASN H 334 -8.22 14.53 -75.23
N VAL H 335 -8.11 14.39 -73.91
CA VAL H 335 -8.56 13.16 -73.28
C VAL H 335 -10.08 13.06 -73.40
N LEU H 336 -10.76 14.18 -73.21
CA LEU H 336 -12.21 14.21 -73.32
C LEU H 336 -12.59 14.01 -74.79
N LYS H 337 -11.81 14.63 -75.66
CA LYS H 337 -12.02 14.51 -77.10
C LYS H 337 -11.92 13.04 -77.48
N GLY H 338 -11.01 12.31 -76.83
CA GLY H 338 -10.83 10.90 -77.12
C GLY H 338 -11.94 10.04 -76.55
N VAL H 339 -12.39 10.38 -75.34
CA VAL H 339 -13.45 9.64 -74.68
C VAL H 339 -14.79 9.85 -75.39
N ALA H 340 -15.08 11.09 -75.76
CA ALA H 340 -16.32 11.42 -76.45
C ALA H 340 -16.39 10.75 -77.82
N GLY H 341 -15.24 10.69 -78.48
CA GLY H 341 -15.17 10.08 -79.79
C GLY H 341 -15.96 10.84 -80.83
N MET I 1 43.73 -15.24 -62.29
CA MET I 1 43.14 -14.48 -61.14
C MET I 1 43.95 -14.56 -59.85
N ARG I 2 43.99 -13.43 -59.14
CA ARG I 2 44.70 -13.31 -57.88
C ARG I 2 44.05 -14.29 -56.87
N VAL I 3 44.86 -14.80 -55.95
CA VAL I 3 44.38 -15.75 -54.94
C VAL I 3 44.70 -15.27 -53.53
N ILE I 4 43.66 -14.97 -52.76
CA ILE I 4 43.86 -14.51 -51.39
C ILE I 4 43.71 -15.64 -50.39
N PHE I 5 44.79 -15.86 -49.63
CA PHE I 5 44.84 -16.93 -48.65
C PHE I 5 45.64 -16.56 -47.40
N SER I 6 45.06 -16.84 -46.24
CA SER I 6 45.73 -16.57 -44.98
C SER I 6 46.14 -17.87 -44.30
N GLU I 7 47.29 -17.84 -43.65
CA GLU I 7 47.79 -19.01 -42.95
C GLU I 7 47.14 -19.16 -41.59
N ASP I 8 46.62 -18.05 -41.07
CA ASP I 8 45.98 -18.09 -39.75
C ASP I 8 44.68 -18.87 -39.74
N HIS I 9 44.37 -19.50 -40.88
CA HIS I 9 43.18 -20.31 -40.98
C HIS I 9 43.45 -21.55 -40.11
N LYS I 10 44.74 -21.89 -39.98
CA LYS I 10 45.13 -23.06 -39.19
C LYS I 10 44.72 -22.90 -37.72
N LEU I 11 44.54 -21.65 -37.29
CA LEU I 11 44.13 -21.36 -35.93
C LEU I 11 42.80 -22.06 -35.62
N ARG I 12 42.03 -22.35 -36.66
CA ARG I 12 40.76 -23.05 -36.52
C ARG I 12 41.11 -24.54 -36.74
N ASN I 13 41.11 -25.31 -35.65
CA ASN I 13 41.44 -26.72 -35.73
C ASN I 13 40.74 -27.46 -34.59
N ALA I 14 39.42 -27.33 -34.55
CA ALA I 14 38.61 -27.97 -33.51
C ALA I 14 38.90 -29.45 -33.47
N LYS I 15 38.69 -30.06 -32.32
CA LYS I 15 38.97 -31.47 -32.21
C LYS I 15 37.74 -32.34 -32.24
N THR I 16 36.57 -31.72 -32.06
CA THR I 16 35.33 -32.48 -32.04
C THR I 16 34.18 -31.92 -32.87
N GLU I 17 33.34 -32.82 -33.35
CA GLU I 17 32.16 -32.46 -34.14
C GLU I 17 31.07 -33.47 -33.86
N LEU I 18 29.98 -33.04 -33.24
CA LEU I 18 28.87 -33.92 -32.94
C LEU I 18 28.28 -34.46 -34.25
N TYR I 19 28.50 -35.74 -34.51
CA TYR I 19 28.01 -36.37 -35.74
C TYR I 19 27.47 -37.75 -35.41
N GLY I 20 26.20 -38.01 -35.75
CA GLY I 20 25.63 -39.32 -35.46
C GLY I 20 25.69 -39.69 -33.99
N GLY I 21 25.55 -38.70 -33.11
CA GLY I 21 25.57 -38.98 -31.69
C GLY I 21 26.93 -39.24 -31.07
N GLU I 22 28.00 -38.91 -31.78
CA GLU I 22 29.35 -39.10 -31.26
C GLU I 22 30.14 -37.87 -31.63
N LEU I 23 31.23 -37.63 -30.92
CA LEU I 23 32.09 -36.51 -31.20
C LEU I 23 33.20 -37.11 -32.04
N VAL I 24 33.28 -36.70 -33.29
CA VAL I 24 34.28 -37.24 -34.20
C VAL I 24 35.18 -36.11 -34.67
N PRO I 25 36.25 -36.44 -35.42
CA PRO I 25 37.16 -35.40 -35.92
C PRO I 25 36.38 -34.51 -36.90
N PRO I 26 36.40 -33.18 -36.70
CA PRO I 26 35.70 -32.25 -37.58
C PRO I 26 35.98 -32.44 -39.07
N PHE I 27 34.91 -32.46 -39.86
CA PHE I 27 35.00 -32.60 -41.33
C PHE I 27 35.67 -31.38 -41.96
N GLU I 28 35.40 -30.20 -41.43
CA GLU I 28 36.00 -28.99 -41.94
C GLU I 28 37.34 -28.77 -41.21
N ALA I 29 38.36 -29.51 -41.65
CA ALA I 29 39.69 -29.44 -41.03
C ALA I 29 40.75 -28.72 -41.90
N PRO I 30 41.88 -28.32 -41.28
CA PRO I 30 42.96 -27.63 -42.02
C PRO I 30 43.42 -28.29 -43.32
N PHE I 31 43.42 -29.62 -43.36
CA PHE I 31 43.87 -30.32 -44.57
C PHE I 31 43.11 -29.89 -45.82
N ARG I 32 41.95 -29.24 -45.63
CA ARG I 32 41.14 -28.79 -46.76
C ARG I 32 41.78 -27.63 -47.52
N ALA I 33 42.21 -26.61 -46.77
CA ALA I 33 42.84 -25.45 -47.38
C ALA I 33 44.13 -25.85 -48.08
N GLU I 34 44.89 -26.75 -47.45
CA GLU I 34 46.15 -27.23 -47.99
C GLU I 34 45.96 -27.83 -49.38
N TRP I 35 45.00 -28.75 -49.49
CA TRP I 35 44.73 -29.39 -50.76
C TRP I 35 44.25 -28.41 -51.81
N ILE I 36 43.29 -27.56 -51.45
CA ILE I 36 42.73 -26.58 -52.38
C ILE I 36 43.81 -25.64 -52.92
N LEU I 37 44.60 -25.09 -52.01
CA LEU I 37 45.67 -24.19 -52.40
C LEU I 37 46.65 -24.87 -53.34
N ALA I 38 46.97 -26.14 -53.09
CA ALA I 38 47.93 -26.86 -53.92
C ALA I 38 47.38 -27.14 -55.31
N ALA I 39 46.10 -27.48 -55.37
CA ALA I 39 45.45 -27.77 -56.63
C ALA I 39 45.36 -26.52 -57.51
N VAL I 40 44.92 -25.40 -56.94
CA VAL I 40 44.79 -24.17 -57.73
C VAL I 40 46.14 -23.65 -58.23
N LYS I 41 47.18 -23.78 -57.42
CA LYS I 41 48.51 -23.34 -57.81
C LYS I 41 48.99 -24.23 -58.95
N GLU I 42 48.62 -25.50 -58.89
CA GLU I 42 49.01 -26.44 -59.92
C GLU I 42 48.23 -26.24 -61.21
N ALA I 43 47.13 -25.48 -61.15
CA ALA I 43 46.34 -25.23 -62.35
C ALA I 43 46.74 -23.88 -62.92
N GLY I 44 47.81 -23.31 -62.38
CA GLY I 44 48.31 -22.02 -62.85
C GLY I 44 47.99 -20.86 -61.93
N PHE I 45 46.97 -21.02 -61.11
CA PHE I 45 46.57 -19.98 -60.18
C PHE I 45 47.55 -19.97 -59.01
N ASP I 46 48.73 -19.43 -59.27
CA ASP I 46 49.78 -19.39 -58.25
C ASP I 46 50.12 -18.02 -57.71
N ASP I 47 49.43 -16.98 -58.18
CA ASP I 47 49.68 -15.64 -57.69
C ASP I 47 48.90 -15.54 -56.38
N VAL I 48 49.44 -16.18 -55.34
CA VAL I 48 48.79 -16.20 -54.03
C VAL I 48 49.34 -15.15 -53.09
N VAL I 49 48.47 -14.47 -52.35
CA VAL I 49 48.92 -13.45 -51.41
C VAL I 49 48.07 -13.40 -50.14
N ALA I 50 48.71 -13.11 -49.02
CA ALA I 50 48.02 -13.03 -47.74
C ALA I 50 47.16 -11.76 -47.67
N PRO I 51 46.00 -11.84 -47.01
CA PRO I 51 45.14 -10.65 -46.92
C PRO I 51 45.77 -9.56 -46.07
N ALA I 52 45.36 -8.32 -46.31
CA ALA I 52 45.86 -7.19 -45.56
C ALA I 52 45.03 -7.09 -44.27
N ARG I 53 45.39 -6.16 -43.41
CA ARG I 53 44.68 -5.97 -42.14
C ARG I 53 43.38 -5.20 -42.37
N HIS I 54 42.30 -5.68 -41.77
CA HIS I 54 41.02 -5.01 -41.90
C HIS I 54 40.30 -4.90 -40.58
N GLY I 55 39.56 -3.80 -40.41
CA GLY I 55 38.83 -3.60 -39.17
C GLY I 55 37.52 -4.35 -39.16
N LEU I 56 36.61 -3.90 -38.31
CA LEU I 56 35.31 -4.53 -38.18
C LEU I 56 34.17 -3.76 -38.82
N GLU I 57 34.49 -2.61 -39.40
CA GLU I 57 33.47 -1.77 -40.03
C GLU I 57 32.62 -2.52 -41.03
N THR I 58 33.26 -3.23 -41.95
CA THR I 58 32.50 -3.95 -42.95
C THR I 58 31.62 -5.03 -42.32
N VAL I 59 32.24 -5.95 -41.57
CA VAL I 59 31.51 -7.04 -40.94
C VAL I 59 30.36 -6.57 -40.03
N LEU I 60 30.53 -5.41 -39.40
CA LEU I 60 29.50 -4.86 -38.53
C LEU I 60 28.28 -4.38 -39.29
N LYS I 61 28.32 -4.46 -40.62
CA LYS I 61 27.17 -4.02 -41.42
C LYS I 61 26.33 -5.22 -41.89
N VAL I 62 26.78 -6.44 -41.60
CA VAL I 62 26.03 -7.63 -41.99
C VAL I 62 25.77 -8.57 -40.81
N HIS I 63 26.56 -8.43 -39.73
CA HIS I 63 26.37 -9.25 -38.54
C HIS I 63 26.04 -8.36 -37.35
N ASP I 64 25.32 -8.93 -36.39
CA ASP I 64 24.92 -8.24 -35.17
C ASP I 64 26.17 -7.98 -34.32
N ALA I 65 26.24 -6.80 -33.70
CA ALA I 65 27.39 -6.48 -32.88
C ALA I 65 27.44 -7.45 -31.69
N GLY I 66 26.29 -7.72 -31.09
CA GLY I 66 26.24 -8.63 -29.95
C GLY I 66 26.83 -9.98 -30.29
N TYR I 67 26.44 -10.49 -31.46
CA TYR I 67 26.91 -11.77 -31.96
C TYR I 67 28.44 -11.72 -32.09
N LEU I 68 28.97 -10.74 -32.81
CA LEU I 68 30.41 -10.64 -32.97
C LEU I 68 31.13 -10.56 -31.61
N ASN I 69 30.62 -9.70 -30.72
CA ASN I 69 31.20 -9.57 -29.40
C ASN I 69 31.26 -10.95 -28.74
N PHE I 70 30.16 -11.69 -28.88
CA PHE I 70 30.08 -13.04 -28.32
C PHE I 70 31.22 -13.95 -28.81
N LEU I 71 31.39 -14.03 -30.13
CA LEU I 71 32.42 -14.88 -30.70
C LEU I 71 33.82 -14.59 -30.18
N GLU I 72 34.19 -13.32 -30.15
CA GLU I 72 35.51 -12.96 -29.68
C GLU I 72 35.89 -13.52 -28.31
N THR I 73 34.94 -13.63 -27.39
CA THR I 73 35.25 -14.15 -26.05
C THR I 73 34.62 -15.51 -25.71
N ALA I 74 33.85 -16.05 -26.65
CA ALA I 74 33.19 -17.33 -26.42
C ALA I 74 34.14 -18.37 -25.82
N TRP I 75 35.25 -18.69 -26.48
CA TRP I 75 36.15 -19.69 -25.90
C TRP I 75 36.71 -19.35 -24.53
N ASP I 76 37.10 -18.11 -24.30
CA ASP I 76 37.65 -17.72 -23.00
C ASP I 76 36.67 -17.98 -21.86
N ARG I 77 35.43 -17.56 -22.06
CA ARG I 77 34.38 -17.75 -21.05
C ARG I 77 34.05 -19.23 -20.86
N TRP I 78 34.09 -19.99 -21.94
CA TRP I 78 33.77 -21.40 -21.84
C TRP I 78 34.75 -22.15 -20.95
N LYS I 79 36.04 -21.92 -21.16
CA LYS I 79 37.05 -22.57 -20.36
C LYS I 79 37.01 -22.00 -18.95
N ALA I 80 36.82 -20.68 -18.86
CA ALA I 80 36.77 -20.05 -17.55
C ALA I 80 35.58 -20.59 -16.77
N ALA I 81 34.59 -21.15 -17.47
CA ALA I 81 33.41 -21.69 -16.80
C ALA I 81 33.73 -23.03 -16.14
N GLY I 82 34.77 -23.69 -16.62
CA GLY I 82 35.15 -24.97 -16.04
C GLY I 82 34.87 -26.18 -16.91
N TYR I 83 34.25 -25.99 -18.07
CA TYR I 83 33.95 -27.13 -18.95
C TYR I 83 35.22 -27.73 -19.53
N LYS I 84 35.20 -29.04 -19.75
CA LYS I 84 36.35 -29.76 -20.27
C LYS I 84 36.44 -29.86 -21.80
N GLY I 85 35.35 -30.24 -22.43
CA GLY I 85 35.34 -30.38 -23.89
C GLY I 85 35.34 -29.04 -24.59
N GLU I 86 35.00 -29.04 -25.88
CA GLU I 86 34.96 -27.81 -26.66
C GLU I 86 33.59 -27.12 -26.45
N ALA I 87 33.52 -25.83 -26.74
CA ALA I 87 32.30 -25.04 -26.56
C ALA I 87 31.18 -25.43 -27.53
N ILE I 88 30.23 -26.22 -27.04
CA ILE I 88 29.11 -26.65 -27.87
C ILE I 88 27.78 -26.32 -27.21
N ALA I 89 26.91 -25.63 -27.95
CA ALA I 89 25.60 -25.25 -27.43
C ALA I 89 24.73 -26.48 -27.15
N THR I 90 23.99 -26.46 -26.05
CA THR I 90 23.10 -27.56 -25.68
C THR I 90 21.64 -27.16 -25.67
N SER I 91 21.36 -25.89 -25.39
CA SER I 91 19.98 -25.39 -25.33
C SER I 91 19.73 -24.41 -26.47
N PHE I 92 18.56 -24.50 -27.10
CA PHE I 92 18.26 -23.61 -28.23
C PHE I 92 16.94 -22.86 -28.22
N PRO I 93 16.98 -21.57 -28.58
CA PRO I 93 15.74 -20.79 -28.60
C PRO I 93 14.83 -21.26 -29.74
N VAL I 94 14.13 -22.37 -29.55
CA VAL I 94 13.28 -22.90 -30.61
C VAL I 94 11.85 -22.33 -30.65
N ARG I 95 10.87 -23.16 -30.98
CA ARG I 95 9.50 -22.65 -31.08
C ARG I 95 8.93 -22.10 -29.78
N ARG I 96 8.24 -20.98 -29.88
CA ARG I 96 7.59 -20.35 -28.75
C ARG I 96 8.50 -20.04 -27.56
N THR I 97 9.73 -19.62 -27.84
CA THR I 97 10.68 -19.29 -26.78
C THR I 97 10.82 -17.79 -26.63
N SER I 98 11.37 -17.35 -25.49
CA SER I 98 11.56 -15.93 -25.26
C SER I 98 12.65 -15.39 -26.18
N PRO I 99 12.55 -14.11 -26.56
CA PRO I 99 13.53 -13.47 -27.43
C PRO I 99 14.71 -12.89 -26.64
N ARG I 100 14.59 -12.91 -25.31
CA ARG I 100 15.62 -12.40 -24.41
C ARG I 100 16.96 -13.14 -24.54
N ILE I 101 18.05 -12.44 -24.29
CA ILE I 101 19.38 -13.04 -24.38
C ILE I 101 19.92 -13.42 -23.00
N PRO I 102 20.43 -14.65 -22.86
CA PRO I 102 20.98 -15.08 -21.56
C PRO I 102 22.24 -14.30 -21.22
N THR I 103 22.73 -14.44 -19.98
CA THR I 103 23.94 -13.74 -19.58
C THR I 103 25.14 -14.67 -19.40
N ASP I 104 24.91 -15.94 -19.03
CA ASP I 104 26.01 -16.87 -18.84
C ASP I 104 26.50 -17.44 -20.17
N ILE I 105 27.66 -18.08 -20.14
CA ILE I 105 28.20 -18.64 -21.36
C ILE I 105 27.30 -19.72 -21.96
N GLU I 106 26.82 -20.65 -21.12
CA GLU I 106 25.94 -21.74 -21.56
C GLU I 106 24.74 -21.19 -22.32
N GLY I 107 24.12 -20.16 -21.76
CA GLY I 107 22.95 -19.57 -22.40
C GLY I 107 23.26 -18.80 -23.66
N GLN I 108 24.35 -18.05 -23.67
CA GLN I 108 24.68 -17.27 -24.85
C GLN I 108 25.13 -18.13 -26.02
N ILE I 109 25.88 -19.19 -25.76
CA ILE I 109 26.34 -20.03 -26.84
C ILE I 109 25.12 -20.62 -27.57
N GLY I 110 24.08 -20.99 -26.84
CA GLY I 110 22.89 -21.50 -27.48
C GLY I 110 22.13 -20.40 -28.20
N TYR I 111 22.01 -19.24 -27.56
CA TYR I 111 21.31 -18.11 -28.16
C TYR I 111 21.86 -17.76 -29.55
N TYR I 112 23.18 -17.75 -29.67
CA TYR I 112 23.87 -17.42 -30.91
C TYR I 112 24.25 -18.63 -31.78
N CYS I 113 23.54 -19.74 -31.63
CA CYS I 113 23.84 -20.95 -32.38
C CYS I 113 22.65 -21.59 -33.11
N ASN I 114 22.82 -21.92 -34.38
CA ASN I 114 21.72 -22.57 -35.11
C ASN I 114 21.96 -24.06 -35.29
N ALA I 115 23.12 -24.55 -34.84
CA ALA I 115 23.45 -25.98 -34.99
C ALA I 115 24.57 -26.40 -34.03
N ALA I 116 24.36 -27.52 -33.33
CA ALA I 116 25.31 -28.03 -32.37
C ALA I 116 26.44 -28.88 -32.98
N GLU I 117 26.41 -29.05 -34.29
CA GLU I 117 27.44 -29.81 -34.97
C GLU I 117 28.69 -28.97 -35.19
N THR I 118 28.73 -27.81 -34.54
CA THR I 118 29.88 -26.91 -34.66
C THR I 118 30.30 -26.44 -33.28
N ALA I 119 31.59 -26.60 -32.98
CA ALA I 119 32.09 -26.19 -31.69
C ALA I 119 33.07 -25.05 -31.80
N ILE I 120 33.06 -24.18 -30.80
CA ILE I 120 33.98 -23.05 -30.75
C ILE I 120 35.23 -23.59 -30.05
N SER I 121 36.37 -23.43 -30.71
CA SER I 121 37.64 -23.90 -30.18
C SER I 121 38.63 -22.74 -30.08
N PRO I 122 39.76 -22.95 -29.40
CA PRO I 122 40.77 -21.88 -29.27
C PRO I 122 41.25 -21.45 -30.66
N GLY I 123 41.43 -20.15 -30.85
CA GLY I 123 41.89 -19.67 -32.14
C GLY I 123 40.81 -19.50 -33.19
N THR I 124 39.60 -19.99 -32.91
CA THR I 124 38.49 -19.88 -33.85
C THR I 124 38.18 -18.45 -34.26
N TRP I 125 38.15 -17.53 -33.30
CA TRP I 125 37.88 -16.14 -33.59
C TRP I 125 38.94 -15.56 -34.51
N GLU I 126 40.21 -15.71 -34.14
CA GLU I 126 41.28 -15.17 -34.98
C GLU I 126 41.24 -15.76 -36.39
N ALA I 127 40.94 -17.06 -36.47
CA ALA I 127 40.88 -17.72 -37.77
C ALA I 127 39.73 -17.11 -38.56
N ALA I 128 38.56 -17.02 -37.94
CA ALA I 128 37.41 -16.47 -38.61
C ALA I 128 37.69 -15.08 -39.14
N LEU I 129 38.48 -14.30 -38.40
CA LEU I 129 38.81 -12.93 -38.83
C LEU I 129 39.73 -12.91 -40.05
N SER I 130 40.71 -13.80 -40.08
CA SER I 130 41.62 -13.81 -41.20
C SER I 130 40.84 -14.21 -42.44
N SER I 131 40.02 -15.24 -42.30
CA SER I 131 39.22 -15.70 -43.42
C SER I 131 38.38 -14.54 -43.98
N MET I 132 37.88 -13.70 -43.08
CA MET I 132 37.08 -12.55 -43.48
C MET I 132 37.95 -11.55 -44.24
N ALA I 133 39.22 -11.44 -43.84
CA ALA I 133 40.14 -10.53 -44.49
C ALA I 133 40.31 -10.97 -45.94
N SER I 134 40.50 -12.27 -46.16
CA SER I 134 40.66 -12.82 -47.48
C SER I 134 39.49 -12.50 -48.41
N ALA I 135 38.29 -12.43 -47.86
CA ALA I 135 37.11 -12.11 -48.67
C ALA I 135 37.11 -10.62 -49.00
N ILE I 136 37.40 -9.81 -47.99
CA ILE I 136 37.44 -8.37 -48.20
C ILE I 136 38.47 -8.02 -49.28
N ASP I 137 39.69 -8.52 -49.10
CA ASP I 137 40.76 -8.29 -50.06
C ASP I 137 40.32 -8.70 -51.46
N GLY I 138 39.75 -9.89 -51.56
CA GLY I 138 39.30 -10.39 -52.85
C GLY I 138 38.25 -9.46 -53.44
N ALA I 139 37.46 -8.86 -52.56
CA ALA I 139 36.41 -7.93 -52.97
C ALA I 139 37.02 -6.67 -53.55
N ASP I 140 38.03 -6.13 -52.88
CA ASP I 140 38.68 -4.91 -53.35
C ASP I 140 39.27 -5.14 -54.74
N LEU I 141 39.74 -6.35 -55.01
CA LEU I 141 40.31 -6.67 -56.30
C LEU I 141 39.29 -6.51 -57.42
N ILE I 142 38.05 -6.89 -57.12
CA ILE I 142 36.96 -6.78 -58.08
C ILE I 142 36.65 -5.31 -58.26
N ALA I 143 36.69 -4.57 -57.16
CA ALA I 143 36.43 -3.14 -57.16
C ALA I 143 37.53 -2.40 -57.89
N ALA I 144 38.72 -2.98 -57.92
CA ALA I 144 39.86 -2.36 -58.60
C ALA I 144 39.83 -2.62 -60.10
N GLY I 145 38.91 -3.47 -60.54
CA GLY I 145 38.82 -3.74 -61.96
C GLY I 145 39.02 -5.19 -62.38
N HIS I 146 39.61 -6.01 -61.50
CA HIS I 146 39.83 -7.41 -61.83
C HIS I 146 38.49 -8.07 -62.14
N LYS I 147 38.48 -8.91 -63.17
CA LYS I 147 37.26 -9.60 -63.59
C LYS I 147 36.99 -10.86 -62.76
N ALA I 148 38.00 -11.31 -62.02
CA ALA I 148 37.87 -12.48 -61.17
C ALA I 148 38.95 -12.56 -60.10
N ALA I 149 38.62 -13.25 -59.02
CA ALA I 149 39.53 -13.43 -57.90
C ALA I 149 39.05 -14.59 -57.07
N PHE I 150 39.96 -15.18 -56.30
CA PHE I 150 39.63 -16.32 -55.47
C PHE I 150 40.08 -16.13 -54.04
N SER I 151 39.11 -16.06 -53.12
CA SER I 151 39.36 -15.92 -51.71
C SER I 151 39.24 -17.31 -51.10
N LEU I 152 40.39 -17.92 -50.84
CA LEU I 152 40.44 -19.25 -50.25
C LEU I 152 40.09 -19.05 -48.79
N CYS I 153 38.81 -18.92 -48.51
CA CYS I 153 38.36 -18.69 -47.14
C CYS I 153 38.19 -19.97 -46.34
N ARG I 154 38.59 -19.89 -45.08
CA ARG I 154 38.48 -20.99 -44.14
C ARG I 154 38.74 -20.32 -42.79
N PRO I 155 37.83 -20.51 -41.83
CA PRO I 155 36.60 -21.32 -41.99
C PRO I 155 35.62 -20.74 -43.00
N PRO I 156 34.65 -21.56 -43.43
CA PRO I 156 33.65 -21.10 -44.39
C PRO I 156 32.68 -20.15 -43.70
N GLY I 157 31.70 -19.60 -44.42
CA GLY I 157 30.80 -18.67 -43.75
C GLY I 157 29.36 -18.58 -44.20
N HIS I 158 28.96 -19.30 -45.23
CA HIS I 158 27.59 -19.18 -45.70
C HIS I 158 26.49 -19.62 -44.73
N ALA I 159 26.83 -20.35 -43.66
CA ALA I 159 25.80 -20.78 -42.71
C ALA I 159 25.68 -19.82 -41.52
N ALA I 160 26.58 -18.84 -41.47
CA ALA I 160 26.57 -17.86 -40.41
C ALA I 160 25.54 -16.77 -40.70
N GLY I 161 24.48 -16.75 -39.90
CA GLY I 161 23.42 -15.75 -40.09
C GLY I 161 23.73 -14.47 -39.36
N ILE I 162 22.77 -13.58 -39.31
CA ILE I 162 22.95 -12.29 -38.65
C ILE I 162 23.55 -12.35 -37.25
N ASP I 163 22.98 -13.21 -36.41
CA ASP I 163 23.45 -13.36 -35.03
C ASP I 163 23.53 -14.82 -34.56
N MET I 164 24.12 -15.68 -35.38
CA MET I 164 24.27 -17.09 -34.99
C MET I 164 25.31 -17.82 -35.82
N PHE I 165 26.05 -18.72 -35.17
CA PHE I 165 27.06 -19.51 -35.87
C PHE I 165 26.55 -20.92 -36.07
N GLY I 166 27.24 -21.68 -36.92
CA GLY I 166 26.83 -23.05 -37.19
C GLY I 166 27.25 -23.52 -38.57
N GLY I 167 27.04 -24.81 -38.85
CA GLY I 167 27.42 -25.35 -40.14
C GLY I 167 28.87 -25.05 -40.44
N TYR I 168 29.69 -25.12 -39.37
CA TYR I 168 31.14 -24.87 -39.44
C TYR I 168 31.48 -23.42 -39.78
N CYS I 169 30.50 -22.53 -39.66
CA CYS I 169 30.69 -21.12 -40.00
C CYS I 169 30.54 -20.17 -38.82
N PHE I 170 31.23 -19.04 -38.87
CA PHE I 170 31.17 -18.05 -37.79
C PHE I 170 31.00 -16.65 -38.34
N ILE I 171 31.68 -16.36 -39.45
CA ILE I 171 31.55 -15.06 -40.08
C ILE I 171 31.27 -15.31 -41.55
N ASN I 172 30.17 -14.72 -42.05
CA ASN I 172 29.74 -14.89 -43.44
C ASN I 172 30.67 -14.13 -44.39
N ASN I 173 31.80 -14.74 -44.73
CA ASN I 173 32.80 -14.14 -45.62
C ASN I 173 32.17 -13.58 -46.89
N ALA I 174 31.33 -14.37 -47.54
CA ALA I 174 30.66 -13.94 -48.77
C ALA I 174 29.86 -12.67 -48.49
N ALA I 175 29.10 -12.67 -47.41
CA ALA I 175 28.30 -11.51 -47.06
C ALA I 175 29.17 -10.28 -46.89
N VAL I 176 30.30 -10.45 -46.19
CA VAL I 176 31.21 -9.32 -45.97
C VAL I 176 31.78 -8.80 -47.28
N ALA I 177 32.06 -9.72 -48.20
CA ALA I 177 32.59 -9.35 -49.50
C ALA I 177 31.56 -8.51 -50.25
N ALA I 178 30.31 -9.00 -50.30
CA ALA I 178 29.23 -8.28 -50.97
C ALA I 178 29.11 -6.88 -50.37
N GLN I 179 29.07 -6.80 -49.04
CA GLN I 179 28.97 -5.50 -48.38
C GLN I 179 30.15 -4.64 -48.82
N ARG I 180 31.34 -5.23 -48.82
CA ARG I 180 32.55 -4.52 -49.23
C ARG I 180 32.39 -3.91 -50.62
N LEU I 181 31.90 -4.69 -51.59
CA LEU I 181 31.70 -4.21 -52.95
C LEU I 181 30.75 -3.03 -52.99
N LEU I 182 29.73 -3.06 -52.14
CA LEU I 182 28.78 -1.96 -52.11
C LEU I 182 29.44 -0.74 -51.47
N ASP I 183 30.28 -0.95 -50.47
CA ASP I 183 30.95 0.17 -49.83
C ASP I 183 31.95 0.79 -50.79
N LYS I 184 32.50 -0.02 -51.69
CA LYS I 184 33.46 0.48 -52.65
C LYS I 184 32.82 1.21 -53.83
N GLY I 185 31.50 1.23 -53.89
CA GLY I 185 30.84 1.92 -54.98
C GLY I 185 29.70 1.20 -55.67
N ALA I 186 29.56 -0.11 -55.43
CA ALA I 186 28.48 -0.87 -56.05
C ALA I 186 27.12 -0.48 -55.46
N LYS I 187 26.05 -0.70 -56.22
CA LYS I 187 24.69 -0.38 -55.77
C LYS I 187 23.80 -1.63 -55.76
N LYS I 188 24.17 -2.61 -56.57
CA LYS I 188 23.43 -3.86 -56.66
C LYS I 188 24.42 -5.02 -56.84
N ILE I 189 24.45 -5.92 -55.85
CA ILE I 189 25.34 -7.08 -55.89
C ILE I 189 24.57 -8.36 -55.66
N ALA I 190 25.02 -9.43 -56.29
CA ALA I 190 24.36 -10.71 -56.15
C ALA I 190 25.31 -11.75 -55.61
N ILE I 191 24.75 -12.68 -54.87
CA ILE I 191 25.54 -13.76 -54.31
C ILE I 191 24.95 -15.09 -54.80
N LEU I 192 25.81 -15.92 -55.40
CA LEU I 192 25.39 -17.21 -55.91
C LEU I 192 26.05 -18.30 -55.04
N ASP I 193 25.22 -19.06 -54.34
CA ASP I 193 25.71 -20.11 -53.45
C ASP I 193 25.54 -21.48 -54.11
N VAL I 194 26.64 -22.04 -54.60
CA VAL I 194 26.61 -23.34 -55.27
C VAL I 194 26.98 -24.48 -54.32
N ASP I 195 27.37 -24.11 -53.11
CA ASP I 195 27.70 -25.07 -52.07
C ASP I 195 26.52 -26.04 -51.99
N PHE I 196 26.78 -27.30 -51.65
CA PHE I 196 25.70 -28.28 -51.56
C PHE I 196 24.60 -27.88 -50.59
N HIS I 197 25.00 -27.33 -49.45
CA HIS I 197 24.04 -26.91 -48.43
C HIS I 197 23.51 -25.51 -48.71
N HIS I 198 22.34 -25.22 -48.18
CA HIS I 198 21.76 -23.91 -48.36
C HIS I 198 22.59 -22.87 -47.62
N GLY I 199 22.57 -21.63 -48.11
CA GLY I 199 23.31 -20.57 -47.46
C GLY I 199 22.40 -19.83 -46.51
N ASN I 200 21.83 -20.58 -45.57
CA ASN I 200 20.90 -20.04 -44.58
C ASN I 200 21.39 -18.78 -43.88
N GLY I 201 22.69 -18.71 -43.59
CA GLY I 201 23.22 -17.52 -42.94
C GLY I 201 23.16 -16.29 -43.84
N THR I 202 23.55 -16.48 -45.10
CA THR I 202 23.56 -15.41 -46.11
C THR I 202 22.13 -14.97 -46.39
N GLN I 203 21.27 -15.93 -46.68
CA GLN I 203 19.87 -15.60 -46.94
C GLN I 203 19.35 -14.75 -45.80
N ASP I 204 19.66 -15.15 -44.58
CA ASP I 204 19.20 -14.41 -43.40
C ASP I 204 19.74 -12.98 -43.34
N ILE I 205 21.02 -12.80 -43.66
CA ILE I 205 21.62 -11.47 -43.62
C ILE I 205 21.03 -10.49 -44.65
N PHE I 206 20.80 -10.94 -45.88
CA PHE I 206 20.26 -10.04 -46.89
C PHE I 206 18.77 -10.25 -47.20
N TYR I 207 18.07 -11.03 -46.38
CA TYR I 207 16.65 -11.31 -46.62
C TYR I 207 15.79 -10.07 -46.72
N GLU I 208 16.12 -9.03 -45.96
CA GLU I 208 15.33 -7.82 -46.01
C GLU I 208 16.09 -6.62 -46.59
N ARG I 209 17.09 -6.90 -47.41
CA ARG I 209 17.86 -5.84 -48.06
C ARG I 209 17.64 -5.92 -49.55
N GLY I 210 17.22 -4.80 -50.14
CA GLY I 210 16.97 -4.78 -51.57
C GLY I 210 18.20 -4.60 -52.41
N ASP I 211 19.30 -4.18 -51.80
CA ASP I 211 20.52 -3.95 -52.57
C ASP I 211 21.29 -5.21 -52.91
N VAL I 212 20.96 -6.32 -52.27
CA VAL I 212 21.63 -7.57 -52.56
C VAL I 212 20.64 -8.66 -52.93
N PHE I 213 21.01 -9.48 -53.91
CA PHE I 213 20.14 -10.57 -54.35
C PHE I 213 20.81 -11.87 -53.96
N PHE I 214 20.03 -12.83 -53.45
CA PHE I 214 20.59 -14.12 -53.05
C PHE I 214 19.95 -15.29 -53.77
N ALA I 215 20.78 -16.01 -54.51
CA ALA I 215 20.29 -17.18 -55.22
C ALA I 215 21.11 -18.36 -54.72
N SER I 216 20.43 -19.43 -54.30
CA SER I 216 21.13 -20.61 -53.82
C SER I 216 20.60 -21.92 -54.41
N LEU I 217 21.53 -22.85 -54.66
CA LEU I 217 21.18 -24.15 -55.18
C LEU I 217 21.64 -25.06 -54.05
N HIS I 218 20.80 -25.99 -53.62
CA HIS I 218 21.18 -26.82 -52.50
C HIS I 218 20.30 -28.05 -52.37
N GLY I 219 20.79 -29.00 -51.58
CA GLY I 219 20.03 -30.21 -51.34
C GLY I 219 18.75 -29.80 -50.62
N ASP I 220 17.65 -30.40 -51.06
CA ASP I 220 16.34 -30.13 -50.49
C ASP I 220 16.42 -30.15 -48.96
N PRO I 221 16.10 -29.02 -48.32
CA PRO I 221 16.13 -28.92 -46.86
C PRO I 221 15.23 -29.90 -46.14
N ALA I 222 14.22 -30.40 -46.84
CA ALA I 222 13.30 -31.36 -46.26
C ALA I 222 14.11 -32.56 -45.77
N GLU I 223 15.31 -32.73 -46.29
CA GLU I 223 16.15 -33.83 -45.88
C GLU I 223 17.65 -33.63 -46.05
N ALA I 224 18.10 -32.40 -45.80
CA ALA I 224 19.51 -32.04 -45.88
C ALA I 224 19.78 -30.83 -44.97
N PHE I 225 20.97 -30.81 -44.38
CA PHE I 225 21.39 -29.72 -43.49
C PHE I 225 21.25 -28.43 -44.30
N PRO I 226 20.83 -27.32 -43.67
CA PRO I 226 20.44 -27.15 -42.27
C PRO I 226 19.00 -27.56 -41.88
N HIS I 227 18.25 -28.08 -42.85
CA HIS I 227 16.88 -28.54 -42.61
C HIS I 227 15.83 -27.48 -42.38
N PHE I 228 16.20 -26.33 -41.85
CA PHE I 228 15.16 -25.36 -41.55
C PHE I 228 15.10 -24.06 -42.35
N LEU I 229 15.59 -24.09 -43.58
CA LEU I 229 15.54 -22.92 -44.45
C LEU I 229 16.04 -23.35 -45.83
N GLY I 230 15.50 -22.75 -46.88
CA GLY I 230 15.91 -23.11 -48.22
C GLY I 230 14.78 -23.57 -49.14
N TYR I 231 13.54 -23.41 -48.71
CA TYR I 231 12.42 -23.81 -49.56
C TYR I 231 12.20 -22.76 -50.62
N ALA I 232 11.72 -23.19 -51.78
CA ALA I 232 11.43 -22.32 -52.92
C ALA I 232 10.57 -21.13 -52.54
N GLU I 233 9.66 -21.37 -51.61
CA GLU I 233 8.72 -20.34 -51.16
C GLU I 233 9.41 -19.12 -50.57
N GLU I 234 10.63 -19.28 -50.06
CA GLU I 234 11.34 -18.15 -49.46
C GLU I 234 11.88 -17.21 -50.51
N THR I 235 11.18 -16.11 -50.73
CA THR I 235 11.56 -15.14 -51.76
C THR I 235 11.98 -13.78 -51.24
N GLY I 236 11.91 -13.57 -49.93
CA GLY I 236 12.33 -12.29 -49.40
C GLY I 236 11.30 -11.68 -48.48
N LYS I 237 11.66 -10.55 -47.86
CA LYS I 237 10.75 -9.89 -46.95
C LYS I 237 10.92 -8.38 -46.88
N GLY I 238 9.80 -7.69 -46.68
CA GLY I 238 9.81 -6.25 -46.56
C GLY I 238 10.65 -5.58 -47.63
N ALA I 239 11.66 -4.83 -47.19
CA ALA I 239 12.54 -4.13 -48.11
C ALA I 239 13.31 -5.04 -49.07
N GLY I 240 13.48 -6.31 -48.70
CA GLY I 240 14.18 -7.23 -49.56
C GLY I 240 13.26 -8.15 -50.35
N ALA I 241 11.96 -7.92 -50.24
CA ALA I 241 11.00 -8.75 -50.95
C ALA I 241 11.47 -9.05 -52.38
N GLY I 242 11.32 -10.29 -52.81
CA GLY I 242 11.71 -10.67 -54.15
C GLY I 242 13.20 -10.78 -54.45
N THR I 243 14.06 -10.59 -53.44
CA THR I 243 15.49 -10.68 -53.66
C THR I 243 16.15 -12.00 -53.19
N THR I 244 15.34 -13.04 -53.00
CA THR I 244 15.86 -14.35 -52.60
C THR I 244 15.31 -15.44 -53.53
N ALA I 245 16.19 -16.32 -53.97
CA ALA I 245 15.79 -17.38 -54.88
C ALA I 245 16.46 -18.71 -54.57
N ASN I 246 15.70 -19.61 -53.96
CA ASN I 246 16.18 -20.93 -53.59
C ASN I 246 15.84 -21.98 -54.62
N TYR I 247 16.82 -22.83 -54.92
CA TYR I 247 16.61 -23.90 -55.88
C TYR I 247 16.98 -25.22 -55.25
N PRO I 248 16.09 -25.76 -54.40
CA PRO I 248 16.31 -27.04 -53.72
C PRO I 248 16.17 -28.22 -54.70
N MET I 249 16.97 -29.27 -54.51
CA MET I 249 16.94 -30.44 -55.38
C MET I 249 17.10 -31.74 -54.58
N GLY I 250 16.49 -32.82 -55.07
CA GLY I 250 16.53 -34.11 -54.37
C GLY I 250 17.83 -34.90 -54.38
N ARG I 251 17.78 -36.11 -53.84
CA ARG I 251 18.97 -36.95 -53.77
C ARG I 251 19.43 -37.39 -55.15
N GLY I 252 20.74 -37.58 -55.28
CA GLY I 252 21.33 -38.03 -56.53
C GLY I 252 21.27 -37.06 -57.69
N THR I 253 20.95 -35.80 -57.41
CA THR I 253 20.87 -34.82 -58.47
C THR I 253 22.19 -34.69 -59.24
N PRO I 254 22.14 -34.93 -60.56
CA PRO I 254 23.26 -34.86 -61.50
C PRO I 254 23.34 -33.46 -62.11
N TYR I 255 24.45 -33.15 -62.77
CA TYR I 255 24.63 -31.82 -63.37
C TYR I 255 23.57 -31.49 -64.42
N SER I 256 23.13 -32.52 -65.15
CA SER I 256 22.12 -32.34 -66.18
C SER I 256 20.89 -31.66 -65.60
N VAL I 257 20.70 -31.78 -64.30
CA VAL I 257 19.56 -31.17 -63.63
C VAL I 257 20.01 -29.94 -62.86
N TRP I 258 21.11 -30.09 -62.13
CA TRP I 258 21.66 -28.99 -61.35
C TRP I 258 21.89 -27.79 -62.25
N GLY I 259 22.52 -28.04 -63.39
CA GLY I 259 22.83 -27.00 -64.35
C GLY I 259 21.66 -26.17 -64.78
N GLU I 260 20.50 -26.81 -64.87
CA GLU I 260 19.27 -26.13 -65.27
C GLU I 260 18.94 -25.08 -64.22
N ALA I 261 19.10 -25.44 -62.95
CA ALA I 261 18.80 -24.45 -61.92
C ALA I 261 19.81 -23.29 -61.95
N LEU I 262 21.05 -23.58 -62.36
CA LEU I 262 22.07 -22.54 -62.43
C LEU I 262 21.73 -21.51 -63.50
N THR I 263 21.25 -21.99 -64.64
CA THR I 263 20.87 -21.11 -65.72
C THR I 263 19.75 -20.16 -65.27
N ASP I 264 18.74 -20.69 -64.59
CA ASP I 264 17.65 -19.85 -64.12
C ASP I 264 18.10 -18.87 -63.05
N SER I 265 18.91 -19.33 -62.11
CA SER I 265 19.39 -18.45 -61.05
C SER I 265 20.17 -17.29 -61.68
N LEU I 266 21.00 -17.60 -62.67
CA LEU I 266 21.78 -16.58 -63.35
C LEU I 266 20.87 -15.57 -64.04
N LYS I 267 19.81 -16.09 -64.63
CA LYS I 267 18.84 -15.27 -65.34
C LYS I 267 18.17 -14.26 -64.41
N ARG I 268 17.81 -14.70 -63.20
CA ARG I 268 17.17 -13.82 -62.24
C ARG I 268 18.19 -12.82 -61.70
N ILE I 269 19.45 -13.22 -61.66
CA ILE I 269 20.53 -12.35 -61.21
C ILE I 269 20.72 -11.20 -62.20
N ALA I 270 20.59 -11.51 -63.48
CA ALA I 270 20.73 -10.52 -64.54
C ALA I 270 19.58 -9.55 -64.46
N ALA I 271 18.37 -10.09 -64.29
CA ALA I 271 17.17 -9.28 -64.20
C ALA I 271 17.31 -8.37 -62.99
N PHE I 272 17.93 -8.87 -61.94
CA PHE I 272 18.13 -8.08 -60.74
C PHE I 272 19.03 -6.90 -61.09
N GLY I 273 19.99 -7.15 -61.99
CA GLY I 273 20.90 -6.10 -62.42
C GLY I 273 22.14 -6.01 -61.54
N ALA I 274 22.70 -7.16 -61.21
CA ALA I 274 23.88 -7.18 -60.36
C ALA I 274 25.12 -6.67 -61.09
N GLU I 275 25.89 -5.83 -60.40
CA GLU I 275 27.11 -5.27 -60.98
C GLU I 275 28.26 -6.25 -60.83
N ALA I 276 28.07 -7.26 -60.00
CA ALA I 276 29.11 -8.26 -59.77
C ALA I 276 28.46 -9.38 -59.00
N ILE I 277 29.12 -10.53 -58.99
CA ILE I 277 28.58 -11.69 -58.29
C ILE I 277 29.60 -12.32 -57.36
N VAL I 278 29.22 -12.46 -56.09
CA VAL I 278 30.08 -13.12 -55.12
C VAL I 278 29.57 -14.56 -55.21
N VAL I 279 30.46 -15.47 -55.62
CA VAL I 279 30.06 -16.86 -55.76
C VAL I 279 30.53 -17.68 -54.57
N SER I 280 29.58 -18.12 -53.74
CA SER I 280 29.92 -18.96 -52.60
C SER I 280 30.09 -20.35 -53.18
N LEU I 281 31.34 -20.77 -53.31
CA LEU I 281 31.66 -22.07 -53.88
C LEU I 281 31.93 -23.14 -52.86
N GLY I 282 31.13 -24.19 -52.91
CA GLY I 282 31.30 -25.31 -52.03
C GLY I 282 31.40 -26.45 -53.01
N VAL I 283 32.39 -27.32 -52.88
CA VAL I 283 32.48 -28.43 -53.82
C VAL I 283 31.92 -29.71 -53.23
N ASP I 284 31.19 -29.59 -52.11
CA ASP I 284 30.59 -30.78 -51.51
C ASP I 284 29.49 -31.33 -52.39
N THR I 285 29.28 -30.72 -53.55
CA THR I 285 28.26 -31.19 -54.48
C THR I 285 28.81 -32.36 -55.30
N PHE I 286 30.10 -32.63 -55.11
CA PHE I 286 30.81 -33.71 -55.79
C PHE I 286 30.16 -35.06 -55.48
N GLU I 287 30.10 -35.92 -56.49
CA GLU I 287 29.51 -37.24 -56.37
C GLU I 287 30.17 -38.11 -55.29
N GLN I 288 31.34 -37.69 -54.81
CA GLN I 288 32.05 -38.44 -53.78
C GLN I 288 32.07 -37.77 -52.41
N ASP I 289 31.36 -36.66 -52.26
CA ASP I 289 31.36 -35.98 -50.96
C ASP I 289 30.77 -36.85 -49.87
N PRO I 290 31.51 -37.02 -48.77
CA PRO I 290 31.10 -37.83 -47.61
C PRO I 290 29.85 -37.40 -46.83
N ILE I 291 29.30 -36.22 -47.10
CA ILE I 291 28.11 -35.80 -46.36
C ILE I 291 27.02 -35.17 -47.21
N SER I 292 27.17 -35.24 -48.52
CA SER I 292 26.19 -34.66 -49.42
C SER I 292 25.69 -35.72 -50.40
N PHE I 293 24.55 -35.46 -51.05
CA PHE I 293 23.97 -36.42 -51.99
C PHE I 293 23.80 -35.97 -53.45
N PHE I 294 24.68 -35.09 -53.93
CA PHE I 294 24.60 -34.66 -55.34
C PHE I 294 25.59 -35.50 -56.16
N LYS I 295 25.32 -35.60 -57.45
CA LYS I 295 26.18 -36.41 -58.32
C LYS I 295 26.98 -35.60 -59.35
N LEU I 296 27.58 -34.50 -58.91
CA LEU I 296 28.38 -33.69 -59.82
C LEU I 296 29.76 -34.30 -60.06
N THR I 297 30.22 -34.30 -61.31
CA THR I 297 31.54 -34.85 -61.65
C THR I 297 32.58 -33.75 -61.73
N SER I 298 33.85 -34.08 -61.55
CA SER I 298 34.91 -33.08 -61.60
C SER I 298 34.82 -32.19 -62.84
N PRO I 299 34.56 -32.79 -64.01
CA PRO I 299 34.48 -31.97 -65.23
C PRO I 299 33.36 -30.91 -65.19
N ASP I 300 32.25 -31.23 -64.52
CA ASP I 300 31.13 -30.28 -64.44
C ASP I 300 31.52 -28.93 -63.87
N TYR I 301 32.52 -28.92 -63.00
CA TYR I 301 32.98 -27.70 -62.36
C TYR I 301 33.56 -26.72 -63.36
N ILE I 302 34.11 -27.27 -64.44
CA ILE I 302 34.66 -26.44 -65.49
C ILE I 302 33.47 -25.81 -66.21
N THR I 303 32.44 -26.61 -66.46
CA THR I 303 31.24 -26.14 -67.12
C THR I 303 30.55 -25.11 -66.23
N MET I 304 30.45 -25.43 -64.94
CA MET I 304 29.82 -24.54 -63.99
C MET I 304 30.50 -23.18 -64.01
N GLY I 305 31.82 -23.20 -63.94
CA GLY I 305 32.60 -21.96 -63.94
C GLY I 305 32.40 -21.12 -65.19
N ARG I 306 32.48 -21.76 -66.35
CA ARG I 306 32.32 -21.11 -67.66
C ARG I 306 30.93 -20.51 -67.77
N THR I 307 29.94 -21.24 -67.27
CA THR I 307 28.57 -20.75 -67.32
C THR I 307 28.39 -19.54 -66.42
N ILE I 308 28.93 -19.61 -65.22
CA ILE I 308 28.78 -18.48 -64.31
C ILE I 308 29.54 -17.27 -64.82
N ALA I 309 30.75 -17.51 -65.32
CA ALA I 309 31.56 -16.42 -65.86
C ALA I 309 30.83 -15.75 -67.02
N ALA I 310 30.10 -16.54 -67.80
CA ALA I 310 29.35 -16.01 -68.94
C ALA I 310 28.32 -14.96 -68.53
N SER I 311 28.15 -14.76 -67.23
CA SER I 311 27.20 -13.76 -66.71
C SER I 311 27.59 -12.41 -67.27
N GLY I 312 28.90 -12.24 -67.49
CA GLY I 312 29.41 -11.01 -68.05
C GLY I 312 29.89 -10.03 -67.01
N VAL I 313 29.46 -10.19 -65.76
CA VAL I 313 29.89 -9.27 -64.73
C VAL I 313 31.04 -9.88 -63.94
N PRO I 314 31.80 -9.05 -63.23
CA PRO I 314 32.94 -9.49 -62.42
C PRO I 314 32.57 -10.53 -61.36
N LEU I 315 33.40 -11.56 -61.21
CA LEU I 315 33.17 -12.62 -60.24
C LEU I 315 34.20 -12.71 -59.12
N LEU I 316 33.71 -12.89 -57.90
CA LEU I 316 34.54 -13.08 -56.71
C LEU I 316 34.12 -14.45 -56.16
N VAL I 317 35.04 -15.42 -56.24
CA VAL I 317 34.75 -16.76 -55.75
C VAL I 317 35.22 -16.89 -54.31
N VAL I 318 34.27 -17.17 -53.41
CA VAL I 318 34.56 -17.32 -51.98
C VAL I 318 34.41 -18.79 -51.60
N MET I 319 35.50 -19.39 -51.11
CA MET I 319 35.51 -20.80 -50.72
C MET I 319 34.55 -21.12 -49.58
N GLU I 320 33.83 -22.22 -49.73
CA GLU I 320 32.88 -22.68 -48.71
C GLU I 320 33.16 -24.16 -48.42
N GLY I 321 32.14 -25.00 -48.63
CA GLY I 321 32.26 -26.42 -48.39
C GLY I 321 33.06 -27.26 -49.37
N GLY I 322 33.03 -28.58 -49.16
CA GLY I 322 33.76 -29.54 -49.98
C GLY I 322 34.58 -30.34 -48.99
N TYR I 323 34.25 -31.62 -48.80
CA TYR I 323 34.95 -32.45 -47.81
C TYR I 323 35.39 -33.82 -48.29
N GLY I 324 36.13 -34.50 -47.41
CA GLY I 324 36.58 -35.85 -47.67
C GLY I 324 37.70 -36.10 -48.65
N VAL I 325 37.33 -36.52 -49.85
CA VAL I 325 38.28 -36.85 -50.90
C VAL I 325 39.16 -35.68 -51.30
N PRO I 326 40.37 -35.98 -51.80
CA PRO I 326 41.30 -34.93 -52.21
C PRO I 326 40.84 -34.22 -53.48
N GLU I 327 39.91 -34.83 -54.20
CA GLU I 327 39.39 -34.22 -55.41
C GLU I 327 38.85 -32.82 -55.12
N ILE I 328 38.61 -32.51 -53.86
CA ILE I 328 38.08 -31.18 -53.55
C ILE I 328 38.97 -30.13 -54.20
N GLY I 329 40.28 -30.31 -54.09
CA GLY I 329 41.21 -29.36 -54.68
C GLY I 329 41.04 -29.28 -56.19
N LEU I 330 40.90 -30.44 -56.83
CA LEU I 330 40.73 -30.49 -58.28
C LEU I 330 39.45 -29.77 -58.68
N ASN I 331 38.34 -30.16 -58.06
CA ASN I 331 37.04 -29.56 -58.37
C ASN I 331 37.05 -28.03 -58.23
N VAL I 332 37.71 -27.53 -57.20
CA VAL I 332 37.77 -26.09 -57.00
C VAL I 332 38.58 -25.42 -58.11
N ALA I 333 39.71 -26.04 -58.48
CA ALA I 333 40.55 -25.51 -59.54
C ALA I 333 39.82 -25.55 -60.88
N ASN I 334 38.97 -26.55 -61.08
CA ASN I 334 38.23 -26.65 -62.33
C ASN I 334 37.24 -25.50 -62.50
N VAL I 335 36.76 -24.93 -61.39
CA VAL I 335 35.81 -23.83 -61.48
C VAL I 335 36.55 -22.55 -61.86
N LEU I 336 37.71 -22.34 -61.23
CA LEU I 336 38.52 -21.17 -61.50
C LEU I 336 38.98 -21.24 -62.96
N LYS I 337 39.23 -22.46 -63.40
CA LYS I 337 39.69 -22.72 -64.76
C LYS I 337 38.55 -22.42 -65.74
N GLY I 338 37.33 -22.87 -65.41
CA GLY I 338 36.19 -22.62 -66.26
C GLY I 338 35.84 -21.16 -66.28
N VAL I 339 36.11 -20.48 -65.16
CA VAL I 339 35.85 -19.06 -65.03
C VAL I 339 36.92 -18.25 -65.74
N ALA I 340 38.18 -18.70 -65.61
CA ALA I 340 39.29 -18.00 -66.24
C ALA I 340 39.21 -18.01 -67.77
N GLY I 341 38.67 -19.09 -68.33
CA GLY I 341 38.56 -19.18 -69.77
C GLY I 341 39.92 -19.31 -70.42
N MET J 1 -16.82 -53.14 -53.97
CA MET J 1 -16.30 -52.48 -52.74
C MET J 1 -17.28 -52.64 -51.60
N ARG J 2 -16.77 -52.92 -50.40
CA ARG J 2 -17.59 -53.09 -49.23
C ARG J 2 -18.20 -51.75 -48.80
N VAL J 3 -19.29 -51.80 -48.07
CA VAL J 3 -19.97 -50.60 -47.60
C VAL J 3 -20.02 -50.60 -46.09
N ILE J 4 -19.43 -49.58 -45.46
CA ILE J 4 -19.46 -49.50 -44.01
C ILE J 4 -20.64 -48.62 -43.63
N PHE J 5 -21.52 -49.15 -42.81
CA PHE J 5 -22.72 -48.42 -42.41
C PHE J 5 -23.21 -48.87 -41.04
N SER J 6 -23.57 -47.90 -40.21
CA SER J 6 -24.06 -48.18 -38.86
C SER J 6 -25.51 -47.78 -38.71
N GLU J 7 -26.28 -48.60 -38.02
CA GLU J 7 -27.67 -48.28 -37.78
C GLU J 7 -27.75 -47.13 -36.80
N ASP J 8 -26.69 -46.89 -36.04
CA ASP J 8 -26.72 -45.82 -35.05
C ASP J 8 -26.77 -44.40 -35.60
N HIS J 9 -26.71 -44.26 -36.92
CA HIS J 9 -26.76 -42.94 -37.50
C HIS J 9 -28.12 -42.33 -37.13
N LYS J 10 -29.10 -43.21 -36.92
CA LYS J 10 -30.47 -42.78 -36.58
C LYS J 10 -30.55 -42.08 -35.22
N LEU J 11 -29.53 -42.28 -34.39
CA LEU J 11 -29.47 -41.64 -33.09
C LEU J 11 -29.48 -40.13 -33.31
N ARG J 12 -28.99 -39.73 -34.48
CA ARG J 12 -28.98 -38.32 -34.84
C ARG J 12 -30.27 -38.01 -35.59
N ASN J 13 -31.28 -37.54 -34.86
CA ASN J 13 -32.56 -37.21 -35.48
C ASN J 13 -33.14 -35.96 -34.83
N ALA J 14 -32.52 -34.81 -35.11
CA ALA J 14 -32.96 -33.53 -34.55
C ALA J 14 -34.33 -33.16 -35.12
N LYS J 15 -35.12 -32.43 -34.34
CA LYS J 15 -36.44 -32.06 -34.83
C LYS J 15 -36.51 -30.67 -35.44
N THR J 16 -35.45 -29.88 -35.27
CA THR J 16 -35.45 -28.52 -35.82
C THR J 16 -34.14 -28.11 -36.46
N GLU J 17 -34.25 -27.16 -37.40
CA GLU J 17 -33.11 -26.59 -38.11
C GLU J 17 -33.49 -25.13 -38.39
N LEU J 18 -32.67 -24.19 -37.93
CA LEU J 18 -32.97 -22.78 -38.16
C LEU J 18 -32.77 -22.51 -39.64
N TYR J 19 -33.86 -22.23 -40.34
CA TYR J 19 -33.77 -21.97 -41.77
C TYR J 19 -34.75 -20.90 -42.22
N GLY J 20 -34.23 -19.85 -42.84
CA GLY J 20 -35.08 -18.79 -43.31
C GLY J 20 -35.77 -17.99 -42.21
N GLY J 21 -35.42 -18.25 -40.96
CA GLY J 21 -36.03 -17.51 -39.86
C GLY J 21 -36.97 -18.34 -39.01
N GLU J 22 -37.11 -19.60 -39.40
CA GLU J 22 -37.98 -20.53 -38.68
C GLU J 22 -37.25 -21.82 -38.39
N LEU J 23 -37.77 -22.57 -37.44
CA LEU J 23 -37.19 -23.84 -37.09
C LEU J 23 -37.98 -24.89 -37.85
N VAL J 24 -37.39 -25.40 -38.92
CA VAL J 24 -38.06 -26.38 -39.75
C VAL J 24 -37.39 -27.74 -39.64
N PRO J 25 -38.06 -28.82 -40.13
CA PRO J 25 -37.47 -30.15 -40.06
C PRO J 25 -36.12 -30.14 -40.73
N PRO J 26 -35.10 -30.69 -40.06
CA PRO J 26 -33.73 -30.75 -40.61
C PRO J 26 -33.61 -31.43 -41.97
N PHE J 27 -32.90 -30.77 -42.88
CA PHE J 27 -32.64 -31.28 -44.22
C PHE J 27 -31.85 -32.57 -44.12
N GLU J 28 -30.90 -32.61 -43.19
CA GLU J 28 -30.08 -33.79 -43.00
C GLU J 28 -30.80 -34.75 -42.07
N ALA J 29 -31.82 -35.41 -42.62
CA ALA J 29 -32.64 -36.35 -41.86
C ALA J 29 -32.22 -37.80 -42.11
N PRO J 30 -32.61 -38.72 -41.21
CA PRO J 30 -32.31 -40.15 -41.27
C PRO J 30 -32.65 -40.88 -42.58
N PHE J 31 -33.76 -40.49 -43.23
CA PHE J 31 -34.15 -41.14 -44.47
C PHE J 31 -33.05 -41.06 -45.53
N ARG J 32 -32.22 -40.03 -45.44
CA ARG J 32 -31.14 -39.86 -46.41
C ARG J 32 -30.30 -41.13 -46.46
N ALA J 33 -29.89 -41.61 -45.29
CA ALA J 33 -29.06 -42.81 -45.22
C ALA J 33 -29.81 -44.03 -45.72
N GLU J 34 -31.09 -44.09 -45.38
CA GLU J 34 -31.94 -45.20 -45.79
C GLU J 34 -32.03 -45.27 -47.31
N TRP J 35 -32.25 -44.13 -47.95
CA TRP J 35 -32.34 -44.08 -49.40
C TRP J 35 -31.01 -44.45 -50.06
N ILE J 36 -29.93 -43.79 -49.62
CA ILE J 36 -28.61 -44.05 -50.16
C ILE J 36 -28.23 -45.51 -49.98
N LEU J 37 -28.57 -46.09 -48.82
CA LEU J 37 -28.23 -47.49 -48.58
C LEU J 37 -28.97 -48.39 -49.58
N ALA J 38 -30.23 -48.09 -49.81
CA ALA J 38 -31.06 -48.85 -50.74
C ALA J 38 -30.44 -48.86 -52.14
N ALA J 39 -30.30 -47.66 -52.70
CA ALA J 39 -29.74 -47.47 -54.03
C ALA J 39 -28.40 -48.17 -54.23
N VAL J 40 -27.46 -47.98 -53.31
CA VAL J 40 -26.17 -48.62 -53.45
C VAL J 40 -26.25 -50.13 -53.48
N LYS J 41 -27.11 -50.72 -52.66
CA LYS J 41 -27.26 -52.17 -52.65
C LYS J 41 -27.77 -52.66 -54.00
N GLU J 42 -28.74 -51.92 -54.56
CA GLU J 42 -29.32 -52.28 -55.83
C GLU J 42 -28.30 -52.22 -56.95
N ALA J 43 -27.35 -51.30 -56.84
CA ALA J 43 -26.33 -51.15 -57.87
C ALA J 43 -25.30 -52.28 -57.78
N GLY J 44 -25.51 -53.19 -56.83
CA GLY J 44 -24.59 -54.30 -56.66
C GLY J 44 -23.77 -54.26 -55.39
N PHE J 45 -23.49 -53.06 -54.91
CA PHE J 45 -22.70 -52.87 -53.70
C PHE J 45 -23.57 -53.25 -52.50
N ASP J 46 -23.77 -54.55 -52.32
CA ASP J 46 -24.58 -55.05 -51.23
C ASP J 46 -23.79 -55.64 -50.07
N ASP J 47 -22.48 -55.60 -50.15
CA ASP J 47 -21.68 -56.13 -49.05
C ASP J 47 -21.52 -55.05 -47.97
N VAL J 48 -22.61 -54.83 -47.23
CA VAL J 48 -22.66 -53.83 -46.17
C VAL J 48 -22.30 -54.42 -44.80
N VAL J 49 -21.33 -53.82 -44.12
CA VAL J 49 -20.93 -54.31 -42.81
C VAL J 49 -21.00 -53.19 -41.79
N ALA J 50 -21.27 -53.54 -40.53
CA ALA J 50 -21.34 -52.53 -39.49
C ALA J 50 -19.93 -52.14 -39.07
N PRO J 51 -19.74 -50.89 -38.63
CA PRO J 51 -18.42 -50.41 -38.19
C PRO J 51 -18.01 -51.06 -36.88
N ALA J 52 -16.71 -51.22 -36.68
CA ALA J 52 -16.23 -51.80 -35.43
C ALA J 52 -16.14 -50.67 -34.42
N ARG J 53 -16.02 -51.03 -33.15
CA ARG J 53 -15.91 -50.06 -32.06
C ARG J 53 -14.50 -49.48 -32.09
N HIS J 54 -14.38 -48.16 -31.97
CA HIS J 54 -13.07 -47.50 -31.99
C HIS J 54 -12.98 -46.43 -30.89
N GLY J 55 -11.76 -46.18 -30.42
CA GLY J 55 -11.55 -45.18 -29.39
C GLY J 55 -11.44 -43.79 -29.99
N LEU J 56 -10.87 -42.84 -29.23
CA LEU J 56 -10.73 -41.47 -29.72
C LEU J 56 -9.30 -41.09 -30.11
N GLU J 57 -8.38 -42.04 -30.02
CA GLU J 57 -7.00 -41.74 -30.37
C GLU J 57 -6.86 -41.09 -31.75
N THR J 58 -7.49 -41.66 -32.77
CA THR J 58 -7.37 -41.09 -34.11
C THR J 58 -8.04 -39.72 -34.23
N VAL J 59 -9.28 -39.63 -33.78
CA VAL J 59 -10.03 -38.38 -33.86
C VAL J 59 -9.37 -37.24 -33.04
N LEU J 60 -8.60 -37.61 -32.02
CA LEU J 60 -7.93 -36.60 -31.21
C LEU J 60 -6.71 -36.05 -31.90
N LYS J 61 -6.43 -36.52 -33.11
CA LYS J 61 -5.28 -36.02 -33.87
C LYS J 61 -5.74 -35.00 -34.91
N VAL J 62 -7.06 -34.83 -35.05
CA VAL J 62 -7.59 -33.86 -35.98
C VAL J 62 -8.51 -32.85 -35.31
N HIS J 63 -9.13 -33.24 -34.20
CA HIS J 63 -10.01 -32.33 -33.48
C HIS J 63 -9.44 -31.91 -32.14
N ASP J 64 -9.89 -30.75 -31.66
CA ASP J 64 -9.46 -30.22 -30.39
C ASP J 64 -10.07 -31.10 -29.29
N ALA J 65 -9.30 -31.36 -28.24
CA ALA J 65 -9.83 -32.18 -27.16
C ALA J 65 -10.97 -31.45 -26.45
N GLY J 66 -10.85 -30.14 -26.29
CA GLY J 66 -11.88 -29.37 -25.62
C GLY J 66 -13.19 -29.44 -26.39
N TYR J 67 -13.07 -29.40 -27.71
CA TYR J 67 -14.21 -29.47 -28.60
C TYR J 67 -14.94 -30.80 -28.45
N LEU J 68 -14.20 -31.90 -28.54
CA LEU J 68 -14.82 -33.21 -28.42
C LEU J 68 -15.49 -33.36 -27.05
N ASN J 69 -14.79 -32.93 -26.01
CA ASN J 69 -15.31 -32.97 -24.65
C ASN J 69 -16.67 -32.27 -24.60
N PHE J 70 -16.75 -31.09 -25.20
CA PHE J 70 -17.99 -30.32 -25.25
C PHE J 70 -19.12 -31.05 -25.99
N LEU J 71 -18.79 -31.67 -27.12
CA LEU J 71 -19.78 -32.39 -27.91
C LEU J 71 -20.40 -33.54 -27.12
N GLU J 72 -19.59 -34.19 -26.31
CA GLU J 72 -20.06 -35.33 -25.55
C GLU J 72 -21.15 -35.01 -24.51
N THR J 73 -20.94 -33.97 -23.71
CA THR J 73 -21.89 -33.61 -22.66
C THR J 73 -22.79 -32.43 -23.00
N ALA J 74 -22.60 -31.89 -24.20
CA ALA J 74 -23.39 -30.74 -24.65
C ALA J 74 -24.89 -30.87 -24.43
N TRP J 75 -25.53 -31.90 -24.97
CA TRP J 75 -26.98 -32.04 -24.82
C TRP J 75 -27.47 -32.09 -23.37
N ASP J 76 -26.79 -32.86 -22.53
CA ASP J 76 -27.20 -32.94 -21.13
C ASP J 76 -27.19 -31.58 -20.48
N ARG J 77 -26.09 -30.85 -20.63
CA ARG J 77 -25.96 -29.52 -20.03
C ARG J 77 -27.04 -28.57 -20.51
N TRP J 78 -27.34 -28.63 -21.80
CA TRP J 78 -28.36 -27.77 -22.38
C TRP J 78 -29.70 -28.07 -21.69
N LYS J 79 -30.00 -29.35 -21.53
CA LYS J 79 -31.24 -29.75 -20.87
C LYS J 79 -31.22 -29.36 -19.40
N ALA J 80 -30.11 -29.66 -18.74
CA ALA J 80 -29.93 -29.33 -17.33
C ALA J 80 -30.08 -27.83 -17.09
N ALA J 81 -29.80 -27.03 -18.10
CA ALA J 81 -29.91 -25.57 -17.95
C ALA J 81 -31.38 -25.13 -18.01
N GLY J 82 -32.26 -26.08 -18.31
CA GLY J 82 -33.67 -25.77 -18.38
C GLY J 82 -34.19 -25.17 -19.67
N TYR J 83 -33.47 -25.35 -20.76
CA TYR J 83 -33.92 -24.81 -22.04
C TYR J 83 -34.95 -25.74 -22.66
N LYS J 84 -36.02 -25.17 -23.19
CA LYS J 84 -37.09 -25.97 -23.77
C LYS J 84 -36.73 -26.62 -25.11
N GLY J 85 -36.17 -25.85 -26.02
CA GLY J 85 -35.82 -26.36 -27.35
C GLY J 85 -34.52 -27.12 -27.44
N GLU J 86 -34.06 -27.39 -28.66
CA GLU J 86 -32.81 -28.12 -28.86
C GLU J 86 -31.64 -27.15 -28.74
N ALA J 87 -30.42 -27.68 -28.63
CA ALA J 87 -29.24 -26.84 -28.47
C ALA J 87 -28.83 -26.09 -29.73
N ILE J 88 -29.05 -24.79 -29.72
CA ILE J 88 -28.68 -23.94 -30.84
C ILE J 88 -27.90 -22.74 -30.31
N ALA J 89 -26.74 -22.49 -30.89
CA ALA J 89 -25.87 -21.39 -30.48
C ALA J 89 -26.53 -20.05 -30.79
N THR J 90 -26.24 -19.03 -29.98
CA THR J 90 -26.84 -17.72 -30.23
C THR J 90 -25.80 -16.61 -30.31
N SER J 91 -24.74 -16.74 -29.53
CA SER J 91 -23.69 -15.73 -29.54
C SER J 91 -22.47 -16.34 -30.20
N PHE J 92 -21.71 -15.56 -30.96
CA PHE J 92 -20.53 -16.12 -31.63
C PHE J 92 -19.28 -15.24 -31.58
N PRO J 93 -18.10 -15.85 -31.39
CA PRO J 93 -16.83 -15.12 -31.33
C PRO J 93 -16.45 -14.63 -32.72
N VAL J 94 -17.07 -13.55 -33.14
CA VAL J 94 -16.78 -13.02 -34.47
C VAL J 94 -15.60 -12.08 -34.50
N ARG J 95 -15.71 -11.01 -35.28
CA ARG J 95 -14.62 -10.05 -35.40
C ARG J 95 -14.24 -9.32 -34.12
N ARG J 96 -12.93 -9.17 -33.92
CA ARG J 96 -12.36 -8.47 -32.78
C ARG J 96 -12.94 -8.92 -31.43
N THR J 97 -13.14 -10.22 -31.26
CA THR J 97 -13.67 -10.74 -30.01
C THR J 97 -12.55 -11.39 -29.25
N SER J 98 -12.77 -11.63 -27.97
CA SER J 98 -11.77 -12.27 -27.13
C SER J 98 -11.60 -13.73 -27.56
N PRO J 99 -10.41 -14.32 -27.31
CA PRO J 99 -10.17 -15.72 -27.67
C PRO J 99 -10.54 -16.66 -26.52
N ARG J 100 -10.78 -16.08 -25.36
CA ARG J 100 -11.15 -16.83 -24.15
C ARG J 100 -12.41 -17.70 -24.33
N ILE J 101 -12.41 -18.86 -23.68
CA ILE J 101 -13.52 -19.81 -23.73
C ILE J 101 -14.45 -19.66 -22.53
N PRO J 102 -15.77 -19.48 -22.78
CA PRO J 102 -16.73 -19.34 -21.67
C PRO J 102 -16.79 -20.62 -20.86
N THR J 103 -17.51 -20.58 -19.73
CA THR J 103 -17.61 -21.76 -18.90
C THR J 103 -19.03 -22.34 -18.93
N ASP J 104 -20.03 -21.48 -19.12
CA ASP J 104 -21.40 -21.97 -19.14
C ASP J 104 -21.80 -22.60 -20.47
N ILE J 105 -22.88 -23.38 -20.45
CA ILE J 105 -23.32 -24.05 -21.65
C ILE J 105 -23.68 -23.11 -22.80
N GLU J 106 -24.41 -22.05 -22.49
CA GLU J 106 -24.82 -21.07 -23.51
C GLU J 106 -23.60 -20.48 -24.21
N GLY J 107 -22.57 -20.17 -23.43
CA GLY J 107 -21.37 -19.59 -24.01
C GLY J 107 -20.49 -20.56 -24.78
N GLN J 108 -20.35 -21.79 -24.27
CA GLN J 108 -19.51 -22.76 -24.95
C GLN J 108 -20.10 -23.23 -26.27
N ILE J 109 -21.42 -23.38 -26.31
CA ILE J 109 -22.03 -23.83 -27.54
C ILE J 109 -21.72 -22.81 -28.63
N GLY J 110 -21.70 -21.53 -28.26
CA GLY J 110 -21.37 -20.49 -29.23
C GLY J 110 -19.90 -20.55 -29.60
N TYR J 111 -19.06 -20.86 -28.61
CA TYR J 111 -17.63 -20.95 -28.83
C TYR J 111 -17.24 -22.03 -29.81
N TYR J 112 -17.86 -23.19 -29.68
CA TYR J 112 -17.58 -24.34 -30.50
C TYR J 112 -18.50 -24.49 -31.73
N CYS J 113 -19.19 -23.42 -32.09
CA CYS J 113 -20.08 -23.45 -33.24
C CYS J 113 -19.71 -22.44 -34.32
N ASN J 114 -19.87 -22.85 -35.58
CA ASN J 114 -19.59 -21.94 -36.69
C ASN J 114 -20.85 -21.58 -37.47
N ALA J 115 -21.98 -22.21 -37.13
CA ALA J 115 -23.24 -21.95 -37.81
C ALA J 115 -24.44 -22.36 -36.96
N ALA J 116 -25.40 -21.46 -36.78
CA ALA J 116 -26.59 -21.75 -35.96
C ALA J 116 -27.65 -22.56 -36.71
N GLU J 117 -27.33 -23.00 -37.92
CA GLU J 117 -28.29 -23.79 -38.68
C GLU J 117 -28.20 -25.26 -38.32
N THR J 118 -27.40 -25.54 -37.30
CA THR J 118 -27.22 -26.90 -36.81
C THR J 118 -27.52 -26.92 -35.32
N ALA J 119 -28.31 -27.89 -34.88
CA ALA J 119 -28.65 -28.00 -33.47
C ALA J 119 -28.19 -29.34 -32.93
N ILE J 120 -27.80 -29.34 -31.66
CA ILE J 120 -27.36 -30.57 -31.01
C ILE J 120 -28.60 -31.17 -30.35
N SER J 121 -28.76 -32.49 -30.48
CA SER J 121 -29.92 -33.15 -29.92
C SER J 121 -29.56 -34.51 -29.36
N PRO J 122 -30.45 -35.06 -28.51
CA PRO J 122 -30.18 -36.37 -27.91
C PRO J 122 -29.76 -37.34 -29.00
N GLY J 123 -28.65 -38.03 -28.76
CA GLY J 123 -28.15 -39.00 -29.71
C GLY J 123 -27.13 -38.45 -30.68
N THR J 124 -27.02 -37.13 -30.80
CA THR J 124 -26.06 -36.56 -31.74
C THR J 124 -24.64 -37.08 -31.53
N TRP J 125 -24.13 -36.97 -30.31
CA TRP J 125 -22.75 -37.43 -30.03
C TRP J 125 -22.56 -38.91 -30.34
N GLU J 126 -23.40 -39.76 -29.76
CA GLU J 126 -23.32 -41.19 -29.98
C GLU J 126 -23.35 -41.46 -31.50
N ALA J 127 -24.23 -40.76 -32.19
CA ALA J 127 -24.35 -40.92 -33.63
C ALA J 127 -23.09 -40.46 -34.35
N ALA J 128 -22.60 -39.27 -34.05
CA ALA J 128 -21.41 -38.77 -34.71
C ALA J 128 -20.30 -39.82 -34.60
N LEU J 129 -20.20 -40.47 -33.45
CA LEU J 129 -19.18 -41.49 -33.23
C LEU J 129 -19.34 -42.73 -34.10
N SER J 130 -20.57 -43.11 -34.42
CA SER J 130 -20.75 -44.29 -35.24
C SER J 130 -20.32 -43.91 -36.64
N SER J 131 -20.64 -42.69 -37.04
CA SER J 131 -20.26 -42.23 -38.35
C SER J 131 -18.73 -42.24 -38.42
N MET J 132 -18.07 -41.74 -37.38
CA MET J 132 -16.61 -41.72 -37.34
C MET J 132 -16.10 -43.15 -37.53
N ALA J 133 -16.69 -44.07 -36.79
CA ALA J 133 -16.32 -45.49 -36.88
C ALA J 133 -16.42 -45.97 -38.33
N SER J 134 -17.51 -45.62 -39.01
CA SER J 134 -17.67 -46.04 -40.39
C SER J 134 -16.47 -45.57 -41.22
N ALA J 135 -16.15 -44.28 -41.11
CA ALA J 135 -15.02 -43.71 -41.86
C ALA J 135 -13.70 -44.42 -41.59
N ILE J 136 -13.49 -44.80 -40.33
CA ILE J 136 -12.26 -45.47 -39.94
C ILE J 136 -12.14 -46.86 -40.57
N ASP J 137 -13.19 -47.67 -40.47
CA ASP J 137 -13.14 -49.00 -41.06
C ASP J 137 -12.87 -48.91 -42.55
N GLY J 138 -13.46 -47.92 -43.19
CA GLY J 138 -13.25 -47.76 -44.62
C GLY J 138 -11.77 -47.53 -44.85
N ALA J 139 -11.21 -46.63 -44.05
CA ALA J 139 -9.80 -46.31 -44.16
C ALA J 139 -8.95 -47.55 -43.98
N ASP J 140 -9.37 -48.42 -43.06
CA ASP J 140 -8.62 -49.65 -42.81
C ASP J 140 -8.70 -50.63 -43.97
N LEU J 141 -9.77 -50.58 -44.76
CA LEU J 141 -9.89 -51.46 -45.91
C LEU J 141 -8.84 -51.01 -46.92
N ILE J 142 -8.79 -49.70 -47.15
CA ILE J 142 -7.82 -49.11 -48.06
C ILE J 142 -6.42 -49.48 -47.60
N ALA J 143 -6.16 -49.32 -46.31
CA ALA J 143 -4.85 -49.63 -45.76
C ALA J 143 -4.60 -51.14 -45.86
N ALA J 144 -5.65 -51.92 -45.76
CA ALA J 144 -5.55 -53.37 -45.85
C ALA J 144 -5.18 -53.77 -47.28
N GLY J 145 -5.47 -52.89 -48.23
CA GLY J 145 -5.13 -53.21 -49.60
C GLY J 145 -6.27 -53.09 -50.59
N HIS J 146 -7.49 -52.89 -50.11
CA HIS J 146 -8.63 -52.76 -51.00
C HIS J 146 -8.46 -51.49 -51.86
N LYS J 147 -8.82 -51.59 -53.14
CA LYS J 147 -8.69 -50.48 -54.06
C LYS J 147 -9.76 -49.41 -53.85
N ALA J 148 -10.89 -49.80 -53.26
CA ALA J 148 -11.95 -48.85 -53.01
C ALA J 148 -12.94 -49.36 -51.96
N ALA J 149 -13.65 -48.42 -51.35
CA ALA J 149 -14.64 -48.71 -50.32
C ALA J 149 -15.52 -47.50 -50.10
N PHE J 150 -16.72 -47.74 -49.57
CA PHE J 150 -17.64 -46.65 -49.31
C PHE J 150 -18.10 -46.61 -47.85
N SER J 151 -17.77 -45.51 -47.18
CA SER J 151 -18.17 -45.30 -45.79
C SER J 151 -19.45 -44.45 -45.84
N LEU J 152 -20.57 -45.08 -45.51
CA LEU J 152 -21.88 -44.43 -45.52
C LEU J 152 -22.00 -43.63 -44.23
N CYS J 153 -21.22 -42.56 -44.16
CA CYS J 153 -21.21 -41.72 -42.98
C CYS J 153 -22.46 -40.88 -42.85
N ARG J 154 -22.85 -40.64 -41.62
CA ARG J 154 -24.02 -39.85 -41.32
C ARG J 154 -24.17 -39.85 -39.81
N PRO J 155 -24.15 -38.67 -39.18
CA PRO J 155 -24.07 -37.37 -39.88
C PRO J 155 -22.77 -37.14 -40.65
N PRO J 156 -22.77 -36.17 -41.58
CA PRO J 156 -21.60 -35.84 -42.40
C PRO J 156 -20.61 -35.06 -41.54
N GLY J 157 -19.48 -34.62 -42.12
CA GLY J 157 -18.52 -33.91 -41.31
C GLY J 157 -17.53 -32.96 -41.96
N HIS J 158 -17.56 -32.81 -43.28
CA HIS J 158 -16.59 -31.92 -43.90
C HIS J 158 -16.70 -30.46 -43.40
N ALA J 159 -17.83 -30.13 -42.76
CA ALA J 159 -18.02 -28.77 -42.23
C ALA J 159 -17.51 -28.63 -40.79
N ALA J 160 -17.14 -29.75 -40.17
CA ALA J 160 -16.67 -29.75 -38.79
C ALA J 160 -15.19 -29.37 -38.72
N GLY J 161 -14.92 -28.21 -38.13
CA GLY J 161 -13.55 -27.73 -38.02
C GLY J 161 -12.72 -28.27 -36.87
N ILE J 162 -11.48 -27.81 -36.78
CA ILE J 162 -10.63 -28.27 -35.70
C ILE J 162 -11.37 -28.25 -34.36
N ASP J 163 -12.02 -27.14 -34.05
CA ASP J 163 -12.76 -27.03 -32.79
C ASP J 163 -14.13 -26.37 -32.89
N MET J 164 -14.91 -26.73 -33.91
CA MET J 164 -16.24 -26.16 -34.06
C MET J 164 -17.16 -26.99 -34.95
N PHE J 165 -18.42 -27.06 -34.57
CA PHE J 165 -19.41 -27.82 -35.33
C PHE J 165 -20.35 -26.84 -36.05
N GLY J 166 -21.08 -27.38 -37.02
CA GLY J 166 -22.01 -26.60 -37.80
C GLY J 166 -22.16 -27.26 -39.15
N GLY J 167 -23.03 -26.71 -39.99
CA GLY J 167 -23.25 -27.28 -41.31
C GLY J 167 -23.65 -28.74 -41.26
N TYR J 168 -24.45 -29.07 -40.24
CA TYR J 168 -24.97 -30.42 -40.01
C TYR J 168 -23.84 -31.40 -39.69
N CYS J 169 -22.70 -30.88 -39.27
CA CYS J 169 -21.53 -31.69 -38.97
C CYS J 169 -21.02 -31.56 -37.53
N PHE J 170 -20.41 -32.62 -37.00
CA PHE J 170 -19.87 -32.61 -35.63
C PHE J 170 -18.47 -33.19 -35.55
N ILE J 171 -18.20 -34.21 -36.36
CA ILE J 171 -16.90 -34.84 -36.39
C ILE J 171 -16.55 -35.06 -37.86
N ASN J 172 -15.45 -34.46 -38.29
CA ASN J 172 -15.02 -34.57 -39.67
C ASN J 172 -14.55 -35.98 -39.99
N ASN J 173 -15.51 -36.79 -40.44
CA ASN J 173 -15.26 -38.17 -40.80
C ASN J 173 -14.14 -38.27 -41.83
N ALA J 174 -14.22 -37.47 -42.89
CA ALA J 174 -13.16 -37.54 -43.92
C ALA J 174 -11.78 -37.27 -43.30
N ALA J 175 -11.70 -36.26 -42.43
CA ALA J 175 -10.42 -35.92 -41.77
C ALA J 175 -9.90 -37.10 -40.98
N VAL J 176 -10.80 -37.74 -40.24
CA VAL J 176 -10.47 -38.90 -39.42
C VAL J 176 -9.91 -40.05 -40.29
N ALA J 177 -10.56 -40.29 -41.44
CA ALA J 177 -10.11 -41.32 -42.36
C ALA J 177 -8.70 -41.01 -42.85
N ALA J 178 -8.47 -39.78 -43.28
CA ALA J 178 -7.16 -39.37 -43.75
C ALA J 178 -6.12 -39.63 -42.67
N GLN J 179 -6.43 -39.25 -41.43
CA GLN J 179 -5.48 -39.45 -40.33
C GLN J 179 -5.22 -40.93 -40.13
N ARG J 180 -6.29 -41.72 -40.16
CA ARG J 180 -6.21 -43.16 -39.99
C ARG J 180 -5.23 -43.78 -40.98
N LEU J 181 -5.32 -43.36 -42.24
CA LEU J 181 -4.45 -43.86 -43.29
C LEU J 181 -3.00 -43.49 -42.98
N LEU J 182 -2.78 -42.25 -42.59
CA LEU J 182 -1.43 -41.82 -42.26
C LEU J 182 -0.91 -42.67 -41.11
N ASP J 183 -1.76 -42.94 -40.12
CA ASP J 183 -1.37 -43.75 -38.99
C ASP J 183 -1.05 -45.18 -39.38
N LYS J 184 -1.73 -45.68 -40.39
CA LYS J 184 -1.49 -47.04 -40.84
C LYS J 184 -0.25 -47.18 -41.72
N GLY J 185 0.47 -46.09 -41.96
CA GLY J 185 1.67 -46.21 -42.76
C GLY J 185 1.92 -45.17 -43.83
N ALA J 186 0.84 -44.63 -44.39
CA ALA J 186 0.94 -43.62 -45.43
C ALA J 186 1.70 -42.40 -44.93
N LYS J 187 2.42 -41.75 -45.84
CA LYS J 187 3.17 -40.54 -45.50
C LYS J 187 2.42 -39.32 -46.07
N LYS J 188 1.67 -39.54 -47.15
CA LYS J 188 0.93 -38.47 -47.79
C LYS J 188 -0.49 -38.90 -48.19
N ILE J 189 -1.47 -38.06 -47.89
CA ILE J 189 -2.85 -38.38 -48.22
C ILE J 189 -3.57 -37.14 -48.71
N ALA J 190 -4.49 -37.33 -49.66
CA ALA J 190 -5.24 -36.20 -50.16
C ALA J 190 -6.72 -36.42 -49.94
N ILE J 191 -7.44 -35.31 -49.78
CA ILE J 191 -8.88 -35.34 -49.59
C ILE J 191 -9.48 -34.45 -50.66
N LEU J 192 -10.42 -35.02 -51.42
CA LEU J 192 -11.11 -34.31 -52.50
C LEU J 192 -12.55 -34.15 -52.09
N ASP J 193 -12.98 -32.89 -51.99
CA ASP J 193 -14.36 -32.62 -51.58
C ASP J 193 -15.22 -32.23 -52.77
N VAL J 194 -16.13 -33.12 -53.15
CA VAL J 194 -17.01 -32.87 -54.29
C VAL J 194 -18.36 -32.24 -53.88
N ASP J 195 -18.69 -32.38 -52.60
CA ASP J 195 -19.92 -31.81 -52.02
C ASP J 195 -20.09 -30.37 -52.47
N PHE J 196 -21.31 -30.00 -52.84
CA PHE J 196 -21.59 -28.63 -53.29
C PHE J 196 -20.99 -27.56 -52.37
N HIS J 197 -21.01 -27.81 -51.06
CA HIS J 197 -20.47 -26.83 -50.12
C HIS J 197 -18.99 -27.05 -49.88
N HIS J 198 -18.28 -25.95 -49.65
CA HIS J 198 -16.86 -26.04 -49.38
C HIS J 198 -16.67 -26.86 -48.12
N GLY J 199 -15.62 -27.66 -48.08
CA GLY J 199 -15.35 -28.43 -46.89
C GLY J 199 -14.56 -27.53 -45.96
N ASN J 200 -15.21 -26.50 -45.41
CA ASN J 200 -14.54 -25.56 -44.52
C ASN J 200 -13.95 -26.21 -43.27
N GLY J 201 -14.68 -27.15 -42.69
CA GLY J 201 -14.17 -27.83 -41.52
C GLY J 201 -12.89 -28.60 -41.83
N THR J 202 -12.87 -29.29 -42.96
CA THR J 202 -11.72 -30.07 -43.38
C THR J 202 -10.50 -29.19 -43.63
N GLN J 203 -10.70 -28.17 -44.46
CA GLN J 203 -9.62 -27.25 -44.76
C GLN J 203 -8.99 -26.72 -43.47
N ASP J 204 -9.83 -26.34 -42.51
CA ASP J 204 -9.33 -25.83 -41.25
C ASP J 204 -8.39 -26.84 -40.57
N ILE J 205 -8.83 -28.08 -40.46
CA ILE J 205 -8.02 -29.13 -39.84
C ILE J 205 -6.62 -29.35 -40.43
N PHE J 206 -6.51 -29.34 -41.76
CA PHE J 206 -5.23 -29.58 -42.41
C PHE J 206 -4.59 -28.35 -43.04
N TYR J 207 -5.09 -27.16 -42.74
CA TYR J 207 -4.53 -25.94 -43.35
C TYR J 207 -3.03 -25.81 -43.08
N GLU J 208 -2.57 -26.24 -41.91
CA GLU J 208 -1.15 -26.11 -41.62
C GLU J 208 -0.39 -27.43 -41.55
N ARG J 209 -0.90 -28.45 -42.22
CA ARG J 209 -0.23 -29.75 -42.22
C ARG J 209 0.26 -30.10 -43.62
N GLY J 210 1.55 -30.33 -43.75
CA GLY J 210 2.09 -30.67 -45.05
C GLY J 210 1.85 -32.10 -45.48
N ASP J 211 1.39 -32.95 -44.56
CA ASP J 211 1.18 -34.35 -44.91
C ASP J 211 -0.13 -34.68 -45.62
N VAL J 212 -1.13 -33.83 -45.45
CA VAL J 212 -2.43 -34.03 -46.08
C VAL J 212 -2.64 -32.89 -47.06
N PHE J 213 -3.25 -33.19 -48.21
CA PHE J 213 -3.53 -32.18 -49.22
C PHE J 213 -5.04 -32.07 -49.33
N PHE J 214 -5.58 -30.86 -49.33
CA PHE J 214 -7.03 -30.70 -49.43
C PHE J 214 -7.46 -29.91 -50.65
N ALA J 215 -8.36 -30.51 -51.42
CA ALA J 215 -8.88 -29.86 -52.61
C ALA J 215 -10.40 -29.91 -52.54
N SER J 216 -11.04 -28.78 -52.78
CA SER J 216 -12.50 -28.73 -52.75
C SER J 216 -13.04 -28.04 -53.99
N LEU J 217 -14.20 -28.51 -54.44
CA LEU J 217 -14.89 -27.91 -55.59
C LEU J 217 -16.21 -27.57 -54.92
N HIS J 218 -16.62 -26.32 -55.02
CA HIS J 218 -17.84 -25.92 -54.34
C HIS J 218 -18.46 -24.65 -54.90
N GLY J 219 -19.64 -24.32 -54.39
CA GLY J 219 -20.32 -23.12 -54.82
C GLY J 219 -19.60 -21.93 -54.23
N ASP J 220 -19.41 -20.88 -55.02
CA ASP J 220 -18.72 -19.69 -54.57
C ASP J 220 -19.24 -19.19 -53.22
N PRO J 221 -18.34 -19.16 -52.21
CA PRO J 221 -18.67 -18.72 -50.85
C PRO J 221 -19.28 -17.32 -50.81
N ALA J 222 -19.04 -16.51 -51.84
CA ALA J 222 -19.59 -15.16 -51.88
C ALA J 222 -21.12 -15.22 -51.87
N GLU J 223 -21.69 -16.39 -52.14
CA GLU J 223 -23.14 -16.55 -52.13
C GLU J 223 -23.58 -18.00 -51.87
N ALA J 224 -22.78 -18.71 -51.07
CA ALA J 224 -23.07 -20.10 -50.72
C ALA J 224 -22.45 -20.47 -49.36
N PHE J 225 -23.17 -21.28 -48.58
CA PHE J 225 -22.71 -21.76 -47.27
C PHE J 225 -21.34 -22.44 -47.51
N PRO J 226 -20.40 -22.34 -46.56
CA PRO J 226 -20.51 -21.63 -45.28
C PRO J 226 -20.32 -20.10 -45.34
N HIS J 227 -20.04 -19.60 -46.53
CA HIS J 227 -19.87 -18.15 -46.75
C HIS J 227 -18.57 -17.52 -46.32
N PHE J 228 -17.81 -18.17 -45.46
CA PHE J 228 -16.58 -17.53 -44.99
C PHE J 228 -15.30 -18.32 -45.18
N LEU J 229 -15.26 -19.15 -46.21
CA LEU J 229 -14.08 -19.94 -46.52
C LEU J 229 -14.34 -20.63 -47.83
N GLY J 230 -13.26 -20.89 -48.59
CA GLY J 230 -13.44 -21.56 -49.87
C GLY J 230 -12.98 -20.73 -51.05
N TYR J 231 -12.35 -19.59 -50.78
CA TYR J 231 -11.86 -18.74 -51.87
C TYR J 231 -10.57 -19.31 -52.40
N ALA J 232 -10.37 -19.18 -53.72
CA ALA J 232 -9.16 -19.70 -54.36
C ALA J 232 -7.87 -19.15 -53.76
N GLU J 233 -7.92 -17.94 -53.21
CA GLU J 233 -6.73 -17.33 -52.62
C GLU J 233 -6.22 -18.09 -51.42
N GLU J 234 -7.05 -18.97 -50.87
CA GLU J 234 -6.67 -19.75 -49.70
C GLU J 234 -5.91 -21.01 -50.10
N THR J 235 -4.58 -20.93 -50.07
CA THR J 235 -3.79 -22.08 -50.48
C THR J 235 -2.99 -22.78 -49.39
N GLY J 236 -3.11 -22.29 -48.16
CA GLY J 236 -2.38 -22.92 -47.07
C GLY J 236 -1.67 -21.94 -46.17
N LYS J 237 -1.05 -22.45 -45.11
CA LYS J 237 -0.35 -21.60 -44.15
C LYS J 237 0.78 -22.32 -43.43
N GLY J 238 1.87 -21.59 -43.20
CA GLY J 238 3.01 -22.12 -42.49
C GLY J 238 3.51 -23.47 -42.97
N ALA J 239 3.42 -24.48 -42.10
CA ALA J 239 3.87 -25.82 -42.45
C ALA J 239 2.98 -26.54 -43.46
N GLY J 240 1.80 -25.99 -43.72
CA GLY J 240 0.89 -26.61 -44.67
C GLY J 240 0.82 -25.78 -45.94
N ALA J 241 1.66 -24.77 -46.03
CA ALA J 241 1.67 -23.90 -47.21
C ALA J 241 1.59 -24.70 -48.50
N GLY J 242 0.72 -24.24 -49.39
CA GLY J 242 0.57 -24.89 -50.69
C GLY J 242 -0.12 -26.24 -50.68
N THR J 243 -0.77 -26.58 -49.57
CA THR J 243 -1.44 -27.88 -49.53
C THR J 243 -2.96 -27.74 -49.56
N THR J 244 -3.46 -26.57 -49.98
CA THR J 244 -4.89 -26.33 -50.10
C THR J 244 -5.26 -25.72 -51.46
N ALA J 245 -6.22 -26.34 -52.14
CA ALA J 245 -6.65 -25.87 -53.45
C ALA J 245 -8.18 -25.79 -53.56
N ASN J 246 -8.70 -24.58 -53.62
CA ASN J 246 -10.13 -24.39 -53.71
C ASN J 246 -10.61 -24.03 -55.10
N TYR J 247 -11.76 -24.58 -55.48
CA TYR J 247 -12.31 -24.31 -56.79
C TYR J 247 -13.74 -23.82 -56.67
N PRO J 248 -13.91 -22.54 -56.30
CA PRO J 248 -15.24 -21.93 -56.16
C PRO J 248 -15.86 -21.74 -57.55
N MET J 249 -17.17 -21.93 -57.66
CA MET J 249 -17.85 -21.78 -58.95
C MET J 249 -19.23 -21.12 -58.82
N GLY J 250 -19.61 -20.32 -59.81
CA GLY J 250 -20.89 -19.62 -59.79
C GLY J 250 -22.14 -20.48 -59.81
N ARG J 251 -23.31 -19.86 -59.94
CA ARG J 251 -24.57 -20.60 -59.96
C ARG J 251 -24.74 -21.34 -61.28
N GLY J 252 -25.54 -22.40 -61.28
CA GLY J 252 -25.78 -23.15 -62.49
C GLY J 252 -24.55 -23.66 -63.23
N THR J 253 -23.59 -24.22 -62.51
CA THR J 253 -22.42 -24.72 -63.18
C THR J 253 -22.64 -26.18 -63.57
N PRO J 254 -22.62 -26.47 -64.87
CA PRO J 254 -22.80 -27.84 -65.36
C PRO J 254 -21.47 -28.60 -65.31
N TYR J 255 -21.52 -29.92 -65.46
CA TYR J 255 -20.33 -30.76 -65.42
C TYR J 255 -19.24 -30.30 -66.40
N SER J 256 -19.65 -29.65 -67.49
CA SER J 256 -18.70 -29.18 -68.48
C SER J 256 -17.63 -28.33 -67.81
N VAL J 257 -18.03 -27.56 -66.80
CA VAL J 257 -17.08 -26.70 -66.09
C VAL J 257 -16.58 -27.35 -64.82
N TRP J 258 -17.52 -27.94 -64.07
CA TRP J 258 -17.22 -28.61 -62.82
C TRP J 258 -16.14 -29.65 -63.09
N GLY J 259 -16.36 -30.42 -64.15
CA GLY J 259 -15.41 -31.46 -64.52
C GLY J 259 -14.05 -30.90 -64.89
N GLU J 260 -14.00 -29.66 -65.35
CA GLU J 260 -12.71 -29.06 -65.71
C GLU J 260 -11.90 -28.82 -64.44
N ALA J 261 -12.62 -28.48 -63.36
CA ALA J 261 -11.97 -28.23 -62.07
C ALA J 261 -11.55 -29.55 -61.44
N LEU J 262 -12.31 -30.60 -61.70
CA LEU J 262 -11.99 -31.91 -61.17
C LEU J 262 -10.65 -32.36 -61.72
N THR J 263 -10.39 -32.04 -62.97
CA THR J 263 -9.15 -32.42 -63.62
C THR J 263 -7.95 -31.70 -63.02
N ASP J 264 -8.08 -30.39 -62.87
CA ASP J 264 -6.99 -29.59 -62.32
C ASP J 264 -6.72 -30.01 -60.88
N SER J 265 -7.78 -30.26 -60.12
CA SER J 265 -7.61 -30.67 -58.73
C SER J 265 -6.88 -32.01 -58.65
N LEU J 266 -7.23 -32.96 -59.52
CA LEU J 266 -6.59 -34.28 -59.52
C LEU J 266 -5.15 -34.15 -59.98
N LYS J 267 -4.90 -33.18 -60.86
CA LYS J 267 -3.55 -32.95 -61.36
C LYS J 267 -2.66 -32.50 -60.21
N ARG J 268 -3.21 -31.66 -59.32
CA ARG J 268 -2.46 -31.16 -58.16
C ARG J 268 -2.22 -32.26 -57.15
N ILE J 269 -3.25 -33.05 -56.89
CA ILE J 269 -3.15 -34.16 -55.94
C ILE J 269 -2.03 -35.10 -56.33
N ALA J 270 -2.00 -35.46 -57.61
CA ALA J 270 -0.98 -36.34 -58.16
C ALA J 270 0.39 -35.73 -57.99
N ALA J 271 0.46 -34.41 -58.17
CA ALA J 271 1.72 -33.70 -58.04
C ALA J 271 2.18 -33.71 -56.59
N PHE J 272 1.21 -33.72 -55.67
CA PHE J 272 1.46 -33.74 -54.23
C PHE J 272 2.05 -35.09 -53.83
N GLY J 273 1.63 -36.12 -54.58
CA GLY J 273 2.10 -37.47 -54.33
C GLY J 273 1.20 -38.25 -53.40
N ALA J 274 -0.09 -37.95 -53.41
CA ALA J 274 -1.03 -38.63 -52.54
C ALA J 274 -0.96 -40.16 -52.70
N GLU J 275 -0.86 -40.88 -51.58
CA GLU J 275 -0.78 -42.32 -51.64
C GLU J 275 -2.19 -42.92 -51.73
N ALA J 276 -3.18 -42.08 -51.47
CA ALA J 276 -4.58 -42.49 -51.52
C ALA J 276 -5.44 -41.24 -51.48
N ILE J 277 -6.71 -41.39 -51.85
CA ILE J 277 -7.63 -40.26 -51.84
C ILE J 277 -8.90 -40.52 -51.06
N VAL J 278 -9.20 -39.62 -50.14
CA VAL J 278 -10.41 -39.71 -49.33
C VAL J 278 -11.38 -38.77 -50.03
N VAL J 279 -12.37 -39.35 -50.70
CA VAL J 279 -13.37 -38.56 -51.42
C VAL J 279 -14.55 -38.20 -50.56
N SER J 280 -14.67 -36.91 -50.28
CA SER J 280 -15.78 -36.39 -49.52
C SER J 280 -16.92 -36.21 -50.52
N LEU J 281 -17.70 -37.28 -50.67
CA LEU J 281 -18.79 -37.29 -51.62
C LEU J 281 -20.09 -36.67 -51.16
N GLY J 282 -20.42 -35.55 -51.79
CA GLY J 282 -21.66 -34.85 -51.51
C GLY J 282 -22.41 -34.78 -52.84
N VAL J 283 -23.66 -35.25 -52.87
CA VAL J 283 -24.44 -35.21 -54.10
C VAL J 283 -25.34 -34.00 -54.23
N ASP J 284 -25.14 -32.99 -53.38
CA ASP J 284 -25.95 -31.80 -53.47
C ASP J 284 -25.59 -30.99 -54.70
N THR J 285 -24.62 -31.47 -55.47
CA THR J 285 -24.21 -30.81 -56.70
C THR J 285 -25.23 -31.07 -57.79
N PHE J 286 -26.12 -32.03 -57.51
CA PHE J 286 -27.20 -32.43 -58.42
C PHE J 286 -28.12 -31.25 -58.73
N GLU J 287 -28.52 -31.15 -59.99
CA GLU J 287 -29.40 -30.07 -60.45
C GLU J 287 -30.72 -29.92 -59.69
N GLN J 288 -31.16 -30.99 -59.03
CA GLN J 288 -32.41 -30.96 -58.29
C GLN J 288 -32.28 -30.73 -56.78
N ASP J 289 -31.08 -30.40 -56.31
CA ASP J 289 -30.87 -30.18 -54.88
C ASP J 289 -31.57 -28.91 -54.39
N PRO J 290 -32.33 -29.02 -53.28
CA PRO J 290 -33.07 -27.92 -52.67
C PRO J 290 -32.30 -26.76 -52.03
N ILE J 291 -31.01 -26.94 -51.77
CA ILE J 291 -30.24 -25.85 -51.15
C ILE J 291 -28.96 -25.52 -51.92
N SER J 292 -28.75 -26.18 -53.05
CA SER J 292 -27.55 -25.98 -53.86
C SER J 292 -27.90 -25.44 -55.23
N PHE J 293 -26.97 -24.71 -55.86
CA PHE J 293 -27.21 -24.14 -57.18
C PHE J 293 -26.36 -24.65 -58.35
N PHE J 294 -25.95 -25.92 -58.29
CA PHE J 294 -25.17 -26.51 -59.37
C PHE J 294 -26.09 -27.35 -60.23
N LYS J 295 -25.81 -27.41 -61.52
CA LYS J 295 -26.62 -28.16 -62.46
C LYS J 295 -25.89 -29.41 -62.97
N LEU J 296 -26.01 -30.52 -62.24
CA LEU J 296 -25.36 -31.76 -62.66
C LEU J 296 -26.41 -32.84 -62.83
N THR J 297 -26.15 -33.81 -63.71
CA THR J 297 -27.11 -34.89 -63.95
C THR J 297 -26.63 -36.23 -63.41
N SER J 298 -27.56 -37.15 -63.23
CA SER J 298 -27.21 -38.46 -62.70
C SER J 298 -26.06 -39.12 -63.45
N PRO J 299 -26.09 -39.08 -64.79
CA PRO J 299 -25.01 -39.68 -65.58
C PRO J 299 -23.64 -39.09 -65.26
N ASP J 300 -23.61 -37.80 -64.92
CA ASP J 300 -22.37 -37.11 -64.60
C ASP J 300 -21.60 -37.77 -63.45
N TYR J 301 -22.32 -38.27 -62.48
CA TYR J 301 -21.70 -38.90 -61.31
C TYR J 301 -20.87 -40.13 -61.68
N ILE J 302 -21.32 -40.85 -62.70
CA ILE J 302 -20.61 -42.05 -63.17
C ILE J 302 -19.29 -41.56 -63.78
N THR J 303 -19.34 -40.41 -64.44
CA THR J 303 -18.14 -39.85 -65.06
C THR J 303 -17.18 -39.39 -63.97
N MET J 304 -17.72 -38.74 -62.95
CA MET J 304 -16.94 -38.25 -61.83
C MET J 304 -16.14 -39.39 -61.22
N GLY J 305 -16.85 -40.45 -60.83
CA GLY J 305 -16.21 -41.60 -60.22
C GLY J 305 -15.09 -42.16 -61.06
N ARG J 306 -15.35 -42.31 -62.37
CA ARG J 306 -14.35 -42.84 -63.29
C ARG J 306 -13.11 -41.96 -63.31
N THR J 307 -13.32 -40.65 -63.40
CA THR J 307 -12.25 -39.66 -63.45
C THR J 307 -11.33 -39.67 -62.23
N ILE J 308 -11.93 -39.83 -61.05
CA ILE J 308 -11.18 -39.85 -59.81
C ILE J 308 -10.51 -41.20 -59.64
N ALA J 309 -11.24 -42.28 -59.91
CA ALA J 309 -10.67 -43.62 -59.78
C ALA J 309 -9.51 -43.79 -60.76
N ALA J 310 -9.53 -43.00 -61.83
CA ALA J 310 -8.48 -43.08 -62.85
C ALA J 310 -7.17 -42.46 -62.36
N SER J 311 -7.13 -42.07 -61.09
CA SER J 311 -5.93 -41.46 -60.52
C SER J 311 -4.91 -42.54 -60.19
N GLY J 312 -5.33 -43.80 -60.24
CA GLY J 312 -4.43 -44.89 -59.97
C GLY J 312 -4.22 -45.17 -58.50
N VAL J 313 -4.61 -44.25 -57.63
CA VAL J 313 -4.45 -44.48 -56.20
C VAL J 313 -5.75 -44.94 -55.58
N PRO J 314 -5.67 -45.67 -54.46
CA PRO J 314 -6.86 -46.18 -53.77
C PRO J 314 -7.80 -45.03 -53.38
N LEU J 315 -9.09 -45.32 -53.35
CA LEU J 315 -10.09 -44.31 -53.02
C LEU J 315 -11.01 -44.73 -51.87
N LEU J 316 -11.26 -43.83 -50.93
CA LEU J 316 -12.20 -44.09 -49.85
C LEU J 316 -13.29 -43.03 -49.98
N VAL J 317 -14.48 -43.47 -50.38
CA VAL J 317 -15.61 -42.56 -50.54
C VAL J 317 -16.28 -42.39 -49.19
N VAL J 318 -16.32 -41.15 -48.71
CA VAL J 318 -16.93 -40.80 -47.42
C VAL J 318 -18.17 -39.96 -47.72
N MET J 319 -19.33 -40.45 -47.33
CA MET J 319 -20.60 -39.78 -47.55
C MET J 319 -20.70 -38.45 -46.85
N GLU J 320 -21.25 -37.46 -47.55
CA GLU J 320 -21.42 -36.10 -47.02
C GLU J 320 -22.83 -35.57 -47.28
N GLY J 321 -22.92 -34.56 -48.16
CA GLY J 321 -24.19 -33.93 -48.48
C GLY J 321 -25.03 -34.54 -49.60
N GLY J 322 -26.14 -33.88 -49.93
CA GLY J 322 -27.05 -34.36 -50.96
C GLY J 322 -28.42 -34.56 -50.32
N TYR J 323 -29.33 -33.59 -50.48
CA TYR J 323 -30.66 -33.65 -49.87
C TYR J 323 -31.84 -33.61 -50.83
N GLY J 324 -33.05 -33.63 -50.25
CA GLY J 324 -34.28 -33.56 -51.02
C GLY J 324 -34.74 -34.81 -51.76
N VAL J 325 -34.67 -34.72 -53.08
CA VAL J 325 -35.11 -35.78 -53.98
C VAL J 325 -34.51 -37.15 -53.68
N PRO J 326 -35.23 -38.22 -54.05
CA PRO J 326 -34.75 -39.59 -53.83
C PRO J 326 -33.60 -39.97 -54.75
N GLU J 327 -33.30 -39.09 -55.70
CA GLU J 327 -32.22 -39.33 -56.65
C GLU J 327 -30.85 -39.41 -55.98
N ILE J 328 -30.71 -38.85 -54.79
CA ILE J 328 -29.43 -38.88 -54.11
C ILE J 328 -28.84 -40.28 -54.09
N GLY J 329 -29.68 -41.27 -53.77
CA GLY J 329 -29.22 -42.65 -53.73
C GLY J 329 -28.70 -43.11 -55.07
N LEU J 330 -29.35 -42.69 -56.16
CA LEU J 330 -28.92 -43.08 -57.48
C LEU J 330 -27.55 -42.47 -57.79
N ASN J 331 -27.42 -41.18 -57.54
CA ASN J 331 -26.19 -40.44 -57.79
C ASN J 331 -25.03 -41.01 -57.00
N VAL J 332 -25.30 -41.48 -55.79
CA VAL J 332 -24.24 -42.05 -54.97
C VAL J 332 -23.78 -43.35 -55.58
N ALA J 333 -24.75 -44.14 -56.04
CA ALA J 333 -24.46 -45.42 -56.66
C ALA J 333 -23.67 -45.20 -57.96
N ASN J 334 -24.09 -44.22 -58.75
CA ASN J 334 -23.41 -43.93 -59.99
C ASN J 334 -21.95 -43.55 -59.81
N VAL J 335 -21.65 -42.79 -58.76
CA VAL J 335 -20.27 -42.38 -58.49
C VAL J 335 -19.44 -43.62 -58.16
N LEU J 336 -20.06 -44.56 -57.46
CA LEU J 336 -19.40 -45.80 -57.07
C LEU J 336 -19.23 -46.73 -58.28
N LYS J 337 -20.26 -46.77 -59.13
CA LYS J 337 -20.20 -47.60 -60.33
C LYS J 337 -19.02 -47.12 -61.15
N GLY J 338 -18.83 -45.80 -61.18
CA GLY J 338 -17.74 -45.20 -61.93
C GLY J 338 -16.39 -45.57 -61.34
N VAL J 339 -16.32 -45.66 -60.01
CA VAL J 339 -15.07 -46.01 -59.37
C VAL J 339 -14.78 -47.49 -59.61
N ALA J 340 -15.83 -48.30 -59.41
CA ALA J 340 -15.76 -49.76 -59.57
C ALA J 340 -15.25 -50.15 -60.95
N GLY J 341 -15.51 -49.28 -61.92
CA GLY J 341 -15.08 -49.52 -63.28
C GLY J 341 -15.67 -50.76 -63.90
N MET K 1 -37.02 -5.20 67.99
CA MET K 1 -36.80 -4.89 66.56
C MET K 1 -37.20 -6.08 65.70
N ARG K 2 -37.62 -5.81 64.48
CA ARG K 2 -38.03 -6.88 63.59
C ARG K 2 -36.79 -7.57 63.01
N VAL K 3 -36.98 -8.79 62.53
CA VAL K 3 -35.89 -9.55 61.94
C VAL K 3 -36.31 -9.98 60.55
N ILE K 4 -35.56 -9.51 59.55
CA ILE K 4 -35.86 -9.87 58.16
C ILE K 4 -34.97 -11.04 57.84
N PHE K 5 -35.57 -12.16 57.42
CA PHE K 5 -34.82 -13.36 57.09
C PHE K 5 -35.43 -14.20 55.97
N SER K 6 -34.59 -14.65 55.05
CA SER K 6 -35.05 -15.48 53.93
C SER K 6 -34.53 -16.89 53.96
N GLU K 7 -35.41 -17.83 53.62
CA GLU K 7 -35.04 -19.24 53.57
C GLU K 7 -34.19 -19.54 52.36
N ASP K 8 -34.32 -18.74 51.31
CA ASP K 8 -33.55 -19.02 50.09
C ASP K 8 -32.05 -18.90 50.29
N HIS K 9 -31.66 -18.55 51.51
CA HIS K 9 -30.26 -18.42 51.82
C HIS K 9 -29.62 -19.81 51.71
N LYS K 10 -30.42 -20.86 51.84
CA LYS K 10 -29.90 -22.22 51.76
C LYS K 10 -29.60 -22.60 50.31
N LEU K 11 -30.03 -21.76 49.38
CA LEU K 11 -29.77 -21.98 47.96
C LEU K 11 -28.25 -21.85 47.76
N ARG K 12 -27.59 -21.27 48.76
CA ARG K 12 -26.15 -21.10 48.77
C ARG K 12 -25.61 -22.19 49.68
N ASN K 13 -25.09 -23.27 49.09
CA ASN K 13 -24.54 -24.36 49.89
C ASN K 13 -23.36 -24.94 49.13
N ALA K 14 -22.29 -24.16 49.08
CA ALA K 14 -21.07 -24.54 48.39
C ALA K 14 -20.46 -25.74 49.09
N LYS K 15 -19.93 -26.67 48.31
CA LYS K 15 -19.32 -27.85 48.89
C LYS K 15 -17.86 -27.66 49.23
N THR K 16 -17.20 -26.77 48.49
CA THR K 16 -15.77 -26.53 48.69
C THR K 16 -15.33 -25.09 48.95
N GLU K 17 -14.20 -24.94 49.64
CA GLU K 17 -13.60 -23.64 49.93
C GLU K 17 -12.08 -23.84 49.90
N LEU K 18 -11.39 -23.10 49.05
CA LEU K 18 -9.94 -23.23 48.97
C LEU K 18 -9.32 -22.68 50.26
N TYR K 19 -8.87 -23.58 51.12
CA TYR K 19 -8.28 -23.19 52.39
C TYR K 19 -7.09 -24.07 52.71
N GLY K 20 -6.01 -23.44 53.13
CA GLY K 20 -4.81 -24.18 53.46
C GLY K 20 -4.36 -25.09 52.34
N GLY K 21 -4.63 -24.70 51.09
CA GLY K 21 -4.22 -25.53 49.98
C GLY K 21 -5.08 -26.77 49.76
N GLU K 22 -6.30 -26.75 50.30
CA GLU K 22 -7.24 -27.87 50.14
C GLU K 22 -8.65 -27.38 49.91
N LEU K 23 -9.48 -28.24 49.34
CA LEU K 23 -10.86 -27.91 49.09
C LEU K 23 -11.67 -28.50 50.24
N VAL K 24 -11.81 -27.73 51.31
CA VAL K 24 -12.55 -28.16 52.50
C VAL K 24 -13.98 -27.60 52.53
N PRO K 25 -14.82 -28.08 53.47
CA PRO K 25 -16.20 -27.59 53.56
C PRO K 25 -16.16 -26.12 53.96
N PRO K 26 -16.90 -25.28 53.22
CA PRO K 26 -16.95 -23.84 53.49
C PRO K 26 -17.33 -23.42 54.90
N PHE K 27 -16.58 -22.46 55.44
CA PHE K 27 -16.83 -21.91 56.76
C PHE K 27 -18.18 -21.21 56.75
N GLU K 28 -18.44 -20.48 55.68
CA GLU K 28 -19.71 -19.78 55.57
C GLU K 28 -20.77 -20.75 55.04
N ALA K 29 -21.36 -21.52 55.95
CA ALA K 29 -22.36 -22.52 55.58
C ALA K 29 -23.75 -22.26 56.19
N PRO K 30 -24.80 -22.88 55.63
CA PRO K 30 -26.20 -22.75 56.06
C PRO K 30 -26.45 -22.78 57.57
N PHE K 31 -25.77 -23.68 58.27
CA PHE K 31 -25.98 -23.81 59.70
C PHE K 31 -25.75 -22.52 60.48
N ARG K 32 -25.05 -21.56 59.88
CA ARG K 32 -24.78 -20.28 60.56
C ARG K 32 -26.05 -19.45 60.75
N ALA K 33 -26.90 -19.44 59.72
CA ALA K 33 -28.14 -18.71 59.76
C ALA K 33 -29.08 -19.37 60.76
N GLU K 34 -29.24 -20.69 60.64
CA GLU K 34 -30.09 -21.45 61.53
C GLU K 34 -29.69 -21.18 62.97
N TRP K 35 -28.39 -21.20 63.25
CA TRP K 35 -27.92 -20.96 64.60
C TRP K 35 -28.25 -19.53 65.06
N ILE K 36 -27.85 -18.53 64.26
CA ILE K 36 -28.09 -17.14 64.60
C ILE K 36 -29.58 -16.86 64.77
N LEU K 37 -30.39 -17.34 63.82
CA LEU K 37 -31.83 -17.14 63.87
C LEU K 37 -32.41 -17.71 65.16
N ALA K 38 -32.00 -18.93 65.49
CA ALA K 38 -32.48 -19.60 66.69
C ALA K 38 -32.11 -18.80 67.94
N ALA K 39 -30.90 -18.29 67.97
CA ALA K 39 -30.44 -17.52 69.11
C ALA K 39 -31.21 -16.20 69.27
N VAL K 40 -31.40 -15.47 68.18
CA VAL K 40 -32.10 -14.20 68.25
C VAL K 40 -33.54 -14.38 68.73
N LYS K 41 -34.21 -15.41 68.23
CA LYS K 41 -35.59 -15.69 68.64
C LYS K 41 -35.58 -15.94 70.15
N GLU K 42 -34.73 -16.85 70.58
CA GLU K 42 -34.63 -17.20 71.98
C GLU K 42 -34.36 -15.98 72.87
N ALA K 43 -33.66 -14.99 72.34
CA ALA K 43 -33.35 -13.78 73.10
C ALA K 43 -34.54 -12.84 73.14
N GLY K 44 -35.63 -13.25 72.49
CA GLY K 44 -36.83 -12.43 72.48
C GLY K 44 -37.12 -11.77 71.14
N PHE K 45 -36.20 -11.90 70.19
CA PHE K 45 -36.38 -11.31 68.87
C PHE K 45 -37.01 -12.34 67.94
N ASP K 46 -38.27 -12.68 68.21
CA ASP K 46 -38.98 -13.69 67.44
C ASP K 46 -39.90 -13.12 66.37
N ASP K 47 -39.91 -11.81 66.21
CA ASP K 47 -40.72 -11.17 65.18
C ASP K 47 -39.94 -11.30 63.86
N VAL K 48 -39.87 -12.52 63.36
CA VAL K 48 -39.16 -12.84 62.13
C VAL K 48 -40.10 -12.84 60.93
N VAL K 49 -39.74 -12.07 59.90
CA VAL K 49 -40.54 -12.01 58.69
C VAL K 49 -39.66 -12.18 57.47
N ALA K 50 -40.25 -12.64 56.38
CA ALA K 50 -39.53 -12.86 55.13
C ALA K 50 -39.52 -11.56 54.32
N PRO K 51 -38.47 -11.35 53.51
CA PRO K 51 -38.35 -10.16 52.67
C PRO K 51 -39.24 -10.22 51.44
N ALA K 52 -39.71 -9.05 51.00
CA ALA K 52 -40.56 -8.97 49.82
C ALA K 52 -39.68 -9.09 48.59
N ARG K 53 -40.30 -9.17 47.42
CA ARG K 53 -39.55 -9.28 46.18
C ARG K 53 -39.08 -7.88 45.77
N HIS K 54 -37.83 -7.79 45.30
CA HIS K 54 -37.24 -6.53 44.87
C HIS K 54 -36.58 -6.63 43.51
N GLY K 55 -36.49 -5.49 42.84
CA GLY K 55 -35.85 -5.44 41.55
C GLY K 55 -34.35 -5.29 41.72
N LEU K 56 -33.67 -4.85 40.66
CA LEU K 56 -32.22 -4.66 40.70
C LEU K 56 -31.87 -3.18 40.73
N GLU K 57 -32.89 -2.34 40.74
CA GLU K 57 -32.68 -0.89 40.76
C GLU K 57 -31.74 -0.42 41.87
N THR K 58 -31.99 -0.86 43.10
CA THR K 58 -31.15 -0.41 44.20
C THR K 58 -29.68 -0.85 44.05
N VAL K 59 -29.47 -2.16 43.91
CA VAL K 59 -28.15 -2.73 43.79
C VAL K 59 -27.38 -2.22 42.57
N LEU K 60 -28.11 -1.78 41.54
CA LEU K 60 -27.44 -1.28 40.36
C LEU K 60 -26.81 0.08 40.57
N LYS K 61 -27.05 0.67 41.74
CA LYS K 61 -26.51 1.98 42.08
C LYS K 61 -25.22 1.86 42.90
N VAL K 62 -24.87 0.63 43.28
CA VAL K 62 -23.66 0.39 44.04
C VAL K 62 -22.77 -0.67 43.40
N HIS K 63 -23.32 -1.49 42.50
CA HIS K 63 -22.55 -2.52 41.83
C HIS K 63 -22.51 -2.32 40.32
N ASP K 64 -21.44 -2.79 39.69
CA ASP K 64 -21.26 -2.71 38.24
C ASP K 64 -22.33 -3.63 37.60
N ALA K 65 -23.07 -3.12 36.62
CA ALA K 65 -24.10 -3.90 35.94
C ALA K 65 -23.47 -5.14 35.31
N GLY K 66 -22.23 -4.99 34.85
CA GLY K 66 -21.53 -6.09 34.21
C GLY K 66 -21.15 -7.16 35.21
N TYR K 67 -20.81 -6.72 36.41
CA TYR K 67 -20.45 -7.65 37.47
C TYR K 67 -21.68 -8.49 37.82
N LEU K 68 -22.81 -7.82 38.02
CA LEU K 68 -24.05 -8.52 38.35
C LEU K 68 -24.47 -9.50 37.26
N ASN K 69 -24.39 -9.06 36.01
CA ASN K 69 -24.74 -9.91 34.88
C ASN K 69 -23.87 -11.18 34.89
N PHE K 70 -22.62 -11.05 35.32
CA PHE K 70 -21.73 -12.18 35.40
C PHE K 70 -22.17 -13.17 36.46
N LEU K 71 -22.49 -12.69 37.65
CA LEU K 71 -22.93 -13.57 38.73
C LEU K 71 -24.16 -14.38 38.34
N GLU K 72 -25.12 -13.72 37.69
CA GLU K 72 -26.33 -14.39 37.28
C GLU K 72 -26.11 -15.67 36.47
N THR K 73 -25.17 -15.66 35.54
CA THR K 73 -24.93 -16.84 34.70
C THR K 73 -23.62 -17.58 34.94
N ALA K 74 -22.87 -17.14 35.94
CA ALA K 74 -21.59 -17.74 36.29
C ALA K 74 -21.61 -19.27 36.34
N TRP K 75 -22.40 -19.85 37.23
CA TRP K 75 -22.45 -21.30 37.35
C TRP K 75 -22.84 -22.01 36.06
N ASP K 76 -23.90 -21.57 35.41
CA ASP K 76 -24.32 -22.22 34.17
C ASP K 76 -23.18 -22.30 33.18
N ARG K 77 -22.56 -21.17 32.89
CA ARG K 77 -21.44 -21.15 31.94
C ARG K 77 -20.37 -22.11 32.42
N TRP K 78 -19.98 -22.01 33.68
CA TRP K 78 -18.96 -22.88 34.24
C TRP K 78 -19.26 -24.35 33.91
N LYS K 79 -20.47 -24.78 34.27
CA LYS K 79 -20.96 -26.15 34.05
C LYS K 79 -20.88 -26.51 32.57
N ALA K 80 -21.47 -25.65 31.76
CA ALA K 80 -21.49 -25.85 30.32
C ALA K 80 -20.07 -26.00 29.79
N ALA K 81 -19.10 -25.38 30.45
CA ALA K 81 -17.72 -25.45 30.02
C ALA K 81 -17.10 -26.83 30.29
N GLY K 82 -17.89 -27.72 30.88
CA GLY K 82 -17.40 -29.05 31.15
C GLY K 82 -16.52 -29.19 32.38
N TYR K 83 -16.59 -28.24 33.30
CA TYR K 83 -15.78 -28.35 34.51
C TYR K 83 -16.49 -29.23 35.51
N LYS K 84 -15.71 -29.98 36.26
CA LYS K 84 -16.27 -30.93 37.22
C LYS K 84 -16.50 -30.35 38.61
N GLY K 85 -15.65 -29.42 39.03
CA GLY K 85 -15.80 -28.83 40.35
C GLY K 85 -16.63 -27.58 40.36
N GLU K 86 -16.55 -26.85 41.46
CA GLU K 86 -17.31 -25.60 41.58
C GLU K 86 -16.51 -24.48 40.90
N ALA K 87 -17.17 -23.39 40.54
CA ALA K 87 -16.51 -22.29 39.87
C ALA K 87 -15.53 -21.56 40.78
N ILE K 88 -14.24 -21.69 40.46
CA ILE K 88 -13.19 -21.04 41.23
C ILE K 88 -12.17 -20.35 40.31
N ALA K 89 -11.90 -19.07 40.58
CA ALA K 89 -10.95 -18.31 39.77
C ALA K 89 -9.52 -18.82 39.96
N THR K 90 -8.71 -18.76 38.90
CA THR K 90 -7.32 -19.22 38.98
C THR K 90 -6.34 -18.24 38.35
N SER K 91 -6.87 -17.20 37.72
CA SER K 91 -6.03 -16.20 37.09
C SER K 91 -6.57 -14.85 37.53
N PHE K 92 -5.69 -13.93 37.91
CA PHE K 92 -6.17 -12.64 38.39
C PHE K 92 -5.47 -11.39 37.86
N PRO K 93 -6.24 -10.32 37.65
CA PRO K 93 -5.66 -9.07 37.14
C PRO K 93 -4.93 -8.35 38.28
N VAL K 94 -3.70 -8.80 38.55
CA VAL K 94 -2.90 -8.21 39.62
C VAL K 94 -2.10 -7.03 39.10
N ARG K 95 -0.93 -6.80 39.69
CA ARG K 95 -0.09 -5.68 39.27
C ARG K 95 0.24 -5.63 37.78
N ARG K 96 0.27 -4.40 37.26
CA ARG K 96 0.61 -4.16 35.87
C ARG K 96 -0.07 -5.06 34.83
N THR K 97 -1.37 -5.30 35.00
CA THR K 97 -2.11 -6.12 34.05
C THR K 97 -3.04 -5.24 33.24
N SER K 98 -3.49 -5.75 32.10
CA SER K 98 -4.40 -5.01 31.24
C SER K 98 -5.72 -4.80 31.98
N PRO K 99 -6.45 -3.73 31.63
CA PRO K 99 -7.76 -3.38 32.22
C PRO K 99 -8.91 -4.04 31.46
N ARG K 100 -8.57 -4.74 30.37
CA ARG K 100 -9.58 -5.39 29.54
C ARG K 100 -10.31 -6.54 30.22
N ILE K 101 -11.50 -6.84 29.73
CA ILE K 101 -12.30 -7.93 30.30
C ILE K 101 -12.30 -9.15 29.41
N PRO K 102 -11.96 -10.33 29.96
CA PRO K 102 -11.96 -11.55 29.15
C PRO K 102 -13.39 -11.87 28.70
N THR K 103 -13.54 -12.85 27.81
CA THR K 103 -14.87 -13.22 27.35
C THR K 103 -15.23 -14.64 27.78
N ASP K 104 -14.23 -15.51 27.91
CA ASP K 104 -14.49 -16.88 28.33
C ASP K 104 -14.75 -16.94 29.84
N ILE K 105 -15.46 -17.98 30.28
CA ILE K 105 -15.81 -18.15 31.68
C ILE K 105 -14.58 -18.15 32.61
N GLU K 106 -13.54 -18.89 32.23
CA GLU K 106 -12.31 -18.95 33.03
C GLU K 106 -11.75 -17.55 33.27
N GLY K 107 -11.68 -16.74 32.22
CA GLY K 107 -11.15 -15.40 32.36
C GLY K 107 -12.03 -14.39 33.09
N GLN K 108 -13.34 -14.49 32.91
CA GLN K 108 -14.23 -13.54 33.56
C GLN K 108 -14.31 -13.77 35.05
N ILE K 109 -14.43 -15.03 35.46
CA ILE K 109 -14.52 -15.28 36.87
C ILE K 109 -13.28 -14.73 37.56
N GLY K 110 -12.16 -14.73 36.85
CA GLY K 110 -10.94 -14.19 37.40
C GLY K 110 -11.03 -12.67 37.48
N TYR K 111 -11.66 -12.07 36.48
CA TYR K 111 -11.80 -10.62 36.41
C TYR K 111 -12.69 -10.07 37.51
N TYR K 112 -13.80 -10.76 37.77
CA TYR K 112 -14.76 -10.34 38.75
C TYR K 112 -14.55 -10.94 40.15
N CYS K 113 -13.35 -11.45 40.43
CA CYS K 113 -13.04 -12.08 41.71
C CYS K 113 -11.78 -11.51 42.40
N ASN K 114 -11.85 -11.29 43.72
CA ASN K 114 -10.71 -10.76 44.48
C ASN K 114 -10.13 -11.80 45.44
N ALA K 115 -10.75 -12.97 45.51
CA ALA K 115 -10.26 -14.04 46.40
C ALA K 115 -10.77 -15.41 45.93
N ALA K 116 -9.84 -16.37 45.80
CA ALA K 116 -10.17 -17.72 45.34
C ALA K 116 -10.70 -18.63 46.44
N GLU K 117 -10.77 -18.11 47.67
CA GLU K 117 -11.28 -18.91 48.75
C GLU K 117 -12.80 -18.91 48.71
N THR K 118 -13.37 -18.34 47.65
CA THR K 118 -14.82 -18.32 47.50
C THR K 118 -15.18 -18.92 46.15
N ALA K 119 -16.07 -19.90 46.15
CA ALA K 119 -16.48 -20.56 44.92
C ALA K 119 -17.93 -20.30 44.61
N ILE K 120 -18.24 -20.17 43.34
CA ILE K 120 -19.62 -19.97 42.94
C ILE K 120 -20.20 -21.38 42.74
N SER K 121 -21.27 -21.67 43.45
CA SER K 121 -21.94 -22.97 43.37
C SER K 121 -23.36 -22.81 42.88
N PRO K 122 -24.08 -23.93 42.66
CA PRO K 122 -25.46 -23.84 42.18
C PRO K 122 -26.34 -23.11 43.17
N GLY K 123 -27.12 -22.17 42.65
CA GLY K 123 -28.02 -21.40 43.48
C GLY K 123 -27.40 -20.26 44.27
N THR K 124 -26.16 -19.88 43.97
CA THR K 124 -25.49 -18.80 44.68
C THR K 124 -26.13 -17.45 44.31
N TRP K 125 -26.50 -17.28 43.04
CA TRP K 125 -27.12 -16.04 42.60
C TRP K 125 -28.45 -15.82 43.33
N GLU K 126 -29.35 -16.80 43.25
CA GLU K 126 -30.65 -16.72 43.91
C GLU K 126 -30.51 -16.44 45.40
N ALA K 127 -29.62 -17.19 46.06
CA ALA K 127 -29.36 -17.00 47.47
C ALA K 127 -28.89 -15.56 47.70
N ALA K 128 -27.93 -15.11 46.90
CA ALA K 128 -27.44 -13.75 47.07
C ALA K 128 -28.57 -12.73 46.91
N LEU K 129 -29.49 -12.96 45.98
CA LEU K 129 -30.59 -12.02 45.78
C LEU K 129 -31.53 -11.94 46.98
N SER K 130 -31.79 -13.09 47.59
CA SER K 130 -32.67 -13.15 48.75
C SER K 130 -32.03 -12.38 49.89
N SER K 131 -30.74 -12.60 50.07
CA SER K 131 -30.02 -11.93 51.12
C SER K 131 -30.13 -10.41 50.91
N MET K 132 -29.99 -9.99 49.64
CA MET K 132 -30.08 -8.57 49.27
C MET K 132 -31.45 -8.02 49.63
N ALA K 133 -32.48 -8.83 49.42
CA ALA K 133 -33.85 -8.45 49.73
C ALA K 133 -33.94 -8.15 51.22
N SER K 134 -33.45 -9.09 52.04
CA SER K 134 -33.50 -8.91 53.47
C SER K 134 -32.89 -7.58 53.93
N ALA K 135 -31.84 -7.13 53.24
CA ALA K 135 -31.19 -5.87 53.58
C ALA K 135 -32.07 -4.70 53.18
N ILE K 136 -32.65 -4.81 51.99
CA ILE K 136 -33.52 -3.75 51.52
C ILE K 136 -34.72 -3.56 52.45
N ASP K 137 -35.37 -4.66 52.86
CA ASP K 137 -36.52 -4.57 53.77
C ASP K 137 -36.16 -3.97 55.12
N GLY K 138 -35.02 -4.40 55.68
CA GLY K 138 -34.61 -3.86 56.96
C GLY K 138 -34.40 -2.37 56.81
N ALA K 139 -33.83 -1.98 55.69
CA ALA K 139 -33.59 -0.57 55.44
C ALA K 139 -34.93 0.16 55.32
N ASP K 140 -35.90 -0.46 54.66
CA ASP K 140 -37.21 0.16 54.50
C ASP K 140 -37.85 0.45 55.87
N LEU K 141 -37.62 -0.42 56.85
CA LEU K 141 -38.18 -0.21 58.18
C LEU K 141 -37.56 1.02 58.84
N ILE K 142 -36.24 1.13 58.76
CA ILE K 142 -35.54 2.28 59.31
C ILE K 142 -36.12 3.54 58.66
N ALA K 143 -36.32 3.46 57.35
CA ALA K 143 -36.87 4.56 56.58
C ALA K 143 -38.28 4.86 57.05
N ALA K 144 -38.98 3.81 57.45
CA ALA K 144 -40.36 3.94 57.90
C ALA K 144 -40.45 4.49 59.33
N GLY K 145 -39.31 4.64 59.99
CA GLY K 145 -39.35 5.18 61.34
C GLY K 145 -38.74 4.33 62.44
N HIS K 146 -38.68 3.02 62.22
CA HIS K 146 -38.13 2.12 63.24
C HIS K 146 -36.75 2.60 63.71
N LYS K 147 -36.51 2.51 65.01
CA LYS K 147 -35.24 2.94 65.57
C LYS K 147 -34.17 1.87 65.35
N ALA K 148 -34.62 0.65 65.11
CA ALA K 148 -33.71 -0.45 64.89
C ALA K 148 -34.36 -1.60 64.13
N ALA K 149 -33.52 -2.43 63.53
CA ALA K 149 -33.94 -3.59 62.75
C ALA K 149 -32.73 -4.46 62.40
N PHE K 150 -32.93 -5.77 62.36
CA PHE K 150 -31.86 -6.69 62.04
C PHE K 150 -32.13 -7.51 60.79
N SER K 151 -31.24 -7.39 59.81
CA SER K 151 -31.36 -8.15 58.57
C SER K 151 -30.41 -9.33 58.64
N LEU K 152 -30.97 -10.52 58.88
CA LEU K 152 -30.16 -11.74 58.98
C LEU K 152 -29.72 -12.13 57.56
N CYS K 153 -28.72 -11.41 57.05
CA CYS K 153 -28.19 -11.63 55.71
C CYS K 153 -27.27 -12.84 55.59
N ARG K 154 -27.44 -13.59 54.52
CA ARG K 154 -26.58 -14.73 54.22
C ARG K 154 -26.88 -15.23 52.83
N PRO K 155 -25.83 -15.33 52.00
CA PRO K 155 -24.45 -14.98 52.33
C PRO K 155 -24.22 -13.53 52.76
N PRO K 156 -23.05 -13.23 53.34
CA PRO K 156 -22.72 -11.87 53.80
C PRO K 156 -22.29 -11.04 52.58
N GLY K 157 -21.91 -9.78 52.75
CA GLY K 157 -21.54 -9.03 51.56
C GLY K 157 -20.51 -7.93 51.62
N HIS K 158 -19.95 -7.65 52.81
CA HIS K 158 -18.99 -6.58 52.94
C HIS K 158 -17.66 -6.80 52.19
N ALA K 159 -17.46 -7.98 51.63
CA ALA K 159 -16.22 -8.27 50.87
C ALA K 159 -16.46 -8.06 49.37
N ALA K 160 -17.72 -7.93 48.98
CA ALA K 160 -18.09 -7.73 47.59
C ALA K 160 -17.86 -6.29 47.19
N GLY K 161 -16.95 -6.09 46.23
CA GLY K 161 -16.63 -4.75 45.78
C GLY K 161 -17.54 -4.27 44.67
N ILE K 162 -17.19 -3.15 44.06
CA ILE K 162 -17.98 -2.58 42.98
C ILE K 162 -18.18 -3.56 41.84
N ASP K 163 -17.13 -4.32 41.52
CA ASP K 163 -17.21 -5.28 40.43
C ASP K 163 -16.44 -6.57 40.74
N MET K 164 -16.49 -7.01 41.99
CA MET K 164 -15.78 -8.22 42.38
C MET K 164 -16.39 -8.97 43.55
N PHE K 165 -16.31 -10.30 43.49
CA PHE K 165 -16.82 -11.15 44.56
C PHE K 165 -15.65 -11.85 45.25
N GLY K 166 -15.88 -12.28 46.48
CA GLY K 166 -14.84 -12.95 47.24
C GLY K 166 -15.16 -12.90 48.73
N GLY K 167 -14.33 -13.53 49.53
CA GLY K 167 -14.56 -13.55 50.96
C GLY K 167 -15.96 -14.00 51.36
N TYR K 168 -16.52 -14.96 50.63
CA TYR K 168 -17.85 -15.50 50.90
C TYR K 168 -18.97 -14.51 50.55
N CYS K 169 -18.59 -13.41 49.90
CA CYS K 169 -19.54 -12.37 49.54
C CYS K 169 -19.72 -12.21 48.04
N PHE K 170 -20.94 -11.83 47.63
CA PHE K 170 -21.28 -11.62 46.22
C PHE K 170 -22.02 -10.33 45.98
N ILE K 171 -22.94 -9.99 46.87
CA ILE K 171 -23.69 -8.74 46.72
C ILE K 171 -23.55 -8.01 48.05
N ASN K 172 -23.02 -6.81 48.01
CA ASN K 172 -22.81 -6.04 49.24
C ASN K 172 -24.12 -5.55 49.85
N ASN K 173 -24.72 -6.42 50.66
CA ASN K 173 -25.98 -6.15 51.33
C ASN K 173 -25.94 -4.82 52.07
N ALA K 174 -24.94 -4.62 52.92
CA ALA K 174 -24.82 -3.37 53.68
C ALA K 174 -24.87 -2.18 52.72
N ALA K 175 -24.11 -2.25 51.63
CA ALA K 175 -24.07 -1.18 50.64
C ALA K 175 -25.46 -0.90 50.06
N VAL K 176 -26.17 -1.98 49.69
CA VAL K 176 -27.52 -1.87 49.13
C VAL K 176 -28.47 -1.27 50.18
N ALA K 177 -28.33 -1.71 51.43
CA ALA K 177 -29.18 -1.15 52.47
C ALA K 177 -28.91 0.35 52.56
N ALA K 178 -27.63 0.72 52.61
CA ALA K 178 -27.26 2.13 52.71
C ALA K 178 -27.87 2.95 51.57
N GLN K 179 -27.76 2.43 50.35
CA GLN K 179 -28.29 3.08 49.16
C GLN K 179 -29.81 3.24 49.29
N ARG K 180 -30.46 2.17 49.73
CA ARG K 180 -31.90 2.19 49.91
C ARG K 180 -32.28 3.34 50.84
N LEU K 181 -31.49 3.54 51.90
CA LEU K 181 -31.78 4.62 52.84
C LEU K 181 -31.66 5.98 52.15
N LEU K 182 -30.65 6.13 51.30
CA LEU K 182 -30.51 7.40 50.60
C LEU K 182 -31.71 7.57 49.67
N ASP K 183 -31.99 6.54 48.88
CA ASP K 183 -33.13 6.59 47.96
C ASP K 183 -34.44 6.88 48.66
N LYS K 184 -34.58 6.35 49.89
CA LYS K 184 -35.80 6.56 50.64
C LYS K 184 -35.92 7.95 51.25
N GLY K 185 -34.92 8.80 51.05
CA GLY K 185 -35.01 10.13 51.60
C GLY K 185 -33.80 10.68 52.32
N ALA K 186 -32.92 9.80 52.81
CA ALA K 186 -31.74 10.27 53.53
C ALA K 186 -30.75 11.00 52.61
N LYS K 187 -29.90 11.82 53.20
CA LYS K 187 -28.90 12.56 52.44
C LYS K 187 -27.50 12.15 52.89
N LYS K 188 -27.43 11.56 54.08
CA LYS K 188 -26.16 11.12 54.65
C LYS K 188 -26.31 9.85 55.48
N ILE K 189 -25.63 8.80 55.02
CA ILE K 189 -25.68 7.51 55.69
C ILE K 189 -24.27 7.01 55.99
N ALA K 190 -24.14 6.31 57.10
CA ALA K 190 -22.87 5.75 57.51
C ALA K 190 -22.98 4.24 57.68
N ILE K 191 -21.88 3.57 57.37
CA ILE K 191 -21.79 2.14 57.51
C ILE K 191 -20.67 1.92 58.52
N LEU K 192 -20.95 1.11 59.54
CA LEU K 192 -19.97 0.79 60.58
C LEU K 192 -19.79 -0.72 60.50
N ASP K 193 -18.58 -1.11 60.11
CA ASP K 193 -18.22 -2.52 59.93
C ASP K 193 -17.44 -3.04 61.14
N VAL K 194 -18.13 -3.83 61.97
CA VAL K 194 -17.53 -4.40 63.18
C VAL K 194 -17.00 -5.82 62.96
N ASP K 195 -17.32 -6.38 61.80
CA ASP K 195 -16.86 -7.71 61.42
C ASP K 195 -15.33 -7.76 61.56
N PHE K 196 -14.79 -8.89 62.00
CA PHE K 196 -13.34 -9.00 62.18
C PHE K 196 -12.52 -8.55 60.96
N HIS K 197 -12.96 -8.94 59.76
CA HIS K 197 -12.28 -8.60 58.54
C HIS K 197 -12.69 -7.23 58.01
N HIS K 198 -11.81 -6.64 57.22
CA HIS K 198 -12.06 -5.35 56.63
C HIS K 198 -13.22 -5.40 55.62
N GLY K 199 -13.95 -4.29 55.51
CA GLY K 199 -15.04 -4.22 54.55
C GLY K 199 -14.46 -3.64 53.28
N ASN K 200 -13.57 -4.40 52.67
CA ASN K 200 -12.90 -3.96 51.44
C ASN K 200 -13.89 -3.74 50.31
N GLY K 201 -14.94 -4.57 50.25
CA GLY K 201 -15.93 -4.41 49.21
C GLY K 201 -16.72 -3.12 49.39
N THR K 202 -17.18 -2.90 50.61
CA THR K 202 -17.94 -1.73 50.99
C THR K 202 -17.10 -0.48 50.76
N GLN K 203 -15.87 -0.49 51.26
CA GLN K 203 -15.00 0.67 51.09
C GLN K 203 -14.89 1.01 49.62
N ASP K 204 -14.61 0.00 48.80
CA ASP K 204 -14.46 0.21 47.37
C ASP K 204 -15.69 0.90 46.78
N ILE K 205 -16.86 0.41 47.14
CA ILE K 205 -18.11 0.95 46.63
C ILE K 205 -18.34 2.42 46.95
N PHE K 206 -18.09 2.85 48.18
CA PHE K 206 -18.33 4.24 48.55
C PHE K 206 -17.07 5.09 48.63
N TYR K 207 -15.92 4.53 48.28
CA TYR K 207 -14.66 5.28 48.37
C TYR K 207 -14.72 6.67 47.76
N GLU K 208 -15.42 6.81 46.64
CA GLU K 208 -15.52 8.12 46.01
C GLU K 208 -16.88 8.78 46.14
N ARG K 209 -17.70 8.33 47.10
CA ARG K 209 -19.00 8.95 47.31
C ARG K 209 -19.02 9.76 48.59
N GLY K 210 -19.40 11.03 48.49
CA GLY K 210 -19.41 11.88 49.65
C GLY K 210 -20.64 11.73 50.54
N ASP K 211 -21.65 11.02 50.06
CA ASP K 211 -22.88 10.86 50.82
C ASP K 211 -22.89 9.70 51.79
N VAL K 212 -21.88 8.85 51.70
CA VAL K 212 -21.78 7.69 52.57
C VAL K 212 -20.43 7.70 53.26
N PHE K 213 -20.42 7.55 54.58
CA PHE K 213 -19.17 7.52 55.33
C PHE K 213 -18.89 6.07 55.68
N PHE K 214 -17.65 5.62 55.52
CA PHE K 214 -17.35 4.23 55.85
C PHE K 214 -16.34 4.07 56.96
N ALA K 215 -16.73 3.37 58.02
CA ALA K 215 -15.82 3.14 59.12
C ALA K 215 -15.68 1.64 59.32
N SER K 216 -14.47 1.18 59.65
CA SER K 216 -14.25 -0.25 59.84
C SER K 216 -13.17 -0.57 60.88
N LEU K 217 -13.47 -1.48 61.78
CA LEU K 217 -12.53 -1.94 62.80
C LEU K 217 -12.25 -3.36 62.30
N HIS K 218 -10.99 -3.73 62.17
CA HIS K 218 -10.69 -5.05 61.65
C HIS K 218 -9.27 -5.51 61.93
N GLY K 219 -9.00 -6.77 61.61
CA GLY K 219 -7.67 -7.29 61.81
C GLY K 219 -6.74 -6.55 60.87
N ASP K 220 -5.54 -6.24 61.35
CA ASP K 220 -4.55 -5.53 60.55
C ASP K 220 -4.33 -6.29 59.25
N PRO K 221 -4.59 -5.63 58.10
CA PRO K 221 -4.42 -6.24 56.76
C PRO K 221 -3.04 -6.79 56.49
N ALA K 222 -2.06 -6.33 57.24
CA ALA K 222 -0.69 -6.79 57.07
C ALA K 222 -0.60 -8.28 57.39
N GLU K 223 -1.63 -8.81 58.04
CA GLU K 223 -1.65 -10.23 58.38
C GLU K 223 -3.04 -10.81 58.57
N ALA K 224 -4.03 -10.21 57.90
CA ALA K 224 -5.41 -10.69 57.96
C ALA K 224 -6.10 -10.47 56.62
N PHE K 225 -6.95 -11.43 56.26
CA PHE K 225 -7.72 -11.35 55.04
C PHE K 225 -8.53 -10.06 55.16
N PRO K 226 -8.76 -9.33 54.05
CA PRO K 226 -8.32 -9.60 52.68
C PRO K 226 -6.86 -9.28 52.34
N HIS K 227 -6.14 -8.70 53.30
CA HIS K 227 -4.71 -8.39 53.10
C HIS K 227 -4.34 -7.20 52.24
N PHE K 228 -5.21 -6.79 51.30
CA PHE K 228 -4.85 -5.68 50.43
C PHE K 228 -5.64 -4.40 50.52
N LEU K 229 -6.27 -4.17 51.65
CA LEU K 229 -7.03 -2.96 51.87
C LEU K 229 -7.37 -2.88 53.35
N GLY K 230 -7.56 -1.68 53.88
CA GLY K 230 -7.89 -1.53 55.29
C GLY K 230 -6.87 -0.80 56.14
N TYR K 231 -5.86 -0.22 55.50
CA TYR K 231 -4.82 0.54 56.18
C TYR K 231 -5.39 1.90 56.55
N ALA K 232 -4.95 2.42 57.68
CA ALA K 232 -5.39 3.72 58.18
C ALA K 232 -5.26 4.88 57.20
N GLU K 233 -4.26 4.79 56.33
CA GLU K 233 -4.02 5.85 55.36
C GLU K 233 -5.13 6.00 54.31
N GLU K 234 -5.91 4.95 54.10
CA GLU K 234 -6.98 5.01 53.10
C GLU K 234 -8.16 5.79 53.64
N THR K 235 -8.19 7.09 53.36
CA THR K 235 -9.26 7.92 53.89
C THR K 235 -10.32 8.33 52.87
N GLY K 236 -10.09 8.00 51.62
CA GLY K 236 -11.06 8.37 50.60
C GLY K 236 -10.41 9.00 49.40
N LYS K 237 -11.20 9.20 48.35
CA LYS K 237 -10.72 9.77 47.10
C LYS K 237 -11.72 10.61 46.32
N GLY K 238 -11.24 11.69 45.69
CA GLY K 238 -12.10 12.56 44.91
C GLY K 238 -13.33 13.07 45.64
N ALA K 239 -14.51 12.83 45.09
CA ALA K 239 -15.74 13.30 45.72
C ALA K 239 -16.01 12.64 47.09
N GLY K 240 -15.34 11.54 47.38
CA GLY K 240 -15.54 10.86 48.64
C GLY K 240 -14.37 11.06 49.59
N ALA K 241 -13.44 11.93 49.23
CA ALA K 241 -12.31 12.15 50.11
C ALA K 241 -12.77 12.49 51.53
N GLY K 242 -12.20 11.81 52.51
CA GLY K 242 -12.55 12.05 53.90
C GLY K 242 -13.73 11.26 54.41
N THR K 243 -14.23 10.32 53.62
CA THR K 243 -15.38 9.54 54.06
C THR K 243 -15.07 8.09 54.45
N THR K 244 -13.78 7.78 54.59
CA THR K 244 -13.35 6.43 54.99
C THR K 244 -12.42 6.46 56.21
N ALA K 245 -12.72 5.63 57.20
CA ALA K 245 -11.91 5.57 58.40
C ALA K 245 -11.63 4.13 58.82
N ASN K 246 -10.43 3.65 58.51
CA ASN K 246 -10.06 2.30 58.86
C ASN K 246 -9.35 2.25 60.20
N TYR K 247 -9.70 1.25 61.01
CA TYR K 247 -9.08 1.08 62.31
C TYR K 247 -8.46 -0.29 62.42
N PRO K 248 -7.33 -0.52 61.73
CA PRO K 248 -6.71 -1.84 61.82
C PRO K 248 -6.15 -2.10 63.22
N MET K 249 -6.21 -3.35 63.68
CA MET K 249 -5.68 -3.71 64.99
C MET K 249 -5.03 -5.09 64.90
N GLY K 250 -3.98 -5.27 65.70
CA GLY K 250 -3.22 -6.51 65.70
C GLY K 250 -3.86 -7.75 66.31
N ARG K 251 -3.06 -8.81 66.43
CA ARG K 251 -3.54 -10.06 66.99
C ARG K 251 -3.80 -10.00 68.49
N GLY K 252 -4.83 -10.73 68.91
CA GLY K 252 -5.18 -10.81 70.31
C GLY K 252 -5.87 -9.58 70.87
N THR K 253 -6.08 -8.59 70.02
CA THR K 253 -6.74 -7.40 70.48
C THR K 253 -8.00 -7.71 71.27
N PRO K 254 -8.07 -7.21 72.50
CA PRO K 254 -9.19 -7.39 73.42
C PRO K 254 -10.19 -6.24 73.27
N TYR K 255 -11.34 -6.36 73.91
CA TYR K 255 -12.36 -5.31 73.82
C TYR K 255 -11.87 -4.01 74.45
N SER K 256 -10.94 -4.09 75.40
CA SER K 256 -10.41 -2.89 76.05
C SER K 256 -9.72 -1.99 75.02
N VAL K 257 -9.34 -2.57 73.90
CA VAL K 257 -8.68 -1.83 72.82
C VAL K 257 -9.67 -1.59 71.69
N TRP K 258 -10.30 -2.67 71.24
CA TRP K 258 -11.28 -2.60 70.17
C TRP K 258 -12.27 -1.49 70.53
N GLY K 259 -12.69 -1.47 71.79
CA GLY K 259 -13.64 -0.48 72.27
C GLY K 259 -13.26 0.95 71.98
N GLU K 260 -12.00 1.29 72.22
CA GLU K 260 -11.53 2.63 71.98
C GLU K 260 -11.67 2.99 70.51
N ALA K 261 -11.38 2.05 69.64
CA ALA K 261 -11.50 2.30 68.21
C ALA K 261 -12.97 2.54 67.82
N LEU K 262 -13.89 1.78 68.41
CA LEU K 262 -15.32 1.94 68.12
C LEU K 262 -15.80 3.33 68.52
N THR K 263 -15.42 3.75 69.72
CA THR K 263 -15.78 5.06 70.23
C THR K 263 -15.32 6.14 69.26
N ASP K 264 -14.08 6.05 68.79
CA ASP K 264 -13.59 7.06 67.88
C ASP K 264 -14.31 7.00 66.54
N SER K 265 -14.60 5.81 66.05
CA SER K 265 -15.29 5.70 64.76
C SER K 265 -16.68 6.33 64.88
N LEU K 266 -17.32 6.16 66.03
CA LEU K 266 -18.65 6.73 66.24
C LEU K 266 -18.58 8.24 66.31
N LYS K 267 -17.43 8.75 66.72
CA LYS K 267 -17.26 10.19 66.82
C LYS K 267 -17.20 10.76 65.40
N ARG K 268 -16.43 10.12 64.53
CA ARG K 268 -16.32 10.57 63.14
C ARG K 268 -17.64 10.43 62.39
N ILE K 269 -18.39 9.37 62.72
CA ILE K 269 -19.68 9.12 62.09
C ILE K 269 -20.61 10.28 62.46
N ALA K 270 -20.54 10.68 63.74
CA ALA K 270 -21.35 11.79 64.25
C ALA K 270 -20.87 13.07 63.58
N ALA K 271 -19.56 13.28 63.58
CA ALA K 271 -18.99 14.48 62.97
C ALA K 271 -19.42 14.56 61.51
N PHE K 272 -19.62 13.40 60.90
CA PHE K 272 -20.03 13.32 59.50
C PHE K 272 -21.49 13.74 59.35
N GLY K 273 -22.26 13.54 60.42
CA GLY K 273 -23.66 13.89 60.40
C GLY K 273 -24.50 12.81 59.75
N ALA K 274 -24.29 11.56 60.12
CA ALA K 274 -25.06 10.49 59.51
C ALA K 274 -26.50 10.46 60.06
N GLU K 275 -27.46 10.25 59.16
CA GLU K 275 -28.86 10.20 59.56
C GLU K 275 -29.25 8.83 60.07
N ALA K 276 -28.51 7.82 59.63
CA ALA K 276 -28.77 6.46 60.04
C ALA K 276 -27.45 5.70 59.91
N ILE K 277 -27.28 4.64 60.71
CA ILE K 277 -26.06 3.85 60.63
C ILE K 277 -26.39 2.41 60.28
N VAL K 278 -25.84 1.96 59.15
CA VAL K 278 -26.01 0.60 58.69
C VAL K 278 -24.84 -0.13 59.36
N VAL K 279 -25.13 -1.02 60.29
CA VAL K 279 -24.07 -1.73 61.00
C VAL K 279 -23.78 -3.09 60.39
N SER K 280 -22.59 -3.23 59.83
CA SER K 280 -22.14 -4.50 59.26
C SER K 280 -21.61 -5.28 60.45
N LEU K 281 -22.47 -6.16 60.96
CA LEU K 281 -22.13 -6.97 62.11
C LEU K 281 -21.59 -8.35 61.75
N GLY K 282 -20.36 -8.59 62.19
CA GLY K 282 -19.71 -9.88 62.00
C GLY K 282 -19.25 -10.24 63.39
N VAL K 283 -19.55 -11.45 63.87
CA VAL K 283 -19.12 -11.82 65.20
C VAL K 283 -17.86 -12.66 65.18
N ASP K 284 -17.13 -12.61 64.06
CA ASP K 284 -15.88 -13.35 63.98
C ASP K 284 -14.82 -12.67 64.85
N THR K 285 -15.19 -11.57 65.49
CA THR K 285 -14.26 -10.88 66.38
C THR K 285 -14.18 -11.63 67.70
N PHE K 286 -15.00 -12.67 67.84
CA PHE K 286 -15.06 -13.52 69.04
C PHE K 286 -13.77 -14.29 69.28
N GLU K 287 -13.37 -14.37 70.55
CA GLU K 287 -12.14 -15.09 70.91
C GLU K 287 -12.08 -16.57 70.48
N GLN K 288 -13.23 -17.19 70.22
CA GLN K 288 -13.26 -18.60 69.80
C GLN K 288 -13.43 -18.81 68.31
N ASP K 289 -13.44 -17.73 67.54
CA ASP K 289 -13.62 -17.83 66.10
C ASP K 289 -12.43 -18.56 65.47
N PRO K 290 -12.72 -19.58 64.64
CA PRO K 290 -11.74 -20.42 63.95
C PRO K 290 -10.81 -19.75 62.93
N ILE K 291 -11.22 -18.62 62.34
CA ILE K 291 -10.39 -17.96 61.34
C ILE K 291 -10.00 -16.52 61.64
N SER K 292 -10.18 -16.09 62.89
CA SER K 292 -9.87 -14.72 63.30
C SER K 292 -9.03 -14.65 64.56
N PHE K 293 -8.36 -13.51 64.79
CA PHE K 293 -7.50 -13.38 65.96
C PHE K 293 -7.79 -12.26 66.98
N PHE K 294 -9.06 -11.92 67.14
CA PHE K 294 -9.43 -10.92 68.13
C PHE K 294 -9.95 -11.68 69.34
N LYS K 295 -9.86 -11.04 70.50
CA LYS K 295 -10.26 -11.67 71.75
C LYS K 295 -11.51 -11.10 72.38
N LEU K 296 -12.51 -10.74 71.57
CA LEU K 296 -13.74 -10.21 72.16
C LEU K 296 -14.45 -11.32 72.94
N THR K 297 -15.11 -10.98 74.04
CA THR K 297 -15.85 -11.94 74.88
C THR K 297 -17.34 -11.76 74.57
N SER K 298 -18.16 -12.78 74.82
CA SER K 298 -19.60 -12.70 74.55
C SER K 298 -20.28 -11.50 75.21
N PRO K 299 -19.96 -11.23 76.49
CA PRO K 299 -20.58 -10.08 77.15
C PRO K 299 -20.26 -8.74 76.49
N ASP K 300 -19.15 -8.68 75.75
CA ASP K 300 -18.72 -7.45 75.07
C ASP K 300 -19.70 -7.00 73.98
N TYR K 301 -20.34 -7.96 73.32
CA TYR K 301 -21.28 -7.68 72.25
C TYR K 301 -22.44 -6.82 72.70
N ILE K 302 -22.82 -6.98 73.96
CA ILE K 302 -23.91 -6.21 74.55
C ILE K 302 -23.42 -4.77 74.71
N THR K 303 -22.17 -4.62 75.17
CA THR K 303 -21.56 -3.30 75.36
C THR K 303 -21.45 -2.59 74.01
N MET K 304 -21.01 -3.34 73.01
CA MET K 304 -20.84 -2.82 71.67
C MET K 304 -22.18 -2.33 71.13
N GLY K 305 -23.20 -3.17 71.27
CA GLY K 305 -24.53 -2.80 70.79
C GLY K 305 -25.04 -1.50 71.38
N ARG K 306 -24.86 -1.35 72.69
CA ARG K 306 -25.29 -0.16 73.43
C ARG K 306 -24.53 1.08 72.96
N THR K 307 -23.21 0.96 72.88
CA THR K 307 -22.40 2.09 72.47
C THR K 307 -22.83 2.64 71.12
N ILE K 308 -23.08 1.73 70.19
CA ILE K 308 -23.50 2.13 68.84
C ILE K 308 -24.91 2.71 68.90
N ALA K 309 -25.79 2.06 69.64
CA ALA K 309 -27.15 2.54 69.78
C ALA K 309 -27.11 3.96 70.32
N ALA K 310 -26.17 4.21 71.22
CA ALA K 310 -26.01 5.53 71.83
C ALA K 310 -25.64 6.63 70.84
N SER K 311 -25.44 6.25 69.58
CA SER K 311 -25.09 7.22 68.53
C SER K 311 -26.22 8.23 68.36
N GLY K 312 -27.43 7.77 68.67
CA GLY K 312 -28.61 8.62 68.55
C GLY K 312 -29.42 8.43 67.29
N VAL K 313 -28.83 7.85 66.26
CA VAL K 313 -29.56 7.65 65.02
C VAL K 313 -30.05 6.22 64.89
N PRO K 314 -30.99 5.98 63.97
CA PRO K 314 -31.53 4.64 63.75
C PRO K 314 -30.40 3.70 63.35
N LEU K 315 -30.58 2.42 63.62
CA LEU K 315 -29.57 1.42 63.29
C LEU K 315 -30.15 0.24 62.52
N LEU K 316 -29.43 -0.18 61.48
CA LEU K 316 -29.83 -1.35 60.71
C LEU K 316 -28.65 -2.31 60.83
N VAL K 317 -28.85 -3.43 61.52
CA VAL K 317 -27.80 -4.43 61.70
C VAL K 317 -27.88 -5.45 60.55
N VAL K 318 -26.80 -5.57 59.78
CA VAL K 318 -26.72 -6.47 58.63
C VAL K 318 -25.72 -7.57 58.96
N MET K 319 -26.18 -8.82 58.95
CA MET K 319 -25.31 -9.96 59.27
C MET K 319 -24.15 -10.15 58.29
N GLU K 320 -22.98 -10.43 58.83
CA GLU K 320 -21.75 -10.65 58.06
C GLU K 320 -21.03 -11.87 58.62
N GLY K 321 -19.79 -11.68 59.09
CA GLY K 321 -19.00 -12.77 59.64
C GLY K 321 -19.41 -13.39 60.97
N GLY K 322 -18.72 -14.46 61.36
CA GLY K 322 -19.03 -15.16 62.60
C GLY K 322 -19.01 -16.63 62.20
N TYR K 323 -17.99 -17.37 62.62
CA TYR K 323 -17.85 -18.76 62.23
C TYR K 323 -17.61 -19.78 63.34
N GLY K 324 -17.75 -21.05 62.96
CA GLY K 324 -17.51 -22.17 63.85
C GLY K 324 -18.45 -22.47 65.01
N VAL K 325 -18.07 -22.00 66.18
CA VAL K 325 -18.82 -22.22 67.40
C VAL K 325 -20.25 -21.74 67.36
N PRO K 326 -21.14 -22.43 68.09
CA PRO K 326 -22.56 -22.04 68.13
C PRO K 326 -22.79 -20.72 68.85
N GLU K 327 -21.77 -20.25 69.57
CA GLU K 327 -21.88 -18.98 70.29
C GLU K 327 -22.10 -17.81 69.35
N ILE K 328 -21.86 -18.01 68.06
CA ILE K 328 -22.05 -16.94 67.10
C ILE K 328 -23.47 -16.43 67.23
N GLY K 329 -24.39 -17.31 67.58
CA GLY K 329 -25.79 -16.91 67.73
C GLY K 329 -25.95 -16.01 68.95
N LEU K 330 -25.49 -16.50 70.09
CA LEU K 330 -25.56 -15.74 71.34
C LEU K 330 -24.90 -14.38 71.18
N ASN K 331 -23.74 -14.38 70.52
CA ASN K 331 -22.99 -13.16 70.31
C ASN K 331 -23.77 -12.17 69.45
N VAL K 332 -24.48 -12.68 68.44
CA VAL K 332 -25.27 -11.78 67.62
C VAL K 332 -26.47 -11.28 68.41
N ALA K 333 -27.10 -12.16 69.16
CA ALA K 333 -28.25 -11.75 69.94
C ALA K 333 -27.82 -10.73 71.01
N ASN K 334 -26.62 -10.91 71.57
CA ASN K 334 -26.13 -9.98 72.59
C ASN K 334 -26.00 -8.55 72.04
N VAL K 335 -25.62 -8.42 70.77
CA VAL K 335 -25.49 -7.09 70.19
C VAL K 335 -26.87 -6.47 70.06
N LEU K 336 -27.86 -7.30 69.73
CA LEU K 336 -29.23 -6.82 69.59
C LEU K 336 -29.81 -6.41 70.95
N LYS K 337 -29.40 -7.11 72.00
CA LYS K 337 -29.85 -6.80 73.37
C LYS K 337 -29.28 -5.47 73.81
N GLY K 338 -28.07 -5.18 73.34
CA GLY K 338 -27.43 -3.92 73.70
C GLY K 338 -28.05 -2.75 72.96
N VAL K 339 -28.57 -3.02 71.77
CA VAL K 339 -29.18 -1.98 70.96
C VAL K 339 -30.58 -1.66 71.45
N ALA K 340 -31.34 -2.72 71.76
CA ALA K 340 -32.71 -2.60 72.24
C ALA K 340 -32.87 -1.78 73.51
N GLY K 341 -32.01 -2.04 74.50
CA GLY K 341 -32.10 -1.31 75.75
C GLY K 341 -32.97 -1.97 76.80
N MET L 1 -4.62 57.05 52.78
CA MET L 1 -3.90 56.27 51.73
C MET L 1 -4.38 56.76 50.38
N ARG L 2 -3.53 56.62 49.37
CA ARG L 2 -3.88 57.05 48.04
C ARG L 2 -4.82 56.06 47.34
N VAL L 3 -5.78 56.60 46.60
CA VAL L 3 -6.74 55.79 45.87
C VAL L 3 -6.47 55.86 44.37
N ILE L 4 -6.29 54.70 43.75
CA ILE L 4 -6.03 54.63 42.31
C ILE L 4 -7.33 54.25 41.62
N PHE L 5 -7.85 55.13 40.78
CA PHE L 5 -9.11 54.85 40.09
C PHE L 5 -9.10 55.25 38.61
N SER L 6 -9.71 54.40 37.77
CA SER L 6 -9.77 54.69 36.36
C SER L 6 -11.17 54.92 35.83
N GLU L 7 -11.36 56.04 35.12
CA GLU L 7 -12.66 56.36 34.55
C GLU L 7 -13.07 55.36 33.47
N ASP L 8 -12.09 54.78 32.79
CA ASP L 8 -12.37 53.82 31.74
C ASP L 8 -13.03 52.52 32.18
N HIS L 9 -13.40 52.44 33.45
CA HIS L 9 -14.05 51.23 33.94
C HIS L 9 -15.43 51.16 33.30
N LYS L 10 -15.97 52.30 32.91
CA LYS L 10 -17.30 52.37 32.29
C LYS L 10 -17.34 51.68 30.93
N LEU L 11 -16.18 51.44 30.33
CA LEU L 11 -16.12 50.79 29.02
C LEU L 11 -16.74 49.40 29.17
N ARG L 12 -16.71 48.88 30.39
CA ARG L 12 -17.30 47.59 30.69
C ARG L 12 -18.74 47.88 31.08
N ASN L 13 -19.64 47.70 30.12
CA ASN L 13 -21.05 47.94 30.34
C ASN L 13 -21.92 46.92 29.64
N ALA L 14 -21.76 45.66 30.02
CA ALA L 14 -22.55 44.58 29.44
C ALA L 14 -24.01 44.89 29.73
N LYS L 15 -24.89 44.63 28.76
CA LYS L 15 -26.30 44.89 28.97
C LYS L 15 -27.07 43.69 29.48
N THR L 16 -26.51 42.50 29.29
CA THR L 16 -27.16 41.28 29.75
C THR L 16 -26.33 40.39 30.67
N GLU L 17 -27.02 39.64 31.51
CA GLU L 17 -26.41 38.70 32.44
C GLU L 17 -27.35 37.52 32.61
N LEU L 18 -26.81 36.31 32.45
CA LEU L 18 -27.62 35.10 32.59
C LEU L 18 -27.82 34.80 34.08
N TYR L 19 -29.01 35.11 34.58
CA TYR L 19 -29.35 34.89 35.98
C TYR L 19 -30.75 34.29 36.12
N GLY L 20 -30.83 33.10 36.71
CA GLY L 20 -32.12 32.45 36.88
C GLY L 20 -32.90 32.19 35.60
N GLY L 21 -32.24 31.62 34.59
CA GLY L 21 -32.92 31.33 33.34
C GLY L 21 -33.36 32.55 32.56
N GLU L 22 -32.82 33.72 32.92
CA GLU L 22 -33.18 34.97 32.24
C GLU L 22 -31.95 35.81 31.91
N LEU L 23 -32.13 36.79 31.02
CA LEU L 23 -31.05 37.69 30.64
C LEU L 23 -31.37 39.05 31.22
N VAL L 24 -30.75 39.38 32.35
CA VAL L 24 -31.03 40.62 33.04
C VAL L 24 -29.85 41.59 33.09
N PRO L 25 -30.09 42.86 33.44
CA PRO L 25 -29.00 43.84 33.51
C PRO L 25 -27.93 43.38 34.51
N PRO L 26 -26.68 43.26 34.07
CA PRO L 26 -25.59 42.83 34.94
C PRO L 26 -25.56 43.53 36.32
N PHE L 27 -25.43 42.73 37.39
CA PHE L 27 -25.38 43.27 38.76
C PHE L 27 -24.04 43.95 38.96
N GLU L 28 -23.06 43.57 38.16
CA GLU L 28 -21.74 44.20 38.26
C GLU L 28 -21.82 45.44 37.37
N ALA L 29 -22.57 46.43 37.82
CA ALA L 29 -22.78 47.67 37.07
C ALA L 29 -21.84 48.83 37.36
N PRO L 30 -21.65 49.73 36.37
CA PRO L 30 -20.76 50.88 36.53
C PRO L 30 -21.03 51.76 37.75
N PHE L 31 -22.30 51.93 38.11
CA PHE L 31 -22.61 52.76 39.26
C PHE L 31 -21.86 52.33 40.53
N ARG L 32 -21.53 51.04 40.62
CA ARG L 32 -20.80 50.53 41.79
C ARG L 32 -19.55 51.37 42.05
N ALA L 33 -18.75 51.56 41.01
CA ALA L 33 -17.52 52.33 41.11
C ALA L 33 -17.78 53.72 41.73
N GLU L 34 -18.77 54.42 41.20
CA GLU L 34 -19.13 55.75 41.69
C GLU L 34 -19.50 55.72 43.17
N TRP L 35 -20.46 54.86 43.51
CA TRP L 35 -20.90 54.74 44.89
C TRP L 35 -19.70 54.52 45.81
N ILE L 36 -18.84 53.59 45.43
CA ILE L 36 -17.66 53.29 46.23
C ILE L 36 -16.72 54.47 46.30
N LEU L 37 -16.52 55.12 45.17
CA LEU L 37 -15.64 56.28 45.11
C LEU L 37 -16.15 57.45 45.96
N ALA L 38 -17.47 57.69 45.93
CA ALA L 38 -18.05 58.78 46.70
C ALA L 38 -17.85 58.57 48.19
N ALA L 39 -18.02 57.34 48.63
CA ALA L 39 -17.88 57.01 50.02
C ALA L 39 -16.44 57.16 50.51
N VAL L 40 -15.49 56.60 49.78
CA VAL L 40 -14.10 56.70 50.23
C VAL L 40 -13.63 58.14 50.30
N LYS L 41 -14.15 58.98 49.41
CA LYS L 41 -13.79 60.40 49.42
C LYS L 41 -14.38 61.04 50.68
N GLU L 42 -15.66 60.74 50.95
CA GLU L 42 -16.37 61.28 52.11
C GLU L 42 -15.77 60.78 53.41
N ALA L 43 -15.02 59.68 53.32
CA ALA L 43 -14.39 59.10 54.50
C ALA L 43 -13.06 59.77 54.77
N GLY L 44 -12.58 60.55 53.79
CA GLY L 44 -11.33 61.25 53.95
C GLY L 44 -10.30 60.95 52.89
N PHE L 45 -10.51 59.84 52.19
CA PHE L 45 -9.60 59.39 51.13
C PHE L 45 -9.91 60.08 49.81
N ASP L 46 -9.56 61.35 49.73
CA ASP L 46 -9.79 62.15 48.54
C ASP L 46 -8.62 62.20 47.57
N ASP L 47 -7.46 61.68 47.96
CA ASP L 47 -6.31 61.69 47.06
C ASP L 47 -6.52 60.62 45.98
N VAL L 48 -7.26 60.98 44.94
CA VAL L 48 -7.57 60.05 43.85
C VAL L 48 -6.81 60.38 42.58
N VAL L 49 -6.02 59.44 42.10
CA VAL L 49 -5.27 59.66 40.87
C VAL L 49 -5.58 58.54 39.89
N ALA L 50 -5.56 58.87 38.60
CA ALA L 50 -5.84 57.87 37.59
C ALA L 50 -4.62 57.01 37.40
N PRO L 51 -4.82 55.77 36.97
CA PRO L 51 -3.70 54.86 36.75
C PRO L 51 -2.93 55.23 35.50
N ALA L 52 -1.66 54.85 35.45
CA ALA L 52 -0.81 55.14 34.31
C ALA L 52 -1.07 54.08 33.24
N ARG L 53 -0.31 54.16 32.15
CA ARG L 53 -0.41 53.22 31.03
C ARG L 53 0.58 52.08 31.27
N HIS L 54 0.14 50.84 31.05
CA HIS L 54 0.98 49.66 31.24
C HIS L 54 0.80 48.62 30.16
N GLY L 55 1.89 47.97 29.79
CA GLY L 55 1.84 46.95 28.78
C GLY L 55 1.32 45.64 29.36
N LEU L 56 1.49 44.57 28.61
CA LEU L 56 1.04 43.25 29.03
C LEU L 56 2.13 42.40 29.65
N GLU L 57 3.27 43.02 29.98
CA GLU L 57 4.36 42.27 30.57
C GLU L 57 4.05 41.66 31.92
N THR L 58 3.32 42.37 32.76
CA THR L 58 3.02 41.83 34.05
C THR L 58 1.93 40.78 33.98
N VAL L 59 0.77 41.15 33.40
CA VAL L 59 -0.37 40.23 33.27
C VAL L 59 0.04 38.92 32.56
N LEU L 60 0.98 39.02 31.62
CA LEU L 60 1.44 37.86 30.89
C LEU L 60 2.25 36.90 31.74
N LYS L 61 2.56 37.29 32.97
CA LYS L 61 3.33 36.41 33.88
C LYS L 61 2.39 35.61 34.79
N VAL L 62 1.07 35.88 34.71
CA VAL L 62 0.10 35.16 35.51
C VAL L 62 -1.11 34.62 34.74
N HIS L 63 -1.29 35.09 33.50
CA HIS L 63 -2.40 34.61 32.65
C HIS L 63 -1.82 33.99 31.39
N ASP L 64 -2.55 33.04 30.81
CA ASP L 64 -2.15 32.36 29.58
C ASP L 64 -2.22 33.33 28.42
N ALA L 65 -1.20 33.32 27.56
CA ALA L 65 -1.19 34.21 26.41
C ALA L 65 -2.37 33.92 25.47
N GLY L 66 -2.64 32.64 25.20
CA GLY L 66 -3.76 32.29 24.34
C GLY L 66 -5.05 32.91 24.87
N TYR L 67 -5.19 32.93 26.19
CA TYR L 67 -6.36 33.50 26.87
C TYR L 67 -6.44 35.01 26.70
N LEU L 68 -5.32 35.70 26.88
CA LEU L 68 -5.32 37.15 26.71
C LEU L 68 -5.57 37.49 25.25
N ASN L 69 -5.00 36.70 24.34
CA ASN L 69 -5.20 36.95 22.91
C ASN L 69 -6.69 36.82 22.62
N PHE L 70 -7.30 35.76 23.14
CA PHE L 70 -8.72 35.53 22.94
C PHE L 70 -9.56 36.66 23.52
N LEU L 71 -9.24 37.08 24.75
CA LEU L 71 -9.98 38.17 25.40
C LEU L 71 -9.96 39.49 24.63
N GLU L 72 -8.85 39.77 23.95
CA GLU L 72 -8.75 41.03 23.24
C GLU L 72 -9.62 41.17 22.00
N THR L 73 -9.76 40.11 21.23
CA THR L 73 -10.58 40.18 20.02
C THR L 73 -11.85 39.35 20.12
N ALA L 74 -12.18 38.89 21.32
CA ALA L 74 -13.35 38.05 21.49
C ALA L 74 -14.61 38.71 20.93
N TRP L 75 -14.91 39.92 21.36
CA TRP L 75 -16.10 40.63 20.90
C TRP L 75 -16.19 40.80 19.38
N ASP L 76 -15.10 41.26 18.76
CA ASP L 76 -15.08 41.44 17.32
C ASP L 76 -15.50 40.15 16.60
N ARG L 77 -14.78 39.08 16.89
CA ARG L 77 -15.06 37.78 16.28
C ARG L 77 -16.50 37.36 16.49
N TRP L 78 -17.04 37.68 17.66
CA TRP L 78 -18.42 37.34 17.99
C TRP L 78 -19.38 38.03 17.03
N LYS L 79 -19.30 39.36 16.92
CA LYS L 79 -20.18 40.08 16.02
C LYS L 79 -19.95 39.63 14.59
N ALA L 80 -18.68 39.47 14.23
CA ALA L 80 -18.29 39.05 12.89
C ALA L 80 -18.84 37.67 12.60
N ALA L 81 -19.31 36.98 13.63
CA ALA L 81 -19.86 35.65 13.43
C ALA L 81 -21.37 35.77 13.15
N GLY L 82 -21.93 36.96 13.26
CA GLY L 82 -23.34 37.14 12.98
C GLY L 82 -24.24 37.05 14.20
N TYR L 83 -23.68 36.71 15.35
CA TYR L 83 -24.48 36.60 16.55
C TYR L 83 -25.06 37.96 16.89
N LYS L 84 -26.29 37.94 17.39
CA LYS L 84 -27.00 39.16 17.72
C LYS L 84 -26.90 39.61 19.16
N GLY L 85 -26.98 38.66 20.09
CA GLY L 85 -26.88 38.99 21.49
C GLY L 85 -25.44 39.24 21.88
N GLU L 86 -25.16 39.31 23.18
CA GLU L 86 -23.79 39.52 23.62
C GLU L 86 -23.05 38.18 23.61
N ALA L 87 -21.74 38.24 23.78
CA ALA L 87 -20.89 37.05 23.77
C ALA L 87 -21.03 36.19 25.03
N ILE L 88 -21.83 35.14 24.95
CA ILE L 88 -22.05 34.24 26.08
C ILE L 88 -21.74 32.79 25.68
N ALA L 89 -20.90 32.12 26.47
CA ALA L 89 -20.54 30.73 26.19
C ALA L 89 -21.68 29.75 26.44
N THR L 90 -21.72 28.68 25.66
CA THR L 90 -22.77 27.67 25.83
C THR L 90 -22.21 26.27 26.09
N SER L 91 -21.21 25.87 25.32
CA SER L 91 -20.61 24.56 25.50
C SER L 91 -19.38 24.69 26.40
N PHE L 92 -19.17 23.70 27.27
CA PHE L 92 -18.02 23.77 28.18
C PHE L 92 -17.17 22.48 28.25
N PRO L 93 -15.86 22.62 28.52
CA PRO L 93 -14.99 21.44 28.62
C PRO L 93 -15.09 20.87 30.03
N VAL L 94 -16.15 20.11 30.28
CA VAL L 94 -16.33 19.55 31.60
C VAL L 94 -15.67 18.19 31.78
N ARG L 95 -16.28 17.34 32.58
CA ARG L 95 -15.73 16.01 32.83
C ARG L 95 -15.42 15.19 31.59
N ARG L 96 -14.25 14.57 31.62
CA ARG L 96 -13.81 13.69 30.54
C ARG L 96 -13.90 14.25 29.13
N THR L 97 -13.57 15.52 28.95
CA THR L 97 -13.61 16.13 27.62
C THR L 97 -12.20 16.26 27.03
N SER L 98 -12.11 16.53 25.72
CA SER L 98 -10.80 16.69 25.06
C SER L 98 -10.16 17.98 25.60
N PRO L 99 -8.82 18.04 25.70
CA PRO L 99 -8.12 19.23 26.20
C PRO L 99 -7.82 20.23 25.09
N ARG L 100 -8.22 19.88 23.88
CA ARG L 100 -8.01 20.72 22.70
C ARG L 100 -8.76 22.04 22.73
N ILE L 101 -8.29 23.01 21.94
CA ILE L 101 -8.95 24.31 21.88
C ILE L 101 -9.68 24.47 20.54
N PRO L 102 -10.97 24.82 20.57
CA PRO L 102 -11.68 24.98 19.29
C PRO L 102 -11.08 26.15 18.51
N THR L 103 -11.45 26.25 17.24
CA THR L 103 -10.97 27.34 16.42
C THR L 103 -12.10 28.36 16.24
N ASP L 104 -13.34 27.90 16.32
CA ASP L 104 -14.52 28.74 16.18
C ASP L 104 -14.75 29.64 17.40
N ILE L 105 -15.26 30.85 17.18
CA ILE L 105 -15.50 31.78 18.27
C ILE L 105 -16.48 31.19 19.27
N GLU L 106 -17.52 30.53 18.77
CA GLU L 106 -18.52 29.92 19.65
C GLU L 106 -17.92 28.84 20.54
N GLY L 107 -16.88 28.15 20.05
CA GLY L 107 -16.27 27.11 20.86
C GLY L 107 -15.18 27.63 21.78
N GLN L 108 -14.46 28.64 21.33
CA GLN L 108 -13.39 29.21 22.12
C GLN L 108 -13.90 29.95 23.34
N ILE L 109 -14.99 30.68 23.19
CA ILE L 109 -15.50 31.41 24.33
C ILE L 109 -15.81 30.42 25.46
N GLY L 110 -16.32 29.25 25.09
CA GLY L 110 -16.64 28.23 26.06
C GLY L 110 -15.41 27.56 26.65
N TYR L 111 -14.35 27.51 25.86
CA TYR L 111 -13.10 26.93 26.30
C TYR L 111 -12.47 27.82 27.37
N TYR L 112 -12.54 29.12 27.15
CA TYR L 112 -11.95 30.09 28.06
C TYR L 112 -12.91 30.68 29.08
N CYS L 113 -13.98 29.96 29.39
CA CYS L 113 -14.99 30.45 30.32
C CYS L 113 -15.30 29.43 31.43
N ASN L 114 -15.46 29.91 32.67
CA ASN L 114 -15.78 28.99 33.76
C ASN L 114 -17.20 29.20 34.27
N ALA L 115 -17.85 30.23 33.73
CA ALA L 115 -19.22 30.53 34.12
C ALA L 115 -19.92 31.33 33.04
N ALA L 116 -21.12 30.89 32.66
CA ALA L 116 -21.89 31.56 31.63
C ALA L 116 -22.70 32.74 32.13
N GLU L 117 -22.57 33.05 33.43
CA GLU L 117 -23.28 34.18 34.02
C GLU L 117 -22.50 35.48 33.79
N THR L 118 -21.55 35.42 32.87
CA THR L 118 -20.73 36.57 32.53
C THR L 118 -20.62 36.60 31.02
N ALA L 119 -21.01 37.73 30.42
CA ALA L 119 -20.92 37.86 28.96
C ALA L 119 -19.87 38.90 28.60
N ILE L 120 -19.25 38.72 27.44
CA ILE L 120 -18.24 39.64 26.95
C ILE L 120 -19.02 40.65 26.11
N SER L 121 -18.65 41.91 26.25
CA SER L 121 -19.32 42.96 25.51
C SER L 121 -18.27 43.95 25.02
N PRO L 122 -18.70 44.97 24.26
CA PRO L 122 -17.73 45.96 23.76
C PRO L 122 -17.12 46.66 24.96
N GLY L 123 -15.85 47.05 24.82
CA GLY L 123 -15.16 47.74 25.88
C GLY L 123 -14.64 46.85 26.98
N THR L 124 -15.17 45.64 27.10
CA THR L 124 -14.72 44.75 28.15
C THR L 124 -13.20 44.64 28.25
N TRP L 125 -12.54 44.37 27.13
CA TRP L 125 -11.09 44.24 27.10
C TRP L 125 -10.39 45.51 27.58
N GLU L 126 -10.75 46.64 26.97
CA GLU L 126 -10.17 47.92 27.32
C GLU L 126 -10.41 48.22 28.79
N ALA L 127 -11.63 47.97 29.24
CA ALA L 127 -11.99 48.21 30.64
C ALA L 127 -11.13 47.34 31.54
N ALA L 128 -11.02 46.08 31.14
CA ALA L 128 -10.24 45.11 31.88
C ALA L 128 -8.81 45.56 32.06
N LEU L 129 -8.23 46.18 31.04
CA LEU L 129 -6.84 46.65 31.10
C LEU L 129 -6.70 47.84 32.06
N SER L 130 -7.63 48.79 31.96
CA SER L 130 -7.59 49.96 32.83
C SER L 130 -7.67 49.51 34.29
N SER L 131 -8.44 48.46 34.54
CA SER L 131 -8.60 47.93 35.89
C SER L 131 -7.28 47.31 36.34
N MET L 132 -6.63 46.60 35.43
CA MET L 132 -5.34 45.97 35.73
C MET L 132 -4.35 47.09 36.02
N ALA L 133 -4.45 48.16 35.23
CA ALA L 133 -3.58 49.31 35.38
C ALA L 133 -3.73 49.94 36.76
N SER L 134 -4.95 49.98 37.26
CA SER L 134 -5.18 50.53 38.58
C SER L 134 -4.45 49.69 39.63
N ALA L 135 -4.46 48.38 39.44
CA ALA L 135 -3.81 47.48 40.37
C ALA L 135 -2.30 47.62 40.30
N ILE L 136 -1.79 47.75 39.08
CA ILE L 136 -0.36 47.89 38.89
C ILE L 136 0.18 49.14 39.62
N ASP L 137 -0.45 50.30 39.38
CA ASP L 137 0.00 51.53 40.06
C ASP L 137 -0.12 51.45 41.59
N GLY L 138 -1.20 50.83 42.06
CA GLY L 138 -1.38 50.70 43.49
C GLY L 138 -0.24 49.89 44.07
N ALA L 139 0.13 48.80 43.39
CA ALA L 139 1.22 47.97 43.87
C ALA L 139 2.52 48.79 43.86
N ASP L 140 2.71 49.58 42.81
CA ASP L 140 3.92 50.39 42.71
C ASP L 140 4.06 51.33 43.90
N LEU L 141 2.93 51.78 44.46
CA LEU L 141 2.98 52.67 45.63
C LEU L 141 3.49 51.88 46.82
N ILE L 142 3.00 50.65 46.95
CA ILE L 142 3.43 49.81 48.05
C ILE L 142 4.93 49.57 47.90
N ALA L 143 5.36 49.33 46.66
CA ALA L 143 6.76 49.10 46.38
C ALA L 143 7.59 50.37 46.60
N ALA L 144 6.91 51.48 46.78
CA ALA L 144 7.60 52.74 47.00
C ALA L 144 7.71 53.09 48.48
N GLY L 145 6.99 52.38 49.34
CA GLY L 145 7.08 52.68 50.76
C GLY L 145 5.76 52.90 51.46
N HIS L 146 4.75 53.27 50.68
CA HIS L 146 3.42 53.50 51.20
C HIS L 146 3.00 52.26 51.98
N LYS L 147 2.50 52.45 53.19
CA LYS L 147 2.09 51.34 54.02
C LYS L 147 0.70 50.83 53.60
N ALA L 148 -0.02 51.63 52.84
CA ALA L 148 -1.33 51.23 52.37
C ALA L 148 -1.68 52.02 51.12
N ALA L 149 -2.58 51.45 50.33
CA ALA L 149 -3.05 52.07 49.10
C ALA L 149 -4.28 51.30 48.69
N PHE L 150 -5.19 51.97 47.99
CA PHE L 150 -6.42 51.34 47.56
C PHE L 150 -6.59 51.39 46.05
N SER L 151 -6.85 50.23 45.46
CA SER L 151 -7.07 50.16 44.03
C SER L 151 -8.53 49.87 43.75
N LEU L 152 -9.25 50.90 43.31
CA LEU L 152 -10.66 50.75 43.00
C LEU L 152 -10.71 50.07 41.64
N CYS L 153 -10.82 48.74 41.65
CA CYS L 153 -10.85 47.98 40.41
C CYS L 153 -12.23 47.57 39.95
N ARG L 154 -12.45 47.80 38.65
CA ARG L 154 -13.67 47.42 37.97
C ARG L 154 -13.34 47.30 36.50
N PRO L 155 -13.66 46.14 35.90
CA PRO L 155 -14.29 45.02 36.61
C PRO L 155 -13.33 44.31 37.57
N PRO L 156 -13.88 43.50 38.48
CA PRO L 156 -13.08 42.76 39.47
C PRO L 156 -12.34 41.62 38.77
N GLY L 157 -11.48 40.90 39.49
CA GLY L 157 -10.76 39.84 38.82
C GLY L 157 -10.40 38.58 39.58
N HIS L 158 -10.86 38.41 40.81
CA HIS L 158 -10.48 37.23 41.55
C HIS L 158 -11.05 35.91 41.01
N ALA L 159 -12.06 35.97 40.14
CA ALA L 159 -12.63 34.76 39.59
C ALA L 159 -11.95 34.35 38.28
N ALA L 160 -11.14 35.24 37.73
CA ALA L 160 -10.42 34.97 36.48
C ALA L 160 -9.20 34.11 36.76
N GLY L 161 -9.21 32.88 36.26
CA GLY L 161 -8.10 31.97 36.48
C GLY L 161 -7.02 32.12 35.42
N ILE L 162 -6.05 31.22 35.44
CA ILE L 162 -4.96 31.28 34.48
C ILE L 162 -5.42 31.52 33.05
N ASP L 163 -6.40 30.75 32.60
CA ASP L 163 -6.90 30.89 31.24
C ASP L 163 -8.42 30.74 31.12
N MET L 164 -9.14 31.50 31.93
CA MET L 164 -10.60 31.47 31.89
C MET L 164 -11.26 32.66 32.60
N PHE L 165 -12.28 33.21 31.97
CA PHE L 165 -13.03 34.32 32.52
C PHE L 165 -14.35 33.79 33.09
N GLY L 166 -14.98 34.60 33.93
CA GLY L 166 -16.24 34.24 34.55
C GLY L 166 -16.42 35.01 35.84
N GLY L 167 -17.54 34.80 36.51
CA GLY L 167 -17.80 35.50 37.76
C GLY L 167 -17.61 37.00 37.68
N TYR L 168 -17.91 37.58 36.51
CA TYR L 168 -17.79 39.03 36.29
C TYR L 168 -16.34 39.48 36.11
N CYS L 169 -15.44 38.52 36.14
CA CYS L 169 -14.00 38.79 36.02
C CYS L 169 -13.37 38.30 34.73
N PHE L 170 -12.38 39.07 34.26
CA PHE L 170 -11.67 38.77 33.01
C PHE L 170 -10.16 38.74 33.22
N ILE L 171 -9.66 39.67 34.03
CA ILE L 171 -8.25 39.75 34.33
C ILE L 171 -8.11 39.86 35.85
N ASN L 172 -7.29 38.99 36.41
CA ASN L 172 -7.11 38.97 37.86
C ASN L 172 -6.21 40.07 38.39
N ASN L 173 -6.83 41.21 38.69
CA ASN L 173 -6.12 42.38 39.17
C ASN L 173 -5.21 42.10 40.36
N ALA L 174 -5.75 41.41 41.36
CA ALA L 174 -5.00 41.05 42.56
C ALA L 174 -3.75 40.25 42.19
N ALA L 175 -3.91 39.26 41.31
CA ALA L 175 -2.80 38.44 40.90
C ALA L 175 -1.76 39.30 40.21
N VAL L 176 -2.23 40.20 39.35
CA VAL L 176 -1.31 41.08 38.63
C VAL L 176 -0.53 41.95 39.61
N ALA L 177 -1.21 42.44 40.65
CA ALA L 177 -0.58 43.29 41.65
C ALA L 177 0.50 42.52 42.41
N ALA L 178 0.17 41.30 42.85
CA ALA L 178 1.12 40.48 43.58
C ALA L 178 2.33 40.25 42.69
N GLN L 179 2.09 39.95 41.41
CA GLN L 179 3.16 39.73 40.46
C GLN L 179 4.03 40.99 40.36
N ARG L 180 3.36 42.14 40.34
CA ARG L 180 4.03 43.43 40.25
C ARG L 180 4.99 43.61 41.44
N LEU L 181 4.51 43.33 42.65
CA LEU L 181 5.32 43.46 43.86
C LEU L 181 6.56 42.55 43.78
N LEU L 182 6.36 41.33 43.28
CA LEU L 182 7.50 40.41 43.13
C LEU L 182 8.52 41.01 42.17
N ASP L 183 8.04 41.54 41.04
CA ASP L 183 8.91 42.17 40.03
C ASP L 183 9.68 43.36 40.60
N LYS L 184 9.01 44.12 41.46
CA LYS L 184 9.60 45.30 42.09
C LYS L 184 10.66 44.97 43.14
N GLY L 185 10.77 43.71 43.52
CA GLY L 185 11.77 43.33 44.49
C GLY L 185 11.40 42.25 45.49
N ALA L 186 10.15 42.26 45.96
CA ALA L 186 9.68 41.28 46.94
C ALA L 186 9.93 39.84 46.52
N LYS L 187 10.09 38.96 47.49
CA LYS L 187 10.33 37.56 47.20
C LYS L 187 9.10 36.73 47.53
N LYS L 188 8.36 37.18 48.54
CA LYS L 188 7.16 36.51 49.00
C LYS L 188 6.02 37.50 49.19
N ILE L 189 4.89 37.21 48.54
CA ILE L 189 3.70 38.06 48.63
C ILE L 189 2.51 37.17 48.93
N ALA L 190 1.58 37.67 49.74
CA ALA L 190 0.38 36.93 50.09
C ALA L 190 -0.86 37.72 49.63
N ILE L 191 -1.91 36.98 49.27
CA ILE L 191 -3.18 37.55 48.82
C ILE L 191 -4.30 37.03 49.72
N LEU L 192 -4.95 37.94 50.42
CA LEU L 192 -6.05 37.61 51.33
C LEU L 192 -7.38 37.98 50.70
N ASP L 193 -8.15 36.96 50.32
CA ASP L 193 -9.44 37.19 49.68
C ASP L 193 -10.58 37.17 50.69
N VAL L 194 -11.09 38.35 51.03
CA VAL L 194 -12.16 38.47 52.01
C VAL L 194 -13.54 38.55 51.36
N ASP L 195 -13.56 38.56 50.03
CA ASP L 195 -14.79 38.61 49.24
C ASP L 195 -15.64 37.40 49.61
N PHE L 196 -16.96 37.54 49.57
CA PHE L 196 -17.86 36.44 49.92
C PHE L 196 -17.60 35.17 49.10
N HIS L 197 -17.25 35.36 47.83
CA HIS L 197 -16.98 34.26 46.93
C HIS L 197 -15.51 33.87 47.00
N HIS L 198 -15.23 32.60 46.74
CA HIS L 198 -13.87 32.09 46.76
C HIS L 198 -13.14 32.68 45.57
N GLY L 199 -11.86 33.00 45.75
CA GLY L 199 -11.10 33.54 44.63
C GLY L 199 -10.57 32.38 43.82
N ASN L 200 -11.48 31.64 43.19
CA ASN L 200 -11.10 30.48 42.39
C ASN L 200 -10.13 30.86 41.29
N GLY L 201 -10.31 32.03 40.70
CA GLY L 201 -9.40 32.45 39.65
C GLY L 201 -8.01 32.61 40.24
N THR L 202 -7.92 33.40 41.30
CA THR L 202 -6.66 33.66 41.96
C THR L 202 -5.98 32.38 42.41
N GLN L 203 -6.73 31.53 43.11
CA GLN L 203 -6.20 30.26 43.58
C GLN L 203 -5.55 29.50 42.44
N ASP L 204 -6.25 29.43 41.32
CA ASP L 204 -5.76 28.74 40.15
C ASP L 204 -4.41 29.30 39.67
N ILE L 205 -4.31 30.63 39.60
CA ILE L 205 -3.09 31.26 39.15
C ILE L 205 -1.86 30.91 39.99
N PHE L 206 -1.97 31.03 41.31
CA PHE L 206 -0.83 30.74 42.18
C PHE L 206 -0.77 29.34 42.80
N TYR L 207 -1.73 28.48 42.48
CA TYR L 207 -1.77 27.12 43.05
C TYR L 207 -0.41 26.40 43.01
N GLU L 208 0.29 26.48 41.88
CA GLU L 208 1.59 25.83 41.79
C GLU L 208 2.77 26.79 41.89
N ARG L 209 2.55 27.95 42.52
CA ARG L 209 3.61 28.95 42.72
C ARG L 209 3.90 29.08 44.21
N GLY L 210 5.15 28.87 44.57
CA GLY L 210 5.53 28.95 45.97
C GLY L 210 5.98 30.33 46.43
N ASP L 211 6.11 31.25 45.50
CA ASP L 211 6.56 32.59 45.81
C ASP L 211 5.39 33.50 46.21
N VAL L 212 4.19 32.95 46.10
CA VAL L 212 2.98 33.68 46.44
C VAL L 212 2.10 32.78 47.28
N PHE L 213 1.51 33.33 48.34
CA PHE L 213 0.62 32.57 49.21
C PHE L 213 -0.81 33.04 49.00
N PHE L 214 -1.76 32.11 49.05
CA PHE L 214 -3.16 32.49 48.86
C PHE L 214 -4.14 32.00 49.91
N ALA L 215 -4.70 32.94 50.65
CA ALA L 215 -5.70 32.64 51.67
C ALA L 215 -7.04 33.26 51.27
N SER L 216 -8.11 32.50 51.51
CA SER L 216 -9.44 32.96 51.17
C SER L 216 -10.53 32.57 52.17
N LEU L 217 -11.41 33.52 52.46
CA LEU L 217 -12.56 33.31 53.33
C LEU L 217 -13.73 33.46 52.37
N HIS L 218 -14.67 32.52 52.41
CA HIS L 218 -15.80 32.57 51.49
C HIS L 218 -16.89 31.59 51.91
N GLY L 219 -18.01 31.63 51.20
CA GLY L 219 -19.10 30.73 51.50
C GLY L 219 -18.78 29.33 51.00
N ASP L 220 -19.18 28.33 51.76
CA ASP L 220 -18.95 26.94 51.41
C ASP L 220 -19.33 26.70 49.94
N PRO L 221 -18.35 26.33 49.12
CA PRO L 221 -18.58 26.08 47.69
C PRO L 221 -19.61 24.99 47.41
N ALA L 222 -20.01 24.27 48.45
CA ALA L 222 -20.99 23.22 48.29
C ALA L 222 -22.36 23.81 48.00
N GLU L 223 -22.53 25.08 48.31
CA GLU L 223 -23.80 25.75 48.08
C GLU L 223 -23.63 27.24 47.78
N ALA L 224 -22.51 27.60 47.15
CA ALA L 224 -22.23 29.00 46.80
C ALA L 224 -21.28 29.13 45.62
N PHE L 225 -21.45 30.18 44.83
CA PHE L 225 -20.57 30.43 43.70
C PHE L 225 -19.14 30.53 44.27
N PRO L 226 -18.10 30.06 43.53
CA PRO L 226 -18.13 29.46 42.18
C PRO L 226 -18.53 27.98 42.10
N HIS L 227 -18.86 27.38 43.25
CA HIS L 227 -19.31 25.99 43.32
C HIS L 227 -18.32 24.84 43.13
N PHE L 228 -17.27 25.04 42.34
CA PHE L 228 -16.32 23.94 42.10
C PHE L 228 -14.89 24.13 42.57
N LEU L 229 -14.72 24.94 43.60
CA LEU L 229 -13.39 25.20 44.15
C LEU L 229 -13.52 25.99 45.44
N GLY L 230 -12.58 25.79 46.36
CA GLY L 230 -12.61 26.52 47.63
C GLY L 230 -12.76 25.64 48.86
N TYR L 231 -12.56 24.34 48.69
CA TYR L 231 -12.67 23.41 49.80
C TYR L 231 -11.40 23.44 50.62
N ALA L 232 -11.54 23.17 51.91
CA ALA L 232 -10.41 23.18 52.84
C ALA L 232 -9.25 22.31 52.37
N GLU L 233 -9.56 21.19 51.72
CA GLU L 233 -8.53 20.28 51.25
C GLU L 233 -7.54 20.88 50.25
N GLU L 234 -7.96 21.94 49.56
CA GLU L 234 -7.10 22.59 48.55
C GLU L 234 -5.94 23.35 49.17
N THR L 235 -4.81 22.67 49.31
CA THR L 235 -3.64 23.29 49.92
C THR L 235 -2.52 23.63 48.94
N GLY L 236 -2.71 23.30 47.68
CA GLY L 236 -1.67 23.61 46.70
C GLY L 236 -1.12 22.37 46.03
N LYS L 237 -0.36 22.58 44.97
CA LYS L 237 0.21 21.51 44.20
C LYS L 237 1.64 21.80 43.75
N GLY L 238 2.47 20.77 43.77
CA GLY L 238 3.86 20.88 43.35
C GLY L 238 4.63 22.04 43.95
N ALA L 239 5.32 22.78 43.08
CA ALA L 239 6.13 23.91 43.52
C ALA L 239 5.38 24.88 44.43
N GLY L 240 4.05 24.79 44.47
CA GLY L 240 3.28 25.67 45.31
C GLY L 240 2.55 24.94 46.42
N ALA L 241 2.85 23.66 46.59
CA ALA L 241 2.20 22.87 47.61
C ALA L 241 2.21 23.60 48.95
N GLY L 242 1.07 23.60 49.64
CA GLY L 242 1.00 24.27 50.91
C GLY L 242 0.95 25.79 50.88
N THR L 243 0.71 26.39 49.72
CA THR L 243 0.63 27.85 49.67
C THR L 243 -0.82 28.32 49.47
N THR L 244 -1.78 27.42 49.74
CA THR L 244 -3.20 27.74 49.63
C THR L 244 -3.98 27.38 50.90
N ALA L 245 -4.78 28.32 51.38
CA ALA L 245 -5.58 28.10 52.58
C ALA L 245 -7.00 28.64 52.45
N ASN L 246 -7.95 27.73 52.21
CA ASN L 246 -9.36 28.09 52.07
C ASN L 246 -10.08 27.98 53.41
N TYR L 247 -10.96 28.94 53.68
CA TYR L 247 -11.73 28.91 54.90
C TYR L 247 -13.20 29.04 54.54
N PRO L 248 -13.80 27.94 54.04
CA PRO L 248 -15.20 27.95 53.67
C PRO L 248 -16.04 27.98 54.93
N MET L 249 -17.17 28.69 54.89
CA MET L 249 -18.06 28.82 56.03
C MET L 249 -19.52 28.76 55.59
N GLY L 250 -20.36 28.20 56.46
CA GLY L 250 -21.78 28.04 56.16
C GLY L 250 -22.65 29.28 56.22
N ARG L 251 -23.96 29.07 56.10
CA ARG L 251 -24.93 30.15 56.12
C ARG L 251 -25.11 30.80 57.48
N GLY L 252 -25.49 32.07 57.46
CA GLY L 252 -25.72 32.82 58.69
C GLY L 252 -24.54 32.92 59.63
N THR L 253 -23.35 33.09 59.07
CA THR L 253 -22.15 33.19 59.89
C THR L 253 -21.93 34.62 60.37
N PRO L 254 -21.71 34.78 61.68
CA PRO L 254 -21.47 36.11 62.24
C PRO L 254 -19.98 36.43 62.22
N TYR L 255 -19.64 37.71 62.35
CA TYR L 255 -18.25 38.13 62.34
C TYR L 255 -17.46 37.49 63.47
N SER L 256 -18.15 37.07 64.53
CA SER L 256 -17.47 36.44 65.65
C SER L 256 -16.77 35.18 65.19
N VAL L 257 -17.31 34.56 64.14
CA VAL L 257 -16.74 33.34 63.58
C VAL L 257 -15.88 33.63 62.35
N TRP L 258 -16.37 34.53 61.50
CA TRP L 258 -15.65 34.92 60.29
C TRP L 258 -14.29 35.50 60.69
N GLY L 259 -14.31 36.28 61.77
CA GLY L 259 -13.08 36.90 62.26
C GLY L 259 -12.06 35.88 62.74
N GLU L 260 -12.54 34.69 63.13
CA GLU L 260 -11.61 33.67 63.58
C GLU L 260 -10.82 33.16 62.39
N ALA L 261 -11.51 32.89 61.29
CA ALA L 261 -10.85 32.40 60.09
C ALA L 261 -9.82 33.44 59.62
N LEU L 262 -10.21 34.72 59.72
CA LEU L 262 -9.35 35.83 59.34
C LEU L 262 -8.09 35.83 60.17
N THR L 263 -8.26 35.61 61.46
CA THR L 263 -7.15 35.55 62.38
C THR L 263 -6.23 34.39 62.05
N ASP L 264 -6.82 33.29 61.57
CA ASP L 264 -6.02 32.14 61.23
C ASP L 264 -5.27 32.38 59.93
N SER L 265 -5.96 32.92 58.94
CA SER L 265 -5.31 33.18 57.66
C SER L 265 -4.12 34.11 57.85
N LEU L 266 -4.25 35.10 58.72
CA LEU L 266 -3.16 36.05 58.96
C LEU L 266 -1.97 35.39 59.66
N LYS L 267 -2.25 34.29 60.34
CA LYS L 267 -1.18 33.57 61.03
C LYS L 267 -0.36 32.80 60.00
N ARG L 268 -1.03 32.10 59.09
CA ARG L 268 -0.34 31.32 58.06
C ARG L 268 0.45 32.25 57.17
N ILE L 269 -0.19 33.35 56.78
CA ILE L 269 0.41 34.37 55.93
C ILE L 269 1.69 34.89 56.60
N ALA L 270 1.63 35.03 57.92
CA ALA L 270 2.76 35.49 58.70
C ALA L 270 3.86 34.43 58.69
N ALA L 271 3.46 33.18 58.84
CA ALA L 271 4.40 32.04 58.85
C ALA L 271 5.04 31.85 57.50
N PHE L 272 4.33 32.31 56.47
CA PHE L 272 4.81 32.21 55.10
C PHE L 272 5.91 33.25 54.89
N GLY L 273 5.87 34.30 55.70
CA GLY L 273 6.87 35.35 55.61
C GLY L 273 6.61 36.30 54.46
N ALA L 274 5.35 36.68 54.30
CA ALA L 274 4.94 37.59 53.23
C ALA L 274 5.43 39.00 53.49
N GLU L 275 5.99 39.65 52.46
CA GLU L 275 6.51 41.00 52.59
C GLU L 275 5.41 42.06 52.41
N ALA L 276 4.27 41.63 51.90
CA ALA L 276 3.15 42.51 51.67
C ALA L 276 1.91 41.64 51.44
N ILE L 277 0.75 42.17 51.76
CA ILE L 277 -0.48 41.42 51.55
C ILE L 277 -1.39 42.18 50.62
N VAL L 278 -1.75 41.56 49.50
CA VAL L 278 -2.67 42.16 48.54
C VAL L 278 -4.02 41.66 49.03
N VAL L 279 -4.93 42.58 49.37
CA VAL L 279 -6.25 42.18 49.86
C VAL L 279 -7.36 42.31 48.81
N SER L 280 -7.94 41.17 48.43
CA SER L 280 -9.04 41.17 47.48
C SER L 280 -10.25 41.47 48.33
N LEU L 281 -10.68 42.72 48.29
CA LEU L 281 -11.81 43.19 49.09
C LEU L 281 -13.16 43.09 48.40
N GLY L 282 -13.99 42.21 48.94
CA GLY L 282 -15.34 42.05 48.42
C GLY L 282 -16.21 42.42 49.61
N VAL L 283 -17.14 43.35 49.43
CA VAL L 283 -18.02 43.75 50.53
C VAL L 283 -19.32 42.99 50.46
N ASP L 284 -19.39 42.03 49.54
CA ASP L 284 -20.59 41.24 49.38
C ASP L 284 -20.80 40.24 50.51
N THR L 285 -20.01 40.36 51.57
CA THR L 285 -20.17 39.48 52.72
C THR L 285 -21.14 40.17 53.67
N PHE L 286 -21.62 41.33 53.25
CA PHE L 286 -22.56 42.15 54.04
C PHE L 286 -23.92 41.48 54.22
N GLU L 287 -24.46 41.49 55.43
CA GLU L 287 -25.75 40.84 55.68
C GLU L 287 -26.89 41.30 54.79
N GLN L 288 -26.88 42.57 54.40
CA GLN L 288 -27.93 43.10 53.52
C GLN L 288 -27.65 42.79 52.06
N ASP L 289 -26.41 42.41 51.74
CA ASP L 289 -26.07 42.09 50.36
C ASP L 289 -26.97 40.96 49.90
N PRO L 290 -27.61 41.12 48.73
CA PRO L 290 -28.51 40.11 48.17
C PRO L 290 -27.88 38.72 48.04
N ILE L 291 -27.08 38.52 46.99
CA ILE L 291 -26.43 37.24 46.74
C ILE L 291 -25.27 36.95 47.69
N SER L 292 -25.61 36.55 48.92
CA SER L 292 -24.63 36.22 49.95
C SER L 292 -25.31 35.89 51.28
N PHE L 293 -24.79 34.88 51.98
CA PHE L 293 -25.36 34.44 53.25
C PHE L 293 -24.53 34.60 54.51
N PHE L 294 -23.82 35.72 54.62
CA PHE L 294 -23.01 35.99 55.81
C PHE L 294 -23.63 37.15 56.60
N LYS L 295 -23.57 37.08 57.92
CA LYS L 295 -24.15 38.15 58.73
C LYS L 295 -23.14 39.17 59.25
N LEU L 296 -22.49 39.87 58.32
CA LEU L 296 -21.53 40.91 58.70
C LEU L 296 -22.18 42.29 58.59
N THR L 297 -21.95 43.14 59.59
CA THR L 297 -22.52 44.48 59.62
C THR L 297 -21.48 45.51 59.23
N SER L 298 -21.93 46.72 58.92
CA SER L 298 -21.01 47.77 58.50
C SER L 298 -19.82 47.96 59.44
N PRO L 299 -20.06 48.11 60.75
CA PRO L 299 -18.98 48.31 61.72
C PRO L 299 -17.93 47.21 61.72
N ASP L 300 -18.30 46.02 61.26
CA ASP L 300 -17.37 44.89 61.21
C ASP L 300 -16.23 45.14 60.21
N TYR L 301 -16.57 45.80 59.11
CA TYR L 301 -15.60 46.10 58.06
C TYR L 301 -14.46 46.97 58.57
N ILE L 302 -14.72 47.73 59.62
CA ILE L 302 -13.71 48.59 60.21
C ILE L 302 -12.76 47.69 61.02
N THR L 303 -13.35 46.76 61.76
CA THR L 303 -12.56 45.82 62.56
C THR L 303 -11.68 45.04 61.58
N MET L 304 -12.28 44.55 60.50
CA MET L 304 -11.55 43.79 59.49
C MET L 304 -10.29 44.54 59.05
N GLY L 305 -10.45 45.81 58.69
CA GLY L 305 -9.32 46.61 58.27
C GLY L 305 -8.23 46.67 59.32
N ARG L 306 -8.61 46.98 60.56
CA ARG L 306 -7.65 47.04 61.67
C ARG L 306 -6.89 45.74 61.85
N THR L 307 -7.63 44.63 61.91
CA THR L 307 -7.03 43.32 62.13
C THR L 307 -5.99 43.00 61.07
N ILE L 308 -6.35 43.24 59.82
CA ILE L 308 -5.45 42.98 58.71
C ILE L 308 -4.26 43.95 58.76
N ALA L 309 -4.55 45.24 58.89
CA ALA L 309 -3.48 46.21 58.95
C ALA L 309 -2.52 45.88 60.08
N ALA L 310 -3.05 45.25 61.14
CA ALA L 310 -2.20 44.90 62.28
C ALA L 310 -1.20 43.79 61.95
N SER L 311 -1.21 43.32 60.71
CA SER L 311 -0.29 42.26 60.32
C SER L 311 1.14 42.80 60.29
N GLY L 312 1.29 44.12 60.22
CA GLY L 312 2.62 44.71 60.20
C GLY L 312 3.18 45.00 58.82
N VAL L 313 2.90 44.15 57.85
CA VAL L 313 3.40 44.37 56.50
C VAL L 313 2.46 45.29 55.71
N PRO L 314 2.97 45.93 54.65
CA PRO L 314 2.21 46.84 53.80
C PRO L 314 0.93 46.19 53.22
N LEU L 315 -0.02 47.01 52.79
CA LEU L 315 -1.26 46.51 52.22
C LEU L 315 -1.72 47.26 50.98
N LEU L 316 -2.28 46.50 50.05
CA LEU L 316 -2.85 47.05 48.84
C LEU L 316 -4.24 46.44 48.78
N VAL L 317 -5.26 47.28 48.97
CA VAL L 317 -6.64 46.80 48.93
C VAL L 317 -7.07 46.90 47.48
N VAL L 318 -7.47 45.77 46.91
CA VAL L 318 -7.91 45.70 45.53
C VAL L 318 -9.41 45.38 45.54
N MET L 319 -10.21 46.27 44.98
CA MET L 319 -11.66 46.11 44.95
C MET L 319 -12.07 44.87 44.17
N GLU L 320 -13.07 44.15 44.69
CA GLU L 320 -13.60 42.94 44.05
C GLU L 320 -15.13 43.05 43.99
N GLY L 321 -15.80 42.07 44.61
CA GLY L 321 -17.26 42.05 44.61
C GLY L 321 -17.97 43.00 45.56
N GLY L 322 -19.30 42.88 45.61
CA GLY L 322 -20.12 43.73 46.45
C GLY L 322 -21.20 44.31 45.55
N TYR L 323 -22.46 43.89 45.72
CA TYR L 323 -23.54 44.39 44.86
C TYR L 323 -24.76 44.79 45.64
N GLY L 324 -25.74 45.32 44.92
CA GLY L 324 -26.98 45.73 45.54
C GLY L 324 -26.96 46.94 46.47
N VAL L 325 -27.35 46.70 47.71
CA VAL L 325 -27.43 47.72 48.75
C VAL L 325 -26.56 48.97 48.55
N PRO L 326 -27.08 50.13 48.99
CA PRO L 326 -26.39 51.42 48.90
C PRO L 326 -25.20 51.55 49.85
N GLU L 327 -25.07 50.58 50.75
CA GLU L 327 -23.98 50.57 51.71
C GLU L 327 -22.64 50.11 51.13
N ILE L 328 -22.63 49.56 49.92
CA ILE L 328 -21.38 49.08 49.34
C ILE L 328 -20.24 50.09 49.49
N GLY L 329 -20.56 51.36 49.29
CA GLY L 329 -19.54 52.40 49.40
C GLY L 329 -19.05 52.59 50.83
N LEU L 330 -20.00 52.66 51.76
CA LEU L 330 -19.69 52.83 53.16
C LEU L 330 -18.86 51.64 53.67
N ASN L 331 -19.30 50.44 53.35
CA ASN L 331 -18.59 49.24 53.79
C ASN L 331 -17.16 49.21 53.27
N VAL L 332 -16.94 49.68 52.05
CA VAL L 332 -15.59 49.70 51.51
C VAL L 332 -14.78 50.75 52.25
N ALA L 333 -15.35 51.94 52.36
CA ALA L 333 -14.67 53.03 53.07
C ALA L 333 -14.31 52.62 54.49
N ASN L 334 -15.21 51.89 55.14
CA ASN L 334 -14.98 51.44 56.52
C ASN L 334 -13.73 50.58 56.65
N VAL L 335 -13.49 49.73 55.65
CA VAL L 335 -12.33 48.87 55.65
C VAL L 335 -11.06 49.72 55.56
N LEU L 336 -11.12 50.75 54.70
CA LEU L 336 -9.98 51.65 54.53
C LEU L 336 -9.69 52.40 55.84
N LYS L 337 -10.74 52.75 56.57
CA LYS L 337 -10.58 53.42 57.85
C LYS L 337 -9.82 52.50 58.80
N GLY L 338 -10.28 51.28 58.92
CA GLY L 338 -9.64 50.32 59.79
C GLY L 338 -8.17 50.16 59.43
N VAL L 339 -7.89 50.15 58.13
CA VAL L 339 -6.52 50.01 57.66
C VAL L 339 -5.71 51.25 57.99
N ALA L 340 -6.24 52.43 57.68
CA ALA L 340 -5.53 53.68 57.96
C ALA L 340 -5.38 53.88 59.46
N GLY L 341 -6.41 53.44 60.20
CA GLY L 341 -6.38 53.59 61.63
C GLY L 341 -6.41 55.04 62.06
#